data_8COO
#
_entry.id   8COO
#
loop_
_entity.id
_entity.type
_entity.pdbx_description
1 polymer 'Insulin-like growth factor 2 mRNA-binding protein 1'
2 polymer "RNA_(5'-R(*(UP*CP*GP*GP*(6MZ)P*CP*U)-3')"
#
loop_
_entity_poly.entity_id
_entity_poly.type
_entity_poly.pdbx_seq_one_letter_code
_entity_poly.pdbx_strand_id
1 'polypeptide(L)'
;GAMGPSSVSGAAPFSSFMPPEQETVHVFIPAQAVGAIIGDDGQHIKQLSRFASASIKIAPPETPDSKVRMVVITGPPEAQ
FKAQGRIYGKLKEENFFGPKEEVKLETHIRVPASAAGRVIGKGGKTVNELQNLTAAEVVVPRDQTPDENEQVIVKIIGHF
YASQMAQRKIRDILAQVKQQHQKGQSGQLQA
;
A
2 'polyribonucleotide' UCGG(6MZ)CU B
#
# COMPACT_ATOMS: atom_id res chain seq x y z
N GLY A 1 -39.31 3.57 -17.47
CA GLY A 1 -38.77 3.19 -18.80
C GLY A 1 -37.72 4.16 -19.31
N ALA A 2 -36.61 3.60 -19.84
CA ALA A 2 -35.49 4.39 -20.36
C ALA A 2 -35.68 4.70 -21.84
N MET A 3 -35.37 5.95 -22.22
CA MET A 3 -35.48 6.42 -23.60
C MET A 3 -34.17 7.15 -24.01
N GLY A 4 -33.71 8.05 -23.12
CA GLY A 4 -32.48 8.81 -23.34
C GLY A 4 -31.29 8.26 -22.52
N PRO A 5 -29.97 8.64 -22.80
CA PRO A 5 -28.81 8.13 -22.03
C PRO A 5 -28.65 8.82 -20.68
N SER A 6 -28.45 8.00 -19.64
CA SER A 6 -28.27 8.48 -18.26
C SER A 6 -26.93 8.04 -17.70
N SER A 7 -26.12 9.04 -17.21
CA SER A 7 -24.75 8.84 -16.63
C SER A 7 -23.76 8.13 -17.57
N VAL A 8 -22.70 8.85 -17.97
CA VAL A 8 -21.66 8.33 -18.86
C VAL A 8 -20.30 8.47 -18.15
N SER A 9 -19.93 9.74 -17.80
CA SER A 9 -18.67 10.12 -17.08
C SER A 9 -17.38 9.60 -17.75
N GLY A 10 -16.53 10.56 -18.18
CA GLY A 10 -15.26 10.24 -18.83
C GLY A 10 -14.07 10.53 -17.94
N ALA A 11 -13.11 11.32 -18.47
CA ALA A 11 -11.89 11.69 -17.76
C ALA A 11 -12.06 13.00 -17.01
N ALA A 12 -11.50 13.04 -15.78
CA ALA A 12 -11.56 14.22 -14.91
C ALA A 12 -10.23 15.03 -15.01
N PRO A 13 -10.18 16.31 -15.60
CA PRO A 13 -8.94 17.14 -15.62
C PRO A 13 -8.52 17.70 -14.24
N PHE A 14 -9.33 17.40 -13.20
CA PHE A 14 -9.07 17.87 -11.83
C PHE A 14 -8.14 16.91 -11.09
N SER A 15 -8.47 15.60 -11.19
CA SER A 15 -7.70 14.53 -10.54
C SER A 15 -7.40 13.39 -11.53
N SER A 16 -6.10 13.05 -11.65
CA SER A 16 -5.64 11.99 -12.55
C SER A 16 -4.52 11.18 -11.90
N PHE A 17 -4.71 9.85 -11.85
CA PHE A 17 -3.74 8.91 -11.27
C PHE A 17 -3.53 7.71 -12.19
N MET A 18 -2.25 7.39 -12.45
CA MET A 18 -1.85 6.29 -13.33
C MET A 18 -1.95 4.90 -12.61
N PRO A 19 -2.87 3.94 -13.06
CA PRO A 19 -2.98 2.60 -12.45
C PRO A 19 -1.85 1.63 -12.93
N PRO A 20 -1.02 0.96 -12.01
CA PRO A 20 -0.02 -0.08 -12.42
C PRO A 20 -0.65 -1.32 -13.05
N GLU A 21 0.20 -2.18 -13.68
CA GLU A 21 -0.25 -3.36 -14.44
C GLU A 21 -0.81 -4.48 -13.54
N GLN A 22 0.06 -5.02 -12.68
CA GLN A 22 -0.21 -6.14 -11.78
C GLN A 22 -0.85 -5.61 -10.46
N GLU A 23 -0.85 -6.41 -9.35
CA GLU A 23 -1.25 -5.95 -8.02
C GLU A 23 -0.20 -4.98 -7.42
N THR A 24 -0.63 -4.20 -6.43
CA THR A 24 0.14 -3.04 -5.97
C THR A 24 0.11 -2.94 -4.44
N VAL A 25 1.28 -2.56 -3.87
CA VAL A 25 1.34 -2.00 -2.52
C VAL A 25 1.90 -0.57 -2.66
N HIS A 26 1.52 0.26 -1.68
CA HIS A 26 1.94 1.65 -1.62
C HIS A 26 2.59 1.91 -0.27
N VAL A 27 3.90 2.14 -0.32
CA VAL A 27 4.73 2.20 0.87
C VAL A 27 5.20 3.61 1.16
N PHE A 28 4.77 4.06 2.33
CA PHE A 28 5.02 5.40 2.84
C PHE A 28 6.25 5.43 3.68
N ILE A 29 7.26 5.99 3.03
CA ILE A 29 8.57 6.26 3.59
C ILE A 29 8.76 7.78 3.77
N PRO A 30 9.72 8.28 4.65
CA PRO A 30 9.96 9.73 4.83
C PRO A 30 10.24 10.49 3.53
N ALA A 31 9.62 11.68 3.43
CA ALA A 31 10.02 12.73 2.45
C ALA A 31 11.50 13.19 2.60
N GLN A 32 12.09 12.86 3.77
CA GLN A 32 13.49 12.94 4.06
C GLN A 32 14.22 11.65 3.58
N ALA A 33 13.49 10.78 2.84
CA ALA A 33 14.02 9.49 2.40
C ALA A 33 13.81 9.30 0.89
N VAL A 34 13.07 10.24 0.24
CA VAL A 34 12.94 10.25 -1.23
C VAL A 34 14.21 10.70 -1.94
N GLY A 35 14.79 11.76 -1.38
CA GLY A 35 16.19 12.18 -1.64
C GLY A 35 17.22 11.06 -1.37
N ALA A 36 16.81 10.09 -0.53
CA ALA A 36 17.58 8.87 -0.23
C ALA A 36 17.39 7.82 -1.33
N ILE A 37 16.10 7.57 -1.66
CA ILE A 37 15.66 6.53 -2.56
C ILE A 37 15.87 6.91 -4.07
N ILE A 38 15.31 8.06 -4.49
CA ILE A 38 15.58 8.66 -5.81
C ILE A 38 17.02 9.27 -5.90
N GLY A 39 17.64 9.47 -4.74
CA GLY A 39 18.87 10.31 -4.64
C GLY A 39 20.05 9.87 -5.52
N ASP A 40 20.39 8.56 -5.53
CA ASP A 40 21.58 8.02 -6.25
C ASP A 40 21.43 8.17 -7.79
N ASP A 41 21.71 9.42 -8.26
CA ASP A 41 21.53 9.90 -9.67
C ASP A 41 20.10 9.65 -10.24
N GLY A 42 19.11 9.38 -9.33
CA GLY A 42 17.78 8.86 -9.73
C GLY A 42 17.81 7.46 -10.35
N GLN A 43 18.73 6.61 -9.83
CA GLN A 43 19.00 5.29 -10.41
C GLN A 43 18.78 4.13 -9.39
N HIS A 44 18.46 4.47 -8.11
CA HIS A 44 18.22 3.45 -7.05
C HIS A 44 16.81 2.85 -7.18
N ILE A 45 15.82 3.69 -7.57
CA ILE A 45 14.47 3.30 -7.95
C ILE A 45 14.45 2.45 -9.26
N LYS A 46 15.17 2.93 -10.30
CA LYS A 46 15.44 2.17 -11.54
C LYS A 46 16.27 0.89 -11.28
N GLN A 47 16.93 0.89 -10.10
CA GLN A 47 17.64 -0.28 -9.55
C GLN A 47 16.65 -1.28 -8.92
N LEU A 48 15.80 -0.83 -7.94
CA LEU A 48 14.82 -1.64 -7.23
C LEU A 48 13.78 -2.32 -8.12
N SER A 49 13.49 -1.69 -9.26
CA SER A 49 12.55 -2.23 -10.27
C SER A 49 13.14 -3.45 -11.02
N ARG A 50 14.45 -3.36 -11.33
CA ARG A 50 15.22 -4.46 -11.95
C ARG A 50 15.66 -5.51 -10.93
N PHE A 51 16.11 -5.01 -9.78
CA PHE A 51 16.65 -5.78 -8.64
C PHE A 51 15.56 -6.61 -7.92
N ALA A 52 14.46 -5.94 -7.51
CA ALA A 52 13.39 -6.60 -6.76
C ALA A 52 12.36 -7.30 -7.67
N SER A 53 12.62 -7.34 -9.01
CA SER A 53 11.71 -7.94 -10.07
C SER A 53 10.34 -7.23 -10.17
N ALA A 54 10.24 -6.15 -9.42
CA ALA A 54 9.02 -5.36 -9.23
C ALA A 54 9.02 -4.07 -10.08
N SER A 55 7.86 -3.37 -10.04
CA SER A 55 7.63 -2.11 -10.76
C SER A 55 7.41 -0.96 -9.77
N ILE A 56 8.47 -0.17 -9.60
CA ILE A 56 8.59 0.88 -8.60
C ILE A 56 8.34 2.27 -9.26
N LYS A 57 7.42 3.06 -8.68
CA LYS A 57 7.27 4.49 -8.97
C LYS A 57 7.38 5.28 -7.66
N ILE A 58 7.85 6.56 -7.70
CA ILE A 58 7.61 7.50 -6.59
C ILE A 58 6.40 8.39 -6.90
N ALA A 59 5.67 8.65 -5.81
CA ALA A 59 4.41 9.37 -5.82
C ALA A 59 4.58 10.80 -5.27
N PRO A 60 3.71 11.81 -5.70
CA PRO A 60 3.83 13.22 -5.24
C PRO A 60 3.40 13.41 -3.76
N PRO A 61 3.48 14.67 -3.12
CA PRO A 61 3.07 14.90 -1.69
C PRO A 61 1.59 14.61 -1.43
N GLU A 62 1.36 13.81 -0.36
CA GLU A 62 0.02 13.48 0.16
C GLU A 62 -0.75 14.74 0.61
N THR A 63 -0.08 15.49 1.45
CA THR A 63 -0.60 16.71 2.11
C THR A 63 0.56 17.46 2.85
N PRO A 64 0.48 18.84 3.13
CA PRO A 64 1.48 19.57 3.99
C PRO A 64 1.77 18.89 5.34
N ASP A 65 0.71 18.21 5.81
CA ASP A 65 0.70 17.44 7.08
C ASP A 65 1.58 16.18 7.03
N SER A 66 1.58 15.54 5.86
CA SER A 66 2.39 14.35 5.59
C SER A 66 3.84 14.72 5.25
N LYS A 67 4.77 14.28 6.10
CA LYS A 67 6.21 14.44 5.85
C LYS A 67 6.80 13.16 5.18
N VAL A 68 5.91 12.32 4.60
CA VAL A 68 6.29 11.17 3.80
C VAL A 68 5.97 11.37 2.31
N ARG A 69 6.41 10.38 1.53
CA ARG A 69 6.07 10.22 0.12
C ARG A 69 5.83 8.75 -0.13
N MET A 70 4.94 8.45 -1.07
CA MET A 70 4.44 7.14 -1.32
C MET A 70 5.22 6.48 -2.47
N VAL A 71 5.68 5.23 -2.22
CA VAL A 71 6.38 4.43 -3.23
C VAL A 71 5.41 3.39 -3.77
N VAL A 72 5.38 3.31 -5.10
CA VAL A 72 4.53 2.39 -5.86
C VAL A 72 5.31 1.06 -6.02
N ILE A 73 4.96 0.10 -5.15
CA ILE A 73 5.51 -1.25 -5.22
C ILE A 73 4.48 -2.20 -5.84
N THR A 74 4.62 -2.37 -7.16
CA THR A 74 3.85 -3.34 -7.92
C THR A 74 4.71 -4.58 -8.19
N GLY A 75 3.99 -5.71 -8.29
CA GLY A 75 4.57 -6.95 -8.74
C GLY A 75 4.12 -8.17 -7.90
N PRO A 76 4.58 -9.46 -8.22
CA PRO A 76 4.15 -10.70 -7.50
C PRO A 76 4.35 -10.68 -5.95
N PRO A 77 4.05 -11.80 -5.15
CA PRO A 77 4.45 -11.88 -3.71
C PRO A 77 5.98 -11.93 -3.47
N GLU A 78 6.74 -12.39 -4.51
CA GLU A 78 8.22 -12.48 -4.43
C GLU A 78 8.88 -11.11 -4.63
N ALA A 79 8.45 -10.45 -5.72
CA ALA A 79 8.96 -9.12 -6.13
C ALA A 79 8.51 -7.98 -5.19
N GLN A 80 7.37 -8.19 -4.49
CA GLN A 80 6.80 -7.22 -3.52
C GLN A 80 7.61 -7.20 -2.22
N PHE A 81 8.02 -8.40 -1.77
CA PHE A 81 8.87 -8.61 -0.57
C PHE A 81 10.32 -8.14 -0.80
N LYS A 82 10.80 -8.25 -2.06
CA LYS A 82 12.19 -7.93 -2.45
C LYS A 82 12.45 -6.42 -2.45
N ALA A 83 11.46 -5.67 -2.97
CA ALA A 83 11.51 -4.18 -3.04
C ALA A 83 11.34 -3.50 -1.68
N GLN A 84 10.23 -3.82 -0.95
CA GLN A 84 9.96 -3.25 0.41
C GLN A 84 11.10 -3.52 1.42
N GLY A 85 11.76 -4.69 1.27
CA GLY A 85 12.97 -5.05 2.08
C GLY A 85 14.11 -4.03 2.00
N ARG A 86 14.16 -3.33 0.85
CA ARG A 86 15.17 -2.32 0.56
C ARG A 86 14.83 -0.98 1.16
N ILE A 87 13.51 -0.63 1.15
CA ILE A 87 13.02 0.66 1.61
C ILE A 87 13.06 0.72 3.17
N TYR A 88 12.76 -0.47 3.74
CA TYR A 88 13.00 -0.79 5.16
C TYR A 88 14.49 -0.93 5.47
N GLY A 89 15.27 -1.37 4.42
CA GLY A 89 16.72 -1.51 4.52
C GLY A 89 17.45 -0.16 4.55
N LYS A 90 16.88 0.85 3.84
CA LYS A 90 17.49 2.16 3.70
C LYS A 90 17.27 3.06 4.92
N LEU A 91 16.04 3.04 5.49
CA LEU A 91 15.76 3.62 6.81
C LEU A 91 16.48 2.92 7.95
N LYS A 92 16.76 1.63 7.72
CA LYS A 92 17.58 0.80 8.59
C LYS A 92 19.05 1.24 8.62
N GLU A 93 19.55 1.74 7.47
CA GLU A 93 20.92 2.23 7.36
C GLU A 93 21.06 3.69 7.88
N GLU A 94 20.05 4.55 7.56
CA GLU A 94 20.12 5.99 7.85
C GLU A 94 19.40 6.41 9.10
N ASN A 95 18.34 5.63 9.45
CA ASN A 95 17.43 5.88 10.60
C ASN A 95 16.73 7.28 10.48
N PHE A 96 16.19 7.54 9.26
CA PHE A 96 15.43 8.79 8.94
C PHE A 96 14.16 9.01 9.81
N PHE A 97 13.63 7.88 10.31
CA PHE A 97 12.32 7.81 11.01
C PHE A 97 12.32 8.43 12.42
N GLY A 98 13.38 8.14 13.16
CA GLY A 98 13.48 8.48 14.58
C GLY A 98 14.69 7.79 15.22
N PRO A 99 15.90 8.47 15.39
CA PRO A 99 17.21 7.80 15.72
C PRO A 99 17.21 6.76 16.84
N LYS A 100 16.30 6.98 17.76
CA LYS A 100 16.14 6.18 18.97
C LYS A 100 15.46 4.82 18.75
N GLU A 101 14.63 4.73 17.69
CA GLU A 101 13.89 3.55 17.35
C GLU A 101 14.47 2.87 16.08
N GLU A 102 13.66 1.94 15.61
CA GLU A 102 13.90 1.14 14.41
C GLU A 102 12.79 1.42 13.38
N VAL A 103 12.97 0.91 12.13
CA VAL A 103 12.08 1.15 10.99
C VAL A 103 10.58 0.88 11.27
N LYS A 104 9.76 1.91 11.05
CA LYS A 104 8.31 1.83 11.18
C LYS A 104 7.67 2.70 10.10
N LEU A 105 7.44 2.05 8.96
CA LEU A 105 6.91 2.69 7.80
C LEU A 105 5.46 2.32 7.51
N GLU A 106 4.74 3.34 7.01
CA GLU A 106 3.29 3.28 6.77
C GLU A 106 2.99 2.59 5.42
N THR A 107 1.99 1.69 5.43
CA THR A 107 1.54 0.95 4.23
C THR A 107 0.08 1.30 3.90
N HIS A 108 -0.12 1.77 2.66
CA HIS A 108 -1.46 2.00 2.11
C HIS A 108 -1.81 0.91 1.13
N ILE A 109 -2.90 0.19 1.42
CA ILE A 109 -3.46 -0.81 0.51
C ILE A 109 -4.98 -0.73 0.43
N ARG A 110 -5.47 -0.62 -0.81
CA ARG A 110 -6.90 -0.46 -1.13
C ARG A 110 -7.67 -1.73 -0.90
N VAL A 111 -8.71 -1.56 -0.11
CA VAL A 111 -9.53 -2.65 0.40
C VAL A 111 -11.02 -2.20 0.25
N PRO A 112 -12.06 -3.11 0.27
CA PRO A 112 -13.45 -2.71 0.01
C PRO A 112 -14.05 -1.97 1.19
N ALA A 113 -14.70 -0.86 0.86
CA ALA A 113 -15.27 0.13 1.80
C ALA A 113 -16.08 -0.44 3.00
N SER A 114 -16.90 -1.47 2.73
CA SER A 114 -17.66 -2.17 3.79
C SER A 114 -16.92 -3.42 4.33
N ALA A 115 -15.60 -3.44 4.08
CA ALA A 115 -14.70 -4.52 4.45
C ALA A 115 -13.51 -3.98 5.28
N ALA A 116 -13.58 -2.66 5.57
CA ALA A 116 -12.63 -1.93 6.42
C ALA A 116 -12.68 -2.37 7.89
N GLY A 117 -13.84 -2.91 8.31
CA GLY A 117 -13.98 -3.53 9.64
C GLY A 117 -13.52 -4.98 9.68
N ARG A 118 -13.27 -5.59 8.49
CA ARG A 118 -12.71 -6.94 8.35
C ARG A 118 -11.21 -6.96 8.64
N VAL A 119 -10.53 -5.89 8.19
CA VAL A 119 -9.08 -5.70 8.35
C VAL A 119 -8.69 -5.36 9.82
N ILE A 120 -9.63 -4.68 10.49
CA ILE A 120 -9.59 -4.37 11.93
C ILE A 120 -10.13 -5.58 12.75
N GLY A 121 -11.04 -6.37 12.15
CA GLY A 121 -11.63 -7.55 12.81
C GLY A 121 -12.69 -7.20 13.85
N LYS A 122 -12.89 -8.10 14.86
CA LYS A 122 -13.87 -7.96 15.95
C LYS A 122 -13.65 -6.69 16.84
N GLY A 123 -14.21 -5.56 16.37
CA GLY A 123 -14.14 -4.26 17.07
C GLY A 123 -12.77 -3.60 16.97
N GLY A 124 -11.75 -4.36 17.41
CA GLY A 124 -10.36 -3.91 17.36
C GLY A 124 -9.41 -4.98 17.88
N LYS A 125 -9.64 -6.24 17.46
CA LYS A 125 -8.83 -7.40 17.87
C LYS A 125 -7.68 -7.65 16.88
N THR A 126 -7.91 -7.34 15.58
CA THR A 126 -6.90 -7.45 14.52
C THR A 126 -5.90 -6.26 14.57
N VAL A 127 -6.37 -5.09 15.08
CA VAL A 127 -5.52 -3.90 15.35
C VAL A 127 -4.72 -4.12 16.67
N ASN A 128 -5.38 -4.78 17.66
CA ASN A 128 -4.79 -5.06 18.99
C ASN A 128 -3.75 -6.17 18.95
N GLU A 129 -4.04 -7.21 18.15
CA GLU A 129 -3.14 -8.37 17.96
C GLU A 129 -1.91 -8.01 17.08
N LEU A 130 -2.14 -7.16 16.05
CA LEU A 130 -1.10 -6.66 15.15
C LEU A 130 -0.16 -5.62 15.82
N GLN A 131 -0.75 -4.65 16.56
CA GLN A 131 0.00 -3.62 17.34
C GLN A 131 0.93 -4.23 18.43
N ASN A 132 0.36 -5.13 19.26
CA ASN A 132 1.04 -5.64 20.47
C ASN A 132 1.98 -6.81 20.16
N LEU A 133 1.47 -7.79 19.39
CA LEU A 133 2.23 -9.01 19.07
C LEU A 133 3.10 -8.85 17.82
N THR A 134 2.65 -8.01 16.87
CA THR A 134 3.33 -7.85 15.57
C THR A 134 4.04 -6.47 15.45
N ALA A 135 3.66 -5.46 16.30
CA ALA A 135 4.17 -4.04 16.25
C ALA A 135 3.73 -3.27 14.99
N ALA A 136 3.17 -4.00 14.00
CA ALA A 136 2.56 -3.42 12.80
C ALA A 136 1.08 -3.10 13.09
N GLU A 137 0.67 -1.82 12.96
CA GLU A 137 -0.64 -1.38 13.45
C GLU A 137 -1.56 -0.95 12.29
N VAL A 138 -2.77 -1.50 12.31
CA VAL A 138 -3.81 -1.27 11.31
C VAL A 138 -4.57 0.04 11.61
N VAL A 139 -4.71 0.85 10.56
CA VAL A 139 -5.34 2.18 10.64
C VAL A 139 -6.33 2.39 9.47
N VAL A 140 -7.59 2.81 9.81
CA VAL A 140 -8.57 3.14 8.73
C VAL A 140 -9.24 4.56 8.92
N PRO A 141 -8.75 5.68 8.20
CA PRO A 141 -9.17 7.11 8.44
C PRO A 141 -10.67 7.37 8.73
N ARG A 142 -10.91 8.51 9.41
CA ARG A 142 -12.24 8.89 9.93
C ARG A 142 -13.14 9.44 8.82
N ASP A 143 -12.76 10.62 8.29
CA ASP A 143 -13.39 11.24 7.11
C ASP A 143 -13.00 10.48 5.80
N GLN A 144 -13.37 9.18 5.80
CA GLN A 144 -13.00 8.23 4.77
C GLN A 144 -14.20 7.97 3.82
N THR A 145 -14.12 8.58 2.62
CA THR A 145 -14.98 8.21 1.51
C THR A 145 -14.29 7.11 0.68
N PRO A 146 -15.05 6.07 0.13
CA PRO A 146 -14.50 5.05 -0.81
C PRO A 146 -14.00 5.63 -2.13
N ASP A 147 -13.26 4.78 -2.82
CA ASP A 147 -12.64 5.08 -4.10
C ASP A 147 -13.60 4.64 -5.25
N GLU A 148 -13.05 4.44 -6.47
CA GLU A 148 -13.84 4.05 -7.68
C GLU A 148 -14.37 2.61 -7.58
N ASN A 149 -13.44 1.76 -7.15
CA ASN A 149 -13.63 0.33 -6.95
C ASN A 149 -14.43 0.00 -5.65
N GLU A 150 -15.01 1.07 -5.00
CA GLU A 150 -15.70 1.00 -3.67
C GLU A 150 -14.71 0.53 -2.56
N GLN A 151 -13.59 1.27 -2.45
CA GLN A 151 -12.44 0.87 -1.70
C GLN A 151 -11.84 2.01 -0.97
N VAL A 152 -11.52 1.65 0.22
CA VAL A 152 -10.86 2.48 1.20
C VAL A 152 -9.46 1.94 1.50
N ILE A 153 -8.67 2.79 2.16
CA ILE A 153 -7.27 2.50 2.46
C ILE A 153 -7.15 2.15 3.94
N VAL A 154 -6.08 1.40 4.22
CA VAL A 154 -5.66 1.07 5.55
C VAL A 154 -4.14 1.25 5.63
N LYS A 155 -3.75 1.78 6.77
CA LYS A 155 -2.39 2.25 7.01
C LYS A 155 -1.77 1.48 8.19
N ILE A 156 -0.85 0.59 7.84
CA ILE A 156 -0.03 -0.18 8.78
C ILE A 156 1.27 0.58 9.04
N ILE A 157 1.67 0.60 10.31
CA ILE A 157 2.96 1.13 10.73
C ILE A 157 3.68 0.04 11.54
N GLY A 158 4.72 -0.49 10.91
CA GLY A 158 5.53 -1.56 11.47
C GLY A 158 6.88 -1.64 10.80
N HIS A 159 7.60 -2.74 11.05
CA HIS A 159 8.86 -3.05 10.35
C HIS A 159 8.55 -3.80 9.03
N PHE A 160 9.61 -4.26 8.29
CA PHE A 160 9.45 -5.03 7.03
C PHE A 160 8.72 -6.39 7.28
N TYR A 161 9.17 -7.10 8.33
CA TYR A 161 8.61 -8.39 8.75
C TYR A 161 7.24 -8.26 9.46
N ALA A 162 7.02 -7.11 10.13
CA ALA A 162 5.78 -6.83 10.88
C ALA A 162 4.62 -6.44 9.95
N SER A 163 4.82 -5.39 9.11
CA SER A 163 3.93 -5.06 7.95
C SER A 163 3.72 -6.25 6.99
N GLN A 164 4.71 -7.19 6.96
CA GLN A 164 4.63 -8.46 6.17
C GLN A 164 3.46 -9.37 6.65
N MET A 165 3.49 -9.76 7.95
CA MET A 165 2.44 -10.60 8.60
C MET A 165 1.10 -9.86 8.72
N ALA A 166 1.16 -8.51 8.87
CA ALA A 166 -0.03 -7.64 8.96
C ALA A 166 -0.75 -7.49 7.61
N GLN A 167 0.02 -7.12 6.54
CA GLN A 167 -0.49 -7.00 5.14
C GLN A 167 -1.17 -8.28 4.64
N ARG A 168 -0.55 -9.43 4.99
CA ARG A 168 -1.01 -10.77 4.57
C ARG A 168 -2.26 -11.25 5.34
N LYS A 169 -2.31 -11.00 6.67
CA LYS A 169 -3.53 -11.27 7.50
C LYS A 169 -4.74 -10.43 7.06
N ILE A 170 -4.45 -9.25 6.47
CA ILE A 170 -5.46 -8.33 5.92
C ILE A 170 -6.05 -8.87 4.60
N ARG A 171 -5.16 -9.16 3.61
CA ARG A 171 -5.58 -9.62 2.27
C ARG A 171 -6.28 -11.01 2.32
N ASP A 172 -5.97 -11.78 3.41
CA ASP A 172 -6.61 -13.07 3.72
C ASP A 172 -8.05 -12.92 4.27
N ILE A 173 -8.24 -12.04 5.30
CA ILE A 173 -9.59 -11.71 5.87
C ILE A 173 -10.49 -11.06 4.78
N LEU A 174 -9.87 -10.17 3.98
CA LEU A 174 -10.46 -9.53 2.83
C LEU A 174 -10.80 -10.50 1.68
N ALA A 175 -10.06 -11.62 1.62
CA ALA A 175 -10.39 -12.75 0.77
C ALA A 175 -11.58 -13.54 1.30
N GLN A 176 -11.55 -13.80 2.62
CA GLN A 176 -12.62 -14.55 3.34
C GLN A 176 -13.96 -13.78 3.37
N VAL A 177 -13.86 -12.46 3.14
CA VAL A 177 -15.03 -11.57 2.96
C VAL A 177 -15.59 -11.71 1.53
N LYS A 178 -14.67 -11.59 0.58
CA LYS A 178 -14.90 -11.87 -0.86
C LYS A 178 -15.45 -13.30 -1.12
N GLN A 179 -15.10 -14.24 -0.20
CA GLN A 179 -15.67 -15.62 -0.16
C GLN A 179 -17.16 -15.62 0.26
N GLN A 180 -17.47 -14.88 1.35
CA GLN A 180 -18.86 -14.72 1.87
C GLN A 180 -19.74 -13.82 0.95
N HIS A 181 -19.10 -12.92 0.18
CA HIS A 181 -19.78 -12.03 -0.79
C HIS A 181 -20.24 -12.77 -2.06
N GLN A 182 -19.34 -13.63 -2.61
CA GLN A 182 -19.63 -14.42 -3.83
C GLN A 182 -20.41 -15.70 -3.46
N LYS A 183 -19.95 -16.38 -2.40
CA LYS A 183 -20.60 -17.60 -1.89
C LYS A 183 -21.57 -17.27 -0.76
N GLY A 184 -22.84 -17.68 -0.94
CA GLY A 184 -23.89 -17.42 0.03
C GLY A 184 -24.76 -18.64 0.30
N GLN A 185 -25.18 -19.30 -0.79
CA GLN A 185 -26.04 -20.49 -0.72
C GLN A 185 -25.20 -21.77 -0.61
N SER A 186 -25.37 -22.48 0.52
CA SER A 186 -24.65 -23.73 0.80
C SER A 186 -25.56 -24.72 1.53
N GLY A 187 -25.62 -25.96 0.99
CA GLY A 187 -26.41 -27.03 1.59
C GLY A 187 -27.86 -27.02 1.10
N GLN A 188 -28.79 -26.85 2.05
CA GLN A 188 -30.23 -26.81 1.78
C GLN A 188 -30.87 -25.58 2.43
N LEU A 189 -30.57 -25.37 3.74
CA LEU A 189 -31.08 -24.22 4.57
C LEU A 189 -32.61 -24.06 4.55
N GLN A 190 -33.24 -24.31 5.72
CA GLN A 190 -34.69 -24.22 5.89
C GLN A 190 -35.08 -22.90 6.55
N ALA A 191 -36.32 -22.46 6.28
CA ALA A 191 -36.86 -21.21 6.84
C ALA A 191 -37.55 -21.47 8.19
N GLY A 1 -17.85 -4.70 -12.57
CA GLY A 1 -17.18 -5.81 -11.86
C GLY A 1 -15.88 -6.23 -12.51
N ALA A 2 -15.73 -7.55 -12.74
CA ALA A 2 -14.54 -8.13 -13.37
C ALA A 2 -14.91 -9.20 -14.39
N MET A 3 -15.85 -10.08 -14.00
CA MET A 3 -16.34 -11.17 -14.86
C MET A 3 -17.86 -11.38 -14.70
N GLY A 4 -18.55 -11.45 -15.84
CA GLY A 4 -20.01 -11.64 -15.87
C GLY A 4 -20.51 -12.22 -17.19
N PRO A 5 -21.57 -13.16 -17.24
CA PRO A 5 -22.07 -13.72 -18.53
C PRO A 5 -22.84 -12.71 -19.40
N SER A 6 -23.55 -11.79 -18.72
CA SER A 6 -24.34 -10.73 -19.38
C SER A 6 -24.09 -9.38 -18.70
N SER A 7 -23.63 -8.41 -19.51
CA SER A 7 -23.34 -7.05 -19.05
C SER A 7 -23.81 -6.01 -20.05
N VAL A 8 -24.53 -4.99 -19.55
CA VAL A 8 -25.06 -3.90 -20.38
C VAL A 8 -24.09 -2.71 -20.45
N SER A 9 -23.63 -2.41 -21.68
CA SER A 9 -22.67 -1.33 -21.93
C SER A 9 -23.39 -0.01 -22.18
N GLY A 10 -22.75 1.09 -21.74
CA GLY A 10 -23.30 2.44 -21.91
C GLY A 10 -22.22 3.50 -21.87
N ALA A 11 -22.08 4.15 -20.70
CA ALA A 11 -21.07 5.19 -20.48
C ALA A 11 -20.44 5.07 -19.08
N ALA A 12 -19.12 4.85 -19.06
CA ALA A 12 -18.35 4.70 -17.81
C ALA A 12 -17.60 6.02 -17.47
N PRO A 13 -17.77 6.66 -16.23
CA PRO A 13 -17.09 7.93 -15.90
C PRO A 13 -15.58 7.76 -15.62
N PHE A 14 -14.76 8.42 -16.46
CA PHE A 14 -13.32 8.43 -16.32
C PHE A 14 -12.84 9.61 -15.49
N SER A 15 -11.91 9.34 -14.56
CA SER A 15 -11.35 10.37 -13.67
C SER A 15 -9.83 10.21 -13.53
N SER A 16 -9.38 8.95 -13.32
CA SER A 16 -7.96 8.63 -13.18
C SER A 16 -7.65 7.29 -13.85
N PHE A 17 -6.36 7.10 -14.18
CA PHE A 17 -5.87 5.86 -14.81
C PHE A 17 -4.70 5.27 -14.02
N MET A 18 -4.82 3.97 -13.69
CA MET A 18 -3.82 3.22 -12.93
C MET A 18 -2.61 2.80 -13.82
N PRO A 19 -1.38 3.48 -13.71
CA PRO A 19 -0.14 3.07 -14.45
C PRO A 19 0.35 1.60 -14.18
N PRO A 20 0.30 1.02 -12.88
CA PRO A 20 0.70 -0.40 -12.63
C PRO A 20 -0.23 -1.43 -13.30
N GLU A 21 0.28 -2.66 -13.42
CA GLU A 21 -0.41 -3.74 -14.14
C GLU A 21 -0.83 -4.88 -13.21
N GLN A 22 0.12 -5.31 -12.38
CA GLN A 22 -0.01 -6.45 -11.47
C GLN A 22 -0.69 -6.00 -10.15
N GLU A 23 -0.63 -6.84 -9.06
CA GLU A 23 -1.03 -6.45 -7.71
C GLU A 23 -0.07 -5.42 -7.10
N THR A 24 -0.68 -4.37 -6.56
CA THR A 24 0.02 -3.14 -6.22
C THR A 24 -0.06 -2.87 -4.72
N VAL A 25 1.03 -2.31 -4.18
CA VAL A 25 1.02 -1.68 -2.86
C VAL A 25 1.58 -0.25 -3.00
N HIS A 26 1.18 0.59 -2.07
CA HIS A 26 1.57 2.00 -2.02
C HIS A 26 2.04 2.35 -0.63
N VAL A 27 3.35 2.63 -0.54
CA VAL A 27 4.05 2.73 0.72
C VAL A 27 4.40 4.15 1.13
N PHE A 28 4.26 4.35 2.42
CA PHE A 28 4.56 5.61 3.11
C PHE A 28 5.98 5.51 3.65
N ILE A 29 6.83 6.21 2.96
CA ILE A 29 8.19 6.48 3.38
C ILE A 29 8.40 7.98 3.54
N PRO A 30 9.44 8.47 4.34
CA PRO A 30 9.75 9.92 4.46
C PRO A 30 10.05 10.60 3.13
N ALA A 31 9.47 11.80 2.94
CA ALA A 31 9.92 12.77 1.89
C ALA A 31 11.39 13.25 2.09
N GLN A 32 11.93 12.97 3.29
CA GLN A 32 13.32 13.06 3.62
C GLN A 32 14.07 11.76 3.17
N ALA A 33 13.33 10.84 2.52
CA ALA A 33 13.87 9.55 2.11
C ALA A 33 13.71 9.37 0.60
N VAL A 34 12.88 10.23 -0.05
CA VAL A 34 12.70 10.20 -1.52
C VAL A 34 13.92 10.73 -2.29
N GLY A 35 14.61 11.69 -1.67
CA GLY A 35 15.97 12.11 -2.06
C GLY A 35 17.03 11.00 -1.93
N ALA A 36 16.73 10.02 -1.03
CA ALA A 36 17.57 8.84 -0.82
C ALA A 36 17.27 7.76 -1.86
N ILE A 37 15.96 7.52 -2.04
CA ILE A 37 15.40 6.47 -2.87
C ILE A 37 15.47 6.86 -4.39
N ILE A 38 14.98 8.06 -4.77
CA ILE A 38 15.25 8.68 -6.07
C ILE A 38 16.67 9.29 -6.11
N GLY A 39 16.94 10.23 -5.19
CA GLY A 39 17.89 11.33 -5.46
C GLY A 39 19.30 10.92 -5.89
N ASP A 40 19.78 9.75 -5.40
CA ASP A 40 21.12 9.18 -5.76
C ASP A 40 21.17 8.83 -7.28
N ASP A 41 21.44 9.90 -8.09
CA ASP A 41 21.42 9.91 -9.59
C ASP A 41 20.03 9.50 -10.19
N GLY A 42 18.97 9.41 -9.33
CA GLY A 42 17.65 8.86 -9.74
C GLY A 42 17.70 7.40 -10.22
N GLN A 43 18.63 6.61 -9.64
CA GLN A 43 18.92 5.24 -10.09
C GLN A 43 18.77 4.18 -8.96
N HIS A 44 18.45 4.63 -7.72
CA HIS A 44 18.24 3.72 -6.56
C HIS A 44 16.85 3.04 -6.63
N ILE A 45 15.84 3.79 -7.14
CA ILE A 45 14.52 3.29 -7.51
C ILE A 45 14.57 2.30 -8.72
N LYS A 46 15.28 2.72 -9.80
CA LYS A 46 15.59 1.87 -10.98
C LYS A 46 16.49 0.66 -10.60
N GLN A 47 17.15 0.81 -9.43
CA GLN A 47 17.91 -0.26 -8.77
C GLN A 47 16.98 -1.24 -8.06
N LEU A 48 16.06 -0.70 -7.22
CA LEU A 48 15.06 -1.47 -6.45
C LEU A 48 14.13 -2.33 -7.31
N SER A 49 13.87 -1.85 -8.54
CA SER A 49 13.01 -2.56 -9.53
C SER A 49 13.69 -3.83 -10.07
N ARG A 50 15.00 -3.72 -10.35
CA ARG A 50 15.85 -4.86 -10.79
C ARG A 50 16.31 -5.73 -9.62
N PHE A 51 16.54 -5.10 -8.46
CA PHE A 51 17.08 -5.73 -7.24
C PHE A 51 16.00 -6.52 -6.49
N ALA A 52 14.83 -5.89 -6.32
CA ALA A 52 13.73 -6.48 -5.52
C ALA A 52 12.74 -7.31 -6.36
N SER A 53 13.08 -7.56 -7.67
CA SER A 53 12.23 -8.32 -8.67
C SER A 53 10.89 -7.63 -8.99
N ALA A 54 10.70 -6.48 -8.37
CA ALA A 54 9.47 -5.71 -8.39
C ALA A 54 9.52 -4.50 -9.34
N SER A 55 8.36 -3.81 -9.47
CA SER A 55 8.19 -2.62 -10.30
C SER A 55 7.84 -1.41 -9.40
N ILE A 56 8.82 -0.50 -9.27
CA ILE A 56 8.73 0.65 -8.36
C ILE A 56 8.52 1.96 -9.18
N LYS A 57 7.52 2.75 -8.75
CA LYS A 57 7.37 4.17 -9.11
C LYS A 57 7.36 5.02 -7.83
N ILE A 58 7.78 6.30 -7.92
CA ILE A 58 7.50 7.27 -6.83
C ILE A 58 6.31 8.17 -7.23
N ALA A 59 5.58 8.53 -6.18
CA ALA A 59 4.38 9.37 -6.27
C ALA A 59 4.64 10.75 -5.65
N PRO A 60 3.93 11.86 -6.12
CA PRO A 60 4.15 13.24 -5.62
C PRO A 60 3.58 13.45 -4.18
N PRO A 61 3.76 14.67 -3.49
CA PRO A 61 3.23 14.92 -2.10
C PRO A 61 1.72 14.72 -1.95
N GLU A 62 1.36 14.07 -0.81
CA GLU A 62 -0.04 13.87 -0.36
C GLU A 62 -0.79 15.21 -0.19
N THR A 63 -0.12 16.08 0.52
CA THR A 63 -0.60 17.42 0.93
C THR A 63 0.60 18.25 1.52
N PRO A 64 0.57 19.65 1.54
CA PRO A 64 1.61 20.50 2.24
C PRO A 64 1.91 20.07 3.68
N ASP A 65 0.85 19.53 4.28
CA ASP A 65 0.85 18.99 5.67
C ASP A 65 1.68 17.71 5.83
N SER A 66 1.61 16.85 4.81
CA SER A 66 2.34 15.58 4.76
C SER A 66 3.81 15.78 4.37
N LYS A 67 4.71 15.24 5.21
CA LYS A 67 6.15 15.25 4.93
C LYS A 67 6.64 13.86 4.44
N VAL A 68 5.70 13.05 3.90
CA VAL A 68 6.02 11.81 3.22
C VAL A 68 5.84 11.88 1.69
N ARG A 69 6.14 10.76 1.06
CA ARG A 69 5.77 10.46 -0.31
C ARG A 69 5.48 8.97 -0.39
N MET A 70 4.58 8.63 -1.30
CA MET A 70 4.04 7.31 -1.43
C MET A 70 4.77 6.61 -2.60
N VAL A 71 5.28 5.40 -2.32
CA VAL A 71 5.95 4.59 -3.36
C VAL A 71 4.97 3.58 -3.94
N VAL A 72 5.04 3.46 -5.27
CA VAL A 72 4.30 2.48 -6.05
C VAL A 72 5.12 1.17 -6.08
N ILE A 73 4.73 0.24 -5.20
CA ILE A 73 5.31 -1.10 -5.19
C ILE A 73 4.34 -2.09 -5.84
N THR A 74 4.57 -2.29 -7.13
CA THR A 74 3.91 -3.31 -7.94
C THR A 74 4.85 -4.50 -8.13
N GLY A 75 4.22 -5.68 -8.28
CA GLY A 75 4.91 -6.87 -8.70
C GLY A 75 4.22 -8.17 -8.20
N PRO A 76 4.77 -9.43 -8.48
CA PRO A 76 4.20 -10.73 -7.99
C PRO A 76 4.06 -10.81 -6.44
N PRO A 77 3.59 -11.98 -5.80
CA PRO A 77 3.64 -12.15 -4.32
C PRO A 77 5.07 -12.20 -3.74
N GLU A 78 6.05 -12.62 -4.57
CA GLU A 78 7.47 -12.76 -4.16
C GLU A 78 8.22 -11.42 -4.13
N ALA A 79 8.10 -10.69 -5.25
CA ALA A 79 8.83 -9.44 -5.53
C ALA A 79 8.47 -8.27 -4.58
N GLN A 80 7.24 -8.32 -4.01
CA GLN A 80 6.72 -7.25 -3.11
C GLN A 80 7.39 -7.26 -1.72
N PHE A 81 7.90 -8.44 -1.30
CA PHE A 81 8.63 -8.61 -0.03
C PHE A 81 10.03 -7.99 -0.06
N LYS A 82 10.69 -8.03 -1.26
CA LYS A 82 12.06 -7.52 -1.42
C LYS A 82 12.10 -5.99 -1.48
N ALA A 83 11.16 -5.38 -2.27
CA ALA A 83 11.10 -3.90 -2.45
C ALA A 83 10.65 -3.14 -1.20
N GLN A 84 9.49 -3.55 -0.59
CA GLN A 84 9.03 -3.02 0.72
C GLN A 84 10.01 -3.35 1.85
N GLY A 85 10.62 -4.55 1.78
CA GLY A 85 11.67 -5.00 2.72
C GLY A 85 12.97 -4.19 2.61
N ARG A 86 13.23 -3.69 1.39
CA ARG A 86 14.43 -2.93 1.04
C ARG A 86 14.31 -1.47 1.45
N ILE A 87 13.05 -0.92 1.33
CA ILE A 87 12.77 0.49 1.65
C ILE A 87 12.90 0.73 3.19
N TYR A 88 12.57 -0.35 3.94
CA TYR A 88 12.91 -0.53 5.37
C TYR A 88 14.40 -0.70 5.55
N GLY A 89 15.05 -1.27 4.50
CA GLY A 89 16.52 -1.45 4.46
C GLY A 89 17.28 -0.12 4.37
N LYS A 90 16.65 0.88 3.69
CA LYS A 90 17.21 2.22 3.57
C LYS A 90 17.09 3.04 4.85
N LEU A 91 15.85 3.17 5.37
CA LEU A 91 15.57 3.72 6.72
C LEU A 91 16.43 3.07 7.81
N LYS A 92 16.73 1.78 7.59
CA LYS A 92 17.68 1.00 8.38
C LYS A 92 19.13 1.53 8.26
N GLU A 93 19.45 2.09 7.08
CA GLU A 93 20.74 2.78 6.83
C GLU A 93 20.71 4.22 7.39
N GLU A 94 19.68 4.98 6.96
CA GLU A 94 19.60 6.44 7.15
C GLU A 94 18.92 6.91 8.42
N ASN A 95 18.17 5.99 9.05
CA ASN A 95 17.38 6.20 10.29
C ASN A 95 16.44 7.44 10.23
N PHE A 96 15.98 7.79 8.99
CA PHE A 96 15.02 8.92 8.72
C PHE A 96 13.81 9.03 9.70
N PHE A 97 13.41 7.86 10.23
CA PHE A 97 12.18 7.69 11.04
C PHE A 97 12.25 8.30 12.43
N GLY A 98 13.37 8.05 13.10
CA GLY A 98 13.55 8.37 14.51
C GLY A 98 14.70 7.55 15.09
N PRO A 99 16.01 8.01 15.00
CA PRO A 99 17.22 7.14 15.28
C PRO A 99 17.29 6.48 16.65
N LYS A 100 16.40 6.93 17.49
CA LYS A 100 16.17 6.42 18.87
C LYS A 100 15.42 5.09 18.87
N GLU A 101 14.63 4.88 17.79
CA GLU A 101 13.85 3.70 17.58
C GLU A 101 14.48 2.86 16.43
N GLU A 102 13.60 2.15 15.76
CA GLU A 102 13.89 1.27 14.63
C GLU A 102 12.87 1.55 13.52
N VAL A 103 13.14 0.97 12.31
CA VAL A 103 12.32 1.18 11.09
C VAL A 103 10.82 0.87 11.28
N LYS A 104 10.01 1.89 11.01
CA LYS A 104 8.56 1.81 11.11
C LYS A 104 7.92 2.69 10.05
N LEU A 105 7.68 2.08 8.89
CA LEU A 105 7.02 2.72 7.78
C LEU A 105 5.57 2.28 7.64
N GLU A 106 4.76 3.25 7.21
CA GLU A 106 3.32 3.08 7.02
C GLU A 106 3.02 2.51 5.60
N THR A 107 2.07 1.55 5.55
CA THR A 107 1.61 0.94 4.27
C THR A 107 0.15 1.36 3.99
N HIS A 108 -0.05 1.84 2.74
CA HIS A 108 -1.38 2.12 2.19
C HIS A 108 -1.78 1.01 1.23
N ILE A 109 -2.89 0.32 1.55
CA ILE A 109 -3.48 -0.69 0.64
C ILE A 109 -4.98 -0.60 0.55
N ARG A 110 -5.46 -0.46 -0.70
CA ARG A 110 -6.89 -0.30 -1.03
C ARG A 110 -7.66 -1.57 -0.83
N VAL A 111 -8.68 -1.44 -0.01
CA VAL A 111 -9.48 -2.55 0.50
C VAL A 111 -10.96 -2.11 0.43
N PRO A 112 -12.01 -3.02 0.33
CA PRO A 112 -13.42 -2.58 0.21
C PRO A 112 -13.92 -1.88 1.45
N ALA A 113 -14.64 -0.80 1.16
CA ALA A 113 -15.18 0.15 2.11
C ALA A 113 -15.99 -0.46 3.28
N SER A 114 -16.80 -1.49 2.98
CA SER A 114 -17.50 -2.28 4.01
C SER A 114 -16.70 -3.55 4.42
N ALA A 115 -15.40 -3.51 4.11
CA ALA A 115 -14.45 -4.59 4.41
C ALA A 115 -13.32 -4.05 5.31
N ALA A 116 -13.41 -2.74 5.64
CA ALA A 116 -12.51 -2.03 6.57
C ALA A 116 -12.65 -2.53 8.02
N GLY A 117 -13.86 -3.05 8.34
CA GLY A 117 -14.12 -3.72 9.63
C GLY A 117 -13.66 -5.18 9.65
N ARG A 118 -13.29 -5.73 8.48
CA ARG A 118 -12.71 -7.07 8.33
C ARG A 118 -11.21 -7.07 8.70
N VAL A 119 -10.54 -5.97 8.29
CA VAL A 119 -9.09 -5.78 8.48
C VAL A 119 -8.76 -5.38 9.94
N ILE A 120 -9.67 -4.58 10.52
CA ILE A 120 -9.67 -4.18 11.94
C ILE A 120 -10.22 -5.31 12.84
N GLY A 121 -11.25 -6.01 12.32
CA GLY A 121 -11.94 -7.05 13.06
C GLY A 121 -13.10 -6.50 13.87
N LYS A 122 -13.42 -7.18 15.00
CA LYS A 122 -14.54 -6.84 15.91
C LYS A 122 -14.49 -5.44 16.56
N GLY A 123 -13.39 -4.69 16.30
CA GLY A 123 -13.22 -3.34 16.83
C GLY A 123 -12.02 -3.23 17.74
N GLY A 124 -10.87 -3.72 17.24
CA GLY A 124 -9.62 -3.70 18.00
C GLY A 124 -9.22 -5.08 18.48
N LYS A 125 -9.34 -6.07 17.60
CA LYS A 125 -8.91 -7.46 17.86
C LYS A 125 -7.89 -7.90 16.80
N THR A 126 -8.16 -7.53 15.53
CA THR A 126 -7.20 -7.69 14.41
C THR A 126 -6.11 -6.59 14.47
N VAL A 127 -6.51 -5.40 14.97
CA VAL A 127 -5.60 -4.23 15.19
C VAL A 127 -4.75 -4.46 16.47
N ASN A 128 -5.38 -5.07 17.51
CA ASN A 128 -4.75 -5.32 18.82
C ASN A 128 -3.77 -6.48 18.77
N GLU A 129 -4.18 -7.57 18.07
CA GLU A 129 -3.35 -8.78 17.89
C GLU A 129 -2.18 -8.57 16.90
N LEU A 130 -2.37 -7.64 15.92
CA LEU A 130 -1.32 -7.25 14.97
C LEU A 130 -0.23 -6.38 15.60
N GLN A 131 -0.66 -5.44 16.50
CA GLN A 131 0.25 -4.56 17.28
C GLN A 131 1.16 -5.34 18.27
N ASN A 132 0.55 -6.22 19.10
CA ASN A 132 1.27 -6.89 20.21
C ASN A 132 2.02 -8.15 19.77
N LEU A 133 1.41 -8.91 18.84
CA LEU A 133 1.98 -10.18 18.37
C LEU A 133 2.86 -9.98 17.12
N THR A 134 2.46 -9.02 16.24
CA THR A 134 3.14 -8.79 14.96
C THR A 134 3.96 -7.48 14.98
N ALA A 135 3.61 -6.51 15.89
CA ALA A 135 4.21 -5.12 15.94
C ALA A 135 3.78 -4.21 14.77
N ALA A 136 3.14 -4.81 13.74
CA ALA A 136 2.52 -4.07 12.63
C ALA A 136 1.07 -3.71 13.02
N GLU A 137 0.73 -2.39 12.98
CA GLU A 137 -0.57 -1.92 13.53
C GLU A 137 -1.45 -1.35 12.41
N VAL A 138 -2.71 -1.80 12.43
CA VAL A 138 -3.74 -1.43 11.45
C VAL A 138 -4.38 -0.08 11.81
N VAL A 139 -4.57 0.74 10.76
CA VAL A 139 -5.15 2.10 10.89
C VAL A 139 -6.15 2.36 9.73
N VAL A 140 -7.39 2.86 10.06
CA VAL A 140 -8.32 3.30 8.98
C VAL A 140 -8.89 4.74 9.21
N PRO A 141 -8.28 5.87 8.59
CA PRO A 141 -8.57 7.30 8.95
C PRO A 141 -10.05 7.69 9.10
N ARG A 142 -10.27 8.82 9.81
CA ARG A 142 -11.60 9.38 10.02
C ARG A 142 -11.95 10.33 8.88
N ASP A 143 -13.27 10.58 8.72
CA ASP A 143 -13.88 11.28 7.54
C ASP A 143 -13.42 10.68 6.17
N GLN A 144 -13.01 9.39 6.23
CA GLN A 144 -12.37 8.67 5.12
C GLN A 144 -13.44 8.06 4.20
N THR A 145 -13.70 8.77 3.07
CA THR A 145 -14.64 8.33 2.05
C THR A 145 -14.02 7.26 1.13
N PRO A 146 -14.80 6.19 0.65
CA PRO A 146 -14.34 5.22 -0.35
C PRO A 146 -14.03 5.81 -1.71
N ASP A 147 -13.38 4.97 -2.50
CA ASP A 147 -12.94 5.30 -3.86
C ASP A 147 -13.98 4.74 -4.87
N GLU A 148 -13.60 4.68 -6.16
CA GLU A 148 -14.46 4.16 -7.26
C GLU A 148 -14.66 2.64 -7.17
N ASN A 149 -13.55 2.02 -6.87
CA ASN A 149 -13.38 0.56 -6.72
C ASN A 149 -14.02 0.00 -5.42
N GLU A 150 -14.86 0.84 -4.73
CA GLU A 150 -15.55 0.51 -3.44
C GLU A 150 -14.51 0.26 -2.32
N GLN A 151 -13.51 1.17 -2.22
CA GLN A 151 -12.30 0.92 -1.49
C GLN A 151 -11.81 2.12 -0.75
N VAL A 152 -11.45 1.76 0.43
CA VAL A 152 -10.79 2.59 1.40
C VAL A 152 -9.37 2.06 1.66
N ILE A 153 -8.56 2.90 2.30
CA ILE A 153 -7.16 2.57 2.60
C ILE A 153 -7.04 2.22 4.08
N VAL A 154 -6.00 1.46 4.35
CA VAL A 154 -5.60 1.09 5.68
C VAL A 154 -4.07 1.23 5.76
N LYS A 155 -3.69 1.75 6.90
CA LYS A 155 -2.33 2.18 7.19
C LYS A 155 -1.73 1.34 8.33
N ILE A 156 -0.82 0.44 7.95
CA ILE A 156 -0.02 -0.39 8.86
C ILE A 156 1.26 0.36 9.20
N ILE A 157 1.70 0.21 10.45
CA ILE A 157 3.03 0.67 10.89
C ILE A 157 3.69 -0.48 11.65
N GLY A 158 4.71 -1.03 11.00
CA GLY A 158 5.43 -2.19 11.49
C GLY A 158 6.89 -2.14 11.08
N HIS A 159 7.64 -3.22 11.41
CA HIS A 159 9.00 -3.43 10.89
C HIS A 159 8.92 -4.14 9.52
N PHE A 160 10.07 -4.53 8.90
CA PHE A 160 10.06 -5.17 7.56
C PHE A 160 9.47 -6.62 7.59
N TYR A 161 9.53 -7.26 8.78
CA TYR A 161 8.86 -8.54 9.07
C TYR A 161 7.34 -8.37 9.28
N ALA A 162 6.99 -7.28 10.00
CA ALA A 162 5.64 -7.08 10.54
C ALA A 162 4.63 -6.61 9.49
N SER A 163 4.93 -5.50 8.77
CA SER A 163 4.12 -4.97 7.64
C SER A 163 3.82 -6.04 6.55
N GLN A 164 4.82 -6.91 6.24
CA GLN A 164 4.65 -8.00 5.24
C GLN A 164 3.67 -9.10 5.72
N MET A 165 3.78 -9.50 7.02
CA MET A 165 2.85 -10.49 7.64
C MET A 165 1.44 -9.90 7.86
N ALA A 166 1.39 -8.61 8.29
CA ALA A 166 0.12 -7.88 8.54
C ALA A 166 -0.65 -7.59 7.24
N GLN A 167 0.09 -7.20 6.16
CA GLN A 167 -0.49 -6.98 4.80
C GLN A 167 -1.15 -8.26 4.23
N ARG A 168 -0.44 -9.40 4.40
CA ARG A 168 -0.94 -10.72 3.98
C ARG A 168 -2.04 -11.30 4.89
N LYS A 169 -1.98 -10.98 6.22
CA LYS A 169 -3.08 -11.30 7.17
C LYS A 169 -4.38 -10.51 6.85
N ILE A 170 -4.19 -9.29 6.30
CA ILE A 170 -5.27 -8.41 5.85
C ILE A 170 -5.90 -8.94 4.53
N ARG A 171 -5.05 -9.14 3.51
CA ARG A 171 -5.46 -9.66 2.17
C ARG A 171 -6.14 -11.06 2.25
N ASP A 172 -5.81 -11.82 3.33
CA ASP A 172 -6.41 -13.13 3.62
C ASP A 172 -7.84 -13.00 4.21
N ILE A 173 -8.02 -12.10 5.22
CA ILE A 173 -9.35 -11.78 5.82
C ILE A 173 -10.27 -11.09 4.75
N LEU A 174 -9.65 -10.19 3.97
CA LEU A 174 -10.25 -9.53 2.82
C LEU A 174 -10.56 -10.47 1.65
N ALA A 175 -9.83 -11.60 1.60
CA ALA A 175 -10.17 -12.72 0.72
C ALA A 175 -11.39 -13.50 1.21
N GLN A 176 -11.43 -13.74 2.53
CA GLN A 176 -12.56 -14.41 3.22
C GLN A 176 -13.86 -13.59 3.17
N VAL A 177 -13.69 -12.26 2.93
CA VAL A 177 -14.81 -11.33 2.70
C VAL A 177 -15.34 -11.47 1.27
N LYS A 178 -14.39 -11.41 0.34
CA LYS A 178 -14.60 -11.72 -1.10
C LYS A 178 -15.18 -13.14 -1.34
N GLN A 179 -14.91 -14.07 -0.38
CA GLN A 179 -15.53 -15.42 -0.33
C GLN A 179 -17.04 -15.34 0.03
N GLN A 180 -17.36 -14.52 1.06
CA GLN A 180 -18.76 -14.28 1.52
C GLN A 180 -19.58 -13.45 0.50
N HIS A 181 -18.92 -12.47 -0.15
CA HIS A 181 -19.54 -11.59 -1.17
C HIS A 181 -19.80 -12.32 -2.51
N GLN A 182 -18.85 -13.20 -2.91
CA GLN A 182 -18.94 -13.96 -4.17
C GLN A 182 -19.79 -15.23 -3.98
N LYS A 183 -19.45 -16.02 -2.91
CA LYS A 183 -20.16 -17.29 -2.51
C LYS A 183 -20.28 -18.31 -3.67
N GLY A 184 -19.56 -19.44 -3.53
CA GLY A 184 -19.55 -20.50 -4.53
C GLY A 184 -20.04 -21.82 -3.98
N GLN A 185 -20.56 -22.69 -4.88
CA GLN A 185 -21.09 -24.01 -4.51
C GLN A 185 -20.01 -25.09 -4.63
N SER A 186 -19.89 -25.92 -3.59
CA SER A 186 -18.91 -27.01 -3.53
C SER A 186 -19.49 -28.31 -4.10
N GLY A 187 -18.60 -29.10 -4.72
CA GLY A 187 -18.98 -30.38 -5.33
C GLY A 187 -18.11 -30.76 -6.50
N GLN A 188 -18.08 -29.86 -7.53
CA GLN A 188 -17.28 -30.02 -8.81
C GLN A 188 -17.61 -31.30 -9.58
N LEU A 189 -17.93 -31.12 -10.88
CA LEU A 189 -18.25 -32.23 -11.79
C LEU A 189 -17.01 -32.67 -12.56
N GLN A 190 -16.88 -33.99 -12.74
CA GLN A 190 -15.73 -34.59 -13.44
C GLN A 190 -16.17 -35.74 -14.36
N ALA A 191 -17.04 -36.62 -13.82
CA ALA A 191 -17.56 -37.77 -14.55
C ALA A 191 -18.90 -37.45 -15.24
N GLY A 1 -9.92 29.10 -35.90
CA GLY A 1 -10.35 28.03 -34.94
C GLY A 1 -9.95 26.65 -35.40
N ALA A 2 -8.65 26.33 -35.25
CA ALA A 2 -8.09 25.03 -35.64
C ALA A 2 -7.91 24.12 -34.42
N MET A 3 -7.36 24.70 -33.32
CA MET A 3 -7.11 23.97 -32.08
C MET A 3 -7.49 24.85 -30.88
N GLY A 4 -7.77 24.18 -29.73
CA GLY A 4 -8.16 24.87 -28.51
C GLY A 4 -9.07 24.01 -27.60
N PRO A 5 -9.51 24.48 -26.35
CA PRO A 5 -10.38 23.67 -25.46
C PRO A 5 -11.84 23.72 -25.88
N SER A 6 -12.51 22.57 -25.72
CA SER A 6 -13.94 22.41 -26.07
C SER A 6 -14.74 21.77 -24.92
N SER A 7 -14.09 20.82 -24.20
CA SER A 7 -14.67 20.04 -23.05
C SER A 7 -15.82 19.11 -23.48
N VAL A 8 -16.83 19.68 -24.16
CA VAL A 8 -17.99 18.95 -24.65
C VAL A 8 -17.83 18.66 -26.18
N SER A 9 -17.70 17.34 -26.52
CA SER A 9 -17.51 16.84 -27.93
C SER A 9 -16.26 17.43 -28.62
N GLY A 10 -15.26 16.57 -28.87
CA GLY A 10 -14.01 16.97 -29.52
C GLY A 10 -12.79 16.52 -28.74
N ALA A 11 -12.70 16.97 -27.48
CA ALA A 11 -11.59 16.63 -26.57
C ALA A 11 -12.09 16.35 -25.17
N ALA A 12 -11.84 15.11 -24.70
CA ALA A 12 -12.26 14.66 -23.37
C ALA A 12 -11.16 13.79 -22.69
N PRO A 13 -10.55 14.19 -21.48
CA PRO A 13 -9.58 13.32 -20.75
C PRO A 13 -10.27 12.15 -20.04
N PHE A 14 -9.77 10.93 -20.31
CA PHE A 14 -10.30 9.69 -19.73
C PHE A 14 -9.26 9.03 -18.85
N SER A 15 -9.61 8.87 -17.55
CA SER A 15 -8.74 8.22 -16.56
C SER A 15 -9.58 7.36 -15.61
N SER A 16 -9.39 6.03 -15.71
CA SER A 16 -10.10 5.04 -14.88
C SER A 16 -9.20 3.86 -14.52
N PHE A 17 -8.38 3.42 -15.51
CA PHE A 17 -7.50 2.25 -15.35
C PHE A 17 -6.16 2.68 -14.73
N MET A 18 -5.70 1.88 -13.74
CA MET A 18 -4.45 2.09 -13.03
C MET A 18 -3.21 1.61 -13.85
N PRO A 19 -2.04 2.41 -13.90
CA PRO A 19 -0.87 2.06 -14.73
C PRO A 19 -0.10 0.73 -14.35
N PRO A 20 -0.15 0.15 -13.06
CA PRO A 20 0.49 -1.16 -12.75
C PRO A 20 -0.27 -2.34 -13.34
N GLU A 21 0.46 -3.47 -13.51
CA GLU A 21 -0.08 -4.68 -14.14
C GLU A 21 -0.42 -5.76 -13.11
N GLN A 22 0.57 -6.09 -12.26
CA GLN A 22 0.46 -7.09 -11.20
C GLN A 22 -0.26 -6.49 -9.96
N GLU A 23 -0.29 -7.24 -8.81
CA GLU A 23 -0.82 -6.74 -7.53
C GLU A 23 0.08 -5.64 -6.94
N THR A 24 -0.60 -4.57 -6.50
CA THR A 24 0.05 -3.33 -6.14
C THR A 24 0.00 -3.12 -4.63
N VAL A 25 1.12 -2.68 -4.08
CA VAL A 25 1.14 -2.11 -2.73
C VAL A 25 1.69 -0.68 -2.82
N HIS A 26 1.29 0.12 -1.83
CA HIS A 26 1.66 1.52 -1.75
C HIS A 26 2.32 1.77 -0.41
N VAL A 27 3.61 2.08 -0.47
CA VAL A 27 4.46 2.12 0.72
C VAL A 27 4.94 3.53 1.02
N PHE A 28 4.81 3.87 2.30
CA PHE A 28 5.04 5.22 2.79
C PHE A 28 6.31 5.32 3.57
N ILE A 29 7.25 5.92 2.85
CA ILE A 29 8.56 6.25 3.34
C ILE A 29 8.68 7.77 3.54
N PRO A 30 9.63 8.30 4.41
CA PRO A 30 9.82 9.77 4.61
C PRO A 30 10.08 10.52 3.31
N ALA A 31 9.45 11.70 3.22
CA ALA A 31 9.83 12.77 2.26
C ALA A 31 11.31 13.25 2.43
N GLN A 32 11.89 12.91 3.59
CA GLN A 32 13.29 13.02 3.89
C GLN A 32 14.06 11.74 3.41
N ALA A 33 13.34 10.82 2.73
CA ALA A 33 13.89 9.54 2.31
C ALA A 33 13.85 9.36 0.81
N VAL A 34 13.07 10.26 0.12
CA VAL A 34 13.01 10.29 -1.36
C VAL A 34 14.29 10.84 -2.00
N GLY A 35 14.96 11.73 -1.24
CA GLY A 35 16.35 12.15 -1.47
C GLY A 35 17.36 11.01 -1.32
N ALA A 36 16.96 9.96 -0.55
CA ALA A 36 17.75 8.74 -0.39
C ALA A 36 17.51 7.78 -1.56
N ILE A 37 16.21 7.55 -1.83
CA ILE A 37 15.70 6.57 -2.76
C ILE A 37 15.80 7.04 -4.25
N ILE A 38 15.21 8.22 -4.58
CA ILE A 38 15.40 8.88 -5.87
C ILE A 38 16.78 9.61 -5.94
N GLY A 39 17.42 9.83 -4.79
CA GLY A 39 18.61 10.71 -4.71
C GLY A 39 19.80 10.29 -5.58
N ASP A 40 20.16 8.99 -5.55
CA ASP A 40 21.37 8.45 -6.24
C ASP A 40 21.20 8.52 -7.80
N ASP A 41 21.36 9.76 -8.33
CA ASP A 41 21.11 10.15 -9.75
C ASP A 41 19.68 9.76 -10.26
N GLY A 42 18.74 9.49 -9.30
CA GLY A 42 17.45 8.81 -9.62
C GLY A 42 17.59 7.39 -10.18
N GLN A 43 18.63 6.67 -9.70
CA GLN A 43 19.02 5.36 -10.24
C GLN A 43 18.85 4.22 -9.19
N HIS A 44 18.50 4.57 -7.93
CA HIS A 44 18.31 3.57 -6.84
C HIS A 44 16.95 2.87 -6.97
N ILE A 45 15.89 3.64 -7.34
CA ILE A 45 14.59 3.13 -7.71
C ILE A 45 14.62 2.28 -9.03
N LYS A 46 15.26 2.84 -10.08
CA LYS A 46 15.51 2.14 -11.38
C LYS A 46 16.41 0.90 -11.22
N GLN A 47 17.11 0.85 -10.07
CA GLN A 47 17.86 -0.32 -9.61
C GLN A 47 16.91 -1.37 -9.00
N LEU A 48 15.99 -0.92 -8.10
CA LEU A 48 14.96 -1.73 -7.46
C LEU A 48 14.00 -2.44 -8.42
N SER A 49 13.83 -1.84 -9.61
CA SER A 49 13.00 -2.41 -10.70
C SER A 49 13.63 -3.65 -11.34
N ARG A 50 14.96 -3.58 -11.57
CA ARG A 50 15.77 -4.72 -12.05
C ARG A 50 16.16 -5.69 -10.93
N PHE A 51 16.37 -5.14 -9.72
CA PHE A 51 16.86 -5.86 -8.54
C PHE A 51 15.75 -6.66 -7.84
N ALA A 52 14.64 -5.97 -7.51
CA ALA A 52 13.56 -6.56 -6.70
C ALA A 52 12.60 -7.44 -7.51
N SER A 53 12.81 -7.55 -8.86
CA SER A 53 11.90 -8.27 -9.84
C SER A 53 10.47 -7.67 -9.92
N ALA A 54 10.30 -6.58 -9.18
CA ALA A 54 9.06 -5.84 -9.06
C ALA A 54 9.14 -4.49 -9.81
N SER A 55 8.04 -3.72 -9.76
CA SER A 55 7.90 -2.44 -10.45
C SER A 55 7.59 -1.31 -9.45
N ILE A 56 8.60 -0.46 -9.22
CA ILE A 56 8.53 0.63 -8.25
C ILE A 56 8.36 1.99 -9.01
N LYS A 57 7.40 2.80 -8.53
CA LYS A 57 7.24 4.22 -8.89
C LYS A 57 7.29 5.07 -7.61
N ILE A 58 7.85 6.30 -7.67
CA ILE A 58 7.65 7.28 -6.59
C ILE A 58 6.47 8.21 -6.93
N ALA A 59 5.73 8.49 -5.86
CA ALA A 59 4.49 9.27 -5.92
C ALA A 59 4.66 10.65 -5.25
N PRO A 60 3.85 11.72 -5.64
CA PRO A 60 3.98 13.08 -5.07
C PRO A 60 3.42 13.17 -3.61
N PRO A 61 3.48 14.36 -2.85
CA PRO A 61 2.98 14.48 -1.44
C PRO A 61 1.53 14.06 -1.23
N GLU A 62 1.31 13.37 -0.08
CA GLU A 62 -0.02 13.00 0.44
C GLU A 62 -0.87 14.25 0.77
N THR A 63 -0.24 15.11 1.55
CA THR A 63 -0.82 16.35 2.11
C THR A 63 0.31 17.22 2.76
N PRO A 64 0.14 18.60 2.97
CA PRO A 64 1.09 19.44 3.79
C PRO A 64 1.39 18.84 5.17
N ASP A 65 0.36 18.17 5.69
CA ASP A 65 0.38 17.49 7.00
C ASP A 65 1.24 16.22 7.04
N SER A 66 1.40 15.58 5.88
CA SER A 66 2.25 14.40 5.72
C SER A 66 3.68 14.81 5.41
N LYS A 67 4.64 14.15 6.09
CA LYS A 67 6.07 14.33 5.82
C LYS A 67 6.67 13.07 5.11
N VAL A 68 5.78 12.20 4.56
CA VAL A 68 6.19 11.07 3.75
C VAL A 68 5.91 11.30 2.26
N ARG A 69 6.41 10.36 1.47
CA ARG A 69 6.09 10.22 0.06
C ARG A 69 5.75 8.76 -0.18
N MET A 70 4.80 8.55 -1.08
CA MET A 70 4.23 7.27 -1.32
C MET A 70 4.98 6.59 -2.48
N VAL A 71 5.18 5.28 -2.32
CA VAL A 71 5.86 4.46 -3.32
C VAL A 71 4.93 3.38 -3.84
N VAL A 72 5.08 3.15 -5.13
CA VAL A 72 4.30 2.18 -5.87
C VAL A 72 5.13 0.88 -5.93
N ILE A 73 4.77 -0.10 -5.09
CA ILE A 73 5.39 -1.43 -5.15
C ILE A 73 4.40 -2.46 -5.73
N THR A 74 4.53 -2.63 -7.04
CA THR A 74 3.82 -3.66 -7.80
C THR A 74 4.74 -4.87 -8.01
N GLY A 75 4.08 -6.04 -8.10
CA GLY A 75 4.73 -7.26 -8.53
C GLY A 75 4.31 -8.49 -7.71
N PRO A 76 4.83 -9.77 -8.02
CA PRO A 76 4.45 -11.03 -7.29
C PRO A 76 4.64 -10.98 -5.74
N PRO A 77 4.35 -12.09 -4.93
CA PRO A 77 4.70 -12.12 -3.47
C PRO A 77 6.21 -12.06 -3.18
N GLU A 78 7.02 -12.59 -4.14
CA GLU A 78 8.48 -12.67 -4.01
C GLU A 78 9.18 -11.33 -4.31
N ALA A 79 8.75 -10.71 -5.41
CA ALA A 79 9.30 -9.40 -5.87
C ALA A 79 8.89 -8.20 -4.98
N GLN A 80 7.76 -8.34 -4.25
CA GLN A 80 7.27 -7.29 -3.30
C GLN A 80 8.08 -7.28 -1.99
N PHE A 81 8.58 -8.47 -1.59
CA PHE A 81 9.48 -8.66 -0.43
C PHE A 81 10.88 -8.02 -0.68
N LYS A 82 11.34 -8.11 -1.95
CA LYS A 82 12.69 -7.67 -2.35
C LYS A 82 12.80 -6.14 -2.43
N ALA A 83 11.73 -5.49 -3.00
CA ALA A 83 11.68 -4.01 -3.14
C ALA A 83 11.47 -3.28 -1.81
N GLN A 84 10.39 -3.66 -1.04
CA GLN A 84 10.13 -3.07 0.31
C GLN A 84 11.28 -3.34 1.31
N GLY A 85 11.92 -4.52 1.18
CA GLY A 85 13.11 -4.90 1.98
C GLY A 85 14.27 -3.90 1.87
N ARG A 86 14.33 -3.20 0.71
CA ARG A 86 15.34 -2.20 0.40
C ARG A 86 15.00 -0.85 0.99
N ILE A 87 13.69 -0.49 0.96
CA ILE A 87 13.20 0.82 1.39
C ILE A 87 13.27 0.92 2.94
N TYR A 88 12.96 -0.25 3.56
CA TYR A 88 13.20 -0.54 4.97
C TYR A 88 14.69 -0.71 5.28
N GLY A 89 15.46 -1.19 4.25
CA GLY A 89 16.91 -1.33 4.35
C GLY A 89 17.65 0.01 4.34
N LYS A 90 17.04 1.02 3.64
CA LYS A 90 17.55 2.37 3.54
C LYS A 90 17.42 3.16 4.83
N LEU A 91 16.17 3.26 5.36
CA LEU A 91 15.88 3.80 6.69
C LEU A 91 16.72 3.16 7.80
N LYS A 92 16.94 1.85 7.60
CA LYS A 92 17.88 1.06 8.39
C LYS A 92 19.34 1.60 8.32
N GLU A 93 19.67 2.20 7.16
CA GLU A 93 20.94 2.94 6.96
C GLU A 93 20.84 4.38 7.52
N GLU A 94 19.82 5.13 7.04
CA GLU A 94 19.71 6.58 7.22
C GLU A 94 19.04 7.03 8.51
N ASN A 95 18.34 6.09 9.17
CA ASN A 95 17.57 6.30 10.42
C ASN A 95 16.58 7.51 10.37
N PHE A 96 16.15 7.89 9.13
CA PHE A 96 15.17 9.00 8.87
C PHE A 96 13.93 9.03 9.81
N PHE A 97 13.56 7.84 10.28
CA PHE A 97 12.32 7.59 11.05
C PHE A 97 12.34 8.14 12.48
N GLY A 98 13.44 7.85 13.19
CA GLY A 98 13.56 8.07 14.62
C GLY A 98 14.73 7.25 15.14
N PRO A 99 16.02 7.78 15.17
CA PRO A 99 17.24 6.94 15.40
C PRO A 99 17.30 6.14 16.70
N LYS A 100 16.41 6.53 17.58
CA LYS A 100 16.18 5.90 18.90
C LYS A 100 15.37 4.60 18.78
N GLU A 101 14.56 4.53 17.73
CA GLU A 101 13.75 3.41 17.38
C GLU A 101 14.26 2.75 16.09
N GLU A 102 13.46 1.81 15.63
CA GLU A 102 13.69 1.02 14.43
C GLU A 102 12.76 1.51 13.29
N VAL A 103 12.95 0.96 12.06
CA VAL A 103 12.25 1.40 10.84
C VAL A 103 10.73 1.22 10.90
N LYS A 104 10.00 2.33 10.77
CA LYS A 104 8.55 2.34 10.88
C LYS A 104 7.96 3.07 9.69
N LEU A 105 7.68 2.25 8.68
CA LEU A 105 7.11 2.71 7.44
C LEU A 105 5.70 2.20 7.23
N GLU A 106 4.85 3.12 6.76
CA GLU A 106 3.38 2.89 6.68
C GLU A 106 3.01 2.25 5.35
N THR A 107 2.13 1.24 5.42
CA THR A 107 1.63 0.55 4.22
C THR A 107 0.18 0.95 3.94
N HIS A 108 0.01 1.64 2.80
CA HIS A 108 -1.30 1.98 2.27
C HIS A 108 -1.71 0.94 1.24
N ILE A 109 -2.84 0.27 1.51
CA ILE A 109 -3.44 -0.68 0.56
C ILE A 109 -4.95 -0.57 0.52
N ARG A 110 -5.47 -0.46 -0.72
CA ARG A 110 -6.91 -0.28 -1.00
C ARG A 110 -7.71 -1.53 -0.72
N VAL A 111 -8.70 -1.32 0.11
CA VAL A 111 -9.53 -2.38 0.66
C VAL A 111 -11.01 -1.92 0.54
N PRO A 112 -12.06 -2.82 0.48
CA PRO A 112 -13.47 -2.36 0.29
C PRO A 112 -13.97 -1.55 1.47
N ALA A 113 -14.63 -0.46 1.14
CA ALA A 113 -15.15 0.55 2.06
C ALA A 113 -15.97 0.02 3.26
N SER A 114 -16.82 -1.00 3.00
CA SER A 114 -17.55 -1.72 4.07
C SER A 114 -16.80 -2.98 4.56
N ALA A 115 -15.50 -3.00 4.28
CA ALA A 115 -14.59 -4.10 4.63
C ALA A 115 -13.44 -3.57 5.51
N ALA A 116 -13.49 -2.25 5.78
CA ALA A 116 -12.55 -1.53 6.66
C ALA A 116 -12.68 -1.96 8.13
N GLY A 117 -13.88 -2.46 8.50
CA GLY A 117 -14.10 -3.08 9.80
C GLY A 117 -13.74 -4.57 9.84
N ARG A 118 -13.46 -5.19 8.65
CA ARG A 118 -12.97 -6.58 8.55
C ARG A 118 -11.51 -6.70 8.98
N VAL A 119 -10.72 -5.68 8.62
CA VAL A 119 -9.30 -5.57 8.99
C VAL A 119 -9.12 -5.29 10.52
N ILE A 120 -10.17 -4.66 11.06
CA ILE A 120 -10.28 -4.24 12.47
C ILE A 120 -10.88 -5.38 13.31
N GLY A 121 -11.93 -6.01 12.75
CA GLY A 121 -12.67 -7.07 13.45
C GLY A 121 -13.74 -6.52 14.39
N LYS A 122 -14.09 -7.31 15.45
CA LYS A 122 -15.02 -6.93 16.50
C LYS A 122 -14.42 -5.89 17.47
N GLY A 123 -14.84 -4.61 17.30
CA GLY A 123 -14.38 -3.49 18.13
C GLY A 123 -12.96 -3.03 17.79
N GLY A 124 -12.05 -4.01 17.82
CA GLY A 124 -10.63 -3.79 17.52
C GLY A 124 -9.78 -5.00 17.89
N LYS A 125 -10.29 -6.20 17.54
CA LYS A 125 -9.65 -7.48 17.88
C LYS A 125 -8.60 -7.88 16.83
N THR A 126 -8.87 -7.56 15.55
CA THR A 126 -7.96 -7.84 14.41
C THR A 126 -6.76 -6.85 14.42
N VAL A 127 -7.01 -5.60 14.89
CA VAL A 127 -5.96 -4.57 15.13
C VAL A 127 -5.14 -4.92 16.42
N ASN A 128 -5.84 -5.48 17.43
CA ASN A 128 -5.25 -5.90 18.73
C ASN A 128 -4.39 -7.16 18.58
N GLU A 129 -4.86 -8.10 17.73
CA GLU A 129 -4.12 -9.31 17.33
C GLU A 129 -2.97 -8.98 16.35
N LEU A 130 -3.11 -7.85 15.59
CA LEU A 130 -2.09 -7.35 14.68
C LEU A 130 -0.91 -6.68 15.43
N GLN A 131 -1.23 -5.74 16.36
CA GLN A 131 -0.27 -5.09 17.28
C GLN A 131 0.45 -6.09 18.23
N ASN A 132 -0.33 -6.98 18.87
CA ASN A 132 0.16 -7.86 19.96
C ASN A 132 0.94 -9.07 19.41
N LEU A 133 0.39 -9.72 18.36
CA LEU A 133 1.00 -10.92 17.76
C LEU A 133 2.00 -10.56 16.66
N THR A 134 1.62 -9.59 15.80
CA THR A 134 2.41 -9.23 14.61
C THR A 134 3.29 -7.99 14.86
N ALA A 135 2.88 -7.08 15.80
CA ALA A 135 3.54 -5.74 16.06
C ALA A 135 3.24 -4.69 14.97
N ALA A 136 2.63 -5.14 13.84
CA ALA A 136 2.10 -4.26 12.79
C ALA A 136 0.69 -3.79 13.16
N GLU A 137 0.41 -2.46 13.06
CA GLU A 137 -0.87 -1.93 13.51
C GLU A 137 -1.68 -1.38 12.33
N VAL A 138 -2.95 -1.83 12.29
CA VAL A 138 -3.90 -1.48 11.25
C VAL A 138 -4.65 -0.18 11.62
N VAL A 139 -4.68 0.73 10.64
CA VAL A 139 -5.27 2.07 10.80
C VAL A 139 -6.29 2.34 9.68
N VAL A 140 -7.56 2.71 10.05
CA VAL A 140 -8.60 2.99 9.00
C VAL A 140 -9.26 4.40 9.17
N PRO A 141 -8.78 5.53 8.45
CA PRO A 141 -9.28 6.94 8.64
C PRO A 141 -10.81 7.13 8.74
N ARG A 142 -11.19 8.01 9.67
CA ARG A 142 -12.58 8.39 9.89
C ARG A 142 -12.99 9.55 9.02
N ASP A 143 -14.32 9.67 8.80
CA ASP A 143 -14.97 10.64 7.83
C ASP A 143 -14.41 10.49 6.37
N GLN A 144 -13.83 9.30 6.10
CA GLN A 144 -13.20 8.96 4.81
C GLN A 144 -14.26 8.48 3.82
N THR A 145 -14.26 9.11 2.62
CA THR A 145 -15.05 8.65 1.49
C THR A 145 -14.30 7.54 0.71
N PRO A 146 -15.01 6.46 0.18
CA PRO A 146 -14.40 5.43 -0.71
C PRO A 146 -13.87 5.96 -2.03
N ASP A 147 -13.10 5.09 -2.66
CA ASP A 147 -12.45 5.34 -3.94
C ASP A 147 -13.39 4.86 -5.08
N GLU A 148 -12.82 4.60 -6.29
CA GLU A 148 -13.59 4.15 -7.50
C GLU A 148 -14.11 2.72 -7.36
N ASN A 149 -13.19 1.90 -6.91
CA ASN A 149 -13.37 0.46 -6.67
C ASN A 149 -14.19 0.14 -5.39
N GLU A 150 -14.81 1.21 -4.79
CA GLU A 150 -15.54 1.16 -3.47
C GLU A 150 -14.57 0.74 -2.32
N GLN A 151 -13.46 1.49 -2.22
CA GLN A 151 -12.31 1.11 -1.46
C GLN A 151 -11.72 2.28 -0.75
N VAL A 152 -11.39 1.96 0.44
CA VAL A 152 -10.69 2.80 1.39
C VAL A 152 -9.30 2.23 1.65
N ILE A 153 -8.45 3.08 2.21
CA ILE A 153 -7.06 2.72 2.49
C ILE A 153 -6.93 2.40 3.97
N VAL A 154 -5.95 1.56 4.24
CA VAL A 154 -5.55 1.20 5.57
C VAL A 154 -4.03 1.35 5.67
N LYS A 155 -3.64 1.86 6.81
CA LYS A 155 -2.26 2.25 7.09
C LYS A 155 -1.70 1.41 8.23
N ILE A 156 -0.87 0.45 7.85
CA ILE A 156 -0.09 -0.40 8.76
C ILE A 156 1.26 0.27 9.01
N ILE A 157 1.70 0.16 10.26
CA ILE A 157 3.04 0.63 10.67
C ILE A 157 3.61 -0.49 11.57
N GLY A 158 4.64 -1.20 11.07
CA GLY A 158 5.05 -2.46 11.67
C GLY A 158 6.52 -2.85 11.51
N HIS A 159 7.33 -2.02 10.81
CA HIS A 159 8.71 -2.39 10.28
C HIS A 159 8.55 -3.31 9.04
N PHE A 160 9.66 -3.82 8.44
CA PHE A 160 9.57 -4.72 7.25
C PHE A 160 9.05 -6.14 7.58
N TYR A 161 9.21 -6.57 8.86
CA TYR A 161 8.77 -7.89 9.34
C TYR A 161 7.24 -7.98 9.50
N ALA A 162 6.68 -7.01 10.25
CA ALA A 162 5.28 -7.04 10.69
C ALA A 162 4.32 -6.54 9.63
N SER A 163 4.62 -5.38 9.01
CA SER A 163 3.88 -4.83 7.83
C SER A 163 3.76 -5.83 6.66
N GLN A 164 4.77 -6.74 6.54
CA GLN A 164 4.79 -7.84 5.56
C GLN A 164 3.73 -8.93 5.91
N MET A 165 3.89 -9.54 7.11
CA MET A 165 2.95 -10.55 7.69
C MET A 165 1.53 -9.98 7.90
N ALA A 166 1.44 -8.66 8.13
CA ALA A 166 0.16 -7.93 8.27
C ALA A 166 -0.58 -7.85 6.93
N GLN A 167 0.15 -7.40 5.86
CA GLN A 167 -0.41 -7.30 4.47
C GLN A 167 -1.07 -8.60 4.04
N ARG A 168 -0.41 -9.74 4.34
CA ARG A 168 -0.91 -11.07 4.00
C ARG A 168 -2.06 -11.55 4.90
N LYS A 169 -1.95 -11.32 6.25
CA LYS A 169 -3.06 -11.61 7.21
C LYS A 169 -4.34 -10.83 6.89
N ILE A 170 -4.13 -9.57 6.44
CA ILE A 170 -5.19 -8.64 6.12
C ILE A 170 -5.85 -8.98 4.76
N ARG A 171 -5.02 -9.26 3.70
CA ARG A 171 -5.57 -9.60 2.36
C ARG A 171 -6.38 -10.92 2.38
N ASP A 172 -6.07 -11.80 3.39
CA ASP A 172 -6.82 -13.05 3.65
C ASP A 172 -8.22 -12.79 4.26
N ILE A 173 -8.30 -11.94 5.31
CA ILE A 173 -9.59 -11.52 5.98
C ILE A 173 -10.49 -10.74 4.95
N LEU A 174 -9.81 -9.83 4.23
CA LEU A 174 -10.36 -9.08 3.11
C LEU A 174 -10.66 -9.95 1.87
N ALA A 175 -9.99 -11.11 1.78
CA ALA A 175 -10.37 -12.17 0.84
C ALA A 175 -11.64 -12.90 1.24
N GLN A 176 -11.75 -13.18 2.56
CA GLN A 176 -12.95 -13.81 3.17
C GLN A 176 -14.19 -12.91 3.10
N VAL A 177 -13.93 -11.60 2.91
CA VAL A 177 -14.99 -10.60 2.66
C VAL A 177 -15.45 -10.63 1.20
N LYS A 178 -14.46 -10.55 0.33
CA LYS A 178 -14.61 -10.73 -1.14
C LYS A 178 -15.25 -12.09 -1.52
N GLN A 179 -15.03 -13.12 -0.65
CA GLN A 179 -15.68 -14.43 -0.77
C GLN A 179 -17.18 -14.39 -0.39
N GLN A 180 -17.50 -13.69 0.73
CA GLN A 180 -18.91 -13.46 1.14
C GLN A 180 -19.65 -12.42 0.27
N HIS A 181 -18.87 -11.56 -0.45
CA HIS A 181 -19.42 -10.53 -1.36
C HIS A 181 -19.93 -11.14 -2.69
N GLN A 182 -19.10 -12.01 -3.32
CA GLN A 182 -19.45 -12.68 -4.59
C GLN A 182 -20.40 -13.89 -4.36
N LYS A 183 -19.97 -14.80 -3.47
CA LYS A 183 -20.74 -15.99 -3.10
C LYS A 183 -21.63 -15.71 -1.90
N GLY A 184 -22.95 -15.86 -2.11
CA GLY A 184 -23.94 -15.62 -1.06
C GLY A 184 -24.38 -14.17 -0.99
N GLN A 185 -25.40 -13.83 -1.80
CA GLN A 185 -25.95 -12.46 -1.87
C GLN A 185 -27.48 -12.51 -1.88
N SER A 186 -28.04 -13.40 -2.74
CA SER A 186 -29.49 -13.58 -2.87
C SER A 186 -29.92 -14.94 -2.34
N GLY A 187 -31.17 -15.02 -1.86
CA GLY A 187 -31.74 -16.25 -1.32
C GLY A 187 -32.82 -15.99 -0.29
N GLN A 188 -32.41 -15.86 0.98
CA GLN A 188 -33.32 -15.61 2.10
C GLN A 188 -33.50 -14.10 2.31
N LEU A 189 -34.77 -13.68 2.47
CA LEU A 189 -35.12 -12.27 2.68
C LEU A 189 -35.24 -11.99 4.18
N GLN A 190 -34.61 -10.86 4.62
CA GLN A 190 -34.58 -10.38 6.06
C GLN A 190 -34.01 -11.42 7.03
N ALA A 191 -32.99 -10.98 7.85
CA ALA A 191 -32.29 -11.81 8.87
C ALA A 191 -31.64 -13.10 8.29
N GLY A 1 -26.04 9.62 -33.66
CA GLY A 1 -26.30 8.83 -32.42
C GLY A 1 -27.51 9.33 -31.66
N ALA A 2 -27.59 8.95 -30.37
CA ALA A 2 -28.70 9.33 -29.49
C ALA A 2 -28.32 10.52 -28.62
N MET A 3 -29.31 11.40 -28.37
CA MET A 3 -29.13 12.61 -27.54
C MET A 3 -29.99 12.54 -26.27
N GLY A 4 -29.39 13.01 -25.15
CA GLY A 4 -30.05 13.02 -23.86
C GLY A 4 -29.86 14.35 -23.10
N PRO A 5 -30.87 15.34 -23.10
CA PRO A 5 -30.73 16.62 -22.38
C PRO A 5 -30.96 16.47 -20.88
N SER A 6 -31.97 15.66 -20.51
CA SER A 6 -32.32 15.39 -19.11
C SER A 6 -31.94 13.97 -18.72
N SER A 7 -31.09 13.86 -17.68
CA SER A 7 -30.60 12.58 -17.17
C SER A 7 -30.54 12.59 -15.65
N VAL A 8 -29.88 13.63 -15.06
CA VAL A 8 -29.72 13.82 -13.57
C VAL A 8 -28.83 12.70 -12.97
N SER A 9 -27.51 13.02 -12.77
CA SER A 9 -26.45 12.09 -12.23
C SER A 9 -26.31 10.79 -13.03
N GLY A 10 -25.11 10.58 -13.59
CA GLY A 10 -24.81 9.40 -14.38
C GLY A 10 -23.36 8.97 -14.26
N ALA A 11 -22.73 8.71 -15.43
CA ALA A 11 -21.33 8.30 -15.50
C ALA A 11 -20.47 9.40 -16.12
N ALA A 12 -19.40 9.78 -15.40
CA ALA A 12 -18.46 10.83 -15.84
C ALA A 12 -17.00 10.42 -15.52
N PRO A 13 -15.92 10.92 -16.26
CA PRO A 13 -14.52 10.55 -15.96
C PRO A 13 -13.95 11.36 -14.79
N PHE A 14 -13.65 10.64 -13.69
CA PHE A 14 -13.08 11.20 -12.47
C PHE A 14 -11.56 11.06 -12.43
N SER A 15 -11.08 9.85 -12.78
CA SER A 15 -9.65 9.51 -12.76
C SER A 15 -8.98 9.88 -14.08
N SER A 16 -7.64 10.02 -14.04
CA SER A 16 -6.82 10.36 -15.20
C SER A 16 -5.52 9.57 -15.20
N PHE A 17 -4.82 9.54 -16.38
CA PHE A 17 -3.52 8.82 -16.62
C PHE A 17 -3.62 7.30 -16.36
N MET A 18 -2.74 6.54 -17.05
CA MET A 18 -2.71 5.08 -16.98
C MET A 18 -2.04 4.56 -15.68
N PRO A 19 -2.78 3.80 -14.75
CA PRO A 19 -2.18 3.28 -13.50
C PRO A 19 -1.30 2.01 -13.73
N PRO A 20 -0.63 1.37 -12.67
CA PRO A 20 0.18 0.11 -12.85
C PRO A 20 -0.59 -1.07 -13.47
N GLU A 21 0.17 -2.12 -13.84
CA GLU A 21 -0.37 -3.27 -14.58
C GLU A 21 -0.92 -4.35 -13.65
N GLN A 22 -0.06 -4.83 -12.73
CA GLN A 22 -0.35 -5.88 -11.75
C GLN A 22 -1.10 -5.26 -10.53
N GLU A 23 -1.13 -5.96 -9.36
CA GLU A 23 -1.61 -5.39 -8.08
C GLU A 23 -0.60 -4.36 -7.54
N THR A 24 -1.06 -3.49 -6.63
CA THR A 24 -0.33 -2.30 -6.24
C THR A 24 -0.36 -2.13 -4.73
N VAL A 25 0.80 -1.70 -4.19
CA VAL A 25 0.88 -1.14 -2.85
C VAL A 25 1.43 0.28 -2.97
N HIS A 26 1.06 1.09 -1.98
CA HIS A 26 1.44 2.49 -1.91
C HIS A 26 2.03 2.76 -0.54
N VAL A 27 3.34 3.02 -0.53
CA VAL A 27 4.11 3.07 0.70
C VAL A 27 4.51 4.46 1.12
N PHE A 28 4.45 4.63 2.42
CA PHE A 28 4.79 5.88 3.11
C PHE A 28 6.19 5.75 3.66
N ILE A 29 7.06 6.43 2.97
CA ILE A 29 8.42 6.65 3.39
C ILE A 29 8.67 8.16 3.60
N PRO A 30 9.69 8.60 4.44
CA PRO A 30 10.03 10.03 4.61
C PRO A 30 10.39 10.74 3.30
N ALA A 31 9.91 11.99 3.17
CA ALA A 31 10.45 12.94 2.15
C ALA A 31 11.95 13.29 2.37
N GLN A 32 12.45 12.92 3.57
CA GLN A 32 13.84 12.89 3.93
C GLN A 32 14.47 11.53 3.49
N ALA A 33 13.69 10.70 2.77
CA ALA A 33 14.11 9.36 2.37
C ALA A 33 14.08 9.18 0.86
N VAL A 34 13.43 10.14 0.14
CA VAL A 34 13.40 10.14 -1.34
C VAL A 34 14.75 10.54 -1.96
N GLY A 35 15.46 11.42 -1.22
CA GLY A 35 16.89 11.72 -1.43
C GLY A 35 17.80 10.50 -1.21
N ALA A 36 17.29 9.52 -0.42
CA ALA A 36 17.96 8.24 -0.18
C ALA A 36 17.68 7.26 -1.33
N ILE A 37 16.37 7.15 -1.64
CA ILE A 37 15.82 6.17 -2.56
C ILE A 37 16.02 6.59 -4.06
N ILE A 38 15.55 7.79 -4.44
CA ILE A 38 15.86 8.42 -5.73
C ILE A 38 17.31 8.96 -5.78
N GLY A 39 17.95 9.11 -4.62
CA GLY A 39 19.25 9.82 -4.50
C GLY A 39 20.38 9.26 -5.38
N ASP A 40 20.58 7.92 -5.35
CA ASP A 40 21.70 7.25 -6.06
C ASP A 40 21.54 7.34 -7.60
N ASP A 41 21.92 8.54 -8.12
CA ASP A 41 21.76 8.98 -9.55
C ASP A 41 20.29 8.84 -10.08
N GLY A 42 19.30 8.70 -9.14
CA GLY A 42 17.92 8.25 -9.50
C GLY A 42 17.85 6.84 -10.09
N GLN A 43 18.74 5.96 -9.60
CA GLN A 43 18.94 4.62 -10.17
C GLN A 43 18.62 3.47 -9.18
N HIS A 44 18.29 3.81 -7.91
CA HIS A 44 17.95 2.78 -6.87
C HIS A 44 16.51 2.27 -7.06
N ILE A 45 15.58 3.20 -7.42
CA ILE A 45 14.23 2.90 -7.88
C ILE A 45 14.20 2.06 -9.19
N LYS A 46 15.02 2.49 -10.19
CA LYS A 46 15.26 1.70 -11.43
C LYS A 46 16.06 0.41 -11.17
N GLN A 47 16.72 0.37 -9.99
CA GLN A 47 17.40 -0.83 -9.48
C GLN A 47 16.39 -1.82 -8.87
N LEU A 48 15.55 -1.34 -7.91
CA LEU A 48 14.49 -2.12 -7.24
C LEU A 48 13.45 -2.73 -8.19
N SER A 49 13.22 -2.05 -9.34
CA SER A 49 12.29 -2.52 -10.39
C SER A 49 12.83 -3.80 -11.09
N ARG A 50 14.15 -3.85 -11.31
CA ARG A 50 14.87 -5.02 -11.84
C ARG A 50 15.16 -6.05 -10.74
N PHE A 51 15.67 -5.52 -9.62
CA PHE A 51 16.16 -6.28 -8.45
C PHE A 51 15.04 -6.97 -7.65
N ALA A 52 14.02 -6.19 -7.23
CA ALA A 52 12.94 -6.69 -6.35
C ALA A 52 11.87 -7.51 -7.09
N SER A 53 12.08 -7.74 -8.43
CA SER A 53 11.10 -8.43 -9.36
C SER A 53 9.78 -7.65 -9.56
N ALA A 54 9.73 -6.51 -8.88
CA ALA A 54 8.57 -5.62 -8.79
C ALA A 54 8.76 -4.34 -9.62
N SER A 55 7.74 -3.47 -9.59
CA SER A 55 7.68 -2.23 -10.37
C SER A 55 7.43 -1.03 -9.45
N ILE A 56 8.47 -0.19 -9.32
CA ILE A 56 8.45 0.99 -8.42
C ILE A 56 8.27 2.29 -9.25
N LYS A 57 7.42 3.19 -8.73
CA LYS A 57 7.39 4.61 -9.09
C LYS A 57 7.48 5.45 -7.80
N ILE A 58 8.11 6.65 -7.83
CA ILE A 58 7.93 7.64 -6.76
C ILE A 58 6.83 8.63 -7.14
N ALA A 59 6.08 9.01 -6.12
CA ALA A 59 4.91 9.87 -6.23
C ALA A 59 5.16 11.26 -5.61
N PRO A 60 4.45 12.36 -6.09
CA PRO A 60 4.68 13.74 -5.59
C PRO A 60 4.16 13.97 -4.14
N PRO A 61 4.29 15.20 -3.47
CA PRO A 61 3.79 15.44 -2.06
C PRO A 61 2.32 15.10 -1.82
N GLU A 62 2.09 14.48 -0.64
CA GLU A 62 0.74 14.19 -0.10
C GLU A 62 -0.06 15.48 0.15
N THR A 63 0.61 16.38 0.86
CA THR A 63 0.07 17.69 1.32
C THR A 63 1.24 18.54 1.93
N PRO A 64 1.17 19.94 1.98
CA PRO A 64 2.19 20.81 2.68
C PRO A 64 2.51 20.35 4.10
N ASP A 65 1.46 19.78 4.72
CA ASP A 65 1.48 19.24 6.09
C ASP A 65 2.34 17.98 6.24
N SER A 66 2.28 17.13 5.21
CA SER A 66 3.02 15.86 5.14
C SER A 66 4.49 16.05 4.80
N LYS A 67 5.37 15.35 5.55
CA LYS A 67 6.81 15.34 5.28
C LYS A 67 7.27 13.94 4.74
N VAL A 68 6.31 13.18 4.16
CA VAL A 68 6.60 11.94 3.46
C VAL A 68 6.50 12.09 1.94
N ARG A 69 6.76 10.97 1.26
CA ARG A 69 6.48 10.78 -0.14
C ARG A 69 6.05 9.34 -0.31
N MET A 70 5.06 9.14 -1.17
CA MET A 70 4.40 7.87 -1.35
C MET A 70 5.07 7.15 -2.53
N VAL A 71 5.36 5.86 -2.33
CA VAL A 71 5.97 5.03 -3.37
C VAL A 71 4.97 4.05 -3.94
N VAL A 72 5.08 3.87 -5.25
CA VAL A 72 4.29 2.95 -6.05
C VAL A 72 5.04 1.60 -6.09
N ILE A 73 4.61 0.66 -5.24
CA ILE A 73 5.14 -0.70 -5.26
C ILE A 73 4.10 -1.67 -5.81
N THR A 74 4.24 -1.89 -7.12
CA THR A 74 3.49 -2.89 -7.87
C THR A 74 4.29 -4.19 -8.00
N GLY A 75 3.53 -5.30 -8.07
CA GLY A 75 4.06 -6.57 -8.48
C GLY A 75 3.44 -7.77 -7.73
N PRO A 76 3.78 -9.10 -8.07
CA PRO A 76 3.19 -10.31 -7.42
C PRO A 76 3.32 -10.35 -5.86
N PRO A 77 2.81 -11.43 -5.10
CA PRO A 77 3.05 -11.55 -3.62
C PRO A 77 4.54 -11.67 -3.23
N GLU A 78 5.34 -12.27 -4.13
CA GLU A 78 6.80 -12.45 -3.92
C GLU A 78 7.61 -11.17 -4.19
N ALA A 79 7.37 -10.53 -5.37
CA ALA A 79 8.15 -9.33 -5.82
C ALA A 79 7.98 -8.11 -4.91
N GLN A 80 6.78 -7.98 -4.29
CA GLN A 80 6.42 -6.87 -3.38
C GLN A 80 7.19 -6.93 -2.05
N PHE A 81 7.64 -8.16 -1.68
CA PHE A 81 8.41 -8.45 -0.47
C PHE A 81 9.86 -7.92 -0.58
N LYS A 82 10.45 -8.03 -1.80
CA LYS A 82 11.84 -7.61 -2.05
C LYS A 82 11.98 -6.08 -2.12
N ALA A 83 10.99 -5.40 -2.77
CA ALA A 83 11.02 -3.93 -2.96
C ALA A 83 10.79 -3.13 -1.66
N GLN A 84 9.68 -3.41 -0.93
CA GLN A 84 9.43 -2.81 0.42
C GLN A 84 10.49 -3.22 1.45
N GLY A 85 11.00 -4.48 1.33
CA GLY A 85 12.10 -5.00 2.18
C GLY A 85 13.39 -4.16 2.12
N ARG A 86 13.58 -3.47 0.98
CA ARG A 86 14.73 -2.62 0.72
C ARG A 86 14.56 -1.24 1.32
N ILE A 87 13.30 -0.71 1.24
CA ILE A 87 12.99 0.65 1.68
C ILE A 87 13.01 0.74 3.24
N TYR A 88 12.62 -0.41 3.84
CA TYR A 88 12.85 -0.73 5.26
C TYR A 88 14.34 -1.00 5.54
N GLY A 89 15.06 -1.50 4.50
CA GLY A 89 16.51 -1.70 4.56
C GLY A 89 17.30 -0.38 4.53
N LYS A 90 16.69 0.66 3.90
CA LYS A 90 17.26 1.98 3.80
C LYS A 90 17.13 2.78 5.09
N LEU A 91 15.88 2.95 5.58
CA LEU A 91 15.57 3.50 6.91
C LEU A 91 16.33 2.79 8.05
N LYS A 92 16.62 1.52 7.78
CA LYS A 92 17.51 0.69 8.59
C LYS A 92 18.96 1.22 8.57
N GLU A 93 19.41 1.66 7.37
CA GLU A 93 20.73 2.23 7.20
C GLU A 93 20.80 3.74 7.60
N GLU A 94 19.75 4.53 7.23
CA GLU A 94 19.74 5.98 7.40
C GLU A 94 19.10 6.45 8.69
N ASN A 95 18.13 5.64 9.20
CA ASN A 95 17.38 5.86 10.47
C ASN A 95 16.58 7.20 10.45
N PHE A 96 16.02 7.54 9.25
CA PHE A 96 15.19 8.76 9.01
C PHE A 96 13.95 8.90 9.92
N PHE A 97 13.38 7.75 10.29
CA PHE A 97 12.04 7.63 10.91
C PHE A 97 11.89 8.26 12.31
N GLY A 98 12.93 8.10 13.12
CA GLY A 98 12.88 8.36 14.55
C GLY A 98 14.09 7.73 15.23
N PRO A 99 15.30 8.40 15.27
CA PRO A 99 16.62 7.72 15.51
C PRO A 99 16.74 6.83 16.75
N LYS A 100 15.82 7.04 17.64
CA LYS A 100 15.69 6.28 18.89
C LYS A 100 15.06 4.88 18.70
N GLU A 101 14.24 4.71 17.64
CA GLU A 101 13.55 3.50 17.34
C GLU A 101 14.19 2.76 16.13
N GLU A 102 13.49 1.73 15.71
CA GLU A 102 13.79 0.95 14.50
C GLU A 102 12.76 1.30 13.41
N VAL A 103 13.00 0.79 12.17
CA VAL A 103 12.17 1.10 10.97
C VAL A 103 10.64 0.97 11.18
N LYS A 104 9.94 2.09 10.94
CA LYS A 104 8.49 2.15 11.03
C LYS A 104 7.93 3.04 9.91
N LEU A 105 7.62 2.38 8.79
CA LEU A 105 6.98 3.01 7.66
C LEU A 105 5.53 2.58 7.52
N GLU A 106 4.72 3.57 7.13
CA GLU A 106 3.26 3.39 6.94
C GLU A 106 2.98 2.78 5.53
N THR A 107 2.07 1.78 5.50
CA THR A 107 1.64 1.13 4.26
C THR A 107 0.17 1.47 3.99
N HIS A 108 -0.06 2.16 2.84
CA HIS A 108 -1.40 2.52 2.37
C HIS A 108 -1.83 1.50 1.31
N ILE A 109 -2.94 0.79 1.59
CA ILE A 109 -3.50 -0.19 0.63
C ILE A 109 -5.03 -0.18 0.61
N ARG A 110 -5.57 -0.15 -0.62
CA ARG A 110 -7.01 -0.10 -0.87
C ARG A 110 -7.67 -1.45 -0.68
N VAL A 111 -8.74 -1.40 0.07
CA VAL A 111 -9.52 -2.57 0.50
C VAL A 111 -11.03 -2.19 0.37
N PRO A 112 -12.03 -3.15 0.37
CA PRO A 112 -13.45 -2.79 0.22
C PRO A 112 -14.01 -2.13 1.46
N ALA A 113 -14.76 -1.09 1.16
CA ALA A 113 -15.38 -0.15 2.10
C ALA A 113 -16.14 -0.79 3.29
N SER A 114 -16.93 -1.84 2.99
CA SER A 114 -17.61 -2.64 4.03
C SER A 114 -16.78 -3.88 4.46
N ALA A 115 -15.49 -3.83 4.14
CA ALA A 115 -14.51 -4.87 4.45
C ALA A 115 -13.38 -4.30 5.34
N ALA A 116 -13.52 -3.00 5.66
CA ALA A 116 -12.63 -2.25 6.58
C ALA A 116 -12.77 -2.74 8.04
N GLY A 117 -13.93 -3.33 8.36
CA GLY A 117 -14.14 -4.03 9.63
C GLY A 117 -13.59 -5.47 9.63
N ARG A 118 -13.26 -6.02 8.43
CA ARG A 118 -12.59 -7.32 8.27
C ARG A 118 -11.10 -7.22 8.63
N VAL A 119 -10.50 -6.06 8.25
CA VAL A 119 -9.10 -5.74 8.50
C VAL A 119 -8.88 -5.31 9.96
N ILE A 120 -9.84 -4.48 10.43
CA ILE A 120 -9.89 -3.99 11.82
C ILE A 120 -10.40 -5.10 12.79
N GLY A 121 -10.80 -6.27 12.23
CA GLY A 121 -11.09 -7.48 13.03
C GLY A 121 -12.36 -7.34 13.89
N LYS A 122 -12.57 -8.28 14.85
CA LYS A 122 -13.68 -8.27 15.81
C LYS A 122 -13.66 -7.04 16.76
N GLY A 123 -14.18 -5.89 16.24
CA GLY A 123 -14.21 -4.62 16.97
C GLY A 123 -12.86 -3.91 16.95
N GLY A 124 -11.81 -4.70 17.25
CA GLY A 124 -10.44 -4.24 17.24
C GLY A 124 -9.49 -5.28 17.82
N LYS A 125 -9.80 -6.57 17.56
CA LYS A 125 -9.00 -7.70 18.08
C LYS A 125 -7.86 -8.09 17.15
N THR A 126 -7.99 -7.81 15.82
CA THR A 126 -6.88 -7.97 14.84
C THR A 126 -5.85 -6.86 15.02
N VAL A 127 -6.34 -5.59 15.06
CA VAL A 127 -5.49 -4.37 15.24
C VAL A 127 -4.81 -4.38 16.66
N ASN A 128 -5.39 -5.15 17.61
CA ASN A 128 -4.88 -5.28 18.98
C ASN A 128 -3.75 -6.30 19.08
N GLU A 129 -3.94 -7.46 18.40
CA GLU A 129 -2.89 -8.51 18.31
C GLU A 129 -1.79 -8.15 17.29
N LEU A 130 -2.15 -7.29 16.30
CA LEU A 130 -1.21 -6.76 15.32
C LEU A 130 -0.20 -5.75 15.91
N GLN A 131 -0.71 -4.75 16.70
CA GLN A 131 0.11 -3.79 17.46
C GLN A 131 0.98 -4.46 18.55
N ASN A 132 0.35 -5.32 19.38
CA ASN A 132 0.98 -5.88 20.60
C ASN A 132 1.92 -7.05 20.28
N LEU A 133 1.44 -8.00 19.46
CA LEU A 133 2.19 -9.21 19.11
C LEU A 133 3.08 -9.04 17.89
N THR A 134 2.65 -8.18 16.92
CA THR A 134 3.36 -8.00 15.65
C THR A 134 4.07 -6.63 15.57
N ALA A 135 3.60 -5.62 16.38
CA ALA A 135 4.07 -4.18 16.32
C ALA A 135 3.64 -3.44 15.04
N ALA A 136 3.09 -4.19 14.06
CA ALA A 136 2.45 -3.64 12.84
C ALA A 136 0.99 -3.28 13.16
N GLU A 137 0.62 -1.99 13.03
CA GLU A 137 -0.69 -1.51 13.50
C GLU A 137 -1.58 -1.12 12.32
N VAL A 138 -2.72 -1.82 12.25
CA VAL A 138 -3.72 -1.69 11.18
C VAL A 138 -4.68 -0.51 11.49
N VAL A 139 -4.70 0.45 10.54
CA VAL A 139 -5.39 1.75 10.71
C VAL A 139 -6.40 1.96 9.57
N VAL A 140 -7.62 2.51 9.88
CA VAL A 140 -8.56 2.92 8.78
C VAL A 140 -9.06 4.39 8.91
N PRO A 141 -8.40 5.45 8.22
CA PRO A 141 -8.66 6.91 8.48
C PRO A 141 -10.13 7.33 8.43
N ARG A 142 -10.44 8.40 9.19
CA ARG A 142 -11.76 9.00 9.21
C ARG A 142 -11.89 10.05 8.11
N ASP A 143 -13.15 10.48 7.87
CA ASP A 143 -13.56 11.43 6.78
C ASP A 143 -13.19 10.95 5.34
N GLN A 144 -12.53 9.75 5.21
CA GLN A 144 -12.19 9.20 3.90
C GLN A 144 -13.34 8.34 3.35
N THR A 145 -14.11 8.94 2.40
CA THR A 145 -15.20 8.28 1.69
C THR A 145 -14.66 7.21 0.70
N PRO A 146 -15.34 6.01 0.51
CA PRO A 146 -14.91 4.95 -0.45
C PRO A 146 -14.76 5.41 -1.88
N ASP A 147 -14.02 4.59 -2.61
CA ASP A 147 -13.67 4.83 -3.99
C ASP A 147 -14.71 4.19 -4.93
N GLU A 148 -14.47 4.30 -6.25
CA GLU A 148 -15.36 3.70 -7.31
C GLU A 148 -15.45 2.17 -7.21
N ASN A 149 -14.27 1.63 -6.96
CA ASN A 149 -14.01 0.21 -6.75
C ASN A 149 -14.52 -0.31 -5.39
N GLU A 150 -15.32 0.53 -4.66
CA GLU A 150 -15.90 0.22 -3.30
C GLU A 150 -14.75 0.04 -2.26
N GLN A 151 -13.82 1.04 -2.18
CA GLN A 151 -12.59 0.87 -1.46
C GLN A 151 -12.21 2.06 -0.64
N VAL A 152 -11.78 1.65 0.50
CA VAL A 152 -11.14 2.48 1.51
C VAL A 152 -9.71 1.99 1.76
N ILE A 153 -8.94 2.79 2.51
CA ILE A 153 -7.53 2.48 2.77
C ILE A 153 -7.38 2.02 4.22
N VAL A 154 -6.38 1.17 4.37
CA VAL A 154 -5.92 0.69 5.64
C VAL A 154 -4.39 0.83 5.66
N LYS A 155 -3.94 1.30 6.79
CA LYS A 155 -2.59 1.87 6.94
C LYS A 155 -1.88 1.29 8.16
N ILE A 156 -0.89 0.44 7.88
CA ILE A 156 -0.05 -0.22 8.89
C ILE A 156 1.16 0.66 9.18
N ILE A 157 1.59 0.60 10.44
CA ILE A 157 2.91 1.10 10.85
C ILE A 157 3.57 -0.01 11.66
N GLY A 158 4.58 -0.60 11.05
CA GLY A 158 5.29 -1.72 11.60
C GLY A 158 6.78 -1.55 11.51
N HIS A 159 7.45 -2.66 11.18
CA HIS A 159 8.86 -2.66 10.83
C HIS A 159 9.03 -3.56 9.56
N PHE A 160 10.23 -4.15 9.33
CA PHE A 160 10.51 -4.98 8.13
C PHE A 160 9.65 -6.29 8.13
N TYR A 161 9.67 -7.02 9.26
CA TYR A 161 8.90 -8.27 9.45
C TYR A 161 7.41 -8.05 9.73
N ALA A 162 7.07 -6.94 10.41
CA ALA A 162 5.71 -6.69 10.90
C ALA A 162 4.75 -6.20 9.80
N SER A 163 5.13 -5.10 9.11
CA SER A 163 4.41 -4.55 7.92
C SER A 163 4.16 -5.58 6.79
N GLN A 164 5.12 -6.52 6.59
CA GLN A 164 4.96 -7.63 5.61
C GLN A 164 3.92 -8.68 6.06
N MET A 165 3.94 -9.07 7.36
CA MET A 165 2.97 -10.03 7.96
C MET A 165 1.56 -9.44 8.09
N ALA A 166 1.47 -8.16 8.54
CA ALA A 166 0.18 -7.46 8.75
C ALA A 166 -0.53 -7.08 7.46
N GLN A 167 0.25 -6.80 6.38
CA GLN A 167 -0.30 -6.66 5.00
C GLN A 167 -0.90 -7.99 4.51
N ARG A 168 -0.14 -9.09 4.72
CA ARG A 168 -0.53 -10.43 4.26
C ARG A 168 -1.66 -11.06 5.10
N LYS A 169 -1.66 -10.83 6.44
CA LYS A 169 -2.77 -11.26 7.34
C LYS A 169 -4.09 -10.52 7.04
N ILE A 170 -3.96 -9.24 6.62
CA ILE A 170 -5.06 -8.40 6.21
C ILE A 170 -5.57 -8.75 4.78
N ARG A 171 -4.65 -8.93 3.79
CA ARG A 171 -5.04 -9.33 2.40
C ARG A 171 -5.67 -10.76 2.37
N ASP A 172 -5.33 -11.58 3.40
CA ASP A 172 -5.91 -12.92 3.63
C ASP A 172 -7.35 -12.88 4.16
N ILE A 173 -7.62 -12.03 5.20
CA ILE A 173 -9.00 -11.81 5.77
C ILE A 173 -9.92 -11.17 4.68
N LEU A 174 -9.34 -10.19 3.96
CA LEU A 174 -9.93 -9.55 2.80
C LEU A 174 -10.13 -10.48 1.59
N ALA A 175 -9.32 -11.55 1.55
CA ALA A 175 -9.53 -12.68 0.65
C ALA A 175 -10.70 -13.55 1.08
N GLN A 176 -10.74 -13.84 2.39
CA GLN A 176 -11.83 -14.62 3.04
C GLN A 176 -13.19 -13.89 2.98
N VAL A 177 -13.12 -12.56 2.76
CA VAL A 177 -14.30 -11.72 2.52
C VAL A 177 -14.79 -11.87 1.07
N LYS A 178 -13.82 -11.71 0.17
CA LYS A 178 -13.97 -12.02 -1.28
C LYS A 178 -14.45 -13.47 -1.56
N GLN A 179 -14.11 -14.39 -0.62
CA GLN A 179 -14.63 -15.79 -0.60
C GLN A 179 -16.13 -15.84 -0.28
N GLN A 180 -16.55 -15.08 0.77
CA GLN A 180 -17.97 -14.95 1.18
C GLN A 180 -18.81 -14.14 0.18
N HIS A 181 -18.17 -13.14 -0.48
CA HIS A 181 -18.82 -12.28 -1.50
C HIS A 181 -19.09 -13.03 -2.84
N GLN A 182 -18.18 -13.94 -3.22
CA GLN A 182 -18.30 -14.74 -4.46
C GLN A 182 -19.17 -15.98 -4.22
N LYS A 183 -18.90 -16.68 -3.10
CA LYS A 183 -19.65 -17.89 -2.72
C LYS A 183 -19.89 -17.90 -1.20
N GLY A 184 -21.19 -17.79 -0.83
CA GLY A 184 -21.60 -17.77 0.57
C GLY A 184 -23.11 -17.81 0.74
N GLN A 185 -23.75 -16.65 0.57
CA GLN A 185 -25.21 -16.51 0.71
C GLN A 185 -25.92 -16.80 -0.62
N SER A 186 -26.94 -17.67 -0.54
CA SER A 186 -27.73 -18.08 -1.71
C SER A 186 -29.22 -18.18 -1.35
N GLY A 187 -30.07 -17.79 -2.33
CA GLY A 187 -31.53 -17.83 -2.15
C GLY A 187 -32.21 -18.75 -3.14
N GLN A 188 -31.87 -20.05 -3.05
CA GLN A 188 -32.43 -21.09 -3.94
C GLN A 188 -32.77 -22.37 -3.15
N LEU A 189 -34.09 -22.75 -3.19
CA LEU A 189 -34.67 -23.95 -2.49
C LEU A 189 -34.46 -23.91 -0.96
N GLN A 190 -35.50 -24.34 -0.22
CA GLN A 190 -35.48 -24.38 1.25
C GLN A 190 -35.72 -25.81 1.74
N ALA A 191 -34.87 -26.26 2.66
CA ALA A 191 -34.94 -27.62 3.24
C ALA A 191 -35.88 -27.65 4.45
N GLY A 1 8.18 33.28 -6.41
CA GLY A 1 8.37 32.23 -7.43
C GLY A 1 8.95 32.76 -8.73
N ALA A 2 8.10 33.49 -9.49
CA ALA A 2 8.49 34.09 -10.77
C ALA A 2 7.91 35.50 -10.91
N MET A 3 8.78 36.44 -11.34
CA MET A 3 8.39 37.84 -11.56
C MET A 3 7.97 38.07 -13.00
N GLY A 4 6.72 38.57 -13.17
CA GLY A 4 6.16 38.84 -14.50
C GLY A 4 5.47 37.61 -15.12
N PRO A 5 4.93 37.65 -16.42
CA PRO A 5 4.26 36.48 -17.04
C PRO A 5 5.26 35.46 -17.58
N SER A 6 5.06 34.19 -17.18
CA SER A 6 5.91 33.07 -17.62
C SER A 6 5.06 31.83 -17.86
N SER A 7 5.59 30.91 -18.69
CA SER A 7 4.93 29.65 -19.04
C SER A 7 5.91 28.48 -19.01
N VAL A 8 5.54 27.43 -18.24
CA VAL A 8 6.35 26.22 -18.08
C VAL A 8 5.48 24.96 -17.97
N SER A 9 5.69 24.02 -18.90
CA SER A 9 4.95 22.76 -18.96
C SER A 9 5.86 21.59 -19.34
N GLY A 10 5.80 20.52 -18.54
CA GLY A 10 6.61 19.32 -18.76
C GLY A 10 7.12 18.70 -17.48
N ALA A 11 8.03 17.70 -17.61
CA ALA A 11 8.64 16.91 -16.48
C ALA A 11 7.62 16.06 -15.71
N ALA A 12 6.57 16.73 -15.19
CA ALA A 12 5.49 16.07 -14.44
C ALA A 12 4.29 15.73 -15.37
N PRO A 13 3.91 14.39 -15.62
CA PRO A 13 2.71 14.03 -16.44
C PRO A 13 1.40 14.27 -15.68
N PHE A 14 0.42 14.82 -16.40
CA PHE A 14 -0.91 15.13 -15.85
C PHE A 14 -2.02 14.48 -16.70
N SER A 15 -1.86 14.57 -18.04
CA SER A 15 -2.82 14.02 -18.99
C SER A 15 -2.56 12.55 -19.27
N SER A 16 -3.66 11.78 -19.54
CA SER A 16 -3.67 10.30 -19.79
C SER A 16 -3.18 9.48 -18.57
N PHE A 17 -1.88 9.68 -18.16
CA PHE A 17 -1.23 9.01 -16.98
C PHE A 17 -1.36 7.46 -17.03
N MET A 18 -0.22 6.79 -17.26
CA MET A 18 -0.14 5.32 -17.34
C MET A 18 -0.11 4.69 -15.91
N PRO A 19 -1.21 3.93 -15.45
CA PRO A 19 -1.22 3.29 -14.13
C PRO A 19 -0.44 1.95 -14.11
N PRO A 20 -0.30 1.20 -12.91
CA PRO A 20 0.37 -0.14 -12.87
C PRO A 20 -0.38 -1.22 -13.65
N GLU A 21 0.33 -2.33 -13.94
CA GLU A 21 -0.20 -3.43 -14.75
C GLU A 21 -0.70 -4.58 -13.90
N GLN A 22 0.16 -4.99 -12.96
CA GLN A 22 -0.10 -6.09 -12.03
C GLN A 22 -0.76 -5.53 -10.74
N GLU A 23 -0.79 -6.31 -9.62
CA GLU A 23 -1.13 -5.82 -8.29
C GLU A 23 -0.10 -4.83 -7.75
N THR A 24 -0.57 -3.93 -6.89
CA THR A 24 0.20 -2.80 -6.43
C THR A 24 0.03 -2.64 -4.91
N VAL A 25 1.13 -2.24 -4.24
CA VAL A 25 1.06 -1.73 -2.86
C VAL A 25 1.68 -0.32 -2.86
N HIS A 26 1.21 0.50 -1.91
CA HIS A 26 1.62 1.90 -1.80
C HIS A 26 2.18 2.17 -0.41
N VAL A 27 3.48 2.52 -0.39
CA VAL A 27 4.25 2.57 0.85
C VAL A 27 4.61 4.02 1.21
N PHE A 28 4.39 4.29 2.50
CA PHE A 28 4.71 5.56 3.15
C PHE A 28 6.13 5.48 3.70
N ILE A 29 7.00 6.16 2.99
CA ILE A 29 8.35 6.46 3.41
C ILE A 29 8.51 7.98 3.60
N PRO A 30 9.55 8.49 4.37
CA PRO A 30 9.84 9.96 4.46
C PRO A 30 10.12 10.61 3.11
N ALA A 31 9.56 11.81 2.91
CA ALA A 31 10.02 12.74 1.85
C ALA A 31 11.49 13.21 2.04
N GLN A 32 12.02 12.96 3.26
CA GLN A 32 13.42 13.06 3.59
C GLN A 32 14.17 11.76 3.16
N ALA A 33 13.46 10.87 2.46
CA ALA A 33 13.99 9.57 2.06
C ALA A 33 13.89 9.36 0.56
N VAL A 34 13.11 10.25 -0.13
CA VAL A 34 12.95 10.21 -1.60
C VAL A 34 14.21 10.64 -2.35
N GLY A 35 14.82 11.71 -1.83
CA GLY A 35 16.19 12.14 -2.18
C GLY A 35 17.25 11.05 -2.01
N ALA A 36 16.93 10.07 -1.12
CA ALA A 36 17.76 8.89 -0.90
C ALA A 36 17.49 7.81 -1.94
N ILE A 37 16.18 7.55 -2.15
CA ILE A 37 15.65 6.48 -2.98
C ILE A 37 15.75 6.83 -4.50
N ILE A 38 15.22 8.00 -4.92
CA ILE A 38 15.51 8.62 -6.22
C ILE A 38 16.90 9.29 -6.20
N GLY A 39 17.07 10.24 -5.26
CA GLY A 39 17.96 11.42 -5.49
C GLY A 39 19.40 11.12 -5.91
N ASP A 40 20.01 10.04 -5.35
CA ASP A 40 21.40 9.62 -5.67
C ASP A 40 21.53 9.22 -7.17
N ASP A 41 21.68 10.27 -8.03
CA ASP A 41 21.71 10.21 -9.52
C ASP A 41 20.43 9.58 -10.15
N GLY A 42 19.35 9.41 -9.32
CA GLY A 42 18.14 8.64 -9.73
C GLY A 42 18.41 7.18 -10.11
N GLN A 43 19.10 6.45 -9.21
CA GLN A 43 19.65 5.12 -9.50
C GLN A 43 19.10 4.02 -8.58
N HIS A 44 18.77 4.37 -7.30
CA HIS A 44 18.36 3.39 -6.28
C HIS A 44 16.95 2.80 -6.52
N ILE A 45 16.03 3.63 -7.09
CA ILE A 45 14.74 3.20 -7.58
C ILE A 45 14.84 2.29 -8.84
N LYS A 46 15.66 2.72 -9.83
CA LYS A 46 16.05 1.92 -11.01
C LYS A 46 16.82 0.64 -10.62
N GLN A 47 17.36 0.65 -9.39
CA GLN A 47 17.94 -0.51 -8.72
C GLN A 47 16.83 -1.43 -8.19
N LEU A 48 15.88 -0.88 -7.37
CA LEU A 48 14.74 -1.61 -6.77
C LEU A 48 13.86 -2.36 -7.79
N SER A 49 13.86 -1.85 -9.03
CA SER A 49 13.14 -2.48 -10.16
C SER A 49 13.79 -3.80 -10.63
N ARG A 50 15.12 -3.77 -10.80
CA ARG A 50 15.93 -4.95 -11.21
C ARG A 50 16.24 -5.87 -10.03
N PHE A 51 16.69 -5.23 -8.94
CA PHE A 51 17.14 -5.87 -7.68
C PHE A 51 16.01 -6.59 -6.93
N ALA A 52 14.86 -5.89 -6.78
CA ALA A 52 13.72 -6.42 -6.02
C ALA A 52 12.69 -7.15 -6.90
N SER A 53 13.01 -7.35 -8.22
CA SER A 53 12.12 -8.03 -9.24
C SER A 53 10.78 -7.30 -9.51
N ALA A 54 10.65 -6.17 -8.83
CA ALA A 54 9.43 -5.37 -8.77
C ALA A 54 9.48 -4.13 -9.69
N SER A 55 8.33 -3.44 -9.78
CA SER A 55 8.18 -2.20 -10.56
C SER A 55 7.75 -1.03 -9.64
N ILE A 56 8.76 -0.22 -9.25
CA ILE A 56 8.59 0.91 -8.35
C ILE A 56 8.42 2.24 -9.13
N LYS A 57 7.35 2.98 -8.78
CA LYS A 57 7.16 4.37 -9.16
C LYS A 57 7.11 5.22 -7.90
N ILE A 58 7.82 6.37 -7.86
CA ILE A 58 7.67 7.35 -6.76
C ILE A 58 6.54 8.33 -7.08
N ALA A 59 5.79 8.61 -6.03
CA ALA A 59 4.63 9.50 -6.08
C ALA A 59 4.88 10.80 -5.32
N PRO A 60 4.36 12.01 -5.82
CA PRO A 60 4.67 13.30 -5.19
C PRO A 60 3.81 13.63 -3.91
N PRO A 61 2.43 13.92 -3.93
CA PRO A 61 1.67 14.23 -2.69
C PRO A 61 1.01 13.01 -2.01
N GLU A 62 1.23 12.89 -0.68
CA GLU A 62 0.35 12.13 0.21
C GLU A 62 -0.90 12.96 0.54
N THR A 63 -0.60 14.11 1.11
CA THR A 63 -1.58 15.13 1.54
C THR A 63 -0.80 16.46 1.86
N PRO A 64 -1.40 17.71 1.75
CA PRO A 64 -0.70 19.01 2.05
C PRO A 64 0.08 19.02 3.39
N ASP A 65 -0.48 18.24 4.31
CA ASP A 65 -0.02 18.12 5.70
C ASP A 65 1.27 17.30 5.86
N SER A 66 1.36 16.20 5.08
CA SER A 66 2.40 15.19 5.27
C SER A 66 3.75 15.59 4.69
N LYS A 67 4.82 15.06 5.34
CA LYS A 67 6.20 15.20 4.87
C LYS A 67 6.75 13.83 4.38
N VAL A 68 5.83 12.98 3.86
CA VAL A 68 6.19 11.72 3.21
C VAL A 68 6.02 11.77 1.69
N ARG A 69 6.34 10.63 1.07
CA ARG A 69 6.04 10.33 -0.33
C ARG A 69 5.69 8.86 -0.43
N MET A 70 4.85 8.54 -1.42
CA MET A 70 4.23 7.24 -1.55
C MET A 70 4.93 6.44 -2.66
N VAL A 71 5.39 5.23 -2.28
CA VAL A 71 6.07 4.29 -3.19
C VAL A 71 5.02 3.40 -3.87
N VAL A 72 5.15 3.30 -5.19
CA VAL A 72 4.35 2.41 -6.04
C VAL A 72 5.13 1.09 -6.19
N ILE A 73 4.77 0.09 -5.37
CA ILE A 73 5.32 -1.26 -5.50
C ILE A 73 4.30 -2.15 -6.24
N THR A 74 4.53 -2.24 -7.54
CA THR A 74 3.87 -3.21 -8.40
C THR A 74 4.81 -4.41 -8.61
N GLY A 75 4.17 -5.57 -8.80
CA GLY A 75 4.85 -6.78 -9.20
C GLY A 75 4.23 -8.04 -8.57
N PRO A 76 4.77 -9.31 -8.84
CA PRO A 76 4.24 -10.59 -8.25
C PRO A 76 4.18 -10.62 -6.69
N PRO A 77 3.77 -11.77 -5.99
CA PRO A 77 3.90 -11.89 -4.51
C PRO A 77 5.37 -11.92 -4.01
N GLU A 78 6.30 -12.35 -4.90
CA GLU A 78 7.75 -12.46 -4.57
C GLU A 78 8.45 -11.10 -4.61
N ALA A 79 8.22 -10.40 -5.73
CA ALA A 79 8.85 -9.08 -6.05
C ALA A 79 8.45 -7.96 -5.07
N GLN A 80 7.24 -8.10 -4.45
CA GLN A 80 6.73 -7.18 -3.38
C GLN A 80 7.52 -7.32 -2.07
N PHE A 81 8.09 -8.54 -1.86
CA PHE A 81 8.88 -8.91 -0.67
C PHE A 81 10.23 -8.15 -0.65
N LYS A 82 10.92 -8.14 -1.82
CA LYS A 82 12.27 -7.56 -1.94
C LYS A 82 12.26 -6.03 -1.96
N ALA A 83 11.25 -5.43 -2.66
CA ALA A 83 11.15 -3.95 -2.81
C ALA A 83 10.77 -3.24 -1.50
N GLN A 84 9.68 -3.70 -0.83
CA GLN A 84 9.25 -3.14 0.48
C GLN A 84 10.26 -3.45 1.62
N GLY A 85 10.92 -4.63 1.52
CA GLY A 85 11.98 -5.04 2.46
C GLY A 85 13.27 -4.21 2.33
N ARG A 86 13.52 -3.73 1.10
CA ARG A 86 14.70 -2.97 0.75
C ARG A 86 14.55 -1.50 1.10
N ILE A 87 13.29 -0.97 0.99
CA ILE A 87 12.97 0.43 1.29
C ILE A 87 13.08 0.70 2.83
N TYR A 88 12.73 -0.39 3.59
CA TYR A 88 13.02 -0.54 5.02
C TYR A 88 14.52 -0.69 5.28
N GLY A 89 15.22 -1.25 4.26
CA GLY A 89 16.68 -1.39 4.27
C GLY A 89 17.41 -0.05 4.20
N LYS A 90 16.76 0.97 3.57
CA LYS A 90 17.29 2.32 3.49
C LYS A 90 17.11 3.09 4.80
N LEU A 91 15.86 3.20 5.31
CA LEU A 91 15.59 3.74 6.67
C LEU A 91 16.47 3.09 7.75
N LYS A 92 16.74 1.79 7.53
CA LYS A 92 17.66 1.00 8.34
C LYS A 92 19.11 1.50 8.26
N GLU A 93 19.53 1.94 7.04
CA GLU A 93 20.84 2.51 6.83
C GLU A 93 20.92 4.02 7.23
N GLU A 94 19.84 4.78 6.89
CA GLU A 94 19.81 6.25 6.98
C GLU A 94 19.23 6.78 8.28
N ASN A 95 18.34 5.96 8.89
CA ASN A 95 17.61 6.24 10.16
C ASN A 95 16.75 7.55 10.09
N PHE A 96 16.15 7.79 8.89
CA PHE A 96 15.21 8.94 8.64
C PHE A 96 14.05 9.08 9.66
N PHE A 97 13.66 7.94 10.26
CA PHE A 97 12.46 7.82 11.12
C PHE A 97 12.60 8.47 12.49
N GLY A 98 13.74 8.19 13.15
CA GLY A 98 13.98 8.60 14.53
C GLY A 98 15.05 7.75 15.21
N PRO A 99 16.33 8.29 15.50
CA PRO A 99 17.44 7.48 16.10
C PRO A 99 17.12 6.71 17.38
N LYS A 100 16.21 7.30 18.13
CA LYS A 100 15.74 6.77 19.41
C LYS A 100 14.76 5.57 19.28
N GLU A 101 14.47 5.19 18.03
CA GLU A 101 13.65 4.07 17.69
C GLU A 101 14.34 3.22 16.59
N GLU A 102 13.50 2.53 15.85
CA GLU A 102 13.86 1.65 14.75
C GLU A 102 12.86 1.87 13.59
N VAL A 103 13.09 1.17 12.45
CA VAL A 103 12.27 1.28 11.23
C VAL A 103 10.78 0.92 11.44
N LYS A 104 9.92 1.90 11.13
CA LYS A 104 8.47 1.78 11.26
C LYS A 104 7.81 2.66 10.20
N LEU A 105 7.56 2.03 9.05
CA LEU A 105 6.96 2.69 7.91
C LEU A 105 5.52 2.27 7.74
N GLU A 106 4.73 3.24 7.30
CA GLU A 106 3.28 3.09 7.07
C GLU A 106 3.03 2.52 5.65
N THR A 107 2.07 1.58 5.53
CA THR A 107 1.65 1.08 4.21
C THR A 107 0.15 1.28 3.97
N HIS A 108 -0.14 1.81 2.78
CA HIS A 108 -1.51 2.04 2.30
C HIS A 108 -1.91 0.94 1.32
N ILE A 109 -3.00 0.22 1.67
CA ILE A 109 -3.60 -0.77 0.75
C ILE A 109 -5.11 -0.64 0.70
N ARG A 110 -5.62 -0.59 -0.54
CA ARG A 110 -7.06 -0.46 -0.83
C ARG A 110 -7.81 -1.74 -0.57
N VAL A 111 -8.83 -1.58 0.25
CA VAL A 111 -9.63 -2.68 0.79
C VAL A 111 -11.11 -2.24 0.74
N PRO A 112 -12.17 -3.15 0.65
CA PRO A 112 -13.57 -2.71 0.52
C PRO A 112 -14.06 -1.94 1.74
N ALA A 113 -14.78 -0.88 1.41
CA ALA A 113 -15.32 0.12 2.32
C ALA A 113 -16.08 -0.43 3.55
N SER A 114 -16.90 -1.48 3.33
CA SER A 114 -17.57 -2.21 4.42
C SER A 114 -16.76 -3.47 4.87
N ALA A 115 -15.48 -3.46 4.51
CA ALA A 115 -14.52 -4.52 4.82
C ALA A 115 -13.37 -3.97 5.68
N ALA A 116 -13.46 -2.66 5.96
CA ALA A 116 -12.52 -1.91 6.83
C ALA A 116 -12.60 -2.37 8.30
N GLY A 117 -13.77 -2.91 8.67
CA GLY A 117 -13.96 -3.57 9.97
C GLY A 117 -13.51 -5.04 9.99
N ARG A 118 -13.19 -5.62 8.79
CA ARG A 118 -12.64 -6.98 8.66
C ARG A 118 -11.15 -7.01 8.99
N VAL A 119 -10.44 -5.93 8.59
CA VAL A 119 -9.00 -5.75 8.83
C VAL A 119 -8.71 -5.43 10.33
N ILE A 120 -9.67 -4.72 10.91
CA ILE A 120 -9.68 -4.25 12.30
C ILE A 120 -10.24 -5.36 13.21
N GLY A 121 -11.41 -5.86 12.79
CA GLY A 121 -12.11 -6.93 13.51
C GLY A 121 -13.02 -6.42 14.63
N LYS A 122 -13.30 -7.31 15.62
CA LYS A 122 -14.16 -7.04 16.78
C LYS A 122 -13.56 -5.94 17.72
N GLY A 123 -13.89 -4.66 17.39
CA GLY A 123 -13.39 -3.50 18.14
C GLY A 123 -11.97 -3.11 17.75
N GLY A 124 -11.11 -4.14 17.65
CA GLY A 124 -9.71 -3.98 17.29
C GLY A 124 -8.87 -5.17 17.67
N LYS A 125 -9.42 -6.38 17.43
CA LYS A 125 -8.76 -7.67 17.77
C LYS A 125 -7.89 -8.19 16.61
N THR A 126 -8.19 -7.76 15.37
CA THR A 126 -7.39 -8.10 14.17
C THR A 126 -6.10 -7.24 14.11
N VAL A 127 -6.20 -5.96 14.59
CA VAL A 127 -5.05 -5.04 14.71
C VAL A 127 -4.14 -5.43 15.91
N ASN A 128 -4.82 -5.78 17.03
CA ASN A 128 -4.20 -6.10 18.34
C ASN A 128 -3.43 -7.42 18.33
N GLU A 129 -4.00 -8.42 17.61
CA GLU A 129 -3.36 -9.74 17.39
C GLU A 129 -2.16 -9.61 16.42
N LEU A 130 -2.29 -8.70 15.43
CA LEU A 130 -1.22 -8.31 14.52
C LEU A 130 -0.14 -7.40 15.18
N GLN A 131 -0.52 -6.70 16.27
CA GLN A 131 0.39 -5.82 17.02
C GLN A 131 1.32 -6.58 17.95
N ASN A 132 0.73 -7.52 18.72
CA ASN A 132 1.47 -8.32 19.72
C ASN A 132 2.24 -9.49 19.08
N LEU A 133 1.64 -10.10 18.04
CA LEU A 133 2.22 -11.27 17.36
C LEU A 133 3.02 -10.85 16.12
N THR A 134 2.51 -9.84 15.37
CA THR A 134 3.10 -9.42 14.09
C THR A 134 3.81 -8.04 14.20
N ALA A 135 3.62 -7.29 15.34
CA ALA A 135 4.25 -5.95 15.61
C ALA A 135 3.73 -4.80 14.71
N ALA A 136 2.91 -5.16 13.70
CA ALA A 136 2.26 -4.20 12.79
C ALA A 136 0.99 -3.59 13.45
N GLU A 137 0.60 -2.35 13.07
CA GLU A 137 -0.62 -1.70 13.60
C GLU A 137 -1.49 -1.20 12.45
N VAL A 138 -2.73 -1.73 12.41
CA VAL A 138 -3.66 -1.50 11.30
C VAL A 138 -4.65 -0.38 11.64
N VAL A 139 -4.69 0.57 10.69
CA VAL A 139 -5.35 1.86 10.89
C VAL A 139 -6.35 2.14 9.73
N VAL A 140 -7.59 2.58 10.08
CA VAL A 140 -8.61 2.87 9.03
C VAL A 140 -9.29 4.27 9.22
N PRO A 141 -8.86 5.38 8.45
CA PRO A 141 -9.37 6.78 8.59
C PRO A 141 -10.79 7.05 9.08
N ARG A 142 -10.96 8.29 9.56
CA ARG A 142 -12.17 8.76 10.29
C ARG A 142 -13.50 8.59 9.47
N ASP A 143 -13.98 9.68 8.84
CA ASP A 143 -15.17 9.68 7.97
C ASP A 143 -14.93 8.92 6.66
N GLN A 144 -13.91 9.35 5.86
CA GLN A 144 -13.39 8.65 4.64
C GLN A 144 -14.49 8.09 3.70
N THR A 145 -14.67 8.74 2.52
CA THR A 145 -15.51 8.22 1.45
C THR A 145 -14.75 7.15 0.64
N PRO A 146 -15.41 5.99 0.23
CA PRO A 146 -14.78 4.94 -0.63
C PRO A 146 -14.32 5.43 -1.99
N ASP A 147 -13.52 4.56 -2.60
CA ASP A 147 -12.95 4.77 -3.91
C ASP A 147 -13.86 4.12 -4.98
N GLU A 148 -13.37 3.99 -6.23
CA GLU A 148 -14.09 3.39 -7.37
C GLU A 148 -14.37 1.88 -7.18
N ASN A 149 -13.31 1.23 -6.74
CA ASN A 149 -13.25 -0.20 -6.43
C ASN A 149 -14.04 -0.62 -5.17
N GLU A 150 -14.87 0.33 -4.62
CA GLU A 150 -15.63 0.16 -3.33
C GLU A 150 -14.63 -0.01 -2.15
N GLN A 151 -13.64 0.91 -2.07
CA GLN A 151 -12.45 0.69 -1.29
C GLN A 151 -11.96 1.91 -0.60
N VAL A 152 -11.61 1.61 0.60
CA VAL A 152 -10.95 2.48 1.53
C VAL A 152 -9.54 1.96 1.80
N ILE A 153 -8.73 2.81 2.41
CA ILE A 153 -7.31 2.51 2.68
C ILE A 153 -7.15 2.16 4.16
N VAL A 154 -6.09 1.40 4.40
CA VAL A 154 -5.64 1.04 5.73
C VAL A 154 -4.14 1.30 5.81
N LYS A 155 -3.77 1.83 6.95
CA LYS A 155 -2.42 2.31 7.23
C LYS A 155 -1.78 1.49 8.35
N ILE A 156 -0.90 0.58 7.93
CA ILE A 156 -0.11 -0.29 8.82
C ILE A 156 1.18 0.40 9.19
N ILE A 157 1.56 0.25 10.46
CA ILE A 157 2.87 0.71 10.95
C ILE A 157 3.51 -0.44 11.73
N GLY A 158 4.55 -0.97 11.10
CA GLY A 158 5.36 -2.05 11.63
C GLY A 158 6.77 -1.98 11.08
N HIS A 159 7.56 -3.04 11.30
CA HIS A 159 8.87 -3.20 10.64
C HIS A 159 8.68 -3.87 9.25
N PHE A 160 9.80 -4.22 8.54
CA PHE A 160 9.74 -4.76 7.16
C PHE A 160 8.93 -6.07 7.04
N TYR A 161 9.10 -6.95 8.04
CA TYR A 161 8.33 -8.21 8.18
C TYR A 161 6.90 -7.98 8.69
N ALA A 162 6.71 -6.90 9.48
CA ALA A 162 5.46 -6.65 10.24
C ALA A 162 4.34 -6.06 9.38
N SER A 163 4.62 -4.92 8.69
CA SER A 163 3.69 -4.33 7.68
C SER A 163 3.39 -5.27 6.51
N GLN A 164 4.41 -6.11 6.17
CA GLN A 164 4.33 -7.12 5.10
C GLN A 164 3.41 -8.32 5.49
N MET A 165 3.75 -9.01 6.61
CA MET A 165 2.95 -10.15 7.17
C MET A 165 1.51 -9.72 7.57
N ALA A 166 1.36 -8.44 7.94
CA ALA A 166 0.06 -7.82 8.23
C ALA A 166 -0.79 -7.59 6.97
N GLN A 167 -0.12 -7.28 5.83
CA GLN A 167 -0.74 -7.18 4.49
C GLN A 167 -1.37 -8.51 4.04
N ARG A 168 -0.59 -9.60 4.19
CA ARG A 168 -0.98 -10.94 3.70
C ARG A 168 -2.05 -11.62 4.54
N LYS A 169 -1.95 -11.51 5.90
CA LYS A 169 -3.01 -11.98 6.83
C LYS A 169 -4.33 -11.20 6.66
N ILE A 170 -4.21 -9.90 6.31
CA ILE A 170 -5.33 -9.03 6.02
C ILE A 170 -5.97 -9.31 4.64
N ARG A 171 -5.15 -9.46 3.56
CA ARG A 171 -5.68 -9.78 2.21
C ARG A 171 -6.40 -11.16 2.19
N ASP A 172 -6.04 -12.02 3.16
CA ASP A 172 -6.71 -13.31 3.46
C ASP A 172 -8.08 -13.14 4.14
N ILE A 173 -8.16 -12.29 5.20
CA ILE A 173 -9.43 -11.93 5.93
C ILE A 173 -10.40 -11.18 4.95
N LEU A 174 -9.81 -10.24 4.20
CA LEU A 174 -10.43 -9.51 3.12
C LEU A 174 -10.78 -10.38 1.89
N ALA A 175 -10.08 -11.51 1.76
CA ALA A 175 -10.47 -12.59 0.84
C ALA A 175 -11.69 -13.36 1.32
N GLN A 176 -11.73 -13.61 2.64
CA GLN A 176 -12.87 -14.26 3.33
C GLN A 176 -14.14 -13.38 3.34
N VAL A 177 -13.92 -12.06 3.13
CA VAL A 177 -15.02 -11.09 2.94
C VAL A 177 -15.58 -11.15 1.52
N LYS A 178 -14.64 -11.05 0.58
CA LYS A 178 -14.88 -11.24 -0.87
C LYS A 178 -15.49 -12.62 -1.22
N GLN A 179 -15.18 -13.64 -0.36
CA GLN A 179 -15.82 -14.97 -0.42
C GLN A 179 -17.26 -14.97 0.12
N GLN A 180 -17.49 -14.23 1.24
CA GLN A 180 -18.82 -14.07 1.88
C GLN A 180 -19.79 -13.23 1.01
N HIS A 181 -19.23 -12.21 0.29
CA HIS A 181 -20.02 -11.31 -0.59
C HIS A 181 -20.41 -12.00 -1.92
N GLN A 182 -19.42 -12.65 -2.58
CA GLN A 182 -19.63 -13.28 -3.89
C GLN A 182 -20.22 -14.70 -3.75
N LYS A 183 -19.56 -15.57 -2.93
CA LYS A 183 -19.97 -16.99 -2.67
C LYS A 183 -20.17 -17.83 -3.94
N GLY A 184 -19.33 -18.87 -4.10
CA GLY A 184 -19.39 -19.78 -5.24
C GLY A 184 -18.44 -19.39 -6.35
N GLN A 185 -18.95 -19.39 -7.59
CA GLN A 185 -18.18 -19.05 -8.78
C GLN A 185 -18.34 -17.56 -9.11
N SER A 186 -19.61 -17.08 -9.19
CA SER A 186 -19.99 -15.66 -9.51
C SER A 186 -19.35 -15.11 -10.80
N GLY A 187 -20.22 -14.85 -11.81
CA GLY A 187 -19.78 -14.34 -13.10
C GLY A 187 -20.78 -13.41 -13.74
N GLN A 188 -20.36 -12.15 -13.94
CA GLN A 188 -21.21 -11.11 -14.56
C GLN A 188 -20.38 -10.22 -15.48
N LEU A 189 -20.83 -10.11 -16.74
CA LEU A 189 -20.17 -9.30 -17.77
C LEU A 189 -21.00 -8.08 -18.11
N GLN A 190 -20.33 -6.92 -18.22
CA GLN A 190 -20.97 -5.63 -18.56
C GLN A 190 -20.94 -5.38 -20.07
N ALA A 191 -22.15 -5.25 -20.65
CA ALA A 191 -22.32 -5.00 -22.10
C ALA A 191 -22.37 -3.49 -22.39
N GLY A 1 -14.77 5.51 -24.26
CA GLY A 1 -15.22 6.18 -23.00
C GLY A 1 -16.61 6.78 -23.13
N ALA A 2 -16.65 8.08 -23.49
CA ALA A 2 -17.91 8.83 -23.65
C ALA A 2 -17.90 9.66 -24.93
N MET A 3 -16.76 10.35 -25.18
CA MET A 3 -16.59 11.22 -26.36
C MET A 3 -15.27 10.91 -27.09
N GLY A 4 -15.31 11.04 -28.43
CA GLY A 4 -14.15 10.77 -29.27
C GLY A 4 -14.25 9.43 -30.02
N PRO A 5 -15.23 9.21 -31.01
CA PRO A 5 -15.35 7.93 -31.74
C PRO A 5 -14.30 7.78 -32.84
N SER A 6 -14.01 8.90 -33.54
CA SER A 6 -13.03 8.93 -34.64
C SER A 6 -12.10 10.13 -34.48
N SER A 7 -10.78 9.83 -34.47
CA SER A 7 -9.74 10.85 -34.35
C SER A 7 -8.56 10.55 -35.27
N VAL A 8 -8.13 11.59 -36.03
CA VAL A 8 -7.01 11.47 -36.99
C VAL A 8 -6.05 12.66 -36.74
N SER A 9 -6.61 13.88 -36.78
CA SER A 9 -5.85 15.12 -36.57
C SER A 9 -6.65 16.11 -35.72
N GLY A 10 -5.92 16.80 -34.82
CA GLY A 10 -6.51 17.78 -33.92
C GLY A 10 -6.67 17.26 -32.50
N ALA A 11 -5.57 16.68 -31.98
CA ALA A 11 -5.54 16.10 -30.63
C ALA A 11 -4.35 16.62 -29.83
N ALA A 12 -4.65 17.22 -28.66
CA ALA A 12 -3.64 17.76 -27.76
C ALA A 12 -3.50 16.89 -26.48
N PRO A 13 -2.26 16.32 -26.12
CA PRO A 13 -2.12 15.46 -24.92
C PRO A 13 -2.15 16.25 -23.60
N PHE A 14 -3.04 15.82 -22.68
CA PHE A 14 -3.21 16.43 -21.37
C PHE A 14 -2.89 15.43 -20.26
N SER A 15 -1.88 15.77 -19.42
CA SER A 15 -1.37 14.93 -18.27
C SER A 15 -0.90 13.53 -18.70
N SER A 16 0.34 13.19 -18.29
CA SER A 16 0.96 11.89 -18.62
C SER A 16 1.47 11.21 -17.36
N PHE A 17 0.93 9.99 -17.10
CA PHE A 17 1.31 9.16 -15.96
C PHE A 17 1.35 7.68 -16.37
N MET A 18 2.43 6.99 -15.96
CA MET A 18 2.64 5.57 -16.24
C MET A 18 1.87 4.67 -15.23
N PRO A 19 0.75 3.92 -15.65
CA PRO A 19 -0.01 3.05 -14.74
C PRO A 19 0.68 1.68 -14.51
N PRO A 20 0.60 1.00 -13.27
CA PRO A 20 1.12 -0.39 -13.07
C PRO A 20 0.31 -1.45 -13.82
N GLU A 21 0.95 -2.62 -14.04
CA GLU A 21 0.37 -3.70 -14.86
C GLU A 21 -0.16 -4.84 -14.00
N GLN A 22 0.67 -5.27 -13.05
CA GLN A 22 0.41 -6.39 -12.15
C GLN A 22 -0.35 -5.86 -10.90
N GLU A 23 -0.35 -6.64 -9.76
CA GLU A 23 -0.81 -6.15 -8.46
C GLU A 23 0.19 -5.16 -7.86
N THR A 24 -0.33 -4.28 -7.02
CA THR A 24 0.40 -3.11 -6.55
C THR A 24 0.15 -2.89 -5.05
N VAL A 25 1.17 -2.37 -4.38
CA VAL A 25 1.02 -1.75 -3.05
C VAL A 25 1.49 -0.29 -3.16
N HIS A 26 0.96 0.53 -2.26
CA HIS A 26 1.28 1.95 -2.20
C HIS A 26 1.92 2.21 -0.85
N VAL A 27 3.22 2.53 -0.90
CA VAL A 27 4.05 2.56 0.28
C VAL A 27 4.50 3.93 0.65
N PHE A 28 4.53 4.15 1.95
CA PHE A 28 4.81 5.45 2.55
C PHE A 28 6.10 5.44 3.31
N ILE A 29 7.07 6.05 2.64
CA ILE A 29 8.41 6.27 3.14
C ILE A 29 8.64 7.78 3.36
N PRO A 30 9.62 8.22 4.26
CA PRO A 30 9.92 9.67 4.46
C PRO A 30 10.20 10.44 3.17
N ALA A 31 9.63 11.65 3.11
CA ALA A 31 10.05 12.71 2.15
C ALA A 31 11.55 13.11 2.28
N GLN A 32 12.14 12.72 3.43
CA GLN A 32 13.55 12.76 3.69
C GLN A 32 14.23 11.45 3.17
N ALA A 33 13.45 10.56 2.53
CA ALA A 33 13.93 9.24 2.10
C ALA A 33 13.85 9.11 0.59
N VAL A 34 13.14 10.05 -0.08
CA VAL A 34 13.04 10.10 -1.55
C VAL A 34 14.35 10.57 -2.22
N GLY A 35 15.14 11.34 -1.43
CA GLY A 35 16.55 11.63 -1.73
C GLY A 35 17.46 10.40 -1.62
N ALA A 36 17.02 9.40 -0.82
CA ALA A 36 17.70 8.12 -0.66
C ALA A 36 17.35 7.17 -1.80
N ILE A 37 16.03 7.07 -2.05
CA ILE A 37 15.39 6.16 -2.97
C ILE A 37 15.53 6.64 -4.45
N ILE A 38 15.17 7.91 -4.73
CA ILE A 38 15.55 8.59 -5.98
C ILE A 38 17.00 9.11 -5.89
N GLY A 39 17.25 9.98 -4.90
CA GLY A 39 18.28 11.04 -5.04
C GLY A 39 19.70 10.58 -5.42
N ASP A 40 20.08 9.35 -5.01
CA ASP A 40 21.40 8.75 -5.34
C ASP A 40 21.55 8.53 -6.88
N ASP A 41 21.89 9.66 -7.56
CA ASP A 41 21.95 9.80 -9.06
C ASP A 41 20.59 9.46 -9.77
N GLY A 42 19.48 9.37 -8.97
CA GLY A 42 18.17 8.86 -9.48
C GLY A 42 18.22 7.40 -9.99
N GLN A 43 19.06 6.58 -9.31
CA GLN A 43 19.38 5.22 -9.77
C GLN A 43 19.07 4.13 -8.71
N HIS A 44 18.63 4.53 -7.49
CA HIS A 44 18.31 3.57 -6.39
C HIS A 44 16.93 2.91 -6.61
N ILE A 45 15.96 3.73 -7.09
CA ILE A 45 14.66 3.29 -7.59
C ILE A 45 14.77 2.38 -8.86
N LYS A 46 15.57 2.84 -9.85
CA LYS A 46 15.94 2.05 -11.05
C LYS A 46 16.77 0.80 -10.68
N GLN A 47 17.35 0.86 -9.45
CA GLN A 47 18.03 -0.27 -8.82
C GLN A 47 17.02 -1.26 -8.21
N LEU A 48 16.05 -0.74 -7.40
CA LEU A 48 15.02 -1.54 -6.70
C LEU A 48 14.14 -2.37 -7.63
N SER A 49 13.94 -1.84 -8.86
CA SER A 49 13.12 -2.51 -9.91
C SER A 49 13.82 -3.77 -10.47
N ARG A 50 15.15 -3.65 -10.67
CA ARG A 50 16.01 -4.77 -11.13
C ARG A 50 16.39 -5.71 -9.99
N PHE A 51 16.76 -5.09 -8.86
CA PHE A 51 17.23 -5.76 -7.62
C PHE A 51 16.11 -6.56 -6.91
N ALA A 52 14.93 -5.92 -6.75
CA ALA A 52 13.81 -6.54 -6.03
C ALA A 52 12.82 -7.28 -6.96
N SER A 53 13.18 -7.41 -8.28
CA SER A 53 12.32 -8.05 -9.36
C SER A 53 10.95 -7.34 -9.58
N ALA A 54 10.83 -6.20 -8.91
CA ALA A 54 9.60 -5.41 -8.84
C ALA A 54 9.66 -4.20 -9.79
N SER A 55 8.55 -3.43 -9.82
CA SER A 55 8.42 -2.22 -10.62
C SER A 55 8.00 -1.03 -9.73
N ILE A 56 8.99 -0.17 -9.45
CA ILE A 56 8.82 0.98 -8.54
C ILE A 56 8.62 2.29 -9.36
N LYS A 57 7.63 3.11 -8.96
CA LYS A 57 7.53 4.52 -9.32
C LYS A 57 7.53 5.37 -8.03
N ILE A 58 8.05 6.62 -8.05
CA ILE A 58 7.78 7.58 -6.96
C ILE A 58 6.65 8.54 -7.36
N ALA A 59 5.88 8.86 -6.34
CA ALA A 59 4.68 9.68 -6.46
C ALA A 59 4.86 11.05 -5.79
N PRO A 60 4.11 12.14 -6.24
CA PRO A 60 4.27 13.52 -5.69
C PRO A 60 3.75 13.65 -4.22
N PRO A 61 3.85 14.87 -3.51
CA PRO A 61 3.37 15.04 -2.09
C PRO A 61 1.88 14.74 -1.90
N GLU A 62 1.60 14.03 -0.78
CA GLU A 62 0.25 13.71 -0.31
C GLU A 62 -0.51 14.98 0.13
N THR A 63 0.17 15.72 0.98
CA THR A 63 -0.35 16.93 1.68
C THR A 63 0.80 17.63 2.47
N PRO A 64 0.73 18.98 2.83
CA PRO A 64 1.68 19.65 3.78
C PRO A 64 1.87 18.90 5.10
N ASP A 65 0.78 18.23 5.48
CA ASP A 65 0.65 17.42 6.72
C ASP A 65 1.59 16.20 6.74
N SER A 66 1.72 15.56 5.56
CA SER A 66 2.64 14.44 5.34
C SER A 66 4.07 14.92 5.12
N LYS A 67 4.98 14.38 5.94
CA LYS A 67 6.41 14.47 5.69
C LYS A 67 6.92 13.16 5.00
N VAL A 68 5.97 12.34 4.46
CA VAL A 68 6.32 11.20 3.63
C VAL A 68 5.96 11.43 2.15
N ARG A 69 6.46 10.50 1.34
CA ARG A 69 6.13 10.42 -0.09
C ARG A 69 5.71 9.00 -0.37
N MET A 70 4.75 8.86 -1.28
CA MET A 70 4.13 7.60 -1.61
C MET A 70 4.86 6.99 -2.81
N VAL A 71 5.06 5.68 -2.72
CA VAL A 71 5.79 4.90 -3.72
C VAL A 71 4.86 3.87 -4.34
N VAL A 72 5.09 3.65 -5.63
CA VAL A 72 4.42 2.64 -6.42
C VAL A 72 5.29 1.36 -6.37
N ILE A 73 4.86 0.39 -5.54
CA ILE A 73 5.43 -0.96 -5.57
C ILE A 73 4.47 -1.89 -6.31
N THR A 74 4.98 -2.43 -7.41
CA THR A 74 4.30 -3.44 -8.20
C THR A 74 5.20 -4.67 -8.38
N GLY A 75 4.51 -5.82 -8.52
CA GLY A 75 5.15 -7.05 -8.95
C GLY A 75 4.62 -8.30 -8.21
N PRO A 76 5.14 -9.58 -8.50
CA PRO A 76 4.67 -10.84 -7.82
C PRO A 76 4.75 -10.81 -6.26
N PRO A 77 4.38 -11.93 -5.48
CA PRO A 77 4.60 -11.98 -4.00
C PRO A 77 6.09 -11.93 -3.58
N GLU A 78 6.99 -12.35 -4.51
CA GLU A 78 8.46 -12.36 -4.27
C GLU A 78 9.05 -10.95 -4.44
N ALA A 79 8.69 -10.34 -5.57
CA ALA A 79 9.14 -8.99 -5.98
C ALA A 79 8.57 -7.85 -5.10
N GLN A 80 7.39 -8.10 -4.48
CA GLN A 80 6.74 -7.17 -3.54
C GLN A 80 7.39 -7.24 -2.14
N PHE A 81 7.81 -8.46 -1.76
CA PHE A 81 8.54 -8.74 -0.49
C PHE A 81 9.96 -8.10 -0.52
N LYS A 82 10.58 -8.10 -1.72
CA LYS A 82 11.95 -7.62 -1.92
C LYS A 82 12.06 -6.09 -1.91
N ALA A 83 11.17 -5.41 -2.70
CA ALA A 83 11.17 -3.92 -2.84
C ALA A 83 10.72 -3.20 -1.56
N GLN A 84 9.57 -3.64 -0.98
CA GLN A 84 9.10 -3.13 0.35
C GLN A 84 10.06 -3.49 1.49
N GLY A 85 10.64 -4.72 1.42
CA GLY A 85 11.69 -5.17 2.38
C GLY A 85 13.00 -4.39 2.28
N ARG A 86 13.26 -3.87 1.06
CA ARG A 86 14.45 -3.13 0.71
C ARG A 86 14.35 -1.66 1.10
N ILE A 87 13.10 -1.09 1.05
CA ILE A 87 12.84 0.31 1.40
C ILE A 87 12.97 0.52 2.93
N TYR A 88 12.58 -0.57 3.66
CA TYR A 88 12.88 -0.75 5.11
C TYR A 88 14.38 -0.99 5.33
N GLY A 89 15.03 -1.60 4.28
CA GLY A 89 16.47 -1.80 4.26
C GLY A 89 17.27 -0.50 4.16
N LYS A 90 16.67 0.52 3.48
CA LYS A 90 17.22 1.84 3.33
C LYS A 90 17.17 2.65 4.63
N LEU A 91 15.96 2.81 5.19
CA LEU A 91 15.72 3.38 6.54
C LEU A 91 16.58 2.72 7.62
N LYS A 92 16.79 1.41 7.42
CA LYS A 92 17.73 0.60 8.19
C LYS A 92 19.18 1.09 8.07
N GLU A 93 19.50 1.66 6.87
CA GLU A 93 20.78 2.34 6.61
C GLU A 93 20.76 3.79 7.15
N GLU A 94 19.74 4.56 6.70
CA GLU A 94 19.68 6.03 6.87
C GLU A 94 19.08 6.53 8.16
N ASN A 95 18.34 5.64 8.86
CA ASN A 95 17.64 5.90 10.15
C ASN A 95 16.70 7.16 10.10
N PHE A 96 16.22 7.50 8.86
CA PHE A 96 15.26 8.64 8.61
C PHE A 96 14.07 8.75 9.60
N PHE A 97 13.69 7.59 10.15
CA PHE A 97 12.49 7.42 11.00
C PHE A 97 12.62 8.02 12.40
N GLY A 98 13.75 7.70 13.06
CA GLY A 98 13.97 8.06 14.47
C GLY A 98 15.06 7.19 15.11
N PRO A 99 16.31 7.75 15.45
CA PRO A 99 17.44 6.95 16.07
C PRO A 99 17.10 6.13 17.30
N LYS A 100 16.10 6.63 18.01
CA LYS A 100 15.58 6.06 19.24
C LYS A 100 14.73 4.79 19.04
N GLU A 101 14.12 4.69 17.84
CA GLU A 101 13.27 3.61 17.46
C GLU A 101 13.95 2.73 16.36
N GLU A 102 13.10 2.13 15.56
CA GLU A 102 13.45 1.23 14.47
C GLU A 102 12.59 1.58 13.24
N VAL A 103 12.84 0.87 12.11
CA VAL A 103 12.15 1.11 10.82
C VAL A 103 10.62 0.84 10.90
N LYS A 104 9.84 1.88 10.59
CA LYS A 104 8.39 1.84 10.65
C LYS A 104 7.78 2.75 9.58
N LEU A 105 7.51 2.11 8.43
CA LEU A 105 6.90 2.76 7.29
C LEU A 105 5.42 2.42 7.14
N GLU A 106 4.67 3.41 6.65
CA GLU A 106 3.20 3.34 6.47
C GLU A 106 2.85 2.66 5.12
N THR A 107 1.85 1.75 5.16
CA THR A 107 1.37 1.02 3.96
C THR A 107 -0.11 1.34 3.71
N HIS A 108 -0.40 1.78 2.47
CA HIS A 108 -1.77 1.99 1.99
C HIS A 108 -2.17 0.89 1.01
N ILE A 109 -3.24 0.17 1.38
CA ILE A 109 -3.85 -0.84 0.51
C ILE A 109 -5.37 -0.74 0.50
N ARG A 110 -5.90 -0.53 -0.72
CA ARG A 110 -7.35 -0.35 -0.97
C ARG A 110 -8.13 -1.62 -0.75
N VAL A 111 -9.15 -1.46 0.06
CA VAL A 111 -9.95 -2.56 0.58
C VAL A 111 -11.44 -2.13 0.47
N PRO A 112 -12.48 -3.06 0.53
CA PRO A 112 -13.88 -2.66 0.37
C PRO A 112 -14.40 -1.97 1.61
N ALA A 113 -15.08 -0.86 1.36
CA ALA A 113 -15.60 0.08 2.36
C ALA A 113 -16.36 -0.55 3.56
N SER A 114 -17.17 -1.58 3.29
CA SER A 114 -17.87 -2.34 4.35
C SER A 114 -17.08 -3.60 4.79
N ALA A 115 -15.78 -3.57 4.49
CA ALA A 115 -14.83 -4.64 4.80
C ALA A 115 -13.63 -4.09 5.60
N ALA A 116 -13.73 -2.78 5.94
CA ALA A 116 -12.79 -2.05 6.82
C ALA A 116 -12.79 -2.57 8.26
N GLY A 117 -13.93 -3.16 8.66
CA GLY A 117 -14.03 -3.88 9.94
C GLY A 117 -13.57 -5.34 9.86
N ARG A 118 -13.27 -5.84 8.63
CA ARG A 118 -12.68 -7.18 8.41
C ARG A 118 -11.18 -7.15 8.67
N VAL A 119 -10.54 -6.04 8.23
CA VAL A 119 -9.09 -5.78 8.39
C VAL A 119 -8.74 -5.47 9.87
N ILE A 120 -9.67 -4.74 10.47
CA ILE A 120 -9.62 -4.29 11.84
C ILE A 120 -10.19 -5.38 12.79
N GLY A 121 -11.22 -6.10 12.29
CA GLY A 121 -11.84 -7.20 13.04
C GLY A 121 -12.92 -6.71 13.98
N LYS A 122 -12.95 -7.30 15.20
CA LYS A 122 -13.93 -6.99 16.26
C LYS A 122 -13.79 -5.56 16.87
N GLY A 123 -12.96 -4.72 16.23
CA GLY A 123 -12.67 -3.37 16.72
C GLY A 123 -11.21 -3.22 17.07
N GLY A 124 -10.84 -3.82 18.22
CA GLY A 124 -9.46 -3.85 18.67
C GLY A 124 -9.08 -5.21 19.23
N LYS A 125 -9.10 -6.22 18.34
CA LYS A 125 -8.72 -7.60 18.68
C LYS A 125 -7.75 -8.14 17.61
N THR A 126 -8.05 -7.83 16.32
CA THR A 126 -7.13 -8.09 15.18
C THR A 126 -6.00 -7.05 15.20
N VAL A 127 -6.40 -5.78 15.41
CA VAL A 127 -5.49 -4.60 15.44
C VAL A 127 -4.75 -4.53 16.82
N ASN A 128 -5.36 -5.13 17.88
CA ASN A 128 -4.74 -5.23 19.21
C ASN A 128 -3.69 -6.34 19.27
N GLU A 129 -3.99 -7.46 18.57
CA GLU A 129 -3.08 -8.61 18.41
C GLU A 129 -1.96 -8.29 17.38
N LEU A 130 -2.30 -7.48 16.35
CA LEU A 130 -1.38 -7.03 15.32
C LEU A 130 -0.42 -5.93 15.81
N GLN A 131 -0.93 -5.01 16.66
CA GLN A 131 -0.13 -3.90 17.23
C GLN A 131 0.82 -4.39 18.34
N ASN A 132 0.25 -5.16 19.29
CA ASN A 132 0.96 -5.60 20.51
C ASN A 132 1.89 -6.79 20.26
N LEU A 133 1.43 -7.74 19.40
CA LEU A 133 2.18 -8.97 19.12
C LEU A 133 2.96 -8.92 17.80
N THR A 134 2.43 -8.18 16.79
CA THR A 134 3.08 -8.06 15.48
C THR A 134 3.84 -6.71 15.36
N ALA A 135 3.45 -5.68 16.18
CA ALA A 135 4.04 -4.28 16.15
C ALA A 135 3.66 -3.47 14.90
N ALA A 136 3.02 -4.14 13.92
CA ALA A 136 2.41 -3.48 12.74
C ALA A 136 1.01 -2.97 13.11
N GLU A 137 0.76 -1.65 12.93
CA GLU A 137 -0.46 -1.01 13.44
C GLU A 137 -1.48 -0.81 12.30
N VAL A 138 -2.66 -1.46 12.45
CA VAL A 138 -3.76 -1.36 11.46
C VAL A 138 -4.57 -0.09 11.73
N VAL A 139 -4.69 0.74 10.69
CA VAL A 139 -5.33 2.06 10.82
C VAL A 139 -6.36 2.30 9.72
N VAL A 140 -7.60 2.70 10.12
CA VAL A 140 -8.62 3.15 9.11
C VAL A 140 -9.15 4.59 9.39
N PRO A 141 -8.57 5.70 8.72
CA PRO A 141 -8.80 7.13 9.10
C PRO A 141 -10.25 7.55 9.38
N ARG A 142 -10.38 8.70 10.08
CA ARG A 142 -11.68 9.30 10.42
C ARG A 142 -12.13 10.24 9.31
N ASP A 143 -13.48 10.41 9.18
CA ASP A 143 -14.14 11.11 8.01
C ASP A 143 -13.71 10.51 6.63
N GLN A 144 -13.32 9.21 6.69
CA GLN A 144 -12.75 8.47 5.55
C GLN A 144 -13.87 7.93 4.66
N THR A 145 -14.11 8.65 3.54
CA THR A 145 -15.09 8.26 2.52
C THR A 145 -14.50 7.19 1.56
N PRO A 146 -15.32 6.17 1.08
CA PRO A 146 -14.90 5.21 0.02
C PRO A 146 -14.61 5.85 -1.34
N ASP A 147 -13.98 5.03 -2.16
CA ASP A 147 -13.56 5.37 -3.51
C ASP A 147 -14.62 4.87 -4.53
N GLU A 148 -14.25 4.82 -5.84
CA GLU A 148 -15.12 4.39 -6.94
C GLU A 148 -15.48 2.89 -6.87
N ASN A 149 -14.43 2.12 -6.62
CA ASN A 149 -14.46 0.66 -6.44
C ASN A 149 -15.14 0.21 -5.13
N GLU A 150 -15.76 1.18 -4.39
CA GLU A 150 -16.36 0.99 -3.03
C GLU A 150 -15.28 0.55 -2.00
N GLN A 151 -14.19 1.36 -1.95
CA GLN A 151 -12.98 1.00 -1.29
C GLN A 151 -12.40 2.14 -0.54
N VAL A 152 -11.97 1.74 0.61
CA VAL A 152 -11.27 2.56 1.57
C VAL A 152 -9.84 2.06 1.75
N ILE A 153 -9.03 2.91 2.38
CA ILE A 153 -7.62 2.62 2.57
C ILE A 153 -7.39 2.19 4.03
N VAL A 154 -6.30 1.45 4.23
CA VAL A 154 -5.84 1.04 5.55
C VAL A 154 -4.34 1.32 5.57
N LYS A 155 -3.94 1.88 6.68
CA LYS A 155 -2.55 2.33 6.90
C LYS A 155 -1.92 1.52 8.04
N ILE A 156 -0.99 0.61 7.67
CA ILE A 156 -0.15 -0.11 8.63
C ILE A 156 1.14 0.67 8.83
N ILE A 157 1.58 0.67 10.10
CA ILE A 157 2.91 1.15 10.47
C ILE A 157 3.55 0.03 11.31
N GLY A 158 4.55 -0.60 10.69
CA GLY A 158 5.25 -1.72 11.28
C GLY A 158 6.71 -1.77 10.85
N HIS A 159 7.39 -2.87 11.19
CA HIS A 159 8.73 -3.17 10.65
C HIS A 159 8.59 -3.96 9.32
N PHE A 160 9.71 -4.37 8.68
CA PHE A 160 9.66 -5.11 7.40
C PHE A 160 9.10 -6.56 7.56
N TYR A 161 9.21 -7.09 8.81
CA TYR A 161 8.56 -8.33 9.23
C TYR A 161 7.04 -8.13 9.47
N ALA A 162 6.71 -7.01 10.14
CA ALA A 162 5.37 -6.75 10.66
C ALA A 162 4.40 -6.20 9.62
N SER A 163 4.77 -5.06 8.95
CA SER A 163 4.00 -4.48 7.82
C SER A 163 3.78 -5.47 6.66
N GLN A 164 4.73 -6.41 6.50
CA GLN A 164 4.65 -7.50 5.48
C GLN A 164 3.55 -8.53 5.85
N MET A 165 3.68 -9.17 7.03
CA MET A 165 2.71 -10.16 7.57
C MET A 165 1.32 -9.53 7.86
N ALA A 166 1.32 -8.25 8.29
CA ALA A 166 0.09 -7.48 8.56
C ALA A 166 -0.71 -7.15 7.28
N GLN A 167 0.01 -6.92 6.14
CA GLN A 167 -0.61 -6.77 4.80
C GLN A 167 -1.31 -8.06 4.35
N ARG A 168 -0.59 -9.20 4.45
CA ARG A 168 -1.08 -10.51 4.01
C ARG A 168 -2.12 -11.14 4.95
N LYS A 169 -2.02 -10.88 6.28
CA LYS A 169 -3.09 -11.26 7.26
C LYS A 169 -4.40 -10.51 7.01
N ILE A 170 -4.26 -9.22 6.60
CA ILE A 170 -5.36 -8.35 6.23
C ILE A 170 -5.98 -8.75 4.85
N ARG A 171 -5.11 -8.89 3.81
CA ARG A 171 -5.54 -9.28 2.43
C ARG A 171 -6.18 -10.69 2.38
N ASP A 172 -5.82 -11.55 3.39
CA ASP A 172 -6.39 -12.88 3.57
C ASP A 172 -7.83 -12.83 4.13
N ILE A 173 -8.05 -12.00 5.19
CA ILE A 173 -9.41 -11.76 5.80
C ILE A 173 -10.36 -11.10 4.73
N LEU A 174 -9.79 -10.16 3.96
CA LEU A 174 -10.42 -9.51 2.83
C LEU A 174 -10.71 -10.44 1.65
N ALA A 175 -9.89 -11.51 1.55
CA ALA A 175 -10.14 -12.63 0.65
C ALA A 175 -11.30 -13.51 1.14
N GLN A 176 -11.31 -13.76 2.46
CA GLN A 176 -12.34 -14.56 3.14
C GLN A 176 -13.72 -13.87 3.19
N VAL A 177 -13.69 -12.52 2.99
CA VAL A 177 -14.91 -11.71 2.87
C VAL A 177 -15.49 -11.80 1.45
N LYS A 178 -14.60 -11.53 0.50
CA LYS A 178 -14.85 -11.74 -0.95
C LYS A 178 -15.26 -13.18 -1.31
N GLN A 179 -14.80 -14.17 -0.48
CA GLN A 179 -15.23 -15.58 -0.57
C GLN A 179 -16.66 -15.79 -0.06
N GLN A 180 -16.99 -15.17 1.11
CA GLN A 180 -18.35 -15.25 1.71
C GLN A 180 -19.39 -14.39 0.94
N HIS A 181 -18.92 -13.30 0.29
CA HIS A 181 -19.78 -12.39 -0.51
C HIS A 181 -20.18 -13.00 -1.86
N GLN A 182 -19.21 -13.67 -2.54
CA GLN A 182 -19.44 -14.31 -3.86
C GLN A 182 -20.16 -15.66 -3.73
N LYS A 183 -19.76 -16.44 -2.71
CA LYS A 183 -20.35 -17.77 -2.44
C LYS A 183 -20.53 -18.01 -0.94
N GLY A 184 -21.59 -18.79 -0.61
CA GLY A 184 -21.90 -19.13 0.78
C GLY A 184 -22.53 -20.50 0.91
N GLN A 185 -23.82 -20.51 1.31
CA GLN A 185 -24.59 -21.76 1.48
C GLN A 185 -25.41 -22.06 0.24
N SER A 186 -25.73 -23.36 0.06
CA SER A 186 -26.52 -23.84 -1.07
C SER A 186 -27.61 -24.80 -0.61
N GLY A 187 -28.79 -24.71 -1.26
CA GLY A 187 -29.93 -25.56 -0.94
C GLY A 187 -31.24 -24.79 -0.93
N GLN A 188 -31.92 -24.81 0.23
CA GLN A 188 -33.21 -24.12 0.41
C GLN A 188 -33.00 -22.71 0.96
N LEU A 189 -33.70 -21.75 0.35
CA LEU A 189 -33.65 -20.33 0.75
C LEU A 189 -35.04 -19.70 0.75
N GLN A 190 -35.52 -19.34 1.95
CA GLN A 190 -36.85 -18.73 2.13
C GLN A 190 -36.76 -17.49 3.02
N ALA A 191 -36.03 -17.63 4.15
CA ALA A 191 -35.84 -16.55 5.12
C ALA A 191 -34.37 -16.43 5.53
N GLY A 1 -8.40 9.80 -30.56
CA GLY A 1 -7.88 10.60 -31.69
C GLY A 1 -6.64 10.01 -32.31
N ALA A 2 -6.10 10.69 -33.36
CA ALA A 2 -4.86 10.29 -34.12
C ALA A 2 -4.92 8.87 -34.72
N MET A 3 -4.90 8.80 -36.06
CA MET A 3 -4.94 7.53 -36.80
C MET A 3 -4.01 7.57 -38.00
N GLY A 4 -3.30 6.44 -38.22
CA GLY A 4 -2.37 6.30 -39.33
C GLY A 4 -1.52 5.01 -39.26
N PRO A 5 -0.48 4.76 -40.17
CA PRO A 5 0.34 3.53 -40.12
C PRO A 5 1.41 3.58 -39.03
N SER A 6 2.02 4.77 -38.87
CA SER A 6 3.09 5.01 -37.89
C SER A 6 2.51 5.34 -36.52
N SER A 7 3.01 4.63 -35.49
CA SER A 7 2.56 4.79 -34.10
C SER A 7 3.38 5.87 -33.39
N VAL A 8 2.66 6.89 -32.86
CA VAL A 8 3.27 8.01 -32.12
C VAL A 8 3.46 7.66 -30.64
N SER A 9 4.69 7.92 -30.14
CA SER A 9 5.07 7.61 -28.75
C SER A 9 4.66 8.74 -27.79
N GLY A 10 4.85 10.00 -28.24
CA GLY A 10 4.49 11.18 -27.45
C GLY A 10 5.56 12.25 -27.47
N ALA A 11 5.15 13.48 -27.86
CA ALA A 11 6.04 14.64 -27.91
C ALA A 11 5.33 15.89 -27.40
N ALA A 12 4.10 16.13 -27.92
CA ALA A 12 3.26 17.28 -27.52
C ALA A 12 1.75 16.92 -27.51
N PRO A 13 1.13 16.26 -28.59
CA PRO A 13 -0.33 15.97 -28.62
C PRO A 13 -0.70 14.75 -27.77
N PHE A 14 -2.00 14.69 -27.35
CA PHE A 14 -2.61 13.59 -26.54
C PHE A 14 -1.76 13.19 -25.29
N SER A 15 -2.29 13.55 -24.10
CA SER A 15 -1.66 13.24 -22.81
C SER A 15 -2.13 11.89 -22.29
N SER A 16 -1.15 11.04 -21.92
CA SER A 16 -1.40 9.69 -21.41
C SER A 16 -0.49 9.36 -20.24
N PHE A 17 -0.93 8.41 -19.40
CA PHE A 17 -0.17 7.95 -18.23
C PHE A 17 -0.20 6.42 -18.15
N MET A 18 1.01 5.81 -18.19
CA MET A 18 1.18 4.37 -18.15
C MET A 18 1.05 3.80 -16.70
N PRO A 19 -0.03 2.96 -16.37
CA PRO A 19 -0.16 2.36 -15.04
C PRO A 19 0.68 1.06 -14.87
N PRO A 20 0.73 0.36 -13.65
CA PRO A 20 1.45 -0.94 -13.49
C PRO A 20 0.78 -2.10 -14.22
N GLU A 21 1.55 -3.17 -14.44
CA GLU A 21 1.11 -4.33 -15.23
C GLU A 21 0.52 -5.43 -14.33
N GLN A 22 1.31 -5.84 -13.34
CA GLN A 22 0.95 -6.86 -12.35
C GLN A 22 0.18 -6.20 -11.18
N GLU A 23 0.08 -6.89 -9.99
CA GLU A 23 -0.47 -6.30 -8.76
C GLU A 23 0.53 -5.29 -8.14
N THR A 24 -0.01 -4.42 -7.29
CA THR A 24 0.70 -3.26 -6.78
C THR A 24 0.40 -3.06 -5.28
N VAL A 25 1.34 -2.40 -4.60
CA VAL A 25 1.13 -1.88 -3.24
C VAL A 25 1.71 -0.46 -3.18
N HIS A 26 1.15 0.34 -2.26
CA HIS A 26 1.57 1.72 -2.07
C HIS A 26 2.27 1.87 -0.73
N VAL A 27 3.55 2.28 -0.80
CA VAL A 27 4.46 2.23 0.32
C VAL A 27 4.95 3.64 0.68
N PHE A 28 4.59 4.02 1.89
CA PHE A 28 4.85 5.33 2.46
C PHE A 28 6.12 5.33 3.29
N ILE A 29 7.12 5.93 2.66
CA ILE A 29 8.41 6.22 3.24
C ILE A 29 8.55 7.74 3.48
N PRO A 30 9.49 8.24 4.39
CA PRO A 30 9.72 9.69 4.61
C PRO A 30 10.01 10.49 3.34
N ALA A 31 9.37 11.66 3.26
CA ALA A 31 9.76 12.74 2.32
C ALA A 31 11.23 13.23 2.52
N GLN A 32 11.80 12.88 3.69
CA GLN A 32 13.20 12.99 4.02
C GLN A 32 13.98 11.74 3.48
N ALA A 33 13.27 10.84 2.76
CA ALA A 33 13.83 9.59 2.30
C ALA A 33 13.70 9.42 0.79
N VAL A 34 12.94 10.35 0.13
CA VAL A 34 12.82 10.36 -1.35
C VAL A 34 14.09 10.87 -2.05
N GLY A 35 14.79 11.78 -1.35
CA GLY A 35 16.19 12.16 -1.68
C GLY A 35 17.18 10.99 -1.52
N ALA A 36 16.79 10.01 -0.66
CA ALA A 36 17.54 8.79 -0.41
C ALA A 36 17.29 7.75 -1.51
N ILE A 37 15.99 7.56 -1.80
CA ILE A 37 15.45 6.57 -2.70
C ILE A 37 15.62 7.02 -4.19
N ILE A 38 15.13 8.25 -4.53
CA ILE A 38 15.45 8.91 -5.79
C ILE A 38 16.84 9.56 -5.73
N GLY A 39 17.03 10.49 -4.78
CA GLY A 39 17.96 11.65 -4.97
C GLY A 39 19.39 11.30 -5.37
N ASP A 40 19.97 10.24 -4.77
CA ASP A 40 21.34 9.76 -5.10
C ASP A 40 21.45 9.28 -6.58
N ASP A 41 21.67 10.28 -7.47
CA ASP A 41 21.73 10.14 -8.96
C ASP A 41 20.43 9.58 -9.59
N GLY A 42 19.31 9.49 -8.80
CA GLY A 42 18.05 8.82 -9.24
C GLY A 42 18.22 7.35 -9.64
N GLN A 43 19.15 6.66 -8.94
CA GLN A 43 19.58 5.29 -9.31
C GLN A 43 19.16 4.21 -8.30
N HIS A 44 18.72 4.60 -7.09
CA HIS A 44 18.34 3.65 -6.01
C HIS A 44 16.98 3.00 -6.25
N ILE A 45 16.02 3.80 -6.79
CA ILE A 45 14.74 3.34 -7.29
C ILE A 45 14.88 2.48 -8.59
N LYS A 46 15.66 3.02 -9.56
CA LYS A 46 16.03 2.31 -10.81
C LYS A 46 16.85 1.04 -10.54
N GLN A 47 17.42 0.98 -9.31
CA GLN A 47 18.08 -0.21 -8.76
C GLN A 47 17.04 -1.23 -8.27
N LEU A 48 16.05 -0.76 -7.45
CA LEU A 48 14.94 -1.57 -6.89
C LEU A 48 14.13 -2.36 -7.93
N SER A 49 14.10 -1.83 -9.15
CA SER A 49 13.43 -2.48 -10.31
C SER A 49 14.19 -3.73 -10.80
N ARG A 50 15.51 -3.59 -10.97
CA ARG A 50 16.41 -4.70 -11.37
C ARG A 50 16.79 -5.62 -10.20
N PHE A 51 16.91 -5.03 -9.01
CA PHE A 51 17.40 -5.68 -7.79
C PHE A 51 16.30 -6.51 -7.11
N ALA A 52 15.10 -5.90 -6.97
CA ALA A 52 13.98 -6.51 -6.25
C ALA A 52 13.00 -7.26 -7.16
N SER A 53 13.33 -7.37 -8.49
CA SER A 53 12.47 -8.00 -9.56
C SER A 53 11.09 -7.32 -9.76
N ALA A 54 10.93 -6.22 -9.04
CA ALA A 54 9.70 -5.45 -8.95
C ALA A 54 9.78 -4.19 -9.82
N SER A 55 8.65 -3.45 -9.88
CA SER A 55 8.52 -2.23 -10.67
C SER A 55 8.00 -1.09 -9.79
N ILE A 56 8.92 -0.19 -9.43
CA ILE A 56 8.69 0.88 -8.45
C ILE A 56 8.58 2.27 -9.16
N LYS A 57 7.58 3.04 -8.72
CA LYS A 57 7.43 4.46 -9.01
C LYS A 57 7.44 5.26 -7.70
N ILE A 58 7.94 6.52 -7.71
CA ILE A 58 7.69 7.47 -6.61
C ILE A 58 6.51 8.37 -6.97
N ALA A 59 5.70 8.60 -5.95
CA ALA A 59 4.47 9.37 -6.02
C ALA A 59 4.58 10.71 -5.27
N PRO A 60 3.76 11.78 -5.64
CA PRO A 60 3.82 13.12 -5.00
C PRO A 60 3.27 13.11 -3.53
N PRO A 61 3.30 14.28 -2.73
CA PRO A 61 2.81 14.32 -1.31
C PRO A 61 1.35 13.93 -1.12
N GLU A 62 1.08 13.29 0.04
CA GLU A 62 -0.26 12.98 0.54
C GLU A 62 -1.04 14.28 0.88
N THR A 63 -0.35 15.08 1.68
CA THR A 63 -0.85 16.36 2.24
C THR A 63 0.34 17.14 2.91
N PRO A 64 0.29 18.53 3.09
CA PRO A 64 1.33 19.31 3.86
C PRO A 64 1.64 18.71 5.24
N ASP A 65 0.59 18.11 5.80
CA ASP A 65 0.60 17.42 7.12
C ASP A 65 1.46 16.15 7.13
N SER A 66 1.41 15.42 6.02
CA SER A 66 2.21 14.21 5.81
C SER A 66 3.64 14.53 5.39
N LYS A 67 4.61 14.11 6.21
CA LYS A 67 6.04 14.28 5.90
C LYS A 67 6.62 13.02 5.18
N VAL A 68 5.72 12.17 4.63
CA VAL A 68 6.10 11.07 3.78
C VAL A 68 5.77 11.33 2.30
N ARG A 69 6.27 10.42 1.47
CA ARG A 69 5.90 10.31 0.06
C ARG A 69 5.51 8.87 -0.22
N MET A 70 4.58 8.70 -1.16
CA MET A 70 3.98 7.45 -1.46
C MET A 70 4.78 6.78 -2.60
N VAL A 71 4.94 5.46 -2.47
CA VAL A 71 5.74 4.66 -3.38
C VAL A 71 4.85 3.59 -4.02
N VAL A 72 5.15 3.32 -5.28
CA VAL A 72 4.50 2.28 -6.07
C VAL A 72 5.43 1.07 -6.05
N ILE A 73 4.97 -0.09 -5.53
CA ILE A 73 5.71 -1.34 -5.71
C ILE A 73 4.80 -2.37 -6.39
N THR A 74 5.30 -2.85 -7.52
CA THR A 74 4.60 -3.82 -8.35
C THR A 74 5.49 -5.05 -8.62
N GLY A 75 4.79 -6.18 -8.81
CA GLY A 75 5.40 -7.40 -9.29
C GLY A 75 4.90 -8.67 -8.57
N PRO A 76 5.47 -9.92 -8.83
CA PRO A 76 5.06 -11.19 -8.14
C PRO A 76 5.11 -11.14 -6.58
N PRO A 77 4.78 -12.27 -5.79
CA PRO A 77 4.98 -12.28 -4.30
C PRO A 77 6.44 -12.12 -3.85
N GLU A 78 7.38 -12.60 -4.71
CA GLU A 78 8.83 -12.50 -4.45
C GLU A 78 9.40 -11.11 -4.76
N ALA A 79 8.92 -10.49 -5.87
CA ALA A 79 9.39 -9.16 -6.33
C ALA A 79 8.90 -8.01 -5.44
N GLN A 80 7.66 -8.13 -4.92
CA GLN A 80 7.03 -7.12 -4.03
C GLN A 80 7.62 -7.17 -2.60
N PHE A 81 8.02 -8.39 -2.17
CA PHE A 81 8.68 -8.65 -0.86
C PHE A 81 10.11 -8.03 -0.82
N LYS A 82 10.78 -8.05 -2.00
CA LYS A 82 12.15 -7.56 -2.16
C LYS A 82 12.23 -6.02 -2.21
N ALA A 83 11.22 -5.38 -2.85
CA ALA A 83 11.15 -3.91 -3.01
C ALA A 83 10.84 -3.19 -1.71
N GLN A 84 9.86 -3.71 -0.94
CA GLN A 84 9.49 -3.18 0.38
C GLN A 84 10.55 -3.47 1.45
N GLY A 85 11.17 -4.67 1.37
CA GLY A 85 12.28 -5.08 2.27
C GLY A 85 13.52 -4.18 2.17
N ARG A 86 13.72 -3.61 0.96
CA ARG A 86 14.85 -2.76 0.63
C ARG A 86 14.62 -1.31 1.07
N ILE A 87 13.32 -0.86 1.03
CA ILE A 87 12.95 0.52 1.42
C ILE A 87 13.01 0.68 2.97
N TYR A 88 12.69 -0.47 3.63
CA TYR A 88 12.96 -0.71 5.07
C TYR A 88 14.47 -0.83 5.34
N GLY A 89 15.19 -1.31 4.28
CA GLY A 89 16.66 -1.42 4.30
C GLY A 89 17.38 -0.06 4.30
N LYS A 90 16.79 0.94 3.59
CA LYS A 90 17.39 2.25 3.45
C LYS A 90 17.16 3.15 4.67
N LEU A 91 15.96 3.08 5.28
CA LEU A 91 15.68 3.62 6.62
C LEU A 91 16.55 2.98 7.70
N LYS A 92 16.77 1.67 7.53
CA LYS A 92 17.70 0.88 8.34
C LYS A 92 19.16 1.42 8.29
N GLU A 93 19.49 2.02 7.13
CA GLU A 93 20.77 2.70 6.91
C GLU A 93 20.84 4.09 7.58
N GLU A 94 19.84 4.96 7.30
CA GLU A 94 19.91 6.38 7.66
C GLU A 94 19.13 6.77 8.91
N ASN A 95 18.23 5.87 9.36
CA ASN A 95 17.33 6.04 10.51
C ASN A 95 16.42 7.30 10.42
N PHE A 96 15.94 7.59 9.16
CA PHE A 96 14.96 8.69 8.86
C PHE A 96 13.70 8.72 9.78
N PHE A 97 13.38 7.55 10.35
CA PHE A 97 12.16 7.30 11.13
C PHE A 97 12.21 7.87 12.55
N GLY A 98 13.33 7.62 13.24
CA GLY A 98 13.47 7.88 14.66
C GLY A 98 14.62 7.06 15.23
N PRO A 99 15.92 7.56 15.27
CA PRO A 99 17.12 6.71 15.56
C PRO A 99 17.13 5.98 16.90
N LYS A 100 16.26 6.45 17.76
CA LYS A 100 15.99 5.87 19.08
C LYS A 100 15.05 4.64 19.03
N GLU A 101 14.54 4.36 17.83
CA GLU A 101 13.71 3.21 17.55
C GLU A 101 14.32 2.43 16.35
N GLU A 102 13.43 1.75 15.65
CA GLU A 102 13.73 0.94 14.47
C GLU A 102 12.78 1.31 13.33
N VAL A 103 13.00 0.67 12.15
CA VAL A 103 12.25 0.95 10.91
C VAL A 103 10.74 0.65 11.02
N LYS A 104 9.94 1.68 10.76
CA LYS A 104 8.49 1.61 10.81
C LYS A 104 7.87 2.57 9.78
N LEU A 105 7.66 2.02 8.58
CA LEU A 105 7.03 2.73 7.49
C LEU A 105 5.57 2.36 7.31
N GLU A 106 4.82 3.36 6.82
CA GLU A 106 3.38 3.24 6.54
C GLU A 106 3.15 2.61 5.15
N THR A 107 2.19 1.67 5.06
CA THR A 107 1.75 1.12 3.75
C THR A 107 0.23 1.30 3.59
N HIS A 108 -0.14 1.64 2.35
CA HIS A 108 -1.53 1.84 1.95
C HIS A 108 -1.99 0.71 1.03
N ILE A 109 -3.04 0.02 1.48
CA ILE A 109 -3.71 -1.02 0.69
C ILE A 109 -5.22 -0.82 0.65
N ARG A 110 -5.75 -0.80 -0.59
CA ARG A 110 -7.18 -0.60 -0.87
C ARG A 110 -8.00 -1.83 -0.59
N VAL A 111 -9.02 -1.60 0.21
CA VAL A 111 -9.89 -2.65 0.76
C VAL A 111 -11.35 -2.14 0.66
N PRO A 112 -12.44 -3.00 0.62
CA PRO A 112 -13.82 -2.50 0.47
C PRO A 112 -14.28 -1.70 1.66
N ALA A 113 -14.94 -0.60 1.30
CA ALA A 113 -15.47 0.42 2.19
C ALA A 113 -16.27 -0.08 3.42
N SER A 114 -17.13 -1.08 3.19
CA SER A 114 -17.86 -1.77 4.27
C SER A 114 -17.12 -3.04 4.75
N ALA A 115 -15.82 -3.08 4.45
CA ALA A 115 -14.91 -4.18 4.79
C ALA A 115 -13.72 -3.66 5.61
N ALA A 116 -13.76 -2.34 5.90
CA ALA A 116 -12.76 -1.64 6.74
C ALA A 116 -12.80 -2.09 8.20
N GLY A 117 -13.97 -2.59 8.64
CA GLY A 117 -14.10 -3.21 9.96
C GLY A 117 -13.70 -4.69 9.98
N ARG A 118 -13.49 -5.29 8.78
CA ARG A 118 -13.00 -6.67 8.61
C ARG A 118 -11.49 -6.74 8.88
N VAL A 119 -10.79 -5.68 8.44
CA VAL A 119 -9.34 -5.53 8.56
C VAL A 119 -8.92 -5.17 10.01
N ILE A 120 -9.80 -4.41 10.68
CA ILE A 120 -9.67 -4.02 12.08
C ILE A 120 -10.26 -5.12 13.03
N GLY A 121 -11.26 -5.87 12.52
CA GLY A 121 -11.91 -6.94 13.30
C GLY A 121 -12.94 -6.41 14.31
N LYS A 122 -13.22 -7.22 15.37
CA LYS A 122 -14.14 -6.87 16.47
C LYS A 122 -13.64 -5.70 17.34
N GLY A 123 -14.23 -4.50 17.10
CA GLY A 123 -13.91 -3.27 17.87
C GLY A 123 -12.52 -2.71 17.58
N GLY A 124 -11.51 -3.44 18.07
CA GLY A 124 -10.11 -3.12 17.85
C GLY A 124 -9.19 -4.20 18.39
N LYS A 125 -9.57 -5.47 18.12
CA LYS A 125 -8.84 -6.65 18.60
C LYS A 125 -7.78 -7.11 17.57
N THR A 126 -8.06 -6.87 16.26
CA THR A 126 -7.10 -7.18 15.16
C THR A 126 -5.98 -6.13 15.12
N VAL A 127 -6.35 -4.84 15.32
CA VAL A 127 -5.39 -3.70 15.42
C VAL A 127 -4.54 -3.82 16.73
N ASN A 128 -5.17 -4.37 17.81
CA ASN A 128 -4.52 -4.59 19.12
C ASN A 128 -3.58 -5.80 19.10
N GLU A 129 -4.03 -6.88 18.42
CA GLU A 129 -3.22 -8.09 18.18
C GLU A 129 -2.16 -7.88 17.08
N LEU A 130 -2.37 -6.86 16.21
CA LEU A 130 -1.44 -6.48 15.15
C LEU A 130 -0.21 -5.74 15.70
N GLN A 131 -0.47 -4.73 16.57
CA GLN A 131 0.59 -3.95 17.28
C GLN A 131 1.39 -4.79 18.29
N ASN A 132 0.69 -5.58 19.14
CA ASN A 132 1.29 -6.30 20.27
C ASN A 132 2.00 -7.59 19.84
N LEU A 133 1.41 -8.31 18.86
CA LEU A 133 1.98 -9.59 18.38
C LEU A 133 2.86 -9.41 17.15
N THR A 134 2.46 -8.51 16.23
CA THR A 134 3.14 -8.32 14.94
C THR A 134 3.93 -7.00 14.89
N ALA A 135 3.63 -6.01 15.80
CA ALA A 135 4.23 -4.63 15.82
C ALA A 135 3.81 -3.73 14.63
N ALA A 136 3.17 -4.36 13.62
CA ALA A 136 2.53 -3.66 12.50
C ALA A 136 1.10 -3.27 12.88
N GLU A 137 0.72 -1.97 12.73
CA GLU A 137 -0.58 -1.49 13.25
C GLU A 137 -1.49 -1.00 12.11
N VAL A 138 -2.70 -1.58 12.11
CA VAL A 138 -3.74 -1.30 11.11
C VAL A 138 -4.51 -0.01 11.47
N VAL A 139 -4.65 0.86 10.46
CA VAL A 139 -5.25 2.20 10.63
C VAL A 139 -6.27 2.49 9.50
N VAL A 140 -7.49 3.00 9.86
CA VAL A 140 -8.49 3.38 8.81
C VAL A 140 -9.08 4.81 9.00
N PRO A 141 -8.58 5.90 8.24
CA PRO A 141 -8.94 7.35 8.45
C PRO A 141 -10.41 7.67 8.78
N ARG A 142 -10.59 8.88 9.35
CA ARG A 142 -11.88 9.36 9.88
C ARG A 142 -12.77 9.91 8.74
N ASP A 143 -12.32 11.02 8.13
CA ASP A 143 -12.92 11.63 6.94
C ASP A 143 -12.62 10.77 5.67
N GLN A 144 -13.11 9.53 5.74
CA GLN A 144 -12.84 8.49 4.74
C GLN A 144 -14.09 8.24 3.88
N THR A 145 -14.06 8.81 2.65
CA THR A 145 -14.96 8.42 1.59
C THR A 145 -14.33 7.29 0.76
N PRO A 146 -15.13 6.25 0.27
CA PRO A 146 -14.63 5.20 -0.66
C PRO A 146 -14.20 5.72 -2.02
N ASP A 147 -13.51 4.84 -2.71
CA ASP A 147 -12.98 5.08 -4.06
C ASP A 147 -13.98 4.49 -5.10
N GLU A 148 -13.51 4.30 -6.34
CA GLU A 148 -14.33 3.73 -7.46
C GLU A 148 -14.61 2.23 -7.27
N ASN A 149 -13.54 1.59 -6.85
CA ASN A 149 -13.46 0.15 -6.58
C ASN A 149 -14.22 -0.30 -5.32
N GLU A 150 -15.05 0.62 -4.72
CA GLU A 150 -15.79 0.40 -3.43
C GLU A 150 -14.78 0.21 -2.26
N GLN A 151 -13.75 1.09 -2.21
CA GLN A 151 -12.58 0.84 -1.44
C GLN A 151 -12.05 2.06 -0.77
N VAL A 152 -11.70 1.75 0.43
CA VAL A 152 -11.01 2.62 1.35
C VAL A 152 -9.62 2.08 1.65
N ILE A 153 -8.79 2.93 2.23
CA ILE A 153 -7.39 2.61 2.50
C ILE A 153 -7.23 2.30 3.99
N VAL A 154 -6.19 1.52 4.26
CA VAL A 154 -5.76 1.18 5.59
C VAL A 154 -4.24 1.31 5.62
N LYS A 155 -3.79 1.86 6.72
CA LYS A 155 -2.41 2.31 6.90
C LYS A 155 -1.76 1.53 8.05
N ILE A 156 -0.87 0.62 7.67
CA ILE A 156 -0.04 -0.15 8.58
C ILE A 156 1.28 0.59 8.81
N ILE A 157 1.72 0.57 10.07
CA ILE A 157 3.05 1.04 10.45
C ILE A 157 3.70 -0.11 11.25
N GLY A 158 4.69 -0.72 10.60
CA GLY A 158 5.39 -1.87 11.13
C GLY A 158 6.83 -1.93 10.65
N HIS A 159 7.49 -3.06 10.97
CA HIS A 159 8.83 -3.37 10.43
C HIS A 159 8.68 -4.13 9.09
N PHE A 160 9.81 -4.46 8.40
CA PHE A 160 9.79 -5.13 7.06
C PHE A 160 9.05 -6.49 7.07
N TYR A 161 9.24 -7.24 8.18
CA TYR A 161 8.52 -8.50 8.44
C TYR A 161 7.07 -8.27 8.90
N ALA A 162 6.81 -7.13 9.58
CA ALA A 162 5.52 -6.86 10.24
C ALA A 162 4.46 -6.32 9.27
N SER A 163 4.77 -5.20 8.58
CA SER A 163 3.96 -4.64 7.46
C SER A 163 3.67 -5.67 6.35
N GLN A 164 4.59 -6.64 6.19
CA GLN A 164 4.45 -7.78 5.24
C GLN A 164 3.33 -8.77 5.71
N MET A 165 3.51 -9.34 6.92
CA MET A 165 2.51 -10.27 7.55
C MET A 165 1.16 -9.60 7.82
N ALA A 166 1.20 -8.29 8.17
CA ALA A 166 0.00 -7.48 8.46
C ALA A 166 -0.85 -7.18 7.21
N GLN A 167 -0.17 -7.00 6.05
CA GLN A 167 -0.85 -6.89 4.73
C GLN A 167 -1.61 -8.18 4.40
N ARG A 168 -0.92 -9.33 4.57
CA ARG A 168 -1.47 -10.65 4.26
C ARG A 168 -2.50 -11.15 5.28
N LYS A 169 -2.36 -10.73 6.58
CA LYS A 169 -3.40 -11.00 7.63
C LYS A 169 -4.74 -10.29 7.31
N ILE A 170 -4.62 -9.07 6.76
CA ILE A 170 -5.73 -8.26 6.31
C ILE A 170 -6.32 -8.79 4.97
N ARG A 171 -5.45 -8.97 3.95
CA ARG A 171 -5.86 -9.44 2.61
C ARG A 171 -6.44 -10.89 2.64
N ASP A 172 -6.06 -11.67 3.71
CA ASP A 172 -6.60 -13.02 3.96
C ASP A 172 -8.00 -12.99 4.56
N ILE A 173 -8.27 -12.05 5.53
CA ILE A 173 -9.65 -11.79 6.08
C ILE A 173 -10.55 -11.33 4.91
N LEU A 174 -10.10 -10.25 4.24
CA LEU A 174 -10.76 -9.63 3.09
C LEU A 174 -11.07 -10.59 1.94
N ALA A 175 -10.23 -11.64 1.84
CA ALA A 175 -10.44 -12.75 0.92
C ALA A 175 -11.58 -13.66 1.37
N GLN A 176 -11.58 -13.98 2.69
CA GLN A 176 -12.69 -14.71 3.36
C GLN A 176 -13.99 -13.88 3.42
N VAL A 177 -13.81 -12.57 3.22
CA VAL A 177 -14.91 -11.57 3.13
C VAL A 177 -15.52 -11.64 1.74
N LYS A 178 -14.65 -11.47 0.75
CA LYS A 178 -15.01 -11.55 -0.68
C LYS A 178 -15.53 -12.96 -1.07
N GLN A 179 -15.06 -13.99 -0.31
CA GLN A 179 -15.51 -15.37 -0.44
C GLN A 179 -16.87 -15.59 0.31
N GLN A 180 -17.13 -14.83 1.41
CA GLN A 180 -18.41 -14.91 2.16
C GLN A 180 -19.56 -14.21 1.40
N HIS A 181 -19.27 -13.01 0.82
CA HIS A 181 -20.24 -12.23 0.03
C HIS A 181 -20.55 -12.82 -1.35
N GLN A 182 -19.51 -13.43 -2.00
CA GLN A 182 -19.66 -14.03 -3.35
C GLN A 182 -20.24 -15.46 -3.24
N LYS A 183 -19.68 -16.24 -2.29
CA LYS A 183 -20.14 -17.61 -2.02
C LYS A 183 -21.05 -17.61 -0.79
N GLY A 184 -22.26 -18.19 -0.95
CA GLY A 184 -23.24 -18.29 0.13
C GLY A 184 -24.64 -18.55 -0.38
N GLN A 185 -25.64 -18.31 0.48
CA GLN A 185 -27.06 -18.51 0.15
C GLN A 185 -27.69 -17.23 -0.38
N SER A 186 -27.42 -16.11 0.31
CA SER A 186 -27.94 -14.79 -0.07
C SER A 186 -26.96 -14.06 -0.99
N GLY A 187 -27.52 -13.39 -2.00
CA GLY A 187 -26.73 -12.65 -2.99
C GLY A 187 -26.31 -13.52 -4.16
N GLN A 188 -26.72 -13.09 -5.38
CA GLN A 188 -26.43 -13.81 -6.61
C GLN A 188 -26.00 -12.83 -7.72
N LEU A 189 -26.79 -11.75 -7.87
CA LEU A 189 -26.53 -10.71 -8.88
C LEU A 189 -26.37 -9.34 -8.20
N GLN A 190 -25.60 -8.45 -8.86
CA GLN A 190 -25.33 -7.10 -8.36
C GLN A 190 -25.44 -6.10 -9.51
N ALA A 191 -26.37 -5.12 -9.36
CA ALA A 191 -26.66 -4.03 -10.37
C ALA A 191 -27.03 -4.57 -11.77
N GLY A 1 -6.27 3.15 -33.92
CA GLY A 1 -6.28 4.40 -34.75
C GLY A 1 -4.92 4.68 -35.37
N ALA A 2 -4.81 4.38 -36.68
CA ALA A 2 -3.57 4.58 -37.44
C ALA A 2 -3.56 5.95 -38.13
N MET A 3 -4.71 6.29 -38.77
CA MET A 3 -4.87 7.56 -39.47
C MET A 3 -6.08 8.32 -38.92
N GLY A 4 -5.92 9.65 -38.78
CA GLY A 4 -6.97 10.52 -38.26
C GLY A 4 -6.42 11.84 -37.69
N PRO A 5 -5.63 11.86 -36.52
CA PRO A 5 -5.08 13.10 -35.96
C PRO A 5 -3.82 13.56 -36.70
N SER A 6 -3.62 14.89 -36.71
CA SER A 6 -2.46 15.52 -37.37
C SER A 6 -1.90 16.65 -36.51
N SER A 7 -2.81 17.51 -36.00
CA SER A 7 -2.45 18.65 -35.15
C SER A 7 -3.41 18.76 -33.96
N VAL A 8 -2.83 18.95 -32.76
CA VAL A 8 -3.59 19.07 -31.50
C VAL A 8 -2.94 20.19 -30.66
N SER A 9 -3.67 21.30 -30.50
CA SER A 9 -3.21 22.46 -29.72
C SER A 9 -4.22 22.82 -28.63
N GLY A 10 -3.69 23.15 -27.43
CA GLY A 10 -4.52 23.52 -26.29
C GLY A 10 -4.75 22.36 -25.34
N ALA A 11 -3.69 22.02 -24.58
CA ALA A 11 -3.73 20.93 -23.60
C ALA A 11 -4.13 21.43 -22.23
N ALA A 12 -5.25 20.89 -21.71
CA ALA A 12 -5.79 21.25 -20.40
C ALA A 12 -5.46 20.19 -19.33
N PRO A 13 -5.70 18.81 -19.55
CA PRO A 13 -5.33 17.76 -18.55
C PRO A 13 -3.81 17.60 -18.35
N PHE A 14 -3.42 17.10 -17.16
CA PHE A 14 -2.02 16.90 -16.80
C PHE A 14 -1.83 15.49 -16.22
N SER A 15 -0.84 14.77 -16.78
CA SER A 15 -0.51 13.40 -16.35
C SER A 15 0.65 13.42 -15.36
N SER A 16 0.50 12.64 -14.27
CA SER A 16 1.51 12.53 -13.21
C SER A 16 1.62 11.10 -12.69
N PHE A 17 0.45 10.46 -12.45
CA PHE A 17 0.37 9.10 -11.92
C PHE A 17 0.39 8.07 -13.05
N MET A 18 1.47 7.25 -13.05
CA MET A 18 1.69 6.18 -14.02
C MET A 18 0.83 4.92 -13.72
N PRO A 19 0.05 4.32 -14.74
CA PRO A 19 -0.77 3.11 -14.50
C PRO A 19 0.07 1.80 -14.34
N PRO A 20 0.01 1.05 -13.16
CA PRO A 20 0.69 -0.28 -13.01
C PRO A 20 0.04 -1.38 -13.84
N GLU A 21 0.81 -2.46 -14.07
CA GLU A 21 0.37 -3.59 -14.91
C GLU A 21 -0.09 -4.78 -14.07
N GLN A 22 0.81 -5.24 -13.18
CA GLN A 22 0.58 -6.34 -12.25
C GLN A 22 -0.14 -5.82 -10.98
N GLU A 23 -0.11 -6.60 -9.84
CA GLU A 23 -0.58 -6.13 -8.54
C GLU A 23 0.35 -5.08 -7.94
N THR A 24 -0.24 -4.21 -7.12
CA THR A 24 0.44 -3.02 -6.63
C THR A 24 0.11 -2.82 -5.15
N VAL A 25 1.13 -2.39 -4.38
CA VAL A 25 0.92 -1.82 -3.04
C VAL A 25 1.43 -0.36 -3.07
N HIS A 26 0.92 0.43 -2.11
CA HIS A 26 1.33 1.83 -1.96
C HIS A 26 2.05 2.02 -0.63
N VAL A 27 3.31 2.47 -0.71
CA VAL A 27 4.24 2.45 0.42
C VAL A 27 4.73 3.88 0.73
N PHE A 28 4.66 4.19 2.01
CA PHE A 28 4.96 5.51 2.55
C PHE A 28 6.26 5.51 3.32
N ILE A 29 7.25 6.10 2.65
CA ILE A 29 8.57 6.34 3.20
C ILE A 29 8.80 7.85 3.40
N PRO A 30 9.74 8.31 4.33
CA PRO A 30 10.02 9.75 4.57
C PRO A 30 10.33 10.56 3.32
N ALA A 31 9.75 11.76 3.28
CA ALA A 31 10.19 12.86 2.38
C ALA A 31 11.67 13.28 2.59
N GLN A 32 12.24 12.86 3.73
CA GLN A 32 13.64 12.89 4.03
C GLN A 32 14.36 11.63 3.46
N ALA A 33 13.60 10.76 2.76
CA ALA A 33 14.10 9.49 2.29
C ALA A 33 13.96 9.37 0.77
N VAL A 34 13.22 10.31 0.13
CA VAL A 34 13.07 10.33 -1.34
C VAL A 34 14.34 10.78 -2.07
N GLY A 35 15.12 11.64 -1.40
CA GLY A 35 16.52 11.95 -1.76
C GLY A 35 17.45 10.74 -1.62
N ALA A 36 17.05 9.79 -0.75
CA ALA A 36 17.76 8.53 -0.52
C ALA A 36 17.40 7.50 -1.60
N ILE A 37 16.09 7.37 -1.83
CA ILE A 37 15.47 6.40 -2.71
C ILE A 37 15.61 6.81 -4.21
N ILE A 38 15.21 8.05 -4.56
CA ILE A 38 15.52 8.67 -5.85
C ILE A 38 16.95 9.24 -5.85
N GLY A 39 17.23 10.13 -4.88
CA GLY A 39 18.18 11.25 -5.09
C GLY A 39 19.59 10.88 -5.55
N ASP A 40 20.09 9.66 -5.19
CA ASP A 40 21.43 9.18 -5.59
C ASP A 40 21.53 9.00 -7.14
N ASP A 41 21.72 10.17 -7.82
CA ASP A 41 21.65 10.35 -9.31
C ASP A 41 20.31 9.87 -9.94
N GLY A 42 19.26 9.65 -9.07
CA GLY A 42 17.99 9.01 -9.49
C GLY A 42 18.15 7.55 -9.94
N GLN A 43 19.10 6.83 -9.30
CA GLN A 43 19.46 5.46 -9.68
C GLN A 43 19.30 4.41 -8.54
N HIS A 44 18.88 4.87 -7.33
CA HIS A 44 18.68 3.98 -6.17
C HIS A 44 17.33 3.22 -6.28
N ILE A 45 16.29 3.93 -6.76
CA ILE A 45 15.00 3.37 -7.14
C ILE A 45 15.08 2.42 -8.37
N LYS A 46 15.77 2.90 -9.44
CA LYS A 46 16.08 2.09 -10.66
C LYS A 46 16.94 0.85 -10.35
N GLN A 47 17.58 0.90 -9.15
CA GLN A 47 18.27 -0.23 -8.54
C GLN A 47 17.27 -1.21 -7.92
N LEU A 48 16.25 -0.67 -7.20
CA LEU A 48 15.16 -1.44 -6.54
C LEU A 48 14.35 -2.31 -7.51
N SER A 49 14.31 -1.87 -8.78
CA SER A 49 13.65 -2.60 -9.90
C SER A 49 14.37 -3.94 -10.23
N ARG A 50 15.72 -3.87 -10.30
CA ARG A 50 16.58 -5.04 -10.52
C ARG A 50 16.81 -5.85 -9.24
N PHE A 51 17.09 -5.08 -8.16
CA PHE A 51 17.40 -5.58 -6.81
C PHE A 51 16.21 -6.29 -6.13
N ALA A 52 14.99 -5.81 -6.41
CA ALA A 52 13.76 -6.41 -5.87
C ALA A 52 12.90 -7.11 -6.93
N SER A 53 13.35 -7.09 -8.24
CA SER A 53 12.64 -7.69 -9.42
C SER A 53 11.25 -7.07 -9.71
N ALA A 54 10.94 -6.07 -8.92
CA ALA A 54 9.67 -5.34 -8.93
C ALA A 54 9.75 -4.00 -9.66
N SER A 55 8.57 -3.40 -9.88
CA SER A 55 8.39 -2.12 -10.57
C SER A 55 7.97 -1.02 -9.58
N ILE A 56 8.97 -0.20 -9.21
CA ILE A 56 8.82 0.87 -8.22
C ILE A 56 8.78 2.24 -8.95
N LYS A 57 7.77 3.06 -8.60
CA LYS A 57 7.71 4.48 -8.94
C LYS A 57 7.65 5.30 -7.65
N ILE A 58 8.13 6.57 -7.67
CA ILE A 58 7.82 7.53 -6.59
C ILE A 58 6.71 8.47 -7.04
N ALA A 59 5.92 8.84 -6.04
CA ALA A 59 4.73 9.67 -6.18
C ALA A 59 4.94 11.06 -5.55
N PRO A 60 4.25 12.16 -6.05
CA PRO A 60 4.47 13.55 -5.56
C PRO A 60 3.91 13.78 -4.12
N PRO A 61 4.05 15.02 -3.45
CA PRO A 61 3.54 15.28 -2.06
C PRO A 61 2.06 14.95 -1.84
N GLU A 62 1.81 14.24 -0.72
CA GLU A 62 0.46 13.90 -0.24
C GLU A 62 -0.30 15.14 0.25
N THR A 63 0.36 15.84 1.16
CA THR A 63 -0.19 16.99 1.91
C THR A 63 0.95 17.67 2.76
N PRO A 64 0.84 19.00 3.19
CA PRO A 64 1.77 19.62 4.20
C PRO A 64 1.93 18.81 5.49
N ASP A 65 0.84 18.11 5.82
CA ASP A 65 0.71 17.22 7.01
C ASP A 65 1.67 16.02 6.97
N SER A 66 1.83 15.46 5.78
CA SER A 66 2.78 14.37 5.52
C SER A 66 4.21 14.89 5.34
N LYS A 67 5.10 14.34 6.18
CA LYS A 67 6.54 14.45 5.94
C LYS A 67 7.06 13.17 5.24
N VAL A 68 6.12 12.34 4.69
CA VAL A 68 6.45 11.23 3.82
C VAL A 68 6.10 11.51 2.36
N ARG A 69 6.53 10.57 1.51
CA ARG A 69 6.16 10.53 0.10
C ARG A 69 5.74 9.12 -0.22
N MET A 70 4.75 9.03 -1.11
CA MET A 70 4.08 7.79 -1.44
C MET A 70 4.82 7.10 -2.61
N VAL A 71 4.86 5.77 -2.52
CA VAL A 71 5.65 4.92 -3.42
C VAL A 71 4.74 3.91 -4.10
N VAL A 72 5.05 3.69 -5.38
CA VAL A 72 4.39 2.72 -6.23
C VAL A 72 5.22 1.42 -6.20
N ILE A 73 4.70 0.39 -5.53
CA ILE A 73 5.27 -0.96 -5.62
C ILE A 73 4.32 -1.87 -6.44
N THR A 74 4.88 -2.36 -7.52
CA THR A 74 4.21 -3.28 -8.43
C THR A 74 5.14 -4.46 -8.75
N GLY A 75 4.47 -5.60 -9.04
CA GLY A 75 5.14 -6.76 -9.58
C GLY A 75 4.55 -8.08 -9.09
N PRO A 76 5.20 -9.31 -9.35
CA PRO A 76 4.73 -10.64 -8.86
C PRO A 76 4.47 -10.72 -7.32
N PRO A 77 4.07 -11.93 -6.70
CA PRO A 77 4.04 -12.08 -5.22
C PRO A 77 5.43 -12.01 -4.56
N GLU A 78 6.47 -12.42 -5.31
CA GLU A 78 7.87 -12.46 -4.83
C GLU A 78 8.55 -11.08 -4.82
N ALA A 79 8.46 -10.36 -5.97
CA ALA A 79 9.13 -9.06 -6.17
C ALA A 79 8.53 -7.90 -5.33
N GLN A 80 7.25 -8.08 -4.89
CA GLN A 80 6.48 -7.07 -4.13
C GLN A 80 7.05 -6.85 -2.71
N PHE A 81 7.31 -7.98 -2.01
CA PHE A 81 7.91 -7.97 -0.65
C PHE A 81 9.41 -7.59 -0.66
N LYS A 82 10.09 -7.87 -1.81
CA LYS A 82 11.54 -7.61 -1.98
C LYS A 82 11.85 -6.11 -2.03
N ALA A 83 10.95 -5.35 -2.72
CA ALA A 83 11.00 -3.87 -2.81
C ALA A 83 10.64 -3.18 -1.49
N GLN A 84 9.48 -3.57 -0.89
CA GLN A 84 9.05 -3.10 0.46
C GLN A 84 10.03 -3.46 1.58
N GLY A 85 10.51 -4.73 1.58
CA GLY A 85 11.56 -5.21 2.52
C GLY A 85 12.88 -4.44 2.41
N ARG A 86 13.12 -3.92 1.19
CA ARG A 86 14.31 -3.19 0.81
C ARG A 86 14.22 -1.72 1.22
N ILE A 87 12.99 -1.13 1.12
CA ILE A 87 12.77 0.30 1.44
C ILE A 87 12.89 0.53 2.97
N TYR A 88 12.52 -0.54 3.72
CA TYR A 88 12.83 -0.72 5.15
C TYR A 88 14.34 -0.93 5.35
N GLY A 89 14.99 -1.49 4.29
CA GLY A 89 16.44 -1.68 4.24
C GLY A 89 17.24 -0.38 4.21
N LYS A 90 16.69 0.66 3.51
CA LYS A 90 17.35 1.94 3.36
C LYS A 90 17.18 2.84 4.59
N LEU A 91 15.98 2.85 5.20
CA LEU A 91 15.73 3.40 6.54
C LEU A 91 16.57 2.73 7.62
N LYS A 92 16.75 1.41 7.44
CA LYS A 92 17.67 0.57 8.24
C LYS A 92 19.13 1.06 8.18
N GLU A 93 19.48 1.63 7.01
CA GLU A 93 20.79 2.25 6.76
C GLU A 93 20.93 3.63 7.43
N GLU A 94 19.96 4.55 7.18
CA GLU A 94 20.09 5.96 7.54
C GLU A 94 19.35 6.39 8.79
N ASN A 95 18.39 5.53 9.24
CA ASN A 95 17.51 5.74 10.41
C ASN A 95 16.69 7.07 10.32
N PHE A 96 16.16 7.34 9.08
CA PHE A 96 15.23 8.48 8.78
C PHE A 96 13.99 8.58 9.71
N PHE A 97 13.59 7.42 10.25
CA PHE A 97 12.33 7.22 11.01
C PHE A 97 12.36 7.84 12.41
N GLY A 98 13.45 7.58 13.14
CA GLY A 98 13.59 7.95 14.54
C GLY A 98 14.74 7.20 15.21
N PRO A 99 15.99 7.82 15.41
CA PRO A 99 17.22 7.09 15.87
C PRO A 99 17.08 6.21 17.11
N LYS A 100 16.08 6.55 17.88
CA LYS A 100 15.73 5.87 19.16
C LYS A 100 15.05 4.52 18.96
N GLU A 101 14.38 4.40 17.81
CA GLU A 101 13.63 3.24 17.44
C GLU A 101 14.31 2.49 16.27
N GLU A 102 13.47 1.78 15.55
CA GLU A 102 13.81 0.97 14.39
C GLU A 102 12.83 1.29 13.25
N VAL A 103 13.06 0.67 12.06
CA VAL A 103 12.31 0.96 10.81
C VAL A 103 10.78 0.81 10.97
N LYS A 104 10.08 1.93 10.69
CA LYS A 104 8.64 2.04 10.89
C LYS A 104 8.03 2.94 9.80
N LEU A 105 7.61 2.28 8.71
CA LEU A 105 6.97 2.94 7.57
C LEU A 105 5.49 2.59 7.42
N GLU A 106 4.75 3.56 6.86
CA GLU A 106 3.29 3.46 6.61
C GLU A 106 3.02 2.81 5.23
N THR A 107 2.02 1.89 5.17
CA THR A 107 1.56 1.30 3.90
C THR A 107 0.05 1.45 3.73
N HIS A 108 -0.33 1.92 2.53
CA HIS A 108 -1.74 2.07 2.11
C HIS A 108 -2.14 0.93 1.18
N ILE A 109 -3.20 0.20 1.57
CA ILE A 109 -3.82 -0.83 0.72
C ILE A 109 -5.34 -0.72 0.68
N ARG A 110 -5.87 -0.69 -0.56
CA ARG A 110 -7.30 -0.56 -0.82
C ARG A 110 -8.05 -1.85 -0.58
N VAL A 111 -9.12 -1.69 0.17
CA VAL A 111 -9.96 -2.80 0.68
C VAL A 111 -11.44 -2.35 0.52
N PRO A 112 -12.49 -3.27 0.50
CA PRO A 112 -13.88 -2.84 0.31
C PRO A 112 -14.42 -2.11 1.51
N ALA A 113 -15.10 -1.02 1.19
CA ALA A 113 -15.65 -0.03 2.11
C ALA A 113 -16.44 -0.59 3.34
N SER A 114 -17.23 -1.65 3.10
CA SER A 114 -17.94 -2.37 4.18
C SER A 114 -17.16 -3.59 4.71
N ALA A 115 -15.85 -3.57 4.43
CA ALA A 115 -14.91 -4.63 4.81
C ALA A 115 -13.73 -4.03 5.61
N ALA A 116 -13.84 -2.71 5.88
CA ALA A 116 -12.91 -1.93 6.72
C ALA A 116 -12.94 -2.36 8.20
N GLY A 117 -14.09 -2.95 8.61
CA GLY A 117 -14.20 -3.59 9.93
C GLY A 117 -13.68 -5.02 9.95
N ARG A 118 -13.43 -5.62 8.76
CA ARG A 118 -12.83 -6.96 8.61
C ARG A 118 -11.32 -6.93 8.87
N VAL A 119 -10.69 -5.83 8.42
CA VAL A 119 -9.25 -5.58 8.60
C VAL A 119 -8.92 -5.22 10.06
N ILE A 120 -9.86 -4.46 10.64
CA ILE A 120 -9.81 -3.96 12.01
C ILE A 120 -10.25 -5.06 13.00
N GLY A 121 -11.32 -5.78 12.62
CA GLY A 121 -11.90 -6.81 13.46
C GLY A 121 -13.03 -6.26 14.32
N LYS A 122 -13.28 -6.93 15.48
CA LYS A 122 -14.35 -6.60 16.44
C LYS A 122 -14.25 -5.19 17.09
N GLY A 123 -13.22 -4.42 16.72
CA GLY A 123 -13.02 -3.06 17.23
C GLY A 123 -11.89 -2.98 18.24
N GLY A 124 -10.66 -3.20 17.74
CA GLY A 124 -9.47 -3.20 18.58
C GLY A 124 -9.17 -4.57 19.15
N LYS A 125 -9.07 -5.56 18.24
CA LYS A 125 -8.74 -6.96 18.60
C LYS A 125 -7.78 -7.55 17.56
N THR A 126 -8.03 -7.22 16.27
CA THR A 126 -7.10 -7.52 15.16
C THR A 126 -5.98 -6.47 15.13
N VAL A 127 -6.39 -5.19 15.27
CA VAL A 127 -5.47 -4.02 15.32
C VAL A 127 -4.67 -4.01 16.67
N ASN A 128 -5.27 -4.61 17.74
CA ASN A 128 -4.60 -4.78 19.05
C ASN A 128 -3.62 -5.96 19.04
N GLU A 129 -4.02 -7.03 18.31
CA GLU A 129 -3.19 -8.22 18.04
C GLU A 129 -2.03 -7.88 17.07
N LEU A 130 -2.31 -6.99 16.08
CA LEU A 130 -1.36 -6.53 15.08
C LEU A 130 -0.27 -5.59 15.65
N GLN A 131 -0.67 -4.53 16.40
CA GLN A 131 0.23 -3.60 17.09
C GLN A 131 1.15 -4.29 18.16
N ASN A 132 0.53 -5.10 19.05
CA ASN A 132 1.21 -5.65 20.24
C ASN A 132 2.11 -6.84 19.93
N LEU A 133 1.59 -7.79 19.12
CA LEU A 133 2.31 -9.02 18.78
C LEU A 133 3.08 -8.93 17.46
N THR A 134 2.56 -8.13 16.50
CA THR A 134 3.17 -8.00 15.17
C THR A 134 3.93 -6.66 15.00
N ALA A 135 3.59 -5.63 15.84
CA ALA A 135 4.14 -4.23 15.75
C ALA A 135 3.69 -3.45 14.49
N ALA A 136 3.05 -4.15 13.55
CA ALA A 136 2.39 -3.55 12.38
C ALA A 136 0.96 -3.13 12.76
N GLU A 137 0.62 -1.83 12.57
CA GLU A 137 -0.65 -1.29 13.08
C GLU A 137 -1.60 -0.94 11.92
N VAL A 138 -2.73 -1.66 11.91
CA VAL A 138 -3.79 -1.52 10.92
C VAL A 138 -4.75 -0.37 11.32
N VAL A 139 -4.78 0.66 10.45
CA VAL A 139 -5.49 1.94 10.73
C VAL A 139 -6.51 2.24 9.60
N VAL A 140 -7.74 2.72 9.97
CA VAL A 140 -8.73 3.13 8.92
C VAL A 140 -9.29 4.58 9.14
N PRO A 141 -8.72 5.68 8.46
CA PRO A 141 -9.03 7.12 8.75
C PRO A 141 -10.50 7.50 9.00
N ARG A 142 -10.69 8.71 9.55
CA ARG A 142 -12.00 9.18 10.08
C ARG A 142 -12.99 9.53 8.95
N ASP A 143 -12.73 10.65 8.26
CA ASP A 143 -13.49 11.09 7.09
C ASP A 143 -13.03 10.32 5.82
N GLN A 144 -12.98 8.98 5.98
CA GLN A 144 -12.49 8.06 4.96
C GLN A 144 -13.65 7.62 4.06
N THR A 145 -13.77 8.31 2.90
CA THR A 145 -14.75 7.97 1.87
C THR A 145 -14.22 6.82 0.97
N PRO A 146 -15.09 5.86 0.48
CA PRO A 146 -14.70 4.85 -0.54
C PRO A 146 -14.37 5.44 -1.90
N ASP A 147 -13.77 4.57 -2.69
CA ASP A 147 -13.32 4.88 -4.05
C ASP A 147 -14.33 4.28 -5.07
N GLU A 148 -13.92 4.16 -6.34
CA GLU A 148 -14.75 3.59 -7.44
C GLU A 148 -14.97 2.07 -7.29
N ASN A 149 -13.87 1.45 -6.90
CA ASN A 149 -13.74 0.02 -6.67
C ASN A 149 -14.43 -0.47 -5.38
N GLU A 150 -15.27 0.42 -4.75
CA GLU A 150 -15.97 0.16 -3.44
C GLU A 150 -14.91 -0.03 -2.30
N GLN A 151 -13.93 0.90 -2.24
CA GLN A 151 -12.72 0.66 -1.49
C GLN A 151 -12.23 1.87 -0.75
N VAL A 152 -11.88 1.52 0.44
CA VAL A 152 -11.23 2.38 1.41
C VAL A 152 -9.83 1.86 1.73
N ILE A 153 -9.05 2.69 2.41
CA ILE A 153 -7.62 2.42 2.65
C ILE A 153 -7.41 2.01 4.12
N VAL A 154 -6.28 1.30 4.34
CA VAL A 154 -5.81 0.94 5.68
C VAL A 154 -4.32 1.25 5.69
N LYS A 155 -3.93 1.92 6.75
CA LYS A 155 -2.55 2.39 6.94
C LYS A 155 -1.86 1.56 8.02
N ILE A 156 -0.94 0.68 7.56
CA ILE A 156 -0.10 -0.12 8.44
C ILE A 156 1.20 0.64 8.71
N ILE A 157 1.57 0.64 9.99
CA ILE A 157 2.86 1.16 10.44
C ILE A 157 3.52 0.03 11.24
N GLY A 158 4.57 -0.52 10.62
CA GLY A 158 5.24 -1.72 11.13
C GLY A 158 6.70 -1.76 10.76
N HIS A 159 7.36 -2.89 11.09
CA HIS A 159 8.71 -3.20 10.62
C HIS A 159 8.63 -3.99 9.30
N PHE A 160 9.80 -4.37 8.71
CA PHE A 160 9.85 -5.06 7.39
C PHE A 160 9.09 -6.40 7.34
N TYR A 161 9.21 -7.18 8.44
CA TYR A 161 8.46 -8.45 8.63
C TYR A 161 6.98 -8.22 9.00
N ALA A 162 6.70 -7.08 9.67
CA ALA A 162 5.38 -6.81 10.27
C ALA A 162 4.34 -6.34 9.25
N SER A 163 4.65 -5.25 8.50
CA SER A 163 3.81 -4.74 7.38
C SER A 163 3.50 -5.78 6.29
N GLN A 164 4.48 -6.69 6.01
CA GLN A 164 4.30 -7.80 5.03
C GLN A 164 3.32 -8.89 5.53
N MET A 165 3.47 -9.29 6.82
CA MET A 165 2.60 -10.29 7.47
C MET A 165 1.21 -9.69 7.82
N ALA A 166 1.17 -8.38 8.19
CA ALA A 166 -0.07 -7.65 8.48
C ALA A 166 -0.89 -7.31 7.22
N GLN A 167 -0.18 -7.09 6.07
CA GLN A 167 -0.81 -7.00 4.74
C GLN A 167 -1.50 -8.33 4.35
N ARG A 168 -0.77 -9.44 4.58
CA ARG A 168 -1.24 -10.80 4.22
C ARG A 168 -2.31 -11.35 5.19
N LYS A 169 -2.22 -11.01 6.50
CA LYS A 169 -3.29 -11.34 7.50
C LYS A 169 -4.60 -10.59 7.21
N ILE A 170 -4.47 -9.34 6.70
CA ILE A 170 -5.58 -8.51 6.28
C ILE A 170 -6.18 -8.96 4.92
N ARG A 171 -5.32 -9.17 3.88
CA ARG A 171 -5.79 -9.62 2.54
C ARG A 171 -6.45 -11.02 2.60
N ASP A 172 -6.07 -11.80 3.65
CA ASP A 172 -6.67 -13.11 3.97
C ASP A 172 -8.08 -13.01 4.58
N ILE A 173 -8.27 -12.09 5.57
CA ILE A 173 -9.60 -11.80 6.19
C ILE A 173 -10.56 -11.19 5.12
N LEU A 174 -10.00 -10.26 4.32
CA LEU A 174 -10.62 -9.64 3.17
C LEU A 174 -10.92 -10.62 2.02
N ALA A 175 -10.12 -11.70 1.97
CA ALA A 175 -10.40 -12.88 1.13
C ALA A 175 -11.60 -13.68 1.63
N GLN A 176 -11.65 -13.85 2.98
CA GLN A 176 -12.73 -14.56 3.69
C GLN A 176 -14.07 -13.82 3.65
N VAL A 177 -13.99 -12.49 3.38
CA VAL A 177 -15.16 -11.63 3.21
C VAL A 177 -15.74 -11.78 1.80
N LYS A 178 -14.84 -11.59 0.84
CA LYS A 178 -15.05 -11.87 -0.60
C LYS A 178 -15.50 -13.32 -0.88
N GLN A 179 -15.09 -14.27 0.02
CA GLN A 179 -15.59 -15.67 0.00
C GLN A 179 -17.03 -15.80 0.51
N GLN A 180 -17.35 -15.07 1.62
CA GLN A 180 -18.72 -15.05 2.20
C GLN A 180 -19.73 -14.27 1.32
N HIS A 181 -19.24 -13.23 0.61
CA HIS A 181 -20.07 -12.41 -0.31
C HIS A 181 -20.38 -13.13 -1.64
N GLN A 182 -19.33 -13.70 -2.27
CA GLN A 182 -19.46 -14.41 -3.56
C GLN A 182 -19.92 -15.86 -3.37
N LYS A 183 -19.40 -16.52 -2.29
CA LYS A 183 -19.68 -17.95 -1.90
C LYS A 183 -19.13 -18.96 -2.94
N GLY A 184 -19.55 -18.78 -4.21
CA GLY A 184 -19.13 -19.65 -5.31
C GLY A 184 -19.55 -19.11 -6.67
N GLN A 185 -19.39 -19.96 -7.72
CA GLN A 185 -19.74 -19.65 -9.16
C GLN A 185 -19.03 -18.40 -9.70
N SER A 186 -18.26 -18.60 -10.79
CA SER A 186 -17.50 -17.53 -11.45
C SER A 186 -18.31 -16.92 -12.60
N GLY A 187 -18.91 -17.81 -13.43
CA GLY A 187 -19.71 -17.38 -14.57
C GLY A 187 -19.50 -18.27 -15.78
N GLN A 188 -19.81 -17.71 -16.97
CA GLN A 188 -19.67 -18.43 -18.25
C GLN A 188 -18.87 -17.60 -19.26
N LEU A 189 -19.29 -16.33 -19.44
CA LEU A 189 -18.65 -15.39 -20.38
C LEU A 189 -18.60 -13.98 -19.77
N GLN A 190 -19.76 -13.55 -19.21
CA GLN A 190 -19.91 -12.22 -18.60
C GLN A 190 -20.57 -12.32 -17.24
N ALA A 191 -20.03 -11.54 -16.26
CA ALA A 191 -20.53 -11.47 -14.84
C ALA A 191 -20.57 -12.84 -14.12
N GLY A 1 30.29 14.41 -31.94
CA GLY A 1 29.83 14.81 -30.59
C GLY A 1 30.07 16.28 -30.29
N ALA A 2 28.99 16.96 -29.86
CA ALA A 2 29.03 18.39 -29.53
C ALA A 2 28.45 18.66 -28.15
N MET A 3 27.29 18.03 -27.86
CA MET A 3 26.60 18.16 -26.56
C MET A 3 27.11 17.11 -25.57
N GLY A 4 27.47 17.59 -24.37
CA GLY A 4 27.98 16.73 -23.30
C GLY A 4 27.50 17.18 -21.90
N PRO A 5 26.13 17.20 -21.58
CA PRO A 5 25.64 17.61 -20.25
C PRO A 5 25.79 16.50 -19.20
N SER A 6 26.14 16.90 -17.97
CA SER A 6 26.34 15.98 -16.84
C SER A 6 25.00 15.62 -16.13
N SER A 7 23.86 15.80 -16.87
CA SER A 7 22.45 15.54 -16.41
C SER A 7 22.08 16.31 -15.13
N VAL A 8 21.17 17.29 -15.30
CA VAL A 8 20.68 18.13 -14.19
C VAL A 8 19.21 18.53 -14.39
N SER A 9 18.92 19.09 -15.58
CA SER A 9 17.57 19.52 -15.97
C SER A 9 17.28 19.20 -17.43
N GLY A 10 15.98 18.98 -17.73
CA GLY A 10 15.53 18.66 -19.09
C GLY A 10 14.16 18.02 -19.10
N ALA A 11 13.28 18.57 -19.97
CA ALA A 11 11.91 18.08 -20.13
C ALA A 11 11.50 18.04 -21.61
N ALA A 12 11.17 16.82 -22.08
CA ALA A 12 10.73 16.59 -23.47
C ALA A 12 9.60 15.52 -23.51
N PRO A 13 8.29 15.85 -23.93
CA PRO A 13 7.23 14.83 -24.06
C PRO A 13 7.40 13.94 -25.29
N PHE A 14 7.58 12.63 -25.03
CA PHE A 14 7.74 11.60 -26.08
C PHE A 14 7.10 10.29 -25.62
N SER A 15 6.10 9.80 -26.42
CA SER A 15 5.32 8.53 -26.15
C SER A 15 4.63 8.49 -24.78
N SER A 16 3.53 7.72 -24.71
CA SER A 16 2.71 7.58 -23.49
C SER A 16 3.27 6.49 -22.59
N PHE A 17 3.37 6.81 -21.28
CA PHE A 17 3.90 5.88 -20.27
C PHE A 17 2.79 4.98 -19.71
N MET A 18 3.07 3.66 -19.67
CA MET A 18 2.16 2.65 -19.16
C MET A 18 2.19 2.57 -17.61
N PRO A 19 1.02 2.84 -16.86
CA PRO A 19 0.92 2.60 -15.38
C PRO A 19 1.16 1.12 -14.97
N PRO A 20 1.17 0.71 -13.61
CA PRO A 20 1.39 -0.71 -13.20
C PRO A 20 0.34 -1.69 -13.70
N GLU A 21 0.70 -2.99 -13.73
CA GLU A 21 -0.12 -4.03 -14.35
C GLU A 21 -0.63 -5.07 -13.34
N GLN A 22 0.29 -5.50 -12.48
CA GLN A 22 0.07 -6.56 -11.48
C GLN A 22 -0.59 -5.96 -10.21
N GLU A 23 -0.67 -6.75 -9.08
CA GLU A 23 -1.05 -6.24 -7.76
C GLU A 23 -0.07 -5.20 -7.22
N THR A 24 -0.66 -4.15 -6.67
CA THR A 24 0.05 -2.92 -6.35
C THR A 24 -0.07 -2.62 -4.86
N VAL A 25 1.06 -2.22 -4.26
CA VAL A 25 1.04 -1.58 -2.93
C VAL A 25 1.55 -0.14 -3.09
N HIS A 26 1.13 0.70 -2.15
CA HIS A 26 1.50 2.10 -2.09
C HIS A 26 2.01 2.42 -0.69
N VAL A 27 3.31 2.70 -0.63
CA VAL A 27 4.04 2.75 0.63
C VAL A 27 4.41 4.15 1.06
N PHE A 28 4.30 4.31 2.38
CA PHE A 28 4.60 5.56 3.08
C PHE A 28 6.02 5.47 3.60
N ILE A 29 6.86 6.19 2.92
CA ILE A 29 8.21 6.48 3.34
C ILE A 29 8.39 7.99 3.53
N PRO A 30 9.44 8.48 4.30
CA PRO A 30 9.72 9.94 4.43
C PRO A 30 9.97 10.63 3.09
N ALA A 31 9.39 11.84 2.93
CA ALA A 31 9.81 12.81 1.87
C ALA A 31 11.30 13.26 2.00
N GLN A 32 11.88 12.95 3.17
CA GLN A 32 13.29 13.03 3.44
C GLN A 32 13.99 11.71 2.99
N ALA A 33 13.24 10.78 2.38
CA ALA A 33 13.75 9.47 2.00
C ALA A 33 13.67 9.25 0.50
N VAL A 34 12.94 10.14 -0.22
CA VAL A 34 12.83 10.08 -1.69
C VAL A 34 14.13 10.51 -2.41
N GLY A 35 14.85 11.43 -1.74
CA GLY A 35 16.25 11.76 -2.06
C GLY A 35 17.21 10.58 -1.87
N ALA A 36 16.80 9.63 -1.00
CA ALA A 36 17.54 8.39 -0.74
C ALA A 36 17.25 7.34 -1.83
N ILE A 37 15.93 7.19 -2.11
CA ILE A 37 15.36 6.19 -2.97
C ILE A 37 15.52 6.57 -4.48
N ILE A 38 15.07 7.79 -4.88
CA ILE A 38 15.43 8.39 -6.17
C ILE A 38 16.85 8.99 -6.11
N GLY A 39 17.08 9.90 -5.16
CA GLY A 39 18.05 11.01 -5.34
C GLY A 39 19.48 10.59 -5.70
N ASP A 40 19.93 9.40 -5.22
CA ASP A 40 21.29 8.86 -5.52
C ASP A 40 21.44 8.56 -7.05
N ASP A 41 21.73 9.67 -7.80
CA ASP A 41 21.81 9.72 -9.30
C ASP A 41 20.47 9.26 -10.00
N GLY A 42 19.36 9.16 -9.20
CA GLY A 42 18.08 8.57 -9.70
C GLY A 42 18.20 7.11 -10.18
N GLN A 43 19.08 6.35 -9.51
CA GLN A 43 19.45 4.98 -9.93
C GLN A 43 19.15 3.91 -8.85
N HIS A 44 18.73 4.35 -7.63
CA HIS A 44 18.43 3.44 -6.51
C HIS A 44 17.04 2.78 -6.67
N ILE A 45 16.05 3.57 -7.20
CA ILE A 45 14.75 3.11 -7.64
C ILE A 45 14.85 2.12 -8.86
N LYS A 46 15.64 2.53 -9.88
CA LYS A 46 15.99 1.67 -11.04
C LYS A 46 16.75 0.39 -10.63
N GLN A 47 17.30 0.43 -9.39
CA GLN A 47 17.84 -0.73 -8.70
C GLN A 47 16.71 -1.60 -8.10
N LEU A 48 15.83 -0.96 -7.25
CA LEU A 48 14.73 -1.63 -6.52
C LEU A 48 13.82 -2.52 -7.40
N SER A 49 13.75 -2.16 -8.69
CA SER A 49 12.93 -2.89 -9.70
C SER A 49 13.58 -4.23 -10.12
N ARG A 50 14.88 -4.18 -10.49
CA ARG A 50 15.66 -5.37 -10.91
C ARG A 50 16.15 -6.18 -9.71
N PHE A 51 16.59 -5.44 -8.69
CA PHE A 51 17.17 -5.96 -7.43
C PHE A 51 16.16 -6.73 -6.55
N ALA A 52 14.87 -6.31 -6.62
CA ALA A 52 13.80 -6.89 -5.79
C ALA A 52 12.77 -7.70 -6.59
N SER A 53 13.00 -7.91 -7.92
CA SER A 53 12.04 -8.61 -8.87
C SER A 53 10.72 -7.86 -9.10
N ALA A 54 10.65 -6.70 -8.46
CA ALA A 54 9.46 -5.87 -8.38
C ALA A 54 9.49 -4.65 -9.34
N SER A 55 8.41 -3.83 -9.31
CA SER A 55 8.27 -2.63 -10.13
C SER A 55 7.85 -1.42 -9.26
N ILE A 56 8.83 -0.53 -8.99
CA ILE A 56 8.66 0.66 -8.15
C ILE A 56 8.48 1.94 -9.03
N LYS A 57 7.43 2.72 -8.71
CA LYS A 57 7.25 4.10 -9.15
C LYS A 57 7.25 5.01 -7.92
N ILE A 58 7.81 6.23 -8.01
CA ILE A 58 7.60 7.25 -6.96
C ILE A 58 6.43 8.17 -7.36
N ALA A 59 5.66 8.49 -6.33
CA ALA A 59 4.45 9.31 -6.43
C ALA A 59 4.65 10.68 -5.77
N PRO A 60 3.94 11.79 -6.24
CA PRO A 60 4.13 13.16 -5.68
C PRO A 60 3.51 13.32 -4.26
N PRO A 61 3.64 14.52 -3.53
CA PRO A 61 3.09 14.71 -2.14
C PRO A 61 1.61 14.38 -1.97
N GLU A 62 1.30 13.76 -0.81
CA GLU A 62 -0.06 13.46 -0.34
C GLU A 62 -0.92 14.73 -0.19
N THR A 63 -0.30 15.68 0.48
CA THR A 63 -0.86 16.99 0.86
C THR A 63 0.28 17.92 1.40
N PRO A 64 0.17 19.32 1.37
CA PRO A 64 1.16 20.25 2.02
C PRO A 64 1.51 19.89 3.47
N ASP A 65 0.49 19.30 4.11
CA ASP A 65 0.54 18.83 5.51
C ASP A 65 1.45 17.60 5.72
N SER A 66 1.40 16.69 4.72
CA SER A 66 2.17 15.45 4.72
C SER A 66 3.65 15.68 4.37
N LYS A 67 4.54 15.12 5.19
CA LYS A 67 6.00 15.18 4.97
C LYS A 67 6.53 13.80 4.45
N VAL A 68 5.63 12.97 3.88
CA VAL A 68 6.00 11.74 3.20
C VAL A 68 5.86 11.83 1.68
N ARG A 69 6.21 10.71 1.05
CA ARG A 69 5.91 10.43 -0.35
C ARG A 69 5.51 8.98 -0.44
N MET A 70 4.58 8.71 -1.33
CA MET A 70 3.97 7.42 -1.51
C MET A 70 4.70 6.71 -2.66
N VAL A 71 5.13 5.47 -2.40
CA VAL A 71 5.80 4.67 -3.43
C VAL A 71 4.88 3.58 -3.95
N VAL A 72 5.04 3.32 -5.24
CA VAL A 72 4.32 2.29 -5.97
C VAL A 72 5.19 1.01 -5.95
N ILE A 73 4.83 0.05 -5.10
CA ILE A 73 5.40 -1.30 -5.15
C ILE A 73 4.39 -2.26 -5.79
N THR A 74 4.58 -2.43 -7.10
CA THR A 74 3.92 -3.46 -7.88
C THR A 74 4.81 -4.70 -7.98
N GLY A 75 4.12 -5.85 -8.08
CA GLY A 75 4.75 -7.10 -8.43
C GLY A 75 4.18 -8.30 -7.66
N PRO A 76 4.61 -9.62 -7.93
CA PRO A 76 4.07 -10.83 -7.25
C PRO A 76 4.11 -10.80 -5.69
N PRO A 77 3.66 -11.89 -4.92
CA PRO A 77 3.89 -11.97 -3.45
C PRO A 77 5.37 -12.05 -3.02
N GLU A 78 6.21 -12.60 -3.94
CA GLU A 78 7.66 -12.76 -3.72
C GLU A 78 8.43 -11.45 -3.94
N ALA A 79 8.18 -10.78 -5.10
CA ALA A 79 8.88 -9.53 -5.51
C ALA A 79 8.62 -8.34 -4.56
N GLN A 80 7.44 -8.34 -3.91
CA GLN A 80 7.04 -7.30 -2.92
C GLN A 80 7.77 -7.46 -1.58
N PHE A 81 8.23 -8.71 -1.31
CA PHE A 81 9.02 -9.08 -0.11
C PHE A 81 10.43 -8.44 -0.15
N LYS A 82 11.10 -8.56 -1.33
CA LYS A 82 12.46 -8.01 -1.53
C LYS A 82 12.43 -6.48 -1.64
N ALA A 83 11.34 -5.96 -2.26
CA ALA A 83 11.22 -4.54 -2.62
C ALA A 83 11.06 -3.60 -1.44
N GLN A 84 10.02 -3.81 -0.58
CA GLN A 84 9.87 -3.04 0.67
C GLN A 84 10.93 -3.39 1.71
N GLY A 85 11.44 -4.65 1.68
CA GLY A 85 12.62 -5.06 2.50
C GLY A 85 13.85 -4.14 2.30
N ARG A 86 13.92 -3.56 1.07
CA ARG A 86 14.94 -2.59 0.72
C ARG A 86 14.58 -1.17 1.12
N ILE A 87 13.25 -0.82 1.22
CA ILE A 87 12.84 0.53 1.59
C ILE A 87 13.03 0.72 3.13
N TYR A 88 12.77 -0.41 3.83
CA TYR A 88 13.10 -0.62 5.26
C TYR A 88 14.61 -0.74 5.46
N GLY A 89 15.28 -1.28 4.42
CA GLY A 89 16.74 -1.42 4.38
C GLY A 89 17.45 -0.08 4.26
N LYS A 90 16.77 0.90 3.58
CA LYS A 90 17.26 2.24 3.41
C LYS A 90 17.17 3.07 4.68
N LEU A 91 15.96 3.19 5.26
CA LEU A 91 15.71 3.78 6.59
C LEU A 91 16.59 3.17 7.69
N LYS A 92 16.88 1.87 7.49
CA LYS A 92 17.86 1.12 8.28
C LYS A 92 19.30 1.68 8.14
N GLU A 93 19.58 2.22 6.93
CA GLU A 93 20.82 2.96 6.63
C GLU A 93 20.75 4.41 7.15
N GLU A 94 19.69 5.13 6.70
CA GLU A 94 19.57 6.59 6.84
C GLU A 94 18.95 7.07 8.14
N ASN A 95 18.26 6.15 8.85
CA ASN A 95 17.57 6.37 10.14
C ASN A 95 16.58 7.60 10.10
N PHE A 96 16.08 7.93 8.87
CA PHE A 96 15.10 9.05 8.62
C PHE A 96 13.89 9.11 9.58
N PHE A 97 13.50 7.94 10.10
CA PHE A 97 12.21 7.70 10.80
C PHE A 97 12.08 8.39 12.16
N GLY A 98 13.14 8.27 12.96
CA GLY A 98 13.10 8.63 14.38
C GLY A 98 14.26 7.97 15.11
N PRO A 99 15.51 8.58 15.17
CA PRO A 99 16.76 7.86 15.57
C PRO A 99 16.73 7.10 16.89
N LYS A 100 15.83 7.55 17.73
CA LYS A 100 15.55 6.96 19.05
C LYS A 100 14.70 5.66 18.99
N GLU A 101 14.35 5.24 17.77
CA GLU A 101 13.62 4.04 17.51
C GLU A 101 14.33 3.22 16.39
N GLU A 102 13.52 2.44 15.71
CA GLU A 102 13.90 1.56 14.61
C GLU A 102 12.92 1.77 13.45
N VAL A 103 13.21 1.14 12.27
CA VAL A 103 12.45 1.32 11.03
C VAL A 103 10.95 1.00 11.17
N LYS A 104 10.12 2.02 10.89
CA LYS A 104 8.68 1.95 11.03
C LYS A 104 8.03 2.81 9.95
N LEU A 105 7.78 2.16 8.81
CA LEU A 105 7.12 2.78 7.67
C LEU A 105 5.69 2.29 7.52
N GLU A 106 4.85 3.25 7.14
CA GLU A 106 3.40 3.03 6.94
C GLU A 106 3.12 2.45 5.54
N THR A 107 2.19 1.46 5.49
CA THR A 107 1.72 0.87 4.22
C THR A 107 0.27 1.32 3.95
N HIS A 108 0.05 1.75 2.69
CA HIS A 108 -1.30 2.14 2.21
C HIS A 108 -1.80 1.07 1.24
N ILE A 109 -2.95 0.44 1.59
CA ILE A 109 -3.64 -0.49 0.68
C ILE A 109 -5.14 -0.31 0.66
N ARG A 110 -5.67 -0.06 -0.56
CA ARG A 110 -7.11 0.13 -0.82
C ARG A 110 -7.89 -1.15 -0.68
N VAL A 111 -8.89 -1.06 0.16
CA VAL A 111 -9.68 -2.21 0.61
C VAL A 111 -11.18 -1.79 0.62
N PRO A 112 -12.21 -2.72 0.55
CA PRO A 112 -13.63 -2.31 0.55
C PRO A 112 -14.06 -1.66 1.84
N ALA A 113 -14.82 -0.62 1.62
CA ALA A 113 -15.39 0.28 2.62
C ALA A 113 -16.11 -0.40 3.81
N SER A 114 -16.89 -1.46 3.49
CA SER A 114 -17.51 -2.33 4.52
C SER A 114 -16.65 -3.58 4.84
N ALA A 115 -15.37 -3.50 4.46
CA ALA A 115 -14.37 -4.54 4.69
C ALA A 115 -13.26 -4.01 5.61
N ALA A 116 -13.39 -2.71 5.98
CA ALA A 116 -12.48 -1.98 6.88
C ALA A 116 -12.61 -2.45 8.34
N GLY A 117 -13.80 -2.95 8.70
CA GLY A 117 -14.07 -3.46 10.05
C GLY A 117 -13.65 -4.91 10.25
N ARG A 118 -13.32 -5.62 9.15
CA ARG A 118 -12.76 -6.97 9.22
C ARG A 118 -11.23 -6.99 9.16
N VAL A 119 -10.64 -5.91 8.63
CA VAL A 119 -9.18 -5.68 8.64
C VAL A 119 -8.73 -5.17 10.05
N ILE A 120 -9.71 -4.55 10.75
CA ILE A 120 -9.64 -4.22 12.18
C ILE A 120 -10.30 -5.35 13.02
N GLY A 121 -11.28 -6.06 12.43
CA GLY A 121 -11.98 -7.17 13.10
C GLY A 121 -13.08 -6.72 14.06
N LYS A 122 -13.44 -7.62 15.01
CA LYS A 122 -14.44 -7.36 16.06
C LYS A 122 -13.93 -6.35 17.12
N GLY A 123 -14.32 -5.07 16.93
CA GLY A 123 -13.93 -3.98 17.84
C GLY A 123 -12.49 -3.52 17.65
N GLY A 124 -11.56 -4.49 17.75
CA GLY A 124 -10.14 -4.25 17.58
C GLY A 124 -9.30 -5.49 17.86
N LYS A 125 -9.77 -6.63 17.34
CA LYS A 125 -9.10 -7.94 17.52
C LYS A 125 -8.03 -8.18 16.45
N THR A 126 -8.26 -7.65 15.23
CA THR A 126 -7.29 -7.72 14.11
C THR A 126 -6.17 -6.67 14.30
N VAL A 127 -6.52 -5.49 14.89
CA VAL A 127 -5.53 -4.43 15.28
C VAL A 127 -4.72 -4.88 16.54
N ASN A 128 -5.31 -5.78 17.36
CA ASN A 128 -4.71 -6.26 18.62
C ASN A 128 -3.66 -7.35 18.38
N GLU A 129 -4.01 -8.34 17.51
CA GLU A 129 -3.09 -9.43 17.11
C GLU A 129 -1.97 -8.95 16.14
N LEU A 130 -2.27 -7.86 15.39
CA LEU A 130 -1.32 -7.15 14.51
C LEU A 130 -0.20 -6.45 15.31
N GLN A 131 -0.59 -5.64 16.33
CA GLN A 131 0.34 -4.93 17.23
C GLN A 131 1.12 -5.86 18.18
N ASN A 132 0.38 -6.80 18.83
CA ASN A 132 0.91 -7.64 19.92
C ASN A 132 1.82 -8.77 19.42
N LEU A 133 1.37 -9.47 18.36
CA LEU A 133 2.11 -10.63 17.82
C LEU A 133 2.98 -10.28 16.61
N THR A 134 2.56 -9.25 15.83
CA THR A 134 3.27 -8.87 14.60
C THR A 134 4.04 -7.54 14.76
N ALA A 135 3.61 -6.67 15.73
CA ALA A 135 4.13 -5.27 15.93
C ALA A 135 3.78 -4.29 14.80
N ALA A 136 3.27 -4.84 13.68
CA ALA A 136 2.69 -4.07 12.56
C ALA A 136 1.21 -3.79 12.87
N GLU A 137 0.81 -2.49 12.94
CA GLU A 137 -0.52 -2.12 13.45
C GLU A 137 -1.40 -1.54 12.34
N VAL A 138 -2.66 -2.03 12.34
CA VAL A 138 -3.69 -1.68 11.36
C VAL A 138 -4.38 -0.35 11.76
N VAL A 139 -4.54 0.51 10.74
CA VAL A 139 -5.11 1.87 10.94
C VAL A 139 -6.13 2.19 9.82
N VAL A 140 -7.31 2.77 10.20
CA VAL A 140 -8.29 3.23 9.15
C VAL A 140 -8.84 4.67 9.40
N PRO A 141 -8.32 5.78 8.71
CA PRO A 141 -8.66 7.23 8.99
C PRO A 141 -10.15 7.55 9.25
N ARG A 142 -10.36 8.58 10.09
CA ARG A 142 -11.70 9.09 10.42
C ARG A 142 -12.11 10.15 9.38
N ASP A 143 -13.42 10.46 9.36
CA ASP A 143 -14.11 11.36 8.36
C ASP A 143 -13.85 10.90 6.88
N GLN A 144 -13.47 9.61 6.73
CA GLN A 144 -13.11 9.02 5.43
C GLN A 144 -14.36 8.49 4.73
N THR A 145 -14.67 9.10 3.56
CA THR A 145 -15.64 8.56 2.63
C THR A 145 -14.95 7.57 1.67
N PRO A 146 -15.60 6.40 1.26
CA PRO A 146 -15.06 5.47 0.24
C PRO A 146 -14.83 6.08 -1.14
N ASP A 147 -14.09 5.32 -1.94
CA ASP A 147 -13.77 5.69 -3.31
C ASP A 147 -14.75 5.01 -4.29
N GLU A 148 -14.48 5.11 -5.61
CA GLU A 148 -15.33 4.54 -6.70
C GLU A 148 -15.44 3.00 -6.63
N ASN A 149 -14.27 2.45 -6.36
CA ASN A 149 -14.03 1.01 -6.22
C ASN A 149 -14.62 0.40 -4.93
N GLU A 150 -15.46 1.19 -4.19
CA GLU A 150 -16.07 0.81 -2.87
C GLU A 150 -14.94 0.58 -1.81
N GLN A 151 -13.99 1.55 -1.72
CA GLN A 151 -12.75 1.33 -1.02
C GLN A 151 -12.32 2.49 -0.20
N VAL A 152 -11.79 2.05 0.89
CA VAL A 152 -11.09 2.84 1.87
C VAL A 152 -9.67 2.31 2.05
N ILE A 153 -8.84 3.07 2.77
CA ILE A 153 -7.43 2.71 2.97
C ILE A 153 -7.24 2.28 4.41
N VAL A 154 -6.19 1.49 4.58
CA VAL A 154 -5.71 1.03 5.85
C VAL A 154 -4.19 1.14 5.86
N LYS A 155 -3.74 1.61 6.99
CA LYS A 155 -2.36 2.01 7.22
C LYS A 155 -1.72 1.19 8.34
N ILE A 156 -0.77 0.35 7.93
CA ILE A 156 0.06 -0.48 8.83
C ILE A 156 1.33 0.30 9.16
N ILE A 157 1.81 0.13 10.41
CA ILE A 157 3.13 0.62 10.83
C ILE A 157 3.84 -0.49 11.60
N GLY A 158 4.89 -1.00 10.96
CA GLY A 158 5.70 -2.09 11.49
C GLY A 158 7.10 -2.06 10.95
N HIS A 159 7.88 -3.12 11.25
CA HIS A 159 9.21 -3.33 10.64
C HIS A 159 9.07 -4.09 9.31
N PHE A 160 10.20 -4.45 8.64
CA PHE A 160 10.19 -5.09 7.29
C PHE A 160 9.45 -6.45 7.27
N TYR A 161 9.66 -7.24 8.34
CA TYR A 161 9.00 -8.55 8.55
C TYR A 161 7.52 -8.41 9.01
N ALA A 162 7.21 -7.29 9.70
CA ALA A 162 5.89 -7.10 10.34
C ALA A 162 4.82 -6.63 9.35
N SER A 163 5.06 -5.48 8.67
CA SER A 163 4.21 -4.97 7.56
C SER A 163 3.94 -6.00 6.44
N GLN A 164 4.93 -6.89 6.15
CA GLN A 164 4.77 -7.96 5.13
C GLN A 164 3.78 -9.07 5.59
N MET A 165 3.97 -9.58 6.84
CA MET A 165 3.03 -10.58 7.45
C MET A 165 1.66 -9.98 7.75
N ALA A 166 1.65 -8.67 8.11
CA ALA A 166 0.42 -7.89 8.40
C ALA A 166 -0.41 -7.61 7.15
N GLN A 167 0.25 -7.24 6.02
CA GLN A 167 -0.41 -7.02 4.70
C GLN A 167 -1.12 -8.28 4.20
N ARG A 168 -0.44 -9.44 4.34
CA ARG A 168 -0.98 -10.76 3.96
C ARG A 168 -2.12 -11.25 4.87
N LYS A 169 -2.09 -10.86 6.18
CA LYS A 169 -3.23 -11.06 7.13
C LYS A 169 -4.49 -10.31 6.68
N ILE A 170 -4.28 -9.08 6.16
CA ILE A 170 -5.30 -8.18 5.66
C ILE A 170 -5.85 -8.69 4.30
N ARG A 171 -4.93 -8.91 3.32
CA ARG A 171 -5.25 -9.39 1.97
C ARG A 171 -5.97 -10.76 1.96
N ASP A 172 -5.75 -11.56 3.05
CA ASP A 172 -6.40 -12.87 3.25
C ASP A 172 -7.87 -12.71 3.72
N ILE A 173 -8.10 -11.89 4.78
CA ILE A 173 -9.46 -11.53 5.30
C ILE A 173 -10.31 -10.86 4.18
N LEU A 174 -9.63 -9.99 3.41
CA LEU A 174 -10.18 -9.29 2.27
C LEU A 174 -10.47 -10.20 1.07
N ALA A 175 -9.71 -11.30 0.98
CA ALA A 175 -10.00 -12.43 0.08
C ALA A 175 -11.23 -13.23 0.53
N GLN A 176 -11.32 -13.44 1.87
CA GLN A 176 -12.41 -14.19 2.51
C GLN A 176 -13.75 -13.44 2.50
N VAL A 177 -13.65 -12.09 2.33
CA VAL A 177 -14.83 -11.21 2.17
C VAL A 177 -15.35 -11.28 0.72
N LYS A 178 -14.41 -11.04 -0.19
CA LYS A 178 -14.59 -11.20 -1.64
C LYS A 178 -15.04 -12.64 -2.05
N GLN A 179 -14.66 -13.64 -1.21
CA GLN A 179 -15.16 -15.03 -1.36
C GLN A 179 -16.62 -15.18 -0.91
N GLN A 180 -16.98 -14.56 0.25
CA GLN A 180 -18.36 -14.60 0.80
C GLN A 180 -19.34 -13.70 -0.01
N HIS A 181 -18.83 -12.57 -0.54
CA HIS A 181 -19.61 -11.62 -1.37
C HIS A 181 -19.88 -12.15 -2.80
N GLN A 182 -18.86 -12.80 -3.41
CA GLN A 182 -18.98 -13.36 -4.77
C GLN A 182 -19.61 -14.76 -4.73
N LYS A 183 -19.13 -15.59 -3.78
CA LYS A 183 -19.62 -16.97 -3.61
C LYS A 183 -20.28 -17.13 -2.23
N GLY A 184 -21.23 -18.08 -2.15
CA GLY A 184 -21.94 -18.37 -0.90
C GLY A 184 -22.40 -19.82 -0.83
N GLN A 185 -21.47 -20.71 -0.44
CA GLN A 185 -21.72 -22.16 -0.35
C GLN A 185 -22.39 -22.56 0.98
N SER A 186 -22.07 -21.81 2.06
CA SER A 186 -22.63 -22.06 3.40
C SER A 186 -23.97 -21.35 3.57
N GLY A 187 -24.98 -22.13 4.06
CA GLY A 187 -26.32 -21.61 4.28
C GLY A 187 -26.78 -21.79 5.71
N GLN A 188 -27.34 -22.97 6.01
CA GLN A 188 -27.85 -23.30 7.34
C GLN A 188 -27.38 -24.71 7.76
N LEU A 189 -27.55 -25.68 6.84
CA LEU A 189 -27.17 -27.08 7.07
C LEU A 189 -25.86 -27.40 6.34
N GLN A 190 -24.93 -28.03 7.06
CA GLN A 190 -23.61 -28.42 6.52
C GLN A 190 -23.18 -29.77 7.05
N ALA A 191 -23.32 -29.96 8.39
CA ALA A 191 -22.96 -31.22 9.14
C ALA A 191 -21.50 -31.67 8.94
N GLY A 1 -17.36 -6.07 -32.94
CA GLY A 1 -15.87 -6.10 -32.95
C GLY A 1 -15.28 -4.71 -33.10
N ALA A 2 -15.66 -3.81 -32.18
CA ALA A 2 -15.19 -2.41 -32.17
C ALA A 2 -14.02 -2.23 -31.21
N MET A 3 -12.90 -1.73 -31.74
CA MET A 3 -11.68 -1.49 -30.96
C MET A 3 -11.66 -0.08 -30.37
N GLY A 4 -12.03 0.91 -31.20
CA GLY A 4 -12.09 2.31 -30.78
C GLY A 4 -11.73 3.29 -31.91
N PRO A 5 -12.43 3.30 -33.13
CA PRO A 5 -12.10 4.24 -34.23
C PRO A 5 -12.65 5.64 -33.99
N SER A 6 -13.90 5.70 -33.48
CA SER A 6 -14.59 6.97 -33.19
C SER A 6 -15.43 6.85 -31.92
N SER A 7 -15.37 7.91 -31.09
CA SER A 7 -16.11 7.97 -29.83
C SER A 7 -16.75 9.35 -29.61
N VAL A 8 -15.94 10.40 -29.87
CA VAL A 8 -16.38 11.80 -29.71
C VAL A 8 -15.66 12.70 -30.75
N SER A 9 -14.30 12.69 -30.73
CA SER A 9 -13.40 13.48 -31.63
C SER A 9 -13.70 14.99 -31.65
N GLY A 10 -12.74 15.79 -31.15
CA GLY A 10 -12.87 17.24 -31.08
C GLY A 10 -12.00 17.85 -29.98
N ALA A 11 -12.01 17.21 -28.81
CA ALA A 11 -11.22 17.66 -27.64
C ALA A 11 -9.81 17.07 -27.67
N ALA A 12 -8.84 17.89 -27.26
CA ALA A 12 -7.43 17.50 -27.24
C ALA A 12 -6.99 17.06 -25.81
N PRO A 13 -6.55 15.74 -25.56
CA PRO A 13 -5.99 15.33 -24.23
C PRO A 13 -4.58 15.86 -23.99
N PHE A 14 -4.25 16.07 -22.70
CA PHE A 14 -2.95 16.59 -22.28
C PHE A 14 -2.45 15.85 -21.04
N SER A 15 -1.15 15.40 -21.08
CA SER A 15 -0.44 14.66 -19.98
C SER A 15 -1.15 13.37 -19.54
N SER A 16 -0.41 12.25 -19.59
CA SER A 16 -0.91 10.93 -19.20
C SER A 16 0.07 10.24 -18.27
N PHE A 17 -0.46 9.67 -17.17
CA PHE A 17 0.32 8.95 -16.16
C PHE A 17 0.12 7.45 -16.31
N MET A 18 1.24 6.72 -16.46
CA MET A 18 1.24 5.25 -16.61
C MET A 18 1.09 4.52 -15.24
N PRO A 19 -0.12 3.90 -14.89
CA PRO A 19 -0.31 3.19 -13.61
C PRO A 19 0.33 1.77 -13.62
N PRO A 20 0.31 0.96 -12.45
CA PRO A 20 0.86 -0.43 -12.43
C PRO A 20 0.03 -1.42 -13.26
N GLU A 21 0.66 -2.57 -13.55
CA GLU A 21 0.05 -3.62 -14.38
C GLU A 21 -0.50 -4.77 -13.53
N GLN A 22 0.33 -5.22 -12.58
CA GLN A 22 0.03 -6.31 -11.66
C GLN A 22 -0.66 -5.72 -10.40
N GLU A 23 -0.64 -6.44 -9.23
CA GLU A 23 -1.07 -5.89 -7.94
C GLU A 23 0.00 -4.97 -7.34
N THR A 24 -0.44 -4.06 -6.47
CA THR A 24 0.37 -2.96 -5.97
C THR A 24 0.09 -2.75 -4.47
N VAL A 25 1.08 -2.19 -3.75
CA VAL A 25 0.82 -1.51 -2.48
C VAL A 25 1.48 -0.12 -2.50
N HIS A 26 1.04 0.75 -1.59
CA HIS A 26 1.52 2.12 -1.54
C HIS A 26 2.23 2.39 -0.23
N VAL A 27 3.54 2.61 -0.35
CA VAL A 27 4.45 2.67 0.79
C VAL A 27 4.93 4.07 1.14
N PHE A 28 4.60 4.41 2.39
CA PHE A 28 4.88 5.70 3.03
C PHE A 28 6.29 5.68 3.62
N ILE A 29 7.13 6.38 2.91
CA ILE A 29 8.50 6.64 3.30
C ILE A 29 8.71 8.16 3.47
N PRO A 30 9.78 8.63 4.25
CA PRO A 30 10.13 10.06 4.32
C PRO A 30 10.47 10.69 2.97
N ALA A 31 9.94 11.91 2.74
CA ALA A 31 10.45 12.83 1.70
C ALA A 31 11.94 13.24 1.90
N GLN A 32 12.46 12.93 3.11
CA GLN A 32 13.85 12.95 3.45
C GLN A 32 14.54 11.61 3.02
N ALA A 33 13.77 10.76 2.32
CA ALA A 33 14.23 9.44 1.92
C ALA A 33 14.08 9.24 0.42
N VAL A 34 13.30 10.14 -0.26
CA VAL A 34 13.17 10.14 -1.73
C VAL A 34 14.47 10.63 -2.41
N GLY A 35 15.20 11.52 -1.69
CA GLY A 35 16.58 11.89 -2.05
C GLY A 35 17.56 10.71 -2.05
N ALA A 36 17.23 9.68 -1.24
CA ALA A 36 17.99 8.44 -1.15
C ALA A 36 17.56 7.45 -2.24
N ILE A 37 16.23 7.26 -2.33
CA ILE A 37 15.56 6.29 -3.17
C ILE A 37 15.63 6.69 -4.68
N ILE A 38 15.19 7.92 -5.03
CA ILE A 38 15.52 8.55 -6.31
C ILE A 38 16.91 9.20 -6.26
N GLY A 39 17.11 10.15 -5.34
CA GLY A 39 18.03 11.29 -5.56
C GLY A 39 19.47 10.94 -5.94
N ASP A 40 20.05 9.91 -5.27
CA ASP A 40 21.43 9.44 -5.56
C ASP A 40 21.57 8.89 -7.01
N ASP A 41 21.80 9.86 -7.94
CA ASP A 41 21.89 9.66 -9.42
C ASP A 41 20.60 9.07 -10.07
N GLY A 42 19.46 9.03 -9.29
CA GLY A 42 18.20 8.37 -9.75
C GLY A 42 18.36 6.88 -10.11
N GLN A 43 19.14 6.15 -9.29
CA GLN A 43 19.56 4.77 -9.60
C GLN A 43 19.13 3.75 -8.52
N HIS A 44 18.68 4.24 -7.32
CA HIS A 44 18.28 3.36 -6.20
C HIS A 44 16.88 2.75 -6.39
N ILE A 45 15.96 3.55 -7.00
CA ILE A 45 14.66 3.11 -7.47
C ILE A 45 14.78 2.14 -8.70
N LYS A 46 15.60 2.55 -9.69
CA LYS A 46 16.00 1.69 -10.84
C LYS A 46 16.79 0.45 -10.38
N GLN A 47 17.31 0.54 -9.14
CA GLN A 47 17.89 -0.59 -8.40
C GLN A 47 16.78 -1.48 -7.83
N LEU A 48 15.81 -0.87 -7.06
CA LEU A 48 14.70 -1.60 -6.39
C LEU A 48 13.83 -2.42 -7.35
N SER A 49 13.81 -1.99 -8.63
CA SER A 49 13.09 -2.68 -9.72
C SER A 49 13.77 -4.00 -10.14
N ARG A 50 15.10 -3.93 -10.40
CA ARG A 50 15.92 -5.08 -10.79
C ARG A 50 16.34 -5.96 -9.61
N PHE A 51 16.72 -5.29 -8.51
CA PHE A 51 17.21 -5.91 -7.26
C PHE A 51 16.10 -6.70 -6.53
N ALA A 52 14.87 -6.13 -6.52
CA ALA A 52 13.74 -6.71 -5.81
C ALA A 52 12.72 -7.41 -6.72
N SER A 53 13.04 -7.52 -8.05
CA SER A 53 12.15 -8.15 -9.10
C SER A 53 10.78 -7.45 -9.28
N ALA A 54 10.64 -6.34 -8.57
CA ALA A 54 9.41 -5.56 -8.47
C ALA A 54 9.44 -4.32 -9.38
N SER A 55 8.28 -3.64 -9.48
CA SER A 55 8.11 -2.41 -10.26
C SER A 55 7.72 -1.23 -9.36
N ILE A 56 8.73 -0.42 -9.01
CA ILE A 56 8.60 0.72 -8.12
C ILE A 56 8.46 2.04 -8.96
N LYS A 57 7.45 2.85 -8.60
CA LYS A 57 7.29 4.23 -9.04
C LYS A 57 7.26 5.15 -7.82
N ILE A 58 7.85 6.36 -7.89
CA ILE A 58 7.65 7.39 -6.84
C ILE A 58 6.47 8.29 -7.20
N ALA A 59 5.66 8.52 -6.17
CA ALA A 59 4.44 9.33 -6.26
C ALA A 59 4.63 10.71 -5.61
N PRO A 60 3.88 11.81 -6.08
CA PRO A 60 4.09 13.19 -5.58
C PRO A 60 3.62 13.38 -4.10
N PRO A 61 3.77 14.63 -3.44
CA PRO A 61 3.36 14.85 -2.01
C PRO A 61 1.91 14.51 -1.68
N GLU A 62 1.73 13.98 -0.46
CA GLU A 62 0.42 13.72 0.17
C GLU A 62 -0.39 15.03 0.36
N THR A 63 0.31 15.98 0.96
CA THR A 63 -0.20 17.32 1.35
C THR A 63 0.99 18.23 1.78
N PRO A 64 0.90 19.63 1.73
CA PRO A 64 1.96 20.55 2.28
C PRO A 64 2.42 20.20 3.71
N ASP A 65 1.44 19.66 4.44
CA ASP A 65 1.58 19.22 5.85
C ASP A 65 2.47 17.98 6.00
N SER A 66 2.32 17.06 5.05
CA SER A 66 3.05 15.79 5.00
C SER A 66 4.51 15.97 4.55
N LYS A 67 5.43 15.31 5.27
CA LYS A 67 6.85 15.28 4.90
C LYS A 67 7.28 13.88 4.38
N VAL A 68 6.29 13.09 3.88
CA VAL A 68 6.55 11.83 3.22
C VAL A 68 6.39 11.94 1.69
N ARG A 69 6.62 10.80 1.07
CA ARG A 69 6.24 10.51 -0.30
C ARG A 69 5.91 9.04 -0.36
N MET A 70 4.83 8.74 -1.05
CA MET A 70 4.28 7.41 -1.13
C MET A 70 4.81 6.74 -2.40
N VAL A 71 5.24 5.49 -2.25
CA VAL A 71 5.87 4.72 -3.33
C VAL A 71 4.93 3.65 -3.85
N VAL A 72 5.05 3.45 -5.16
CA VAL A 72 4.29 2.47 -5.93
C VAL A 72 5.13 1.16 -5.96
N ILE A 73 4.76 0.19 -5.13
CA ILE A 73 5.34 -1.16 -5.19
C ILE A 73 4.34 -2.09 -5.86
N THR A 74 4.79 -2.63 -6.99
CA THR A 74 4.07 -3.61 -7.77
C THR A 74 4.98 -4.82 -8.04
N GLY A 75 4.30 -5.98 -8.19
CA GLY A 75 4.93 -7.17 -8.68
C GLY A 75 4.43 -8.46 -8.02
N PRO A 76 4.98 -9.72 -8.35
CA PRO A 76 4.54 -11.02 -7.75
C PRO A 76 4.58 -11.06 -6.18
N PRO A 77 4.23 -12.24 -5.47
CA PRO A 77 4.42 -12.34 -3.99
C PRO A 77 5.90 -12.25 -3.54
N GLU A 78 6.82 -12.67 -4.44
CA GLU A 78 8.27 -12.71 -4.16
C GLU A 78 8.93 -11.32 -4.29
N ALA A 79 8.55 -10.62 -5.37
CA ALA A 79 9.09 -9.29 -5.73
C ALA A 79 8.66 -8.15 -4.76
N GLN A 80 7.47 -8.31 -4.13
CA GLN A 80 6.86 -7.27 -3.27
C GLN A 80 7.57 -7.16 -1.90
N PHE A 81 7.85 -8.34 -1.30
CA PHE A 81 8.61 -8.45 -0.02
C PHE A 81 10.05 -7.91 -0.12
N LYS A 82 10.63 -8.05 -1.34
CA LYS A 82 12.02 -7.67 -1.62
C LYS A 82 12.21 -6.16 -1.73
N ALA A 83 11.26 -5.46 -2.41
CA ALA A 83 11.30 -3.99 -2.64
C ALA A 83 11.05 -3.16 -1.39
N GLN A 84 9.91 -3.41 -0.68
CA GLN A 84 9.59 -2.67 0.54
C GLN A 84 10.32 -3.19 1.77
N GLY A 85 10.65 -4.51 1.80
CA GLY A 85 11.67 -5.04 2.74
C GLY A 85 13.03 -4.31 2.64
N ARG A 86 13.26 -3.77 1.42
CA ARG A 86 14.42 -3.01 1.04
C ARG A 86 14.28 -1.54 1.42
N ILE A 87 13.00 -0.96 1.39
CA ILE A 87 12.81 0.47 1.70
C ILE A 87 13.02 0.72 3.23
N TYR A 88 12.74 -0.38 3.99
CA TYR A 88 13.14 -0.53 5.41
C TYR A 88 14.66 -0.61 5.53
N GLY A 89 15.28 -1.16 4.45
CA GLY A 89 16.75 -1.28 4.36
C GLY A 89 17.46 0.06 4.23
N LYS A 90 16.78 1.05 3.60
CA LYS A 90 17.25 2.41 3.49
C LYS A 90 17.15 3.22 4.79
N LEU A 91 15.95 3.30 5.38
CA LEU A 91 15.74 3.86 6.74
C LEU A 91 16.63 3.23 7.81
N LYS A 92 17.00 1.97 7.54
CA LYS A 92 17.97 1.22 8.33
C LYS A 92 19.41 1.64 8.07
N GLU A 93 19.73 1.86 6.76
CA GLU A 93 21.08 2.20 6.34
C GLU A 93 21.42 3.70 6.60
N GLU A 94 20.42 4.57 6.32
CA GLU A 94 20.56 6.01 6.41
C GLU A 94 20.06 6.56 7.73
N ASN A 95 19.06 5.87 8.32
CA ASN A 95 18.34 6.26 9.57
C ASN A 95 17.66 7.65 9.40
N PHE A 96 16.76 7.72 8.39
CA PHE A 96 15.86 8.90 8.17
C PHE A 96 14.88 9.11 9.36
N PHE A 97 14.80 8.08 10.22
CA PHE A 97 14.22 8.12 11.54
C PHE A 97 15.14 8.87 12.52
N GLY A 98 14.57 9.41 13.61
CA GLY A 98 15.30 10.33 14.47
C GLY A 98 15.48 9.84 15.90
N PRO A 99 14.39 9.81 16.73
CA PRO A 99 14.50 10.02 18.17
C PRO A 99 14.64 8.76 19.07
N LYS A 100 13.53 8.01 19.27
CA LYS A 100 13.51 6.83 20.17
C LYS A 100 13.35 5.51 19.44
N GLU A 101 12.68 5.60 18.29
CA GLU A 101 12.22 4.47 17.54
C GLU A 101 13.25 3.96 16.51
N GLU A 102 12.73 3.02 15.73
CA GLU A 102 13.42 2.32 14.67
C GLU A 102 12.55 2.38 13.39
N VAL A 103 12.96 1.65 12.34
CA VAL A 103 12.27 1.62 11.04
C VAL A 103 10.82 1.05 11.13
N LYS A 104 9.85 1.88 10.72
CA LYS A 104 8.41 1.59 10.82
C LYS A 104 7.65 2.44 9.79
N LEU A 105 7.45 1.85 8.60
CA LEU A 105 6.82 2.55 7.50
C LEU A 105 5.39 2.13 7.26
N GLU A 106 4.59 3.16 6.95
CA GLU A 106 3.14 3.05 6.74
C GLU A 106 2.85 2.51 5.30
N THR A 107 1.91 1.53 5.19
CA THR A 107 1.44 1.04 3.89
C THR A 107 -0.06 1.31 3.73
N HIS A 108 -0.36 2.06 2.67
CA HIS A 108 -1.73 2.44 2.30
C HIS A 108 -2.23 1.49 1.21
N ILE A 109 -3.32 0.76 1.50
CA ILE A 109 -3.95 -0.15 0.53
C ILE A 109 -5.48 -0.13 0.60
N ARG A 110 -6.10 0.00 -0.59
CA ARG A 110 -7.57 0.06 -0.76
C ARG A 110 -8.23 -1.29 -0.55
N VAL A 111 -9.30 -1.23 0.22
CA VAL A 111 -10.06 -2.41 0.68
C VAL A 111 -11.56 -2.03 0.64
N PRO A 112 -12.57 -3.00 0.61
CA PRO A 112 -14.01 -2.64 0.53
C PRO A 112 -14.50 -2.01 1.82
N ALA A 113 -15.25 -0.93 1.63
CA ALA A 113 -15.78 -0.05 2.68
C ALA A 113 -16.48 -0.74 3.86
N SER A 114 -17.30 -1.76 3.55
CA SER A 114 -17.94 -2.62 4.58
C SER A 114 -17.10 -3.87 4.91
N ALA A 115 -15.81 -3.79 4.55
CA ALA A 115 -14.82 -4.84 4.80
C ALA A 115 -13.66 -4.28 5.65
N ALA A 116 -13.79 -2.98 6.01
CA ALA A 116 -12.87 -2.25 6.89
C ALA A 116 -12.89 -2.78 8.34
N GLY A 117 -14.04 -3.36 8.73
CA GLY A 117 -14.15 -4.09 10.00
C GLY A 117 -13.73 -5.55 9.91
N ARG A 118 -13.42 -6.07 8.68
CA ARG A 118 -12.82 -7.40 8.48
C ARG A 118 -11.33 -7.39 8.78
N VAL A 119 -10.68 -6.28 8.36
CA VAL A 119 -9.24 -6.03 8.53
C VAL A 119 -8.92 -5.65 10.00
N ILE A 120 -9.88 -4.91 10.58
CA ILE A 120 -9.87 -4.44 11.96
C ILE A 120 -10.42 -5.54 12.91
N GLY A 121 -11.47 -6.25 12.44
CA GLY A 121 -12.12 -7.32 13.19
C GLY A 121 -13.22 -6.79 14.12
N LYS A 122 -13.34 -7.43 15.31
CA LYS A 122 -14.27 -7.05 16.38
C LYS A 122 -13.85 -5.72 17.10
N GLY A 123 -13.57 -4.70 16.26
CA GLY A 123 -13.07 -3.41 16.74
C GLY A 123 -11.56 -3.40 16.87
N GLY A 124 -11.08 -3.96 17.99
CA GLY A 124 -9.64 -4.08 18.24
C GLY A 124 -9.25 -5.49 18.67
N LYS A 125 -9.44 -6.44 17.73
CA LYS A 125 -9.04 -7.85 17.92
C LYS A 125 -8.02 -8.24 16.84
N THR A 126 -8.32 -7.85 15.58
CA THR A 126 -7.39 -7.97 14.43
C THR A 126 -6.32 -6.85 14.49
N VAL A 127 -6.70 -5.70 15.07
CA VAL A 127 -5.79 -4.54 15.32
C VAL A 127 -4.93 -4.81 16.60
N ASN A 128 -5.51 -5.57 17.55
CA ASN A 128 -4.83 -5.96 18.82
C ASN A 128 -3.81 -7.08 18.61
N GLU A 129 -4.16 -8.04 17.74
CA GLU A 129 -3.26 -9.15 17.32
C GLU A 129 -2.17 -8.67 16.35
N LEU A 130 -2.48 -7.62 15.57
CA LEU A 130 -1.54 -6.94 14.65
C LEU A 130 -0.45 -6.13 15.41
N GLN A 131 -0.90 -5.27 16.35
CA GLN A 131 -0.02 -4.47 17.24
C GLN A 131 0.88 -5.35 18.18
N ASN A 132 0.23 -6.31 18.88
CA ASN A 132 0.88 -7.06 19.97
C ASN A 132 1.69 -8.25 19.44
N LEU A 133 1.07 -9.04 18.55
CA LEU A 133 1.68 -10.27 18.01
C LEU A 133 2.56 -10.00 16.79
N THR A 134 2.20 -8.96 15.99
CA THR A 134 2.91 -8.65 14.73
C THR A 134 3.75 -7.35 14.84
N ALA A 135 3.39 -6.44 15.79
CA ALA A 135 3.99 -5.05 15.93
C ALA A 135 3.62 -4.11 14.77
N ALA A 136 3.03 -4.68 13.70
CA ALA A 136 2.46 -3.94 12.57
C ALA A 136 1.00 -3.56 12.91
N GLU A 137 0.68 -2.24 12.92
CA GLU A 137 -0.59 -1.76 13.47
C GLU A 137 -1.50 -1.23 12.36
N VAL A 138 -2.76 -1.69 12.44
CA VAL A 138 -3.80 -1.39 11.47
C VAL A 138 -4.46 -0.03 11.77
N VAL A 139 -4.70 0.73 10.68
CA VAL A 139 -5.34 2.07 10.76
C VAL A 139 -6.42 2.20 9.66
N VAL A 140 -7.67 2.63 10.04
CA VAL A 140 -8.66 3.04 8.99
C VAL A 140 -9.21 4.48 9.20
N PRO A 141 -8.61 5.58 8.55
CA PRO A 141 -8.87 7.02 8.91
C PRO A 141 -10.35 7.43 8.96
N ARG A 142 -10.59 8.51 9.71
CA ARG A 142 -11.93 9.08 9.89
C ARG A 142 -12.19 10.12 8.81
N ASP A 143 -13.51 10.44 8.60
CA ASP A 143 -14.02 11.43 7.59
C ASP A 143 -13.68 11.06 6.11
N GLN A 144 -12.98 9.91 5.90
CA GLN A 144 -12.70 9.42 4.54
C GLN A 144 -13.85 8.52 4.04
N THR A 145 -14.71 9.12 3.18
CA THR A 145 -15.82 8.42 2.53
C THR A 145 -15.31 7.44 1.45
N PRO A 146 -15.94 6.20 1.25
CA PRO A 146 -15.50 5.21 0.22
C PRO A 146 -15.40 5.74 -1.19
N ASP A 147 -14.69 4.95 -1.99
CA ASP A 147 -14.38 5.30 -3.37
C ASP A 147 -15.36 4.59 -4.33
N GLU A 148 -15.11 4.72 -5.66
CA GLU A 148 -15.96 4.15 -6.75
C GLU A 148 -16.11 2.62 -6.65
N ASN A 149 -14.96 2.03 -6.37
CA ASN A 149 -14.78 0.60 -6.16
C ASN A 149 -15.37 0.09 -4.81
N GLU A 150 -16.10 0.99 -4.08
CA GLU A 150 -16.68 0.73 -2.72
C GLU A 150 -15.56 0.40 -1.70
N GLN A 151 -14.56 1.31 -1.61
CA GLN A 151 -13.32 1.05 -0.94
C GLN A 151 -12.84 2.21 -0.13
N VAL A 152 -12.25 1.78 0.95
CA VAL A 152 -11.53 2.59 1.91
C VAL A 152 -10.12 2.03 2.09
N ILE A 153 -9.24 2.85 2.67
CA ILE A 153 -7.85 2.47 2.89
C ILE A 153 -7.65 2.08 4.35
N VAL A 154 -6.68 1.19 4.51
CA VAL A 154 -6.15 0.78 5.78
C VAL A 154 -4.62 0.90 5.71
N LYS A 155 -4.10 1.37 6.80
CA LYS A 155 -2.73 1.89 6.87
C LYS A 155 -2.00 1.28 8.07
N ILE A 156 -1.08 0.39 7.76
CA ILE A 156 -0.26 -0.36 8.72
C ILE A 156 0.99 0.43 9.04
N ILE A 157 1.47 0.28 10.27
CA ILE A 157 2.80 0.74 10.68
C ILE A 157 3.47 -0.40 11.45
N GLY A 158 4.46 -0.95 10.79
CA GLY A 158 5.26 -2.04 11.31
C GLY A 158 6.70 -1.91 10.89
N HIS A 159 7.55 -2.86 11.32
CA HIS A 159 8.92 -2.99 10.81
C HIS A 159 8.90 -3.82 9.50
N PHE A 160 10.08 -4.16 8.93
CA PHE A 160 10.18 -4.80 7.58
C PHE A 160 9.42 -6.14 7.47
N TYR A 161 9.52 -6.98 8.52
CA TYR A 161 8.81 -8.27 8.62
C TYR A 161 7.32 -8.13 8.96
N ALA A 162 6.97 -7.07 9.72
CA ALA A 162 5.62 -6.92 10.30
C ALA A 162 4.59 -6.39 9.29
N SER A 163 4.86 -5.21 8.68
CA SER A 163 4.04 -4.63 7.58
C SER A 163 3.80 -5.58 6.39
N GLN A 164 4.82 -6.43 6.07
CA GLN A 164 4.70 -7.45 4.98
C GLN A 164 3.72 -8.60 5.34
N MET A 165 3.89 -9.19 6.55
CA MET A 165 3.00 -10.27 7.07
C MET A 165 1.59 -9.73 7.42
N ALA A 166 1.54 -8.50 7.98
CA ALA A 166 0.29 -7.78 8.31
C ALA A 166 -0.52 -7.39 7.06
N GLN A 167 0.20 -7.02 5.97
CA GLN A 167 -0.41 -6.74 4.63
C GLN A 167 -1.14 -7.98 4.06
N ARG A 168 -0.46 -9.14 4.16
CA ARG A 168 -1.01 -10.44 3.72
C ARG A 168 -2.10 -11.00 4.65
N LYS A 169 -2.01 -10.70 5.99
CA LYS A 169 -3.09 -11.04 6.97
C LYS A 169 -4.42 -10.34 6.65
N ILE A 170 -4.29 -9.08 6.15
CA ILE A 170 -5.40 -8.24 5.75
C ILE A 170 -6.03 -8.72 4.41
N ARG A 171 -5.18 -8.86 3.36
CA ARG A 171 -5.62 -9.27 2.01
C ARG A 171 -6.23 -10.70 1.99
N ASP A 172 -5.84 -11.53 3.01
CA ASP A 172 -6.39 -12.88 3.22
C ASP A 172 -7.81 -12.85 3.83
N ILE A 173 -8.00 -12.07 4.94
CA ILE A 173 -9.33 -11.86 5.60
C ILE A 173 -10.32 -11.17 4.61
N LEU A 174 -9.79 -10.19 3.87
CA LEU A 174 -10.45 -9.50 2.78
C LEU A 174 -10.76 -10.38 1.56
N ALA A 175 -9.95 -11.44 1.41
CA ALA A 175 -10.24 -12.55 0.49
C ALA A 175 -11.36 -13.46 0.99
N GLN A 176 -11.34 -13.71 2.31
CA GLN A 176 -12.39 -14.47 3.04
C GLN A 176 -13.75 -13.76 3.00
N VAL A 177 -13.70 -12.42 2.84
CA VAL A 177 -14.88 -11.57 2.69
C VAL A 177 -15.44 -11.64 1.27
N LYS A 178 -14.53 -11.44 0.33
CA LYS A 178 -14.76 -11.62 -1.11
C LYS A 178 -15.21 -13.06 -1.48
N GLN A 179 -14.79 -14.06 -0.63
CA GLN A 179 -15.27 -15.45 -0.74
C GLN A 179 -16.72 -15.63 -0.26
N GLN A 180 -17.07 -14.93 0.86
CA GLN A 180 -18.46 -14.93 1.39
C GLN A 180 -19.42 -14.09 0.52
N HIS A 181 -18.92 -12.96 -0.01
CA HIS A 181 -19.70 -12.05 -0.89
C HIS A 181 -19.96 -12.63 -2.30
N GLN A 182 -19.02 -13.47 -2.80
CA GLN A 182 -19.12 -14.09 -4.14
C GLN A 182 -20.01 -15.35 -4.08
N LYS A 183 -19.84 -16.16 -3.02
CA LYS A 183 -20.62 -17.38 -2.81
C LYS A 183 -21.89 -17.08 -2.00
N GLY A 184 -23.05 -17.43 -2.59
CA GLY A 184 -24.35 -17.21 -1.96
C GLY A 184 -24.88 -18.46 -1.28
N GLN A 185 -25.40 -18.28 -0.05
CA GLN A 185 -25.95 -19.38 0.75
C GLN A 185 -27.19 -18.93 1.52
N SER A 186 -27.10 -17.75 2.16
CA SER A 186 -28.20 -17.16 2.95
C SER A 186 -28.23 -15.65 2.79
N GLY A 187 -29.48 -15.11 2.68
CA GLY A 187 -29.69 -13.67 2.55
C GLY A 187 -29.87 -12.99 3.88
N GLN A 188 -28.83 -12.22 4.28
CA GLN A 188 -28.81 -11.48 5.55
C GLN A 188 -29.40 -10.08 5.38
N LEU A 189 -28.93 -9.38 4.31
CA LEU A 189 -29.37 -8.01 4.00
C LEU A 189 -30.64 -8.01 3.16
N GLN A 190 -31.66 -7.28 3.64
CA GLN A 190 -32.96 -7.16 2.97
C GLN A 190 -33.53 -5.75 3.14
N ALA A 191 -34.34 -5.33 2.14
CA ALA A 191 -34.98 -4.00 2.14
C ALA A 191 -36.46 -4.12 1.76
N GLY A 1 -27.04 0.31 -31.81
CA GLY A 1 -26.99 -0.29 -33.17
C GLY A 1 -25.74 0.09 -33.94
N ALA A 2 -24.94 -0.94 -34.34
CA ALA A 2 -23.66 -0.81 -35.10
C ALA A 2 -22.63 0.12 -34.42
N MET A 3 -21.50 -0.48 -34.01
CA MET A 3 -20.39 0.24 -33.36
C MET A 3 -19.06 -0.13 -34.00
N GLY A 4 -18.12 0.83 -33.99
CA GLY A 4 -16.78 0.63 -34.57
C GLY A 4 -16.06 1.97 -34.84
N PRO A 5 -14.96 2.03 -35.72
CA PRO A 5 -14.26 3.31 -36.01
C PRO A 5 -15.01 4.17 -37.02
N SER A 6 -15.00 5.50 -36.75
CA SER A 6 -15.67 6.48 -37.61
C SER A 6 -14.80 7.72 -37.79
N SER A 7 -14.95 8.40 -38.96
CA SER A 7 -14.18 9.63 -39.37
C SER A 7 -12.66 9.42 -39.40
N VAL A 8 -12.03 9.94 -40.46
CA VAL A 8 -10.57 9.83 -40.68
C VAL A 8 -9.81 11.02 -40.06
N SER A 9 -9.12 10.74 -38.94
CA SER A 9 -8.32 11.75 -38.23
C SER A 9 -6.89 11.25 -37.99
N GLY A 10 -5.95 12.21 -37.92
CA GLY A 10 -4.54 11.91 -37.73
C GLY A 10 -3.89 12.81 -36.69
N ALA A 11 -2.58 12.55 -36.40
CA ALA A 11 -1.74 13.31 -35.42
C ALA A 11 -2.35 13.38 -34.00
N ALA A 12 -1.66 12.73 -33.05
CA ALA A 12 -2.08 12.69 -31.64
C ALA A 12 -1.28 13.73 -30.80
N PRO A 13 -1.91 14.87 -30.26
CA PRO A 13 -1.22 15.82 -29.36
C PRO A 13 -1.04 15.29 -27.94
N PHE A 14 -2.09 14.60 -27.44
CA PHE A 14 -2.11 14.03 -26.09
C PHE A 14 -1.54 12.62 -26.09
N SER A 15 -1.08 12.18 -24.91
CA SER A 15 -0.50 10.84 -24.71
C SER A 15 -0.93 10.26 -23.37
N SER A 16 -1.13 8.93 -23.36
CA SER A 16 -1.58 8.19 -22.15
C SER A 16 -0.40 7.46 -21.50
N PHE A 17 -0.34 7.55 -20.16
CA PHE A 17 0.71 6.91 -19.36
C PHE A 17 0.27 5.52 -18.91
N MET A 18 1.17 4.54 -19.10
CA MET A 18 0.93 3.13 -18.78
C MET A 18 1.11 2.84 -17.25
N PRO A 19 0.03 2.35 -16.51
CA PRO A 19 0.17 1.97 -15.08
C PRO A 19 0.84 0.58 -14.89
N PRO A 20 1.08 0.03 -13.61
CA PRO A 20 1.65 -1.35 -13.40
C PRO A 20 0.75 -2.47 -13.93
N GLU A 21 1.35 -3.67 -14.09
CA GLU A 21 0.69 -4.82 -14.71
C GLU A 21 0.14 -5.80 -13.69
N GLN A 22 0.99 -6.13 -12.71
CA GLN A 22 0.73 -7.13 -11.67
C GLN A 22 0.00 -6.45 -10.48
N GLU A 23 -0.07 -7.14 -9.29
CA GLU A 23 -0.61 -6.58 -8.04
C GLU A 23 0.30 -5.48 -7.47
N THR A 24 -0.30 -4.63 -6.63
CA THR A 24 0.35 -3.42 -6.13
C THR A 24 0.03 -3.21 -4.65
N VAL A 25 1.09 -2.89 -3.90
CA VAL A 25 0.96 -2.32 -2.57
C VAL A 25 1.53 -0.88 -2.62
N HIS A 26 1.15 -0.06 -1.62
CA HIS A 26 1.67 1.31 -1.50
C HIS A 26 2.43 1.53 -0.20
N VAL A 27 3.72 1.90 -0.35
CA VAL A 27 4.62 2.22 0.76
C VAL A 27 4.48 3.72 1.12
N PHE A 28 4.41 3.98 2.42
CA PHE A 28 4.60 5.32 3.02
C PHE A 28 6.01 5.38 3.56
N ILE A 29 6.82 6.11 2.85
CA ILE A 29 8.12 6.55 3.33
C ILE A 29 8.16 8.07 3.48
N PRO A 30 9.14 8.66 4.30
CA PRO A 30 9.35 10.13 4.39
C PRO A 30 9.50 10.83 3.02
N ALA A 31 8.83 12.00 2.87
CA ALA A 31 9.16 12.98 1.78
C ALA A 31 10.61 13.53 1.87
N GLN A 32 11.26 13.29 3.02
CA GLN A 32 12.70 13.51 3.22
C GLN A 32 13.51 12.21 2.90
N ALA A 33 12.82 11.17 2.40
CA ALA A 33 13.43 9.88 2.10
C ALA A 33 13.53 9.66 0.60
N VAL A 34 12.64 10.33 -0.17
CA VAL A 34 12.55 10.17 -1.64
C VAL A 34 13.78 10.77 -2.39
N GLY A 35 14.46 11.71 -1.70
CA GLY A 35 15.76 12.25 -2.14
C GLY A 35 16.89 11.22 -2.07
N ALA A 36 16.74 10.23 -1.15
CA ALA A 36 17.62 9.06 -1.07
C ALA A 36 17.24 8.00 -2.11
N ILE A 37 15.91 7.80 -2.26
CA ILE A 37 15.32 6.77 -3.13
C ILE A 37 15.45 7.14 -4.64
N ILE A 38 15.00 8.35 -5.03
CA ILE A 38 15.25 8.93 -6.34
C ILE A 38 16.64 9.58 -6.41
N GLY A 39 16.96 10.50 -5.48
CA GLY A 39 17.93 11.60 -5.75
C GLY A 39 19.30 11.16 -6.28
N ASP A 40 19.87 10.09 -5.67
CA ASP A 40 21.17 9.51 -6.10
C ASP A 40 21.10 8.95 -7.56
N ASP A 41 21.30 9.89 -8.52
CA ASP A 41 21.26 9.67 -10.00
C ASP A 41 19.88 9.18 -10.53
N GLY A 42 18.81 9.17 -9.65
CA GLY A 42 17.48 8.59 -10.02
C GLY A 42 17.50 7.15 -10.52
N GLN A 43 18.35 6.32 -9.87
CA GLN A 43 18.59 4.94 -10.30
C GLN A 43 18.40 3.91 -9.15
N HIS A 44 18.09 4.40 -7.91
CA HIS A 44 17.90 3.53 -6.73
C HIS A 44 16.51 2.87 -6.72
N ILE A 45 15.47 3.62 -7.15
CA ILE A 45 14.15 3.14 -7.43
C ILE A 45 14.12 2.09 -8.61
N LYS A 46 14.86 2.44 -9.69
CA LYS A 46 15.11 1.55 -10.83
C LYS A 46 16.05 0.37 -10.49
N GLN A 47 16.83 0.56 -9.39
CA GLN A 47 17.65 -0.50 -8.77
C GLN A 47 16.78 -1.43 -7.92
N LEU A 48 15.81 -0.81 -7.19
CA LEU A 48 14.73 -1.49 -6.46
C LEU A 48 13.91 -2.48 -7.32
N SER A 49 13.76 -2.12 -8.60
CA SER A 49 12.99 -2.92 -9.60
C SER A 49 13.77 -4.14 -10.09
N ARG A 50 15.10 -3.99 -10.20
CA ARG A 50 16.04 -5.06 -10.55
C ARG A 50 16.37 -5.98 -9.37
N PHE A 51 16.37 -5.38 -8.18
CA PHE A 51 16.77 -6.03 -6.93
C PHE A 51 15.61 -6.83 -6.32
N ALA A 52 14.42 -6.22 -6.29
CA ALA A 52 13.26 -6.75 -5.57
C ALA A 52 12.31 -7.59 -6.45
N SER A 53 12.73 -7.91 -7.71
CA SER A 53 11.91 -8.69 -8.72
C SER A 53 10.57 -8.02 -9.12
N ALA A 54 10.45 -6.77 -8.68
CA ALA A 54 9.23 -6.00 -8.72
C ALA A 54 9.35 -4.71 -9.56
N SER A 55 8.21 -4.01 -9.74
CA SER A 55 8.13 -2.72 -10.38
C SER A 55 7.73 -1.69 -9.34
N ILE A 56 8.40 -0.56 -9.42
CA ILE A 56 8.36 0.48 -8.38
C ILE A 56 8.22 1.91 -9.00
N LYS A 57 7.25 2.70 -8.47
CA LYS A 57 7.10 4.13 -8.76
C LYS A 57 7.20 4.98 -7.49
N ILE A 58 7.70 6.23 -7.60
CA ILE A 58 7.43 7.28 -6.60
C ILE A 58 6.12 8.02 -6.96
N ALA A 59 5.41 8.36 -5.89
CA ALA A 59 4.12 9.06 -5.97
C ALA A 59 4.24 10.51 -5.43
N PRO A 60 3.44 11.52 -5.99
CA PRO A 60 3.63 12.95 -5.64
C PRO A 60 3.04 13.32 -4.24
N PRO A 61 3.53 14.42 -3.51
CA PRO A 61 2.99 14.81 -2.18
C PRO A 61 1.70 15.64 -2.32
N GLU A 62 0.59 15.18 -1.67
CA GLU A 62 -0.74 15.75 -1.90
C GLU A 62 -1.19 16.73 -0.78
N THR A 63 -1.34 16.20 0.45
CA THR A 63 -1.89 16.95 1.61
C THR A 63 -1.51 16.24 2.96
N PRO A 64 -2.11 15.04 3.40
CA PRO A 64 -1.47 14.16 4.43
C PRO A 64 -0.29 13.37 3.84
N ASP A 65 -0.52 12.91 2.61
CA ASP A 65 0.49 12.25 1.75
C ASP A 65 1.55 13.24 1.21
N SER A 66 1.32 14.51 1.51
CA SER A 66 2.21 15.63 1.19
C SER A 66 3.56 15.59 1.96
N LYS A 67 3.49 15.22 3.26
CA LYS A 67 4.68 15.13 4.14
C LYS A 67 5.48 13.83 3.93
N VAL A 68 4.80 12.81 3.40
CA VAL A 68 5.43 11.60 2.89
C VAL A 68 5.39 11.56 1.35
N ARG A 69 5.87 10.44 0.81
CA ARG A 69 5.61 10.05 -0.56
C ARG A 69 5.38 8.55 -0.59
N MET A 70 4.52 8.15 -1.50
CA MET A 70 4.05 6.79 -1.60
C MET A 70 4.87 6.08 -2.70
N VAL A 71 5.37 4.88 -2.38
CA VAL A 71 6.11 4.06 -3.36
C VAL A 71 5.21 2.93 -3.85
N VAL A 72 5.06 2.85 -5.19
CA VAL A 72 4.22 1.87 -5.89
C VAL A 72 4.99 0.53 -5.99
N ILE A 73 4.57 -0.45 -5.18
CA ILE A 73 5.15 -1.79 -5.20
C ILE A 73 4.25 -2.77 -5.99
N THR A 74 4.73 -3.06 -7.19
CA THR A 74 4.16 -4.04 -8.12
C THR A 74 4.81 -5.41 -7.87
N GLY A 75 4.05 -6.46 -8.19
CA GLY A 75 4.63 -7.77 -8.39
C GLY A 75 4.07 -8.87 -7.46
N PRO A 76 4.65 -10.14 -7.44
CA PRO A 76 4.21 -11.25 -6.54
C PRO A 76 4.17 -10.90 -5.02
N PRO A 77 3.87 -11.88 -4.05
CA PRO A 77 4.12 -11.67 -2.60
C PRO A 77 5.62 -11.59 -2.26
N GLU A 78 6.45 -12.34 -3.03
CA GLU A 78 7.92 -12.43 -2.83
C GLU A 78 8.66 -11.13 -3.21
N ALA A 79 8.24 -10.53 -4.35
CA ALA A 79 8.81 -9.25 -4.85
C ALA A 79 8.37 -8.03 -3.98
N GLN A 80 7.23 -8.18 -3.26
CA GLN A 80 6.71 -7.18 -2.30
C GLN A 80 7.57 -7.10 -1.02
N PHE A 81 8.07 -8.27 -0.57
CA PHE A 81 8.87 -8.38 0.67
C PHE A 81 10.31 -7.88 0.48
N LYS A 82 10.85 -8.06 -0.76
CA LYS A 82 12.22 -7.65 -1.13
C LYS A 82 12.33 -6.13 -1.30
N ALA A 83 11.24 -5.54 -1.88
CA ALA A 83 11.13 -4.10 -2.16
C ALA A 83 10.96 -3.24 -0.90
N GLN A 84 10.13 -3.71 0.06
CA GLN A 84 9.91 -2.96 1.33
C GLN A 84 11.06 -3.14 2.31
N GLY A 85 11.73 -4.32 2.27
CA GLY A 85 13.02 -4.55 2.99
C GLY A 85 14.09 -3.51 2.64
N ARG A 86 13.96 -2.99 1.42
CA ARG A 86 14.78 -1.94 0.88
C ARG A 86 14.30 -0.55 1.29
N ILE A 87 12.93 -0.35 1.44
CA ILE A 87 12.38 0.97 1.76
C ILE A 87 12.72 1.29 3.25
N TYR A 88 12.61 0.19 4.06
CA TYR A 88 13.03 0.13 5.47
C TYR A 88 14.55 0.16 5.62
N GLY A 89 15.24 -0.38 4.58
CA GLY A 89 16.70 -0.46 4.52
C GLY A 89 17.39 0.90 4.43
N LYS A 90 16.68 1.90 3.84
CA LYS A 90 17.17 3.28 3.77
C LYS A 90 17.02 4.04 5.08
N LEU A 91 15.91 3.80 5.80
CA LEU A 91 15.73 4.23 7.19
C LEU A 91 16.71 3.56 8.17
N LYS A 92 17.16 2.36 7.79
CA LYS A 92 18.27 1.65 8.43
C LYS A 92 19.63 2.31 8.13
N GLU A 93 19.88 2.55 6.83
CA GLU A 93 21.17 3.01 6.33
C GLU A 93 21.36 4.54 6.51
N GLU A 94 20.29 5.31 6.23
CA GLU A 94 20.30 6.76 6.31
C GLU A 94 19.75 7.27 7.63
N ASN A 95 18.80 6.47 8.20
CA ASN A 95 18.01 6.79 9.41
C ASN A 95 17.29 8.17 9.29
N PHE A 96 16.24 8.20 8.44
CA PHE A 96 15.37 9.41 8.28
C PHE A 96 14.46 9.65 9.51
N PHE A 97 14.50 8.66 10.42
CA PHE A 97 13.90 8.69 11.73
C PHE A 97 14.74 9.53 12.74
N GLY A 98 14.19 9.72 13.96
CA GLY A 98 14.85 10.53 14.99
C GLY A 98 14.40 10.18 16.41
N PRO A 99 13.16 10.63 16.90
CA PRO A 99 12.65 10.29 18.26
C PRO A 99 12.24 8.81 18.39
N LYS A 100 11.73 8.32 17.27
CA LYS A 100 11.31 6.94 17.04
C LYS A 100 12.48 5.98 16.87
N GLU A 101 13.57 6.58 16.40
CA GLU A 101 14.92 5.98 16.13
C GLU A 101 14.91 4.71 15.27
N GLU A 102 14.36 3.64 15.85
CA GLU A 102 14.10 2.36 15.19
C GLU A 102 12.97 2.49 14.15
N VAL A 103 13.19 1.84 12.99
CA VAL A 103 12.41 2.09 11.78
C VAL A 103 10.97 1.52 11.83
N LYS A 104 10.02 2.36 11.41
CA LYS A 104 8.59 2.04 11.33
C LYS A 104 7.91 2.93 10.25
N LEU A 105 7.75 2.38 9.03
CA LEU A 105 6.99 3.02 7.97
C LEU A 105 5.61 2.42 7.85
N GLU A 106 4.66 3.26 7.38
CA GLU A 106 3.26 2.81 7.17
C GLU A 106 3.12 2.24 5.76
N THR A 107 2.38 1.13 5.64
CA THR A 107 1.99 0.60 4.34
C THR A 107 0.51 0.87 4.09
N HIS A 108 0.26 1.67 3.04
CA HIS A 108 -1.07 2.04 2.59
C HIS A 108 -1.52 1.07 1.51
N ILE A 109 -2.66 0.38 1.76
CA ILE A 109 -3.26 -0.51 0.74
C ILE A 109 -4.77 -0.28 0.62
N ARG A 110 -5.23 0.09 -0.60
CA ARG A 110 -6.65 0.34 -0.91
C ARG A 110 -7.49 -0.92 -0.85
N VAL A 111 -8.49 -0.82 0.00
CA VAL A 111 -9.35 -1.93 0.41
C VAL A 111 -10.82 -1.41 0.40
N PRO A 112 -11.93 -2.25 0.29
CA PRO A 112 -13.31 -1.72 0.26
C PRO A 112 -13.74 -1.10 1.57
N ALA A 113 -14.41 0.00 1.37
CA ALA A 113 -14.97 0.92 2.35
C ALA A 113 -15.74 0.25 3.54
N SER A 114 -16.64 -0.69 3.22
CA SER A 114 -17.33 -1.52 4.23
C SER A 114 -16.58 -2.85 4.48
N ALA A 115 -15.31 -2.87 4.07
CA ALA A 115 -14.40 -4.00 4.25
C ALA A 115 -13.24 -3.61 5.18
N ALA A 116 -13.24 -2.33 5.59
CA ALA A 116 -12.29 -1.72 6.52
C ALA A 116 -12.41 -2.30 7.95
N GLY A 117 -13.62 -2.79 8.26
CA GLY A 117 -13.86 -3.55 9.50
C GLY A 117 -13.52 -5.03 9.37
N ARG A 118 -13.26 -5.52 8.12
CA ARG A 118 -12.75 -6.88 7.87
C ARG A 118 -11.25 -6.96 8.16
N VAL A 119 -10.57 -5.85 7.81
CA VAL A 119 -9.12 -5.68 7.98
C VAL A 119 -8.73 -5.36 9.44
N ILE A 120 -9.63 -4.65 10.14
CA ILE A 120 -9.52 -4.34 11.57
C ILE A 120 -10.12 -5.48 12.43
N GLY A 121 -11.16 -6.15 11.90
CA GLY A 121 -11.80 -7.26 12.60
C GLY A 121 -12.87 -6.80 13.60
N LYS A 122 -13.05 -7.58 14.70
CA LYS A 122 -14.03 -7.30 15.77
C LYS A 122 -13.66 -6.04 16.60
N GLY A 123 -13.70 -4.88 15.91
CA GLY A 123 -13.37 -3.58 16.51
C GLY A 123 -11.88 -3.37 16.68
N GLY A 124 -11.25 -4.31 17.40
CA GLY A 124 -9.81 -4.32 17.60
C GLY A 124 -9.30 -5.67 18.03
N LYS A 125 -9.43 -6.65 17.11
CA LYS A 125 -8.93 -8.02 17.30
C LYS A 125 -7.84 -8.33 16.26
N THR A 126 -8.04 -7.84 15.02
CA THR A 126 -7.02 -7.89 13.94
C THR A 126 -5.93 -6.82 14.19
N VAL A 127 -6.35 -5.66 14.76
CA VAL A 127 -5.45 -4.54 15.13
C VAL A 127 -4.72 -4.87 16.48
N ASN A 128 -5.37 -5.68 17.34
CA ASN A 128 -4.83 -6.06 18.66
C ASN A 128 -3.77 -7.16 18.55
N GLU A 129 -4.06 -8.16 17.68
CA GLU A 129 -3.17 -9.32 17.47
C GLU A 129 -1.92 -8.96 16.64
N LEU A 130 -2.09 -8.07 15.64
CA LEU A 130 -1.01 -7.60 14.80
C LEU A 130 -0.09 -6.57 15.49
N GLN A 131 -0.67 -5.62 16.28
CA GLN A 131 0.08 -4.63 17.10
C GLN A 131 1.02 -5.31 18.15
N ASN A 132 0.45 -6.23 18.97
CA ASN A 132 1.13 -6.80 20.14
C ASN A 132 2.02 -7.98 19.76
N LEU A 133 1.46 -8.90 18.97
CA LEU A 133 2.14 -10.15 18.58
C LEU A 133 3.03 -9.96 17.35
N THR A 134 2.62 -9.05 16.44
CA THR A 134 3.29 -8.88 15.14
C THR A 134 4.09 -7.55 15.06
N ALA A 135 3.76 -6.55 15.93
CA ALA A 135 4.35 -5.14 15.90
C ALA A 135 3.90 -4.32 14.67
N ALA A 136 3.28 -4.99 13.69
CA ALA A 136 2.64 -4.37 12.52
C ALA A 136 1.19 -3.96 12.91
N GLU A 137 0.90 -2.65 12.92
CA GLU A 137 -0.35 -2.14 13.50
C GLU A 137 -1.31 -1.58 12.43
N VAL A 138 -2.53 -2.11 12.47
CA VAL A 138 -3.57 -1.91 11.45
C VAL A 138 -4.41 -0.66 11.80
N VAL A 139 -4.52 0.24 10.80
CA VAL A 139 -5.11 1.58 11.01
C VAL A 139 -6.07 1.93 9.84
N VAL A 140 -7.20 2.63 10.14
CA VAL A 140 -8.10 3.13 9.05
C VAL A 140 -8.64 4.58 9.28
N PRO A 141 -8.01 5.67 8.63
CA PRO A 141 -8.29 7.13 8.87
C PRO A 141 -9.71 7.58 9.15
N ARG A 142 -9.75 8.75 9.79
CA ARG A 142 -10.97 9.49 10.11
C ARG A 142 -11.25 10.48 8.98
N ASP A 143 -12.54 10.92 8.85
CA ASP A 143 -13.07 11.72 7.67
C ASP A 143 -12.79 10.99 6.32
N GLN A 144 -12.74 9.65 6.41
CA GLN A 144 -12.34 8.74 5.32
C GLN A 144 -13.48 8.56 4.30
N THR A 145 -13.33 9.23 3.14
CA THR A 145 -14.20 9.03 1.99
C THR A 145 -13.67 7.87 1.12
N PRO A 146 -14.53 6.86 0.69
CA PRO A 146 -14.16 5.79 -0.28
C PRO A 146 -13.76 6.30 -1.67
N ASP A 147 -13.18 5.37 -2.42
CA ASP A 147 -12.69 5.60 -3.78
C ASP A 147 -13.78 5.18 -4.80
N GLU A 148 -13.40 5.01 -6.10
CA GLU A 148 -14.32 4.64 -7.21
C GLU A 148 -14.86 3.21 -7.06
N ASN A 149 -13.90 2.34 -6.76
CA ASN A 149 -14.12 0.94 -6.40
C ASN A 149 -14.57 0.79 -4.92
N GLU A 150 -15.08 1.92 -4.35
CA GLU A 150 -15.54 2.10 -2.95
C GLU A 150 -14.45 1.68 -1.92
N GLN A 151 -13.25 2.26 -2.06
CA GLN A 151 -12.11 1.85 -1.29
C GLN A 151 -11.49 2.93 -0.49
N VAL A 152 -11.15 2.47 0.68
CA VAL A 152 -10.43 3.19 1.69
C VAL A 152 -9.06 2.57 1.91
N ILE A 153 -8.20 3.31 2.61
CA ILE A 153 -6.85 2.89 2.92
C ILE A 153 -6.79 2.38 4.36
N VAL A 154 -5.78 1.54 4.57
CA VAL A 154 -5.41 0.99 5.85
C VAL A 154 -3.89 1.13 5.95
N LYS A 155 -3.47 1.52 7.14
CA LYS A 155 -2.09 1.87 7.42
C LYS A 155 -1.54 0.98 8.52
N ILE A 156 -0.69 0.05 8.08
CA ILE A 156 0.13 -0.80 8.96
C ILE A 156 1.46 -0.08 9.22
N ILE A 157 1.87 -0.11 10.49
CA ILE A 157 3.14 0.49 10.90
C ILE A 157 3.94 -0.58 11.66
N GLY A 158 5.01 -1.01 10.98
CA GLY A 158 5.87 -2.07 11.44
C GLY A 158 7.19 -2.09 10.68
N HIS A 159 7.58 -3.30 10.24
CA HIS A 159 8.74 -3.54 9.38
C HIS A 159 8.38 -4.67 8.40
N PHE A 160 9.06 -4.75 7.22
CA PHE A 160 8.65 -5.61 6.06
C PHE A 160 8.32 -7.09 6.42
N TYR A 161 8.82 -7.59 7.58
CA TYR A 161 8.48 -8.92 8.11
C TYR A 161 7.06 -8.95 8.74
N ALA A 162 6.79 -7.91 9.57
CA ALA A 162 5.51 -7.74 10.29
C ALA A 162 4.40 -7.28 9.35
N SER A 163 4.69 -6.23 8.56
CA SER A 163 3.88 -5.81 7.37
C SER A 163 3.62 -6.96 6.36
N GLN A 164 4.56 -7.96 6.32
CA GLN A 164 4.42 -9.19 5.48
C GLN A 164 3.20 -10.05 5.93
N MET A 165 3.22 -10.47 7.21
CA MET A 165 2.12 -11.25 7.82
C MET A 165 0.84 -10.40 8.08
N ALA A 166 1.01 -9.07 8.30
CA ALA A 166 -0.12 -8.14 8.56
C ALA A 166 -0.92 -7.80 7.28
N GLN A 167 -0.21 -7.39 6.20
CA GLN A 167 -0.80 -7.13 4.86
C GLN A 167 -1.44 -8.39 4.25
N ARG A 168 -0.72 -9.53 4.39
CA ARG A 168 -1.13 -10.82 3.80
C ARG A 168 -2.33 -11.46 4.54
N LYS A 169 -2.37 -11.35 5.90
CA LYS A 169 -3.55 -11.76 6.72
C LYS A 169 -4.80 -10.91 6.39
N ILE A 170 -4.57 -9.63 6.01
CA ILE A 170 -5.59 -8.70 5.55
C ILE A 170 -6.13 -9.08 4.15
N ARG A 171 -5.22 -9.23 3.16
CA ARG A 171 -5.59 -9.54 1.74
C ARG A 171 -6.34 -10.89 1.61
N ASP A 172 -6.13 -11.80 2.61
CA ASP A 172 -6.85 -13.07 2.74
C ASP A 172 -8.28 -12.88 3.30
N ILE A 173 -8.44 -12.05 4.38
CA ILE A 173 -9.77 -11.68 4.96
C ILE A 173 -10.59 -10.89 3.91
N LEU A 174 -9.92 -9.91 3.27
CA LEU A 174 -10.43 -9.13 2.17
C LEU A 174 -10.76 -9.92 0.90
N ALA A 175 -10.07 -11.06 0.72
CA ALA A 175 -10.41 -12.04 -0.34
C ALA A 175 -11.75 -12.74 -0.05
N GLN A 176 -11.97 -13.01 1.24
CA GLN A 176 -13.21 -13.61 1.76
C GLN A 176 -14.42 -12.65 1.69
N VAL A 177 -14.12 -11.34 1.74
CA VAL A 177 -15.12 -10.27 1.58
C VAL A 177 -15.50 -10.09 0.11
N LYS A 178 -14.44 -9.89 -0.66
CA LYS A 178 -14.45 -9.93 -2.14
C LYS A 178 -15.10 -11.22 -2.72
N GLN A 179 -15.02 -12.35 -1.95
CA GLN A 179 -15.75 -13.59 -2.27
C GLN A 179 -17.27 -13.48 -2.02
N GLN A 180 -17.64 -12.76 -0.94
CA GLN A 180 -19.05 -12.46 -0.60
C GLN A 180 -19.68 -11.45 -1.59
N HIS A 181 -18.92 -10.39 -1.93
CA HIS A 181 -19.33 -9.37 -2.91
C HIS A 181 -19.30 -9.85 -4.38
N GLN A 182 -18.52 -10.93 -4.67
CA GLN A 182 -18.40 -11.51 -6.03
C GLN A 182 -19.67 -12.28 -6.46
N LYS A 183 -20.46 -12.75 -5.46
CA LYS A 183 -21.73 -13.45 -5.70
C LYS A 183 -22.88 -12.45 -5.83
N GLY A 184 -23.55 -12.48 -6.99
CA GLY A 184 -24.64 -11.56 -7.30
C GLY A 184 -25.99 -12.03 -6.77
N GLN A 185 -27.06 -11.42 -7.29
CA GLN A 185 -28.45 -11.72 -6.89
C GLN A 185 -29.16 -12.66 -7.88
N SER A 186 -28.63 -12.76 -9.13
CA SER A 186 -29.20 -13.59 -10.19
C SER A 186 -28.73 -15.04 -10.07
N GLY A 187 -29.72 -15.96 -9.93
CA GLY A 187 -29.44 -17.38 -9.78
C GLY A 187 -30.25 -18.01 -8.67
N GLN A 188 -31.56 -17.71 -8.65
CA GLN A 188 -32.50 -18.21 -7.64
C GLN A 188 -33.79 -18.72 -8.30
N LEU A 189 -34.26 -18.01 -9.34
CA LEU A 189 -35.48 -18.35 -10.09
C LEU A 189 -35.22 -19.41 -11.15
N GLN A 190 -36.00 -20.50 -11.09
CA GLN A 190 -35.88 -21.63 -12.03
C GLN A 190 -36.93 -21.55 -13.15
N ALA A 191 -38.18 -21.19 -12.77
CA ALA A 191 -39.37 -21.04 -13.68
C ALA A 191 -39.69 -22.33 -14.49
N GLY A 1 -11.07 -18.52 -26.26
CA GLY A 1 -10.26 -19.63 -25.70
C GLY A 1 -8.87 -19.69 -26.28
N ALA A 2 -8.79 -19.54 -27.62
CA ALA A 2 -7.52 -19.58 -28.36
C ALA A 2 -6.91 -18.18 -28.49
N MET A 3 -7.76 -17.20 -28.85
CA MET A 3 -7.34 -15.80 -29.03
C MET A 3 -7.62 -15.00 -27.75
N GLY A 4 -6.58 -14.31 -27.25
CA GLY A 4 -6.68 -13.49 -26.04
C GLY A 4 -7.05 -12.02 -26.35
N PRO A 5 -7.50 -11.15 -25.34
CA PRO A 5 -7.86 -9.74 -25.61
C PRO A 5 -6.64 -8.83 -25.75
N SER A 6 -6.74 -7.87 -26.68
CA SER A 6 -5.68 -6.89 -26.94
C SER A 6 -6.27 -5.51 -27.17
N SER A 7 -7.36 -5.43 -27.99
CA SER A 7 -8.13 -4.19 -28.33
C SER A 7 -7.25 -3.05 -28.90
N VAL A 8 -7.44 -2.77 -30.21
CA VAL A 8 -6.70 -1.73 -30.93
C VAL A 8 -7.56 -1.10 -32.04
N SER A 9 -7.56 0.25 -32.08
CA SER A 9 -8.31 1.02 -33.08
C SER A 9 -7.52 2.22 -33.58
N GLY A 10 -6.88 2.94 -32.63
CA GLY A 10 -6.05 4.11 -32.95
C GLY A 10 -6.36 5.30 -32.05
N ALA A 11 -6.49 5.03 -30.74
CA ALA A 11 -6.80 6.05 -29.73
C ALA A 11 -5.53 6.73 -29.23
N ALA A 12 -5.53 8.08 -29.30
CA ALA A 12 -4.39 8.90 -28.86
C ALA A 12 -4.61 9.43 -27.41
N PRO A 13 -3.75 9.04 -26.35
CA PRO A 13 -3.87 9.61 -24.99
C PRO A 13 -3.30 11.03 -24.89
N PHE A 14 -4.06 11.92 -24.23
CA PHE A 14 -3.70 13.33 -24.04
C PHE A 14 -2.71 13.52 -22.86
N SER A 15 -2.70 12.58 -21.90
CA SER A 15 -1.82 12.62 -20.73
C SER A 15 -1.01 11.34 -20.61
N SER A 16 0.27 11.49 -20.22
CA SER A 16 1.20 10.36 -20.05
C SER A 16 1.31 9.96 -18.58
N PHE A 17 0.89 8.72 -18.29
CA PHE A 17 0.94 8.13 -16.94
C PHE A 17 1.28 6.64 -17.03
N MET A 18 2.26 6.22 -16.19
CA MET A 18 2.74 4.83 -16.15
C MET A 18 1.78 3.91 -15.31
N PRO A 19 0.90 3.03 -15.98
CA PRO A 19 0.03 2.10 -15.26
C PRO A 19 0.74 0.76 -14.88
N PRO A 20 0.75 0.28 -13.55
CA PRO A 20 1.30 -1.06 -13.18
C PRO A 20 0.48 -2.22 -13.72
N GLU A 21 1.10 -3.41 -13.79
CA GLU A 21 0.51 -4.59 -14.41
C GLU A 21 0.08 -5.65 -13.38
N GLN A 22 1.06 -6.05 -12.53
CA GLN A 22 0.90 -7.05 -11.46
C GLN A 22 0.13 -6.44 -10.25
N GLU A 23 0.08 -7.15 -9.08
CA GLU A 23 -0.50 -6.62 -7.83
C GLU A 23 0.39 -5.50 -7.23
N THR A 24 -0.21 -4.71 -6.34
CA THR A 24 0.41 -3.46 -5.89
C THR A 24 0.22 -3.24 -4.39
N VAL A 25 1.22 -2.58 -3.83
CA VAL A 25 1.19 -2.00 -2.48
C VAL A 25 1.71 -0.56 -2.59
N HIS A 26 1.37 0.24 -1.59
CA HIS A 26 1.77 1.65 -1.54
C HIS A 26 2.35 1.98 -0.18
N VAL A 27 3.66 2.25 -0.20
CA VAL A 27 4.48 2.44 1.00
C VAL A 27 4.46 3.91 1.42
N PHE A 28 4.20 4.12 2.73
CA PHE A 28 4.47 5.39 3.40
C PHE A 28 5.88 5.29 3.98
N ILE A 29 6.74 5.98 3.29
CA ILE A 29 8.07 6.30 3.78
C ILE A 29 8.20 7.82 3.89
N PRO A 30 9.20 8.39 4.71
CA PRO A 30 9.45 9.85 4.80
C PRO A 30 9.52 10.57 3.44
N ALA A 31 8.88 11.76 3.35
CA ALA A 31 9.10 12.70 2.21
C ALA A 31 10.57 13.20 2.08
N GLN A 32 11.36 12.95 3.14
CA GLN A 32 12.82 13.13 3.13
C GLN A 32 13.55 11.79 2.83
N ALA A 33 12.77 10.75 2.44
CA ALA A 33 13.31 9.43 2.13
C ALA A 33 13.34 9.18 0.64
N VAL A 34 12.41 9.83 -0.09
CA VAL A 34 12.29 9.70 -1.56
C VAL A 34 13.46 10.39 -2.32
N GLY A 35 14.09 11.36 -1.61
CA GLY A 35 15.32 12.02 -2.05
C GLY A 35 16.54 11.11 -2.05
N ALA A 36 16.52 10.06 -1.19
CA ALA A 36 17.52 9.00 -1.19
C ALA A 36 17.25 7.97 -2.30
N ILE A 37 15.94 7.70 -2.51
CA ILE A 37 15.42 6.73 -3.46
C ILE A 37 15.65 7.18 -4.93
N ILE A 38 15.19 8.39 -5.27
CA ILE A 38 15.39 9.01 -6.57
C ILE A 38 16.76 9.75 -6.67
N GLY A 39 17.38 10.13 -5.54
CA GLY A 39 18.53 11.06 -5.55
C GLY A 39 19.72 10.62 -6.40
N ASP A 40 20.16 9.34 -6.23
CA ASP A 40 21.37 8.82 -6.92
C ASP A 40 21.14 8.68 -8.45
N ASP A 41 21.32 9.85 -9.14
CA ASP A 41 21.09 10.07 -10.60
C ASP A 41 19.65 9.68 -11.07
N GLY A 42 18.70 9.48 -10.10
CA GLY A 42 17.34 8.92 -10.41
C GLY A 42 17.35 7.52 -11.05
N GLN A 43 18.38 6.74 -10.69
CA GLN A 43 18.58 5.38 -11.22
C GLN A 43 18.62 4.32 -10.11
N HIS A 44 18.34 4.72 -8.83
CA HIS A 44 18.36 3.81 -7.66
C HIS A 44 17.07 2.97 -7.60
N ILE A 45 15.92 3.65 -7.76
CA ILE A 45 14.59 3.07 -7.85
C ILE A 45 14.43 2.07 -9.06
N LYS A 46 14.94 2.50 -10.23
CA LYS A 46 15.05 1.66 -11.45
C LYS A 46 16.13 0.58 -11.34
N GLN A 47 17.06 0.79 -10.37
CA GLN A 47 18.08 -0.20 -10.00
C GLN A 47 17.49 -1.33 -9.16
N LEU A 48 16.59 -0.95 -8.21
CA LEU A 48 15.85 -1.87 -7.34
C LEU A 48 15.01 -2.92 -8.09
N SER A 49 14.53 -2.54 -9.30
CA SER A 49 13.63 -3.39 -10.14
C SER A 49 14.28 -4.74 -10.56
N ARG A 50 15.62 -4.70 -10.70
CA ARG A 50 16.46 -5.87 -10.90
C ARG A 50 16.75 -6.64 -9.60
N PHE A 51 16.81 -5.88 -8.51
CA PHE A 51 17.17 -6.35 -7.15
C PHE A 51 16.03 -7.16 -6.51
N ALA A 52 14.80 -6.65 -6.68
CA ALA A 52 13.64 -7.13 -5.92
C ALA A 52 12.60 -7.86 -6.75
N SER A 53 12.79 -7.91 -8.12
CA SER A 53 11.80 -8.51 -9.10
C SER A 53 10.45 -7.74 -9.16
N ALA A 54 10.41 -6.66 -8.39
CA ALA A 54 9.26 -5.76 -8.26
C ALA A 54 9.45 -4.47 -9.08
N SER A 55 8.41 -3.59 -9.06
CA SER A 55 8.37 -2.36 -9.85
C SER A 55 7.91 -1.20 -8.99
N ILE A 56 8.83 -0.25 -8.79
CA ILE A 56 8.70 0.80 -7.78
C ILE A 56 8.47 2.19 -8.46
N LYS A 57 7.35 2.87 -8.11
CA LYS A 57 7.10 4.27 -8.49
C LYS A 57 7.06 5.18 -7.24
N ILE A 58 7.59 6.43 -7.36
CA ILE A 58 7.29 7.50 -6.39
C ILE A 58 5.95 8.18 -6.72
N ALA A 59 5.24 8.48 -5.65
CA ALA A 59 3.91 9.11 -5.69
C ALA A 59 3.94 10.55 -5.13
N PRO A 60 3.02 11.51 -5.60
CA PRO A 60 3.03 12.91 -5.13
C PRO A 60 2.32 13.09 -3.76
N PRO A 61 2.70 14.11 -2.86
CA PRO A 61 2.04 14.32 -1.55
C PRO A 61 0.70 15.05 -1.69
N GLU A 62 -0.29 14.62 -0.88
CA GLU A 62 -1.67 15.10 -1.01
C GLU A 62 -2.06 16.15 0.07
N THR A 63 -2.04 15.72 1.35
CA THR A 63 -2.56 16.50 2.50
C THR A 63 -2.14 15.85 3.86
N PRO A 64 -2.55 14.55 4.24
CA PRO A 64 -1.85 13.76 5.29
C PRO A 64 -0.50 13.22 4.81
N ASP A 65 -0.51 12.77 3.53
CA ASP A 65 0.69 12.32 2.78
C ASP A 65 1.71 13.44 2.52
N SER A 66 1.21 14.66 2.64
CA SER A 66 1.97 15.96 2.53
C SER A 66 3.41 15.95 3.11
N LYS A 67 3.62 15.17 4.19
CA LYS A 67 4.94 15.08 4.87
C LYS A 67 5.67 13.75 4.54
N VAL A 68 4.97 12.81 3.89
CA VAL A 68 5.56 11.61 3.32
C VAL A 68 5.51 11.61 1.78
N ARG A 69 6.00 10.51 1.21
CA ARG A 69 5.69 10.12 -0.15
C ARG A 69 5.45 8.62 -0.18
N MET A 70 4.66 8.21 -1.16
CA MET A 70 4.12 6.89 -1.25
C MET A 70 4.83 6.14 -2.40
N VAL A 71 5.39 4.95 -2.08
CA VAL A 71 6.04 4.11 -3.07
C VAL A 71 5.05 3.05 -3.62
N VAL A 72 5.08 2.89 -4.96
CA VAL A 72 4.27 1.92 -5.69
C VAL A 72 5.07 0.61 -5.80
N ILE A 73 4.64 -0.40 -5.02
CA ILE A 73 5.21 -1.73 -5.06
C ILE A 73 4.33 -2.65 -5.91
N THR A 74 4.81 -2.85 -7.14
CA THR A 74 4.18 -3.80 -8.07
C THR A 74 5.04 -5.07 -8.14
N GLY A 75 4.33 -6.19 -8.39
CA GLY A 75 4.97 -7.44 -8.71
C GLY A 75 4.40 -8.64 -7.93
N PRO A 76 4.98 -9.92 -8.04
CA PRO A 76 4.48 -11.14 -7.33
C PRO A 76 4.33 -11.00 -5.78
N PRO A 77 3.91 -12.07 -4.98
CA PRO A 77 3.97 -12.03 -3.48
C PRO A 77 5.41 -11.95 -2.93
N GLU A 78 6.38 -12.46 -3.72
CA GLU A 78 7.82 -12.46 -3.37
C GLU A 78 8.49 -11.10 -3.59
N ALA A 79 8.15 -10.44 -4.73
CA ALA A 79 8.76 -9.14 -5.13
C ALA A 79 8.32 -7.96 -4.26
N GLN A 80 7.16 -8.09 -3.56
CA GLN A 80 6.57 -6.98 -2.75
C GLN A 80 7.35 -6.76 -1.44
N PHE A 81 7.79 -7.86 -0.80
CA PHE A 81 8.63 -7.85 0.41
C PHE A 81 10.09 -7.43 0.08
N LYS A 82 10.53 -7.73 -1.17
CA LYS A 82 11.91 -7.49 -1.62
C LYS A 82 12.17 -5.99 -1.87
N ALA A 83 11.20 -5.34 -2.55
CA ALA A 83 11.23 -3.89 -2.86
C ALA A 83 10.94 -3.01 -1.65
N GLN A 84 10.05 -3.47 -0.73
CA GLN A 84 9.83 -2.83 0.59
C GLN A 84 10.99 -3.12 1.55
N GLY A 85 11.69 -4.27 1.33
CA GLY A 85 12.99 -4.58 1.99
C GLY A 85 14.02 -3.44 1.86
N ARG A 86 13.87 -2.65 0.77
CA ARG A 86 14.64 -1.47 0.49
C ARG A 86 14.11 -0.26 1.22
N ILE A 87 12.73 -0.12 1.34
CA ILE A 87 12.11 1.08 1.93
C ILE A 87 12.48 1.15 3.45
N TYR A 88 12.43 -0.06 4.05
CA TYR A 88 12.89 -0.32 5.43
C TYR A 88 14.41 -0.32 5.53
N GLY A 89 15.07 -0.78 4.44
CA GLY A 89 16.53 -0.82 4.34
C GLY A 89 17.17 0.57 4.26
N LYS A 90 16.43 1.57 3.73
CA LYS A 90 16.91 2.92 3.57
C LYS A 90 16.89 3.74 4.85
N LEU A 91 15.94 3.48 5.79
CA LEU A 91 16.07 3.99 7.16
C LEU A 91 17.16 3.24 7.96
N LYS A 92 17.39 1.95 7.59
CA LYS A 92 18.53 1.16 8.08
C LYS A 92 19.88 1.77 7.66
N GLU A 93 19.99 2.04 6.35
CA GLU A 93 21.18 2.52 5.73
C GLU A 93 21.34 4.07 5.86
N GLU A 94 20.22 4.84 5.83
CA GLU A 94 20.29 6.30 5.85
C GLU A 94 19.85 6.90 7.17
N ASN A 95 18.91 6.20 7.88
CA ASN A 95 18.29 6.68 9.17
C ASN A 95 17.62 8.09 9.02
N PHE A 96 16.56 8.15 8.16
CA PHE A 96 15.74 9.38 7.97
C PHE A 96 14.85 9.67 9.20
N PHE A 97 14.54 8.62 9.98
CA PHE A 97 13.79 8.70 11.23
C PHE A 97 14.67 9.33 12.37
N GLY A 98 14.15 9.35 13.63
CA GLY A 98 14.91 9.95 14.74
C GLY A 98 14.32 9.62 16.11
N PRO A 99 13.15 10.27 16.55
CA PRO A 99 12.54 10.02 17.89
C PRO A 99 11.96 8.62 18.06
N LYS A 100 11.57 8.09 16.92
CA LYS A 100 10.96 6.81 16.73
C LYS A 100 12.01 5.66 16.68
N GLU A 101 13.30 6.03 16.56
CA GLU A 101 14.48 5.14 16.42
C GLU A 101 14.31 4.07 15.29
N GLU A 102 14.66 2.79 15.57
CA GLU A 102 14.70 1.69 14.57
C GLU A 102 13.44 1.57 13.74
N VAL A 103 13.64 1.10 12.50
CA VAL A 103 12.71 1.32 11.36
C VAL A 103 11.25 0.93 11.67
N LYS A 104 10.40 1.93 11.57
CA LYS A 104 8.97 1.82 11.86
C LYS A 104 8.22 2.70 10.85
N LEU A 105 7.89 2.07 9.69
CA LEU A 105 7.27 2.75 8.59
C LEU A 105 5.89 2.21 8.26
N GLU A 106 5.03 3.15 7.85
CA GLU A 106 3.60 2.91 7.58
C GLU A 106 3.41 2.41 6.12
N THR A 107 2.49 1.42 5.94
CA THR A 107 2.08 0.98 4.60
C THR A 107 0.59 1.22 4.34
N HIS A 108 0.33 1.82 3.16
CA HIS A 108 -1.02 2.07 2.63
C HIS A 108 -1.41 1.02 1.61
N ILE A 109 -2.53 0.31 1.86
CA ILE A 109 -3.14 -0.56 0.84
C ILE A 109 -4.66 -0.37 0.77
N ARG A 110 -5.14 0.06 -0.43
CA ARG A 110 -6.55 0.28 -0.74
C ARG A 110 -7.38 -0.99 -0.71
N VAL A 111 -8.43 -0.89 0.08
CA VAL A 111 -9.28 -2.01 0.48
C VAL A 111 -10.77 -1.54 0.42
N PRO A 112 -11.83 -2.43 0.32
CA PRO A 112 -13.24 -1.97 0.25
C PRO A 112 -13.72 -1.31 1.53
N ALA A 113 -14.42 -0.23 1.26
CA ALA A 113 -15.04 0.69 2.20
C ALA A 113 -15.85 0.04 3.35
N SER A 114 -16.70 -0.96 3.00
CA SER A 114 -17.42 -1.78 3.99
C SER A 114 -16.63 -3.07 4.33
N ALA A 115 -15.34 -3.06 4.00
CA ALA A 115 -14.41 -4.15 4.28
C ALA A 115 -13.30 -3.68 5.24
N ALA A 116 -13.39 -2.39 5.62
CA ALA A 116 -12.53 -1.71 6.59
C ALA A 116 -12.71 -2.27 8.03
N GLY A 117 -13.89 -2.87 8.26
CA GLY A 117 -14.14 -3.65 9.48
C GLY A 117 -13.69 -5.11 9.38
N ARG A 118 -13.40 -5.61 8.14
CA ARG A 118 -12.85 -6.97 7.91
C ARG A 118 -11.36 -7.02 8.27
N VAL A 119 -10.69 -5.92 7.94
CA VAL A 119 -9.24 -5.70 8.13
C VAL A 119 -8.89 -5.44 9.61
N ILE A 120 -9.83 -4.80 10.30
CA ILE A 120 -9.72 -4.44 11.72
C ILE A 120 -10.36 -5.53 12.63
N GLY A 121 -11.31 -6.30 12.06
CA GLY A 121 -11.89 -7.44 12.76
C GLY A 121 -13.02 -7.05 13.72
N LYS A 122 -13.42 -8.00 14.63
CA LYS A 122 -14.47 -7.80 15.65
C LYS A 122 -14.17 -6.63 16.63
N GLY A 123 -14.61 -5.42 16.22
CA GLY A 123 -14.40 -4.18 17.00
C GLY A 123 -12.98 -3.64 16.88
N GLY A 124 -12.01 -4.54 17.10
CA GLY A 124 -10.59 -4.22 16.99
C GLY A 124 -9.71 -5.40 17.41
N LYS A 125 -10.11 -6.61 16.97
CA LYS A 125 -9.39 -7.87 17.30
C LYS A 125 -8.20 -8.09 16.35
N THR A 126 -8.32 -7.63 15.07
CA THR A 126 -7.23 -7.70 14.07
C THR A 126 -6.15 -6.62 14.36
N VAL A 127 -6.57 -5.48 14.96
CA VAL A 127 -5.67 -4.40 15.41
C VAL A 127 -5.02 -4.79 16.77
N ASN A 128 -5.79 -5.49 17.63
CA ASN A 128 -5.34 -5.93 18.96
C ASN A 128 -4.36 -7.11 18.88
N GLU A 129 -4.69 -8.08 18.01
CA GLU A 129 -3.89 -9.31 17.81
C GLU A 129 -2.58 -9.02 17.03
N LEU A 130 -2.67 -8.10 16.04
CA LEU A 130 -1.53 -7.68 15.22
C LEU A 130 -0.52 -6.80 15.97
N GLN A 131 -1.03 -5.93 16.88
CA GLN A 131 -0.20 -5.02 17.70
C GLN A 131 0.64 -5.77 18.78
N ASN A 132 -0.02 -6.65 19.57
CA ASN A 132 0.64 -7.33 20.71
C ASN A 132 1.48 -8.55 20.28
N LEU A 133 0.99 -9.27 19.26
CA LEU A 133 1.64 -10.50 18.77
C LEU A 133 2.63 -10.21 17.63
N THR A 134 2.25 -9.27 16.74
CA THR A 134 3.02 -8.98 15.52
C THR A 134 3.74 -7.61 15.57
N ALA A 135 3.27 -6.67 16.46
CA ALA A 135 3.75 -5.24 16.54
C ALA A 135 3.33 -4.38 15.34
N ALA A 136 2.81 -5.02 14.27
CA ALA A 136 2.19 -4.36 13.11
C ALA A 136 0.73 -4.01 13.42
N GLU A 137 0.31 -2.74 13.20
CA GLU A 137 -1.06 -2.31 13.60
C GLU A 137 -1.77 -1.64 12.42
N VAL A 138 -3.02 -2.11 12.15
CA VAL A 138 -3.83 -1.60 11.03
C VAL A 138 -4.68 -0.38 11.47
N VAL A 139 -4.78 0.58 10.57
CA VAL A 139 -5.43 1.89 10.84
C VAL A 139 -6.32 2.33 9.64
N VAL A 140 -7.48 3.01 9.94
CA VAL A 140 -8.37 3.51 8.83
C VAL A 140 -8.78 5.01 9.01
N PRO A 141 -8.03 6.02 8.38
CA PRO A 141 -8.18 7.50 8.64
C PRO A 141 -9.56 8.09 8.84
N ARG A 142 -9.51 9.29 9.44
CA ARG A 142 -10.69 10.12 9.73
C ARG A 142 -11.04 10.96 8.49
N ASP A 143 -12.35 11.38 8.40
CA ASP A 143 -12.95 12.04 7.19
C ASP A 143 -12.75 11.18 5.89
N GLN A 144 -12.72 9.85 6.11
CA GLN A 144 -12.40 8.85 5.08
C GLN A 144 -13.63 8.59 4.17
N THR A 145 -13.62 9.24 2.99
CA THR A 145 -14.54 8.97 1.92
C THR A 145 -13.93 7.87 0.99
N PRO A 146 -14.70 6.75 0.62
CA PRO A 146 -14.23 5.72 -0.34
C PRO A 146 -13.86 6.22 -1.73
N ASP A 147 -13.20 5.32 -2.45
CA ASP A 147 -12.74 5.54 -3.80
C ASP A 147 -13.81 5.04 -4.81
N GLU A 148 -13.46 4.97 -6.12
CA GLU A 148 -14.39 4.57 -7.22
C GLU A 148 -14.86 3.11 -7.09
N ASN A 149 -13.86 2.28 -6.86
CA ASN A 149 -13.99 0.84 -6.60
C ASN A 149 -14.51 0.54 -5.15
N GLU A 150 -15.05 1.59 -4.49
CA GLU A 150 -15.56 1.60 -3.10
C GLU A 150 -14.45 1.23 -2.07
N GLN A 151 -13.32 1.97 -2.11
CA GLN A 151 -12.15 1.60 -1.37
C GLN A 151 -11.56 2.74 -0.59
N VAL A 152 -11.22 2.33 0.59
CA VAL A 152 -10.54 3.09 1.61
C VAL A 152 -9.11 2.55 1.81
N ILE A 153 -8.32 3.24 2.66
CA ILE A 153 -6.93 2.85 2.91
C ILE A 153 -6.76 2.39 4.36
N VAL A 154 -5.80 1.49 4.49
CA VAL A 154 -5.31 0.96 5.74
C VAL A 154 -3.84 1.27 5.88
N LYS A 155 -3.51 1.59 7.10
CA LYS A 155 -2.16 2.01 7.46
C LYS A 155 -1.61 1.13 8.59
N ILE A 156 -0.68 0.23 8.21
CA ILE A 156 0.05 -0.62 9.14
C ILE A 156 1.39 0.04 9.47
N ILE A 157 1.74 -0.08 10.75
CA ILE A 157 3.04 0.34 11.27
C ILE A 157 3.60 -0.87 12.05
N GLY A 158 4.66 -1.48 11.50
CA GLY A 158 5.10 -2.78 11.96
C GLY A 158 6.56 -3.12 11.70
N HIS A 159 7.21 -2.36 10.78
CA HIS A 159 8.55 -2.68 10.18
C HIS A 159 8.42 -3.83 9.14
N PHE A 160 9.53 -4.21 8.47
CA PHE A 160 9.52 -5.12 7.29
C PHE A 160 8.87 -6.51 7.54
N TYR A 161 9.16 -7.13 8.70
CA TYR A 161 8.64 -8.47 9.07
C TYR A 161 7.16 -8.47 9.48
N ALA A 162 6.78 -7.47 10.31
CA ALA A 162 5.43 -7.39 10.92
C ALA A 162 4.38 -6.90 9.93
N SER A 163 4.67 -5.77 9.25
CA SER A 163 3.91 -5.27 8.06
C SER A 163 3.78 -6.35 6.94
N GLN A 164 4.75 -7.30 6.89
CA GLN A 164 4.74 -8.46 5.95
C GLN A 164 3.55 -9.43 6.27
N MET A 165 3.52 -9.97 7.51
CA MET A 165 2.44 -10.87 8.00
C MET A 165 1.08 -10.15 8.13
N ALA A 166 1.11 -8.88 8.59
CA ALA A 166 -0.11 -8.07 8.83
C ALA A 166 -0.80 -7.65 7.53
N GLN A 167 -0.01 -7.28 6.49
CA GLN A 167 -0.52 -7.03 5.10
C GLN A 167 -1.17 -8.28 4.50
N ARG A 168 -0.49 -9.43 4.69
CA ARG A 168 -0.93 -10.73 4.15
C ARG A 168 -2.13 -11.33 4.93
N LYS A 169 -2.18 -11.13 6.27
CA LYS A 169 -3.35 -11.50 7.11
C LYS A 169 -4.61 -10.71 6.74
N ILE A 170 -4.40 -9.44 6.32
CA ILE A 170 -5.44 -8.53 5.84
C ILE A 170 -5.95 -8.96 4.43
N ARG A 171 -5.02 -9.14 3.46
CA ARG A 171 -5.38 -9.52 2.06
C ARG A 171 -6.11 -10.90 1.99
N ASP A 172 -5.87 -11.75 3.02
CA ASP A 172 -6.54 -13.05 3.19
C ASP A 172 -7.99 -12.89 3.71
N ILE A 173 -8.21 -12.04 4.75
CA ILE A 173 -9.57 -11.69 5.29
C ILE A 173 -10.38 -10.93 4.20
N LEU A 174 -9.70 -9.95 3.57
CA LEU A 174 -10.18 -9.23 2.40
C LEU A 174 -10.43 -10.09 1.16
N ALA A 175 -9.71 -11.23 1.09
CA ALA A 175 -9.97 -12.29 0.10
C ALA A 175 -11.30 -12.99 0.37
N GLN A 176 -11.56 -13.25 1.66
CA GLN A 176 -12.81 -13.87 2.16
C GLN A 176 -14.04 -12.97 1.95
N VAL A 177 -13.78 -11.64 1.95
CA VAL A 177 -14.82 -10.60 1.70
C VAL A 177 -15.14 -10.52 0.21
N LYS A 178 -14.06 -10.36 -0.54
CA LYS A 178 -14.02 -10.53 -2.01
C LYS A 178 -14.64 -11.86 -2.52
N GLN A 179 -14.62 -12.92 -1.64
CA GLN A 179 -15.38 -14.19 -1.89
C GLN A 179 -16.90 -13.97 -1.81
N GLN A 180 -17.35 -13.26 -0.75
CA GLN A 180 -18.78 -12.93 -0.52
C GLN A 180 -19.30 -11.88 -1.55
N HIS A 181 -18.46 -10.89 -1.88
CA HIS A 181 -18.79 -9.80 -2.82
C HIS A 181 -18.81 -10.27 -4.30
N GLN A 182 -18.02 -11.32 -4.64
CA GLN A 182 -17.93 -11.84 -6.01
C GLN A 182 -19.09 -12.79 -6.33
N LYS A 183 -19.24 -13.87 -5.51
CA LYS A 183 -20.30 -14.88 -5.69
C LYS A 183 -20.73 -15.45 -4.33
N GLY A 184 -19.73 -15.91 -3.54
CA GLY A 184 -19.98 -16.51 -2.23
C GLY A 184 -19.54 -17.97 -2.17
N GLN A 185 -19.91 -18.73 -3.21
CA GLN A 185 -19.57 -20.15 -3.33
C GLN A 185 -18.22 -20.30 -4.04
N SER A 186 -17.44 -21.30 -3.58
CA SER A 186 -16.09 -21.58 -4.10
C SER A 186 -16.12 -22.47 -5.35
N GLY A 187 -17.03 -23.46 -5.34
CA GLY A 187 -17.19 -24.39 -6.46
C GLY A 187 -17.75 -25.74 -6.05
N GLN A 188 -16.92 -26.53 -5.31
CA GLN A 188 -17.23 -27.92 -4.83
C GLN A 188 -17.41 -28.92 -5.99
N LEU A 189 -18.30 -28.60 -6.93
CA LEU A 189 -18.59 -29.45 -8.10
C LEU A 189 -18.72 -28.59 -9.36
N GLN A 190 -19.50 -27.50 -9.26
CA GLN A 190 -19.75 -26.58 -10.38
C GLN A 190 -19.70 -25.12 -9.93
N ALA A 191 -19.14 -24.26 -10.80
CA ALA A 191 -19.00 -22.83 -10.54
C ALA A 191 -20.19 -22.04 -11.10
N GLY A 1 -2.54 43.03 -11.79
CA GLY A 1 -3.89 42.42 -11.93
C GLY A 1 -4.41 42.50 -13.35
N ALA A 2 -5.00 43.67 -13.69
CA ALA A 2 -5.54 43.93 -15.03
C ALA A 2 -4.68 44.94 -15.78
N MET A 3 -4.43 44.64 -17.07
CA MET A 3 -3.61 45.49 -17.95
C MET A 3 -4.31 45.68 -19.31
N GLY A 4 -4.78 44.56 -19.88
CA GLY A 4 -5.47 44.55 -21.18
C GLY A 4 -5.43 43.18 -21.88
N PRO A 5 -5.83 43.03 -23.22
CA PRO A 5 -5.80 41.72 -23.91
C PRO A 5 -4.39 41.33 -24.36
N SER A 6 -3.94 40.15 -23.89
CA SER A 6 -2.62 39.61 -24.22
C SER A 6 -2.69 38.09 -24.40
N SER A 7 -1.93 37.59 -25.39
CA SER A 7 -1.88 36.16 -25.71
C SER A 7 -0.66 35.50 -25.06
N VAL A 8 -0.93 34.54 -24.16
CA VAL A 8 0.11 33.78 -23.44
C VAL A 8 -0.35 32.36 -23.11
N SER A 9 -1.51 32.27 -22.44
CA SER A 9 -2.12 30.99 -22.04
C SER A 9 -3.63 31.01 -22.23
N GLY A 10 -4.15 29.95 -22.86
CA GLY A 10 -5.58 29.82 -23.14
C GLY A 10 -6.23 28.67 -22.37
N ALA A 11 -5.62 27.48 -22.48
CA ALA A 11 -6.11 26.26 -21.81
C ALA A 11 -5.02 25.59 -21.02
N ALA A 12 -5.40 25.01 -19.86
CA ALA A 12 -4.48 24.32 -18.95
C ALA A 12 -4.56 22.78 -19.15
N PRO A 13 -3.44 22.04 -19.58
CA PRO A 13 -3.46 20.56 -19.69
C PRO A 13 -3.42 19.86 -18.32
N PHE A 14 -4.37 18.94 -18.11
CA PHE A 14 -4.50 18.17 -16.87
C PHE A 14 -3.59 16.94 -16.87
N SER A 15 -3.11 16.58 -15.67
CA SER A 15 -2.21 15.44 -15.47
C SER A 15 -2.99 14.22 -14.98
N SER A 16 -2.86 13.11 -15.73
CA SER A 16 -3.52 11.84 -15.41
C SER A 16 -2.55 10.84 -14.79
N PHE A 17 -3.06 10.03 -13.86
CA PHE A 17 -2.27 9.01 -13.15
C PHE A 17 -2.26 7.70 -13.93
N MET A 18 -1.04 7.21 -14.22
CA MET A 18 -0.82 5.97 -14.98
C MET A 18 -1.03 4.70 -14.11
N PRO A 19 -1.93 3.69 -14.52
CA PRO A 19 -2.17 2.47 -13.72
C PRO A 19 -0.98 1.45 -13.79
N PRO A 20 -0.41 0.91 -12.61
CA PRO A 20 0.68 -0.12 -12.65
C PRO A 20 0.26 -1.46 -13.27
N GLU A 21 1.25 -2.29 -13.63
CA GLU A 21 1.04 -3.55 -14.35
C GLU A 21 0.45 -4.68 -13.45
N GLN A 22 1.29 -5.31 -12.59
CA GLN A 22 0.89 -6.33 -11.61
C GLN A 22 0.10 -5.70 -10.43
N GLU A 23 -0.12 -6.46 -9.30
CA GLU A 23 -0.73 -5.94 -8.07
C GLU A 23 0.19 -4.91 -7.39
N THR A 24 -0.37 -4.12 -6.47
CA THR A 24 0.30 -2.95 -5.93
C THR A 24 0.07 -2.80 -4.43
N VAL A 25 1.16 -2.40 -3.77
CA VAL A 25 1.12 -1.88 -2.40
C VAL A 25 1.70 -0.46 -2.44
N HIS A 26 1.27 0.34 -1.48
CA HIS A 26 1.71 1.72 -1.37
C HIS A 26 2.38 1.96 -0.02
N VAL A 27 3.69 2.22 -0.06
CA VAL A 27 4.49 2.48 1.14
C VAL A 27 4.46 3.98 1.47
N PHE A 28 4.44 4.25 2.76
CA PHE A 28 4.58 5.58 3.31
C PHE A 28 5.96 5.63 3.93
N ILE A 29 6.83 6.28 3.22
CA ILE A 29 8.14 6.68 3.71
C ILE A 29 8.26 8.20 3.77
N PRO A 30 9.23 8.78 4.58
CA PRO A 30 9.51 10.24 4.62
C PRO A 30 9.62 10.90 3.24
N ALA A 31 8.99 12.09 3.09
CA ALA A 31 9.30 13.05 1.97
C ALA A 31 10.78 13.52 1.95
N GLN A 32 11.49 13.25 3.06
CA GLN A 32 12.94 13.42 3.17
C GLN A 32 13.70 12.08 2.87
N ALA A 33 12.94 11.04 2.44
CA ALA A 33 13.50 9.72 2.18
C ALA A 33 13.61 9.44 0.69
N VAL A 34 12.79 10.15 -0.13
CA VAL A 34 12.76 10.01 -1.61
C VAL A 34 14.05 10.61 -2.23
N GLY A 35 14.63 11.60 -1.53
CA GLY A 35 15.96 12.17 -1.87
C GLY A 35 17.10 11.14 -1.82
N ALA A 36 16.90 10.09 -0.98
CA ALA A 36 17.80 8.94 -0.91
C ALA A 36 17.47 7.92 -2.01
N ILE A 37 16.15 7.73 -2.28
CA ILE A 37 15.62 6.73 -3.21
C ILE A 37 15.89 7.14 -4.70
N ILE A 38 15.44 8.35 -5.06
CA ILE A 38 15.66 8.94 -6.38
C ILE A 38 17.02 9.67 -6.48
N GLY A 39 17.65 10.05 -5.36
CA GLY A 39 18.80 10.97 -5.38
C GLY A 39 20.00 10.51 -6.23
N ASP A 40 20.43 9.24 -6.06
CA ASP A 40 21.64 8.69 -6.75
C ASP A 40 21.40 8.54 -8.28
N ASP A 41 21.55 9.70 -8.99
CA ASP A 41 21.29 9.88 -10.45
C ASP A 41 19.85 9.47 -10.89
N GLY A 42 18.93 9.26 -9.89
CA GLY A 42 17.58 8.66 -10.16
C GLY A 42 17.63 7.23 -10.70
N GLN A 43 18.69 6.49 -10.33
CA GLN A 43 18.92 5.12 -10.82
C GLN A 43 18.95 4.09 -9.65
N HIS A 44 18.64 4.55 -8.40
CA HIS A 44 18.62 3.68 -7.20
C HIS A 44 17.33 2.86 -7.14
N ILE A 45 16.18 3.53 -7.36
CA ILE A 45 14.86 2.95 -7.47
C ILE A 45 14.73 1.93 -8.66
N LYS A 46 15.30 2.34 -9.82
CA LYS A 46 15.41 1.50 -11.03
C LYS A 46 16.47 0.38 -10.89
N GLN A 47 17.38 0.56 -9.90
CA GLN A 47 18.39 -0.45 -9.51
C GLN A 47 17.75 -1.59 -8.70
N LEU A 48 16.82 -1.20 -7.77
CA LEU A 48 16.01 -2.12 -6.99
C LEU A 48 15.09 -3.03 -7.82
N SER A 49 14.67 -2.52 -9.01
CA SER A 49 13.70 -3.20 -9.91
C SER A 49 14.13 -4.63 -10.33
N ARG A 50 15.45 -4.81 -10.49
CA ARG A 50 16.07 -6.12 -10.71
C ARG A 50 16.25 -6.92 -9.41
N PHE A 51 16.41 -6.17 -8.30
CA PHE A 51 16.78 -6.69 -6.96
C PHE A 51 15.62 -7.43 -6.28
N ALA A 52 14.41 -6.84 -6.42
CA ALA A 52 13.25 -7.25 -5.62
C ALA A 52 12.19 -8.02 -6.39
N SER A 53 12.37 -8.19 -7.74
CA SER A 53 11.32 -8.76 -8.68
C SER A 53 10.09 -7.85 -8.85
N ALA A 54 10.14 -6.72 -8.13
CA ALA A 54 9.07 -5.72 -8.07
C ALA A 54 9.43 -4.43 -8.86
N SER A 55 8.45 -3.49 -8.94
CA SER A 55 8.57 -2.26 -9.70
C SER A 55 8.07 -1.09 -8.86
N ILE A 56 8.99 -0.16 -8.58
CA ILE A 56 8.81 0.90 -7.58
C ILE A 56 8.64 2.28 -8.29
N LYS A 57 7.48 2.95 -8.06
CA LYS A 57 7.25 4.33 -8.51
C LYS A 57 7.07 5.30 -7.35
N ILE A 58 7.75 6.47 -7.37
CA ILE A 58 7.48 7.58 -6.43
C ILE A 58 6.18 8.33 -6.79
N ALA A 59 5.42 8.59 -5.73
CA ALA A 59 4.09 9.22 -5.82
C ALA A 59 4.09 10.65 -5.24
N PRO A 60 3.21 11.61 -5.76
CA PRO A 60 3.24 13.03 -5.34
C PRO A 60 2.58 13.28 -3.95
N PRO A 61 2.94 14.37 -3.15
CA PRO A 61 2.31 14.67 -1.84
C PRO A 61 0.97 15.40 -1.99
N GLU A 62 -0.05 14.96 -1.21
CA GLU A 62 -1.43 15.46 -1.37
C GLU A 62 -1.82 16.49 -0.29
N THR A 63 -1.86 16.04 0.98
CA THR A 63 -2.40 16.82 2.13
C THR A 63 -1.99 16.14 3.48
N PRO A 64 -2.42 14.85 3.85
CA PRO A 64 -1.75 14.05 4.92
C PRO A 64 -0.41 13.49 4.45
N ASP A 65 -0.41 13.04 3.17
CA ASP A 65 0.80 12.58 2.45
C ASP A 65 1.84 13.69 2.22
N SER A 66 1.34 14.92 2.28
CA SER A 66 2.11 16.20 2.15
C SER A 66 3.54 16.21 2.77
N LYS A 67 3.73 15.45 3.87
CA LYS A 67 5.01 15.36 4.59
C LYS A 67 5.75 14.03 4.31
N VAL A 68 5.03 13.04 3.76
CA VAL A 68 5.61 11.81 3.26
C VAL A 68 5.63 11.78 1.72
N ARG A 69 6.09 10.64 1.21
CA ARG A 69 5.87 10.23 -0.16
C ARG A 69 5.57 8.75 -0.19
N MET A 70 4.74 8.37 -1.15
CA MET A 70 4.24 7.04 -1.28
C MET A 70 4.98 6.37 -2.45
N VAL A 71 5.44 5.12 -2.23
CA VAL A 71 6.03 4.34 -3.32
C VAL A 71 5.04 3.25 -3.83
N VAL A 72 5.14 3.00 -5.12
CA VAL A 72 4.32 2.02 -5.84
C VAL A 72 5.08 0.68 -5.87
N ILE A 73 4.62 -0.26 -5.03
CA ILE A 73 5.12 -1.63 -5.02
C ILE A 73 4.25 -2.50 -5.92
N THR A 74 4.77 -2.67 -7.14
CA THR A 74 4.14 -3.54 -8.16
C THR A 74 4.97 -4.83 -8.28
N GLY A 75 4.24 -5.90 -8.64
CA GLY A 75 4.85 -7.15 -9.01
C GLY A 75 4.16 -8.37 -8.37
N PRO A 76 4.66 -9.67 -8.58
CA PRO A 76 4.06 -10.90 -7.98
C PRO A 76 3.88 -10.87 -6.43
N PRO A 77 3.32 -11.95 -5.73
CA PRO A 77 3.26 -11.98 -4.23
C PRO A 77 4.64 -11.95 -3.55
N GLU A 78 5.66 -12.49 -4.26
CA GLU A 78 7.06 -12.56 -3.77
C GLU A 78 7.79 -11.21 -3.90
N ALA A 79 7.55 -10.51 -5.02
CA ALA A 79 8.22 -9.23 -5.38
C ALA A 79 8.05 -8.10 -4.34
N GLN A 80 6.88 -8.11 -3.66
CA GLN A 80 6.46 -7.04 -2.72
C GLN A 80 7.29 -7.06 -1.42
N PHE A 81 7.71 -8.28 -1.01
CA PHE A 81 8.51 -8.53 0.21
C PHE A 81 9.91 -7.90 0.13
N LYS A 82 10.57 -8.07 -1.06
CA LYS A 82 11.95 -7.62 -1.27
C LYS A 82 12.06 -6.10 -1.43
N ALA A 83 11.08 -5.51 -2.17
CA ALA A 83 11.06 -4.06 -2.48
C ALA A 83 10.75 -3.16 -1.28
N GLN A 84 9.93 -3.64 -0.30
CA GLN A 84 9.69 -2.86 0.95
C GLN A 84 10.83 -3.04 1.95
N GLY A 85 11.48 -4.24 1.95
CA GLY A 85 12.74 -4.49 2.73
C GLY A 85 13.83 -3.43 2.47
N ARG A 86 13.75 -2.86 1.26
CA ARG A 86 14.57 -1.78 0.79
C ARG A 86 14.06 -0.42 1.23
N ILE A 87 12.69 -0.24 1.40
CA ILE A 87 12.13 1.05 1.83
C ILE A 87 12.38 1.23 3.35
N TYR A 88 12.23 0.07 4.04
CA TYR A 88 12.61 -0.12 5.45
C TYR A 88 14.12 -0.15 5.65
N GLY A 89 14.81 -0.68 4.62
CA GLY A 89 16.27 -0.79 4.58
C GLY A 89 16.99 0.56 4.54
N LYS A 90 16.30 1.59 3.96
CA LYS A 90 16.85 2.94 3.84
C LYS A 90 16.80 3.74 5.12
N LEU A 91 15.75 3.55 5.96
CA LEU A 91 15.78 4.03 7.35
C LEU A 91 16.74 3.25 8.23
N LYS A 92 16.95 1.95 7.88
CA LYS A 92 18.02 1.10 8.46
C LYS A 92 19.41 1.68 8.23
N GLU A 93 19.63 2.14 6.99
CA GLU A 93 20.89 2.73 6.58
C GLU A 93 21.01 4.23 6.99
N GLU A 94 19.93 5.01 6.76
CA GLU A 94 19.95 6.46 6.90
C GLU A 94 19.36 6.98 8.19
N ASN A 95 18.36 6.23 8.74
CA ASN A 95 17.56 6.61 9.94
C ASN A 95 16.88 8.02 9.82
N PHE A 96 16.05 8.19 8.74
CA PHE A 96 15.29 9.46 8.50
C PHE A 96 14.19 9.71 9.56
N PHE A 97 13.73 8.61 10.21
CA PHE A 97 12.57 8.60 11.10
C PHE A 97 12.77 9.30 12.45
N GLY A 98 14.02 9.29 12.92
CA GLY A 98 14.36 9.68 14.27
C GLY A 98 15.27 8.62 14.88
N PRO A 99 16.65 8.73 14.76
CA PRO A 99 17.58 7.55 14.88
C PRO A 99 17.56 6.78 16.20
N LYS A 100 16.99 7.44 17.16
CA LYS A 100 16.82 6.97 18.52
C LYS A 100 15.72 5.89 18.71
N GLU A 101 15.25 5.37 17.58
CA GLU A 101 14.29 4.30 17.51
C GLU A 101 14.76 3.26 16.46
N GLU A 102 13.77 2.60 15.91
CA GLU A 102 13.88 1.59 14.86
C GLU A 102 12.84 1.89 13.77
N VAL A 103 12.96 1.18 12.62
CA VAL A 103 12.10 1.43 11.45
C VAL A 103 10.63 1.02 11.70
N LYS A 104 9.77 2.01 11.57
CA LYS A 104 8.32 1.82 11.64
C LYS A 104 7.65 2.77 10.65
N LEU A 105 7.48 2.26 9.43
CA LEU A 105 6.88 3.01 8.35
C LEU A 105 5.51 2.46 7.99
N GLU A 106 4.63 3.40 7.65
CA GLU A 106 3.20 3.15 7.38
C GLU A 106 2.99 2.58 5.95
N THR A 107 2.10 1.57 5.82
CA THR A 107 1.74 0.98 4.51
C THR A 107 0.25 1.14 4.22
N HIS A 108 -0.01 1.82 3.10
CA HIS A 108 -1.37 2.05 2.59
C HIS A 108 -1.75 0.99 1.56
N ILE A 109 -2.84 0.25 1.86
CA ILE A 109 -3.40 -0.73 0.91
C ILE A 109 -4.93 -0.61 0.84
N ARG A 110 -5.44 -0.26 -0.36
CA ARG A 110 -6.87 -0.01 -0.61
C ARG A 110 -7.71 -1.27 -0.51
N VAL A 111 -8.74 -1.14 0.31
CA VAL A 111 -9.60 -2.24 0.74
C VAL A 111 -11.06 -1.72 0.69
N PRO A 112 -12.16 -2.57 0.52
CA PRO A 112 -13.53 -2.04 0.39
C PRO A 112 -14.02 -1.29 1.62
N ALA A 113 -14.73 -0.22 1.32
CA ALA A 113 -15.27 0.76 2.27
C ALA A 113 -16.06 0.17 3.46
N SER A 114 -16.90 -0.82 3.16
CA SER A 114 -17.61 -1.61 4.21
C SER A 114 -16.84 -2.90 4.59
N ALA A 115 -15.54 -2.91 4.26
CA ALA A 115 -14.62 -4.00 4.54
C ALA A 115 -13.50 -3.53 5.47
N ALA A 116 -13.56 -2.23 5.82
CA ALA A 116 -12.64 -1.54 6.74
C ALA A 116 -12.74 -2.03 8.18
N GLY A 117 -13.91 -2.56 8.53
CA GLY A 117 -14.11 -3.29 9.80
C GLY A 117 -13.74 -4.77 9.71
N ARG A 118 -13.48 -5.28 8.47
CA ARG A 118 -13.00 -6.66 8.24
C ARG A 118 -11.50 -6.75 8.47
N VAL A 119 -10.82 -5.66 8.09
CA VAL A 119 -9.37 -5.48 8.25
C VAL A 119 -8.99 -5.23 9.74
N ILE A 120 -9.91 -4.53 10.44
CA ILE A 120 -9.84 -4.24 11.88
C ILE A 120 -10.34 -5.46 12.70
N GLY A 121 -11.32 -6.19 12.14
CA GLY A 121 -11.91 -7.37 12.79
C GLY A 121 -12.96 -7.02 13.83
N LYS A 122 -13.14 -7.94 14.82
CA LYS A 122 -14.08 -7.79 15.95
C LYS A 122 -13.74 -6.58 16.88
N GLY A 123 -14.13 -5.37 16.40
CA GLY A 123 -13.93 -4.11 17.14
C GLY A 123 -12.48 -3.64 17.14
N GLY A 124 -11.60 -4.49 17.68
CA GLY A 124 -10.16 -4.23 17.74
C GLY A 124 -9.37 -5.45 18.15
N LYS A 125 -9.71 -6.61 17.53
CA LYS A 125 -9.05 -7.89 17.81
C LYS A 125 -7.96 -8.19 16.75
N THR A 126 -8.16 -7.67 15.50
CA THR A 126 -7.15 -7.76 14.42
C THR A 126 -6.05 -6.71 14.64
N VAL A 127 -6.44 -5.51 15.12
CA VAL A 127 -5.50 -4.41 15.45
C VAL A 127 -4.74 -4.70 16.79
N ASN A 128 -5.32 -5.58 17.64
CA ASN A 128 -4.74 -5.96 18.94
C ASN A 128 -3.68 -7.05 18.79
N GLU A 129 -3.99 -8.06 17.93
CA GLU A 129 -3.06 -9.18 17.62
C GLU A 129 -1.89 -8.71 16.72
N LEU A 130 -2.18 -7.71 15.87
CA LEU A 130 -1.23 -7.05 14.95
C LEU A 130 -0.17 -6.22 15.71
N GLN A 131 -0.63 -5.34 16.64
CA GLN A 131 0.24 -4.48 17.47
C GLN A 131 1.17 -5.29 18.42
N ASN A 132 0.57 -6.22 19.19
CA ASN A 132 1.26 -6.90 20.31
C ASN A 132 2.12 -8.06 19.83
N LEU A 133 1.58 -8.90 18.93
CA LEU A 133 2.27 -10.10 18.44
C LEU A 133 3.09 -9.86 17.17
N THR A 134 2.65 -8.88 16.34
CA THR A 134 3.25 -8.66 15.01
C THR A 134 4.09 -7.37 14.96
N ALA A 135 3.79 -6.37 15.84
CA ALA A 135 4.39 -4.97 15.80
C ALA A 135 3.94 -4.14 14.58
N ALA A 136 3.36 -4.83 13.57
CA ALA A 136 2.67 -4.23 12.43
C ALA A 136 1.22 -3.91 12.85
N GLU A 137 0.81 -2.62 12.82
CA GLU A 137 -0.47 -2.19 13.42
C GLU A 137 -1.45 -1.67 12.36
N VAL A 138 -2.64 -2.30 12.34
CA VAL A 138 -3.70 -2.02 11.38
C VAL A 138 -4.54 -0.79 11.81
N VAL A 139 -4.64 0.17 10.87
CA VAL A 139 -5.28 1.48 11.10
C VAL A 139 -6.26 1.80 9.94
N VAL A 140 -7.42 2.46 10.26
CA VAL A 140 -8.34 2.92 9.16
C VAL A 140 -8.79 4.43 9.29
N PRO A 141 -8.09 5.45 8.62
CA PRO A 141 -8.34 6.93 8.81
C PRO A 141 -9.80 7.39 8.73
N ARG A 142 -10.11 8.37 9.60
CA ARG A 142 -11.46 8.95 9.73
C ARG A 142 -11.64 10.06 8.69
N ASP A 143 -12.93 10.48 8.51
CA ASP A 143 -13.40 11.45 7.47
C ASP A 143 -13.00 10.99 6.01
N GLN A 144 -12.72 9.68 5.88
CA GLN A 144 -12.24 9.06 4.64
C GLN A 144 -13.43 8.67 3.75
N THR A 145 -13.51 9.33 2.58
CA THR A 145 -14.45 8.98 1.53
C THR A 145 -13.86 7.83 0.67
N PRO A 146 -14.66 6.72 0.33
CA PRO A 146 -14.19 5.61 -0.56
C PRO A 146 -13.76 6.06 -1.94
N ASP A 147 -13.09 5.12 -2.59
CA ASP A 147 -12.52 5.29 -3.91
C ASP A 147 -13.43 4.68 -4.98
N GLU A 148 -12.96 4.70 -6.26
CA GLU A 148 -13.70 4.14 -7.43
C GLU A 148 -13.94 2.63 -7.30
N ASN A 149 -12.87 1.99 -6.90
CA ASN A 149 -12.78 0.55 -6.62
C ASN A 149 -13.51 0.13 -5.31
N GLU A 150 -14.36 1.07 -4.77
CA GLU A 150 -15.19 0.88 -3.53
C GLU A 150 -14.29 0.73 -2.27
N GLN A 151 -13.20 1.55 -2.21
CA GLN A 151 -12.14 1.30 -1.26
C GLN A 151 -11.66 2.51 -0.52
N VAL A 152 -11.40 2.17 0.72
CA VAL A 152 -10.73 2.98 1.70
C VAL A 152 -9.34 2.37 1.98
N ILE A 153 -8.54 3.11 2.76
CA ILE A 153 -7.17 2.71 3.07
C ILE A 153 -7.09 2.15 4.49
N VAL A 154 -6.11 1.27 4.66
CA VAL A 154 -5.68 0.76 5.93
C VAL A 154 -4.15 0.98 6.01
N LYS A 155 -3.75 1.37 7.20
CA LYS A 155 -2.41 1.88 7.46
C LYS A 155 -1.73 1.07 8.57
N ILE A 156 -0.83 0.20 8.12
CA ILE A 156 0.02 -0.64 8.96
C ILE A 156 1.31 0.11 9.29
N ILE A 157 1.72 0.01 10.56
CA ILE A 157 3.01 0.54 11.02
C ILE A 157 3.80 -0.62 11.66
N GLY A 158 4.86 -0.99 10.94
CA GLY A 158 5.74 -2.09 11.32
C GLY A 158 7.04 -2.05 10.54
N HIS A 159 7.41 -3.22 10.00
CA HIS A 159 8.56 -3.36 9.08
C HIS A 159 8.27 -4.42 8.01
N PHE A 160 9.16 -4.59 6.99
CA PHE A 160 8.98 -5.57 5.88
C PHE A 160 8.58 -7.01 6.34
N TYR A 161 9.07 -7.42 7.54
CA TYR A 161 8.72 -8.71 8.17
C TYR A 161 7.30 -8.72 8.78
N ALA A 162 6.98 -7.63 9.52
CA ALA A 162 5.70 -7.49 10.24
C ALA A 162 4.57 -7.11 9.29
N SER A 163 4.79 -6.03 8.50
CA SER A 163 3.93 -5.63 7.36
C SER A 163 3.65 -6.76 6.33
N GLN A 164 4.62 -7.70 6.10
CA GLN A 164 4.39 -8.84 5.16
C GLN A 164 3.38 -9.86 5.72
N MET A 165 3.62 -10.32 6.98
CA MET A 165 2.71 -11.25 7.70
C MET A 165 1.37 -10.57 8.09
N ALA A 166 1.42 -9.22 8.32
CA ALA A 166 0.24 -8.42 8.64
C ALA A 166 -0.64 -8.17 7.41
N GLN A 167 -0.05 -7.61 6.30
CA GLN A 167 -0.77 -7.36 5.01
C GLN A 167 -1.48 -8.63 4.51
N ARG A 168 -0.81 -9.79 4.72
CA ARG A 168 -1.33 -11.10 4.34
C ARG A 168 -2.49 -11.59 5.25
N LYS A 169 -2.47 -11.21 6.55
CA LYS A 169 -3.61 -11.44 7.49
C LYS A 169 -4.89 -10.69 7.06
N ILE A 170 -4.68 -9.44 6.59
CA ILE A 170 -5.71 -8.54 6.10
C ILE A 170 -6.23 -8.97 4.70
N ARG A 171 -5.30 -9.24 3.74
CA ARG A 171 -5.70 -9.66 2.37
C ARG A 171 -6.42 -11.05 2.37
N ASP A 172 -6.16 -11.87 3.43
CA ASP A 172 -6.82 -13.16 3.65
C ASP A 172 -8.27 -13.02 4.15
N ILE A 173 -8.50 -12.10 5.14
CA ILE A 173 -9.86 -11.73 5.66
C ILE A 173 -10.69 -11.11 4.50
N LEU A 174 -10.07 -10.10 3.86
CA LEU A 174 -10.57 -9.43 2.68
C LEU A 174 -10.80 -10.32 1.46
N ALA A 175 -10.04 -11.43 1.38
CA ALA A 175 -10.24 -12.47 0.36
C ALA A 175 -11.51 -13.28 0.61
N GLN A 176 -11.74 -13.58 1.89
CA GLN A 176 -13.01 -14.18 2.39
C GLN A 176 -14.21 -13.21 2.24
N VAL A 177 -13.86 -11.92 2.13
CA VAL A 177 -14.82 -10.81 1.87
C VAL A 177 -15.13 -10.78 0.38
N LYS A 178 -14.05 -10.63 -0.40
CA LYS A 178 -14.07 -10.72 -1.86
C LYS A 178 -14.72 -12.02 -2.39
N GLN A 179 -14.66 -13.10 -1.53
CA GLN A 179 -15.36 -14.37 -1.78
C GLN A 179 -16.88 -14.26 -1.52
N GLN A 180 -17.26 -13.52 -0.43
CA GLN A 180 -18.68 -13.29 -0.07
C GLN A 180 -19.41 -12.36 -1.07
N HIS A 181 -18.69 -11.30 -1.55
CA HIS A 181 -19.21 -10.35 -2.55
C HIS A 181 -19.27 -10.91 -3.97
N GLN A 182 -18.30 -11.78 -4.34
CA GLN A 182 -18.22 -12.38 -5.70
C GLN A 182 -19.18 -13.58 -5.84
N LYS A 183 -19.38 -14.33 -4.73
CA LYS A 183 -20.26 -15.51 -4.71
C LYS A 183 -21.70 -15.08 -4.42
N GLY A 184 -22.58 -15.31 -5.40
CA GLY A 184 -23.99 -14.95 -5.29
C GLY A 184 -24.58 -14.47 -6.62
N GLN A 185 -25.89 -14.71 -6.79
CA GLN A 185 -26.61 -14.33 -8.02
C GLN A 185 -27.19 -12.92 -7.88
N SER A 186 -26.75 -12.02 -8.77
CA SER A 186 -27.19 -10.62 -8.81
C SER A 186 -27.34 -10.13 -10.24
N GLY A 187 -28.16 -9.07 -10.42
CA GLY A 187 -28.40 -8.47 -11.73
C GLY A 187 -29.64 -7.58 -11.75
N GLN A 188 -29.85 -6.82 -10.64
CA GLN A 188 -31.01 -5.86 -10.45
C GLN A 188 -32.39 -6.52 -10.64
N LEU A 189 -33.18 -6.51 -9.55
CA LEU A 189 -34.53 -7.10 -9.54
C LEU A 189 -35.49 -6.21 -8.74
N GLN A 190 -36.74 -6.10 -9.24
CA GLN A 190 -37.79 -5.28 -8.61
C GLN A 190 -39.09 -6.07 -8.49
N ALA A 191 -39.47 -6.76 -9.58
CA ALA A 191 -40.70 -7.56 -9.64
C ALA A 191 -40.42 -8.97 -10.18
N GLY A 1 22.55 21.84 -35.46
CA GLY A 1 21.57 22.07 -34.38
C GLY A 1 21.52 20.94 -33.38
N ALA A 2 20.93 21.22 -32.20
CA ALA A 2 20.80 20.24 -31.12
C ALA A 2 19.48 19.47 -31.23
N MET A 3 19.58 18.14 -31.06
CA MET A 3 18.41 17.23 -31.14
C MET A 3 17.82 16.98 -29.74
N GLY A 4 16.46 17.02 -29.67
CA GLY A 4 15.74 16.78 -28.43
C GLY A 4 14.38 16.09 -28.67
N PRO A 5 13.29 16.78 -29.23
CA PRO A 5 11.99 16.14 -29.49
C PRO A 5 12.01 15.30 -30.76
N SER A 6 11.62 14.01 -30.61
CA SER A 6 11.58 13.05 -31.72
C SER A 6 10.34 12.17 -31.64
N SER A 7 9.65 12.00 -32.81
CA SER A 7 8.39 11.18 -32.97
C SER A 7 7.24 11.65 -32.05
N VAL A 8 6.00 11.56 -32.58
CA VAL A 8 4.78 11.98 -31.87
C VAL A 8 4.27 10.81 -30.95
N SER A 9 5.21 10.11 -30.30
CA SER A 9 4.92 9.00 -29.40
C SER A 9 5.04 9.43 -27.92
N GLY A 10 6.12 10.17 -27.62
CA GLY A 10 6.37 10.66 -26.27
C GLY A 10 5.74 12.03 -26.03
N ALA A 11 5.36 12.28 -24.77
CA ALA A 11 4.72 13.53 -24.36
C ALA A 11 5.36 14.07 -23.08
N ALA A 12 5.68 15.38 -23.11
CA ALA A 12 6.31 16.08 -21.99
C ALA A 12 5.30 16.51 -20.89
N PRO A 13 4.03 17.08 -21.21
CA PRO A 13 3.06 17.46 -20.16
C PRO A 13 2.30 16.25 -19.61
N PHE A 14 1.86 16.35 -18.34
CA PHE A 14 1.15 15.30 -17.63
C PHE A 14 -0.35 15.31 -17.95
N SER A 15 -0.82 14.22 -18.58
CA SER A 15 -2.23 14.04 -18.95
C SER A 15 -2.66 12.58 -18.75
N SER A 16 -1.80 11.65 -19.21
CA SER A 16 -2.04 10.20 -19.09
C SER A 16 -0.77 9.47 -18.70
N PHE A 17 -0.82 8.81 -17.52
CA PHE A 17 0.30 8.04 -16.97
C PHE A 17 0.00 6.54 -17.09
N MET A 18 1.06 5.75 -17.31
CA MET A 18 0.99 4.29 -17.43
C MET A 18 0.86 3.60 -16.03
N PRO A 19 -0.38 3.08 -15.61
CA PRO A 19 -0.57 2.50 -14.26
C PRO A 19 0.04 1.07 -14.10
N PRO A 20 0.02 0.40 -12.86
CA PRO A 20 0.56 -0.98 -12.68
C PRO A 20 -0.22 -2.06 -13.45
N GLU A 21 0.40 -3.25 -13.58
CA GLU A 21 -0.17 -4.37 -14.32
C GLU A 21 -0.69 -5.46 -13.37
N GLN A 22 0.19 -5.86 -12.45
CA GLN A 22 -0.05 -6.91 -11.47
C GLN A 22 -0.67 -6.28 -10.19
N GLU A 23 -0.71 -7.05 -9.05
CA GLU A 23 -1.09 -6.53 -7.72
C GLU A 23 -0.11 -5.48 -7.21
N THR A 24 -0.64 -4.58 -6.37
CA THR A 24 0.08 -3.38 -5.96
C THR A 24 -0.06 -3.12 -4.47
N VAL A 25 1.03 -2.55 -3.92
CA VAL A 25 1.05 -1.95 -2.58
C VAL A 25 1.64 -0.53 -2.73
N HIS A 26 1.33 0.30 -1.75
CA HIS A 26 1.81 1.67 -1.71
C HIS A 26 2.53 1.91 -0.39
N VAL A 27 3.87 2.10 -0.49
CA VAL A 27 4.74 2.26 0.69
C VAL A 27 4.78 3.72 1.08
N PHE A 28 4.29 4.00 2.28
CA PHE A 28 4.38 5.32 2.86
C PHE A 28 5.61 5.40 3.74
N ILE A 29 6.59 6.03 3.13
CA ILE A 29 7.88 6.36 3.73
C ILE A 29 8.02 7.87 3.88
N PRO A 30 9.02 8.41 4.72
CA PRO A 30 9.31 9.88 4.78
C PRO A 30 9.48 10.55 3.41
N ALA A 31 8.90 11.77 3.26
CA ALA A 31 9.25 12.70 2.14
C ALA A 31 10.74 13.16 2.18
N GLN A 32 11.40 12.90 3.33
CA GLN A 32 12.84 13.04 3.50
C GLN A 32 13.57 11.68 3.24
N ALA A 33 12.81 10.67 2.78
CA ALA A 33 13.35 9.33 2.50
C ALA A 33 13.52 9.14 1.01
N VAL A 34 12.65 9.80 0.23
CA VAL A 34 12.64 9.71 -1.24
C VAL A 34 13.85 10.42 -1.90
N GLY A 35 14.44 11.36 -1.12
CA GLY A 35 15.71 12.02 -1.46
C GLY A 35 16.92 11.07 -1.43
N ALA A 36 16.82 10.01 -0.59
CA ALA A 36 17.79 8.91 -0.58
C ALA A 36 17.53 7.92 -1.72
N ILE A 37 16.23 7.65 -1.97
CA ILE A 37 15.75 6.65 -2.92
C ILE A 37 15.93 7.13 -4.39
N ILE A 38 15.37 8.31 -4.72
CA ILE A 38 15.56 8.99 -5.99
C ILE A 38 16.92 9.73 -6.09
N GLY A 39 17.56 10.05 -4.95
CA GLY A 39 18.73 10.97 -4.94
C GLY A 39 19.89 10.55 -5.85
N ASP A 40 20.31 9.27 -5.77
CA ASP A 40 21.46 8.73 -6.52
C ASP A 40 21.18 8.70 -8.06
N ASP A 41 21.38 9.91 -8.68
CA ASP A 41 21.12 10.21 -10.12
C ASP A 41 19.66 9.92 -10.58
N GLY A 42 18.73 9.66 -9.59
CA GLY A 42 17.36 9.16 -9.93
C GLY A 42 17.31 7.81 -10.67
N GLN A 43 18.36 7.00 -10.47
CA GLN A 43 18.51 5.70 -11.13
C GLN A 43 18.56 4.54 -10.10
N HIS A 44 18.31 4.84 -8.80
CA HIS A 44 18.33 3.84 -7.71
C HIS A 44 17.02 3.02 -7.70
N ILE A 45 15.87 3.74 -7.76
CA ILE A 45 14.53 3.19 -7.91
C ILE A 45 14.36 2.27 -9.17
N LYS A 46 14.92 2.76 -10.30
CA LYS A 46 15.04 1.99 -11.57
C LYS A 46 16.13 0.91 -11.49
N GLN A 47 17.05 1.06 -10.52
CA GLN A 47 18.07 0.04 -10.20
C GLN A 47 17.48 -1.13 -9.41
N LEU A 48 16.57 -0.81 -8.46
CA LEU A 48 15.84 -1.78 -7.65
C LEU A 48 14.99 -2.78 -8.46
N SER A 49 14.52 -2.33 -9.65
CA SER A 49 13.63 -3.13 -10.55
C SER A 49 14.25 -4.49 -10.98
N ARG A 50 15.58 -4.49 -11.10
CA ARG A 50 16.39 -5.70 -11.30
C ARG A 50 16.62 -6.49 -10.00
N PHE A 51 16.64 -5.75 -8.88
CA PHE A 51 17.02 -6.24 -7.54
C PHE A 51 15.88 -7.05 -6.90
N ALA A 52 14.66 -6.52 -7.01
CA ALA A 52 13.49 -7.05 -6.30
C ALA A 52 12.64 -7.99 -7.13
N SER A 53 12.85 -8.03 -8.49
CA SER A 53 11.94 -8.72 -9.48
C SER A 53 10.55 -8.05 -9.60
N ALA A 54 10.39 -7.00 -8.80
CA ALA A 54 9.19 -6.18 -8.73
C ALA A 54 9.39 -4.85 -9.50
N SER A 55 8.35 -3.98 -9.48
CA SER A 55 8.30 -2.76 -10.27
C SER A 55 7.88 -1.58 -9.41
N ILE A 56 8.84 -0.69 -9.17
CA ILE A 56 8.74 0.38 -8.18
C ILE A 56 8.57 1.77 -8.90
N LYS A 57 7.59 2.59 -8.45
CA LYS A 57 7.49 4.01 -8.81
C LYS A 57 7.42 4.90 -7.57
N ILE A 58 8.08 6.10 -7.58
CA ILE A 58 7.79 7.18 -6.58
C ILE A 58 6.52 7.94 -7.02
N ALA A 59 5.77 8.36 -6.00
CA ALA A 59 4.47 9.01 -6.17
C ALA A 59 4.52 10.51 -5.77
N PRO A 60 3.71 11.42 -6.46
CA PRO A 60 3.85 12.89 -6.28
C PRO A 60 3.28 13.42 -4.93
N PRO A 61 3.72 14.65 -4.38
CA PRO A 61 3.29 15.15 -3.06
C PRO A 61 1.95 15.91 -3.12
N GLU A 62 0.93 15.40 -2.37
CA GLU A 62 -0.42 15.97 -2.38
C GLU A 62 -0.71 16.82 -1.11
N THR A 63 -0.69 16.14 0.06
CA THR A 63 -1.12 16.70 1.35
C THR A 63 -0.67 15.75 2.52
N PRO A 64 -1.08 14.40 2.60
CA PRO A 64 -0.33 13.39 3.40
C PRO A 64 0.96 12.97 2.70
N ASP A 65 0.85 12.82 1.37
CA ASP A 65 2.00 12.58 0.45
C ASP A 65 2.87 13.83 0.24
N SER A 66 2.41 14.92 0.83
CA SER A 66 3.16 16.18 0.98
C SER A 66 4.23 16.10 2.09
N LYS A 67 3.98 15.31 3.15
CA LYS A 67 4.91 15.13 4.29
C LYS A 67 5.66 13.80 4.23
N VAL A 68 4.97 12.76 3.73
CA VAL A 68 5.59 11.51 3.29
C VAL A 68 5.62 11.44 1.75
N ARG A 69 6.10 10.31 1.23
CA ARG A 69 5.90 9.94 -0.17
C ARG A 69 5.71 8.44 -0.28
N MET A 70 4.95 8.07 -1.31
CA MET A 70 4.46 6.73 -1.50
C MET A 70 5.16 6.11 -2.73
N VAL A 71 5.48 4.80 -2.61
CA VAL A 71 6.01 4.03 -3.72
C VAL A 71 4.96 3.01 -4.24
N VAL A 72 5.00 2.82 -5.56
CA VAL A 72 4.18 1.85 -6.30
C VAL A 72 4.91 0.48 -6.29
N ILE A 73 4.40 -0.45 -5.47
CA ILE A 73 4.90 -1.82 -5.41
C ILE A 73 4.02 -2.76 -6.22
N THR A 74 4.52 -3.05 -7.43
CA THR A 74 3.90 -4.05 -8.32
C THR A 74 4.74 -5.32 -8.31
N GLY A 75 4.04 -6.44 -8.53
CA GLY A 75 4.68 -7.72 -8.76
C GLY A 75 4.19 -8.84 -7.83
N PRO A 76 4.72 -10.14 -7.91
CA PRO A 76 4.28 -11.28 -7.03
C PRO A 76 4.38 -11.02 -5.49
N PRO A 77 4.03 -12.01 -4.56
CA PRO A 77 4.33 -11.89 -3.11
C PRO A 77 5.85 -11.89 -2.78
N GLU A 78 6.65 -12.54 -3.66
CA GLU A 78 8.12 -12.66 -3.51
C GLU A 78 8.86 -11.38 -3.90
N ALA A 79 8.48 -10.79 -5.05
CA ALA A 79 9.16 -9.60 -5.63
C ALA A 79 8.81 -8.30 -4.89
N GLN A 80 7.56 -8.22 -4.38
CA GLN A 80 7.05 -7.06 -3.60
C GLN A 80 7.69 -6.96 -2.20
N PHE A 81 8.05 -8.13 -1.64
CA PHE A 81 8.75 -8.27 -0.35
C PHE A 81 10.21 -7.79 -0.43
N LYS A 82 10.83 -7.95 -1.64
CA LYS A 82 12.23 -7.56 -1.90
C LYS A 82 12.37 -6.04 -2.05
N ALA A 83 11.36 -5.40 -2.70
CA ALA A 83 11.31 -3.95 -2.94
C ALA A 83 11.04 -3.12 -1.66
N GLN A 84 10.14 -3.62 -0.78
CA GLN A 84 9.87 -2.97 0.55
C GLN A 84 11.03 -3.20 1.54
N GLY A 85 11.77 -4.33 1.39
CA GLY A 85 13.05 -4.56 2.12
C GLY A 85 14.06 -3.40 1.95
N ARG A 86 13.91 -2.71 0.81
CA ARG A 86 14.67 -1.55 0.45
C ARG A 86 14.08 -0.27 1.05
N ILE A 87 12.72 -0.23 1.29
CA ILE A 87 12.07 0.96 1.84
C ILE A 87 12.33 0.99 3.38
N TYR A 88 12.17 -0.22 3.96
CA TYR A 88 12.51 -0.52 5.36
C TYR A 88 14.01 -0.60 5.60
N GLY A 89 14.76 -0.99 4.53
CA GLY A 89 16.22 -1.11 4.59
C GLY A 89 16.93 0.22 4.76
N LYS A 90 16.37 1.29 4.12
CA LYS A 90 16.96 2.62 4.13
C LYS A 90 16.82 3.37 5.44
N LEU A 91 15.78 3.09 6.25
CA LEU A 91 15.71 3.56 7.63
C LEU A 91 16.67 2.83 8.57
N LYS A 92 16.94 1.56 8.25
CA LYS A 92 17.98 0.75 8.89
C LYS A 92 19.40 1.30 8.65
N GLU A 93 19.60 1.79 7.42
CA GLU A 93 20.85 2.44 6.98
C GLU A 93 20.92 3.90 7.45
N GLU A 94 19.85 4.66 7.08
CA GLU A 94 19.86 6.11 7.18
C GLU A 94 19.21 6.63 8.44
N ASN A 95 18.20 5.88 8.96
CA ASN A 95 17.31 6.28 10.09
C ASN A 95 16.74 7.73 9.90
N PHE A 96 15.81 7.87 8.90
CA PHE A 96 15.20 9.17 8.53
C PHE A 96 14.30 9.75 9.63
N PHE A 97 13.78 8.85 10.46
CA PHE A 97 13.01 9.18 11.65
C PHE A 97 13.97 9.44 12.86
N GLY A 98 13.44 9.40 14.12
CA GLY A 98 14.26 9.72 15.30
C GLY A 98 13.87 8.96 16.58
N PRO A 99 12.75 9.33 17.32
CA PRO A 99 12.51 8.91 18.73
C PRO A 99 12.26 7.42 18.94
N LYS A 100 11.47 6.87 18.03
CA LYS A 100 11.00 5.48 18.07
C LYS A 100 12.09 4.41 17.71
N GLU A 101 13.33 4.90 17.58
CA GLU A 101 14.60 4.15 17.37
C GLU A 101 14.56 3.15 16.20
N GLU A 102 13.83 2.08 16.44
CA GLU A 102 13.50 1.04 15.48
C GLU A 102 12.50 1.50 14.44
N VAL A 103 12.56 0.83 13.29
CA VAL A 103 11.93 1.32 12.06
C VAL A 103 10.44 0.94 11.98
N LYS A 104 9.63 1.98 11.82
CA LYS A 104 8.18 1.85 11.68
C LYS A 104 7.64 2.82 10.62
N LEU A 105 7.57 2.31 9.38
CA LEU A 105 6.98 3.01 8.26
C LEU A 105 5.58 2.51 7.96
N GLU A 106 4.75 3.45 7.46
CA GLU A 106 3.32 3.19 7.12
C GLU A 106 3.20 2.60 5.71
N THR A 107 2.32 1.59 5.57
CA THR A 107 1.96 1.02 4.25
C THR A 107 0.48 1.23 3.97
N HIS A 108 0.21 1.97 2.88
CA HIS A 108 -1.16 2.25 2.42
C HIS A 108 -1.57 1.24 1.35
N ILE A 109 -2.68 0.53 1.65
CA ILE A 109 -3.27 -0.44 0.70
C ILE A 109 -4.79 -0.25 0.60
N ARG A 110 -5.28 0.05 -0.63
CA ARG A 110 -6.71 0.28 -0.93
C ARG A 110 -7.55 -0.98 -0.79
N VAL A 111 -8.56 -0.84 0.05
CA VAL A 111 -9.40 -1.94 0.52
C VAL A 111 -10.88 -1.46 0.48
N PRO A 112 -11.95 -2.34 0.37
CA PRO A 112 -13.34 -1.86 0.26
C PRO A 112 -13.83 -1.12 1.50
N ALA A 113 -14.54 -0.05 1.20
CA ALA A 113 -15.09 0.92 2.16
C ALA A 113 -15.84 0.33 3.38
N SER A 114 -16.71 -0.66 3.12
CA SER A 114 -17.40 -1.42 4.18
C SER A 114 -16.64 -2.72 4.54
N ALA A 115 -15.35 -2.74 4.15
CA ALA A 115 -14.43 -3.85 4.42
C ALA A 115 -13.29 -3.37 5.33
N ALA A 116 -13.33 -2.06 5.66
CA ALA A 116 -12.40 -1.37 6.56
C ALA A 116 -12.51 -1.85 8.02
N GLY A 117 -13.70 -2.34 8.37
CA GLY A 117 -13.95 -3.00 9.66
C GLY A 117 -13.61 -4.50 9.62
N ARG A 118 -13.32 -5.05 8.41
CA ARG A 118 -12.88 -6.46 8.24
C ARG A 118 -11.41 -6.61 8.61
N VAL A 119 -10.64 -5.58 8.25
CA VAL A 119 -9.19 -5.47 8.55
C VAL A 119 -8.94 -5.19 10.05
N ILE A 120 -9.91 -4.46 10.63
CA ILE A 120 -9.95 -4.13 12.06
C ILE A 120 -10.55 -5.31 12.88
N GLY A 121 -10.90 -6.41 12.18
CA GLY A 121 -11.24 -7.71 12.82
C GLY A 121 -12.49 -7.66 13.70
N LYS A 122 -12.51 -8.47 14.79
CA LYS A 122 -13.58 -8.50 15.79
C LYS A 122 -13.60 -7.21 16.68
N GLY A 123 -13.70 -6.06 16.00
CA GLY A 123 -13.71 -4.75 16.66
C GLY A 123 -12.31 -4.23 16.94
N GLY A 124 -11.46 -5.13 17.47
CA GLY A 124 -10.06 -4.83 17.76
C GLY A 124 -9.33 -6.02 18.33
N LYS A 125 -9.51 -7.18 17.68
CA LYS A 125 -8.81 -8.43 18.03
C LYS A 125 -7.71 -8.76 17.01
N THR A 126 -7.94 -8.35 15.72
CA THR A 126 -6.90 -8.36 14.67
C THR A 126 -5.88 -7.24 14.90
N VAL A 127 -6.40 -6.04 15.26
CA VAL A 127 -5.59 -4.81 15.50
C VAL A 127 -4.82 -4.92 16.85
N ASN A 128 -5.35 -5.75 17.78
CA ASN A 128 -4.72 -6.04 19.08
C ASN A 128 -3.62 -7.10 18.94
N GLU A 129 -3.89 -8.14 18.12
CA GLU A 129 -2.90 -9.20 17.81
C GLU A 129 -1.82 -8.74 16.81
N LEU A 130 -2.18 -7.72 15.97
CA LEU A 130 -1.26 -7.08 15.01
C LEU A 130 -0.20 -6.21 15.71
N GLN A 131 -0.65 -5.34 16.65
CA GLN A 131 0.23 -4.46 17.45
C GLN A 131 1.10 -5.24 18.45
N ASN A 132 0.46 -6.12 19.25
CA ASN A 132 1.09 -6.80 20.40
C ASN A 132 1.95 -7.99 19.95
N LEU A 133 1.41 -8.79 19.02
CA LEU A 133 2.07 -10.03 18.57
C LEU A 133 2.88 -9.82 17.28
N THR A 134 2.43 -8.89 16.40
CA THR A 134 3.06 -8.67 15.09
C THR A 134 3.83 -7.33 15.01
N ALA A 135 3.61 -6.39 15.99
CA ALA A 135 4.22 -5.01 16.02
C ALA A 135 3.70 -4.07 14.91
N ALA A 136 3.23 -4.67 13.80
CA ALA A 136 2.57 -3.95 12.68
C ALA A 136 1.08 -3.77 13.01
N GLU A 137 0.57 -2.51 12.99
CA GLU A 137 -0.81 -2.23 13.47
C GLU A 137 -1.73 -1.81 12.30
N VAL A 138 -3.01 -2.23 12.40
CA VAL A 138 -4.07 -1.91 11.41
C VAL A 138 -4.64 -0.52 11.73
N VAL A 139 -4.76 0.32 10.69
CA VAL A 139 -5.35 1.68 10.84
C VAL A 139 -6.34 1.98 9.69
N VAL A 140 -7.58 2.46 10.03
CA VAL A 140 -8.55 2.84 8.95
C VAL A 140 -9.17 4.27 9.14
N PRO A 141 -8.63 5.38 8.45
CA PRO A 141 -9.08 6.81 8.67
C PRO A 141 -10.60 7.05 8.69
N ARG A 142 -11.03 7.87 9.66
CA ARG A 142 -12.42 8.29 9.82
C ARG A 142 -12.68 9.54 8.97
N ASP A 143 -13.99 9.86 8.72
CA ASP A 143 -14.47 10.93 7.77
C ASP A 143 -13.91 10.74 6.32
N GLN A 144 -13.47 9.49 6.03
CA GLN A 144 -12.85 9.11 4.76
C GLN A 144 -13.92 8.72 3.75
N THR A 145 -13.91 9.40 2.59
CA THR A 145 -14.75 9.06 1.45
C THR A 145 -14.10 7.91 0.63
N PRO A 146 -14.88 6.81 0.22
CA PRO A 146 -14.38 5.75 -0.69
C PRO A 146 -13.99 6.25 -2.08
N ASP A 147 -13.30 5.35 -2.77
CA ASP A 147 -12.80 5.59 -4.12
C ASP A 147 -13.79 4.97 -5.15
N GLU A 148 -13.38 4.95 -6.43
CA GLU A 148 -14.15 4.37 -7.56
C GLU A 148 -14.30 2.85 -7.44
N ASN A 149 -13.18 2.27 -7.08
CA ASN A 149 -12.99 0.84 -6.83
C ASN A 149 -13.61 0.38 -5.49
N GLU A 150 -14.49 1.24 -4.89
CA GLU A 150 -15.25 0.98 -3.63
C GLU A 150 -14.29 0.89 -2.41
N GLN A 151 -13.23 1.74 -2.40
CA GLN A 151 -12.12 1.54 -1.49
C GLN A 151 -11.65 2.76 -0.76
N VAL A 152 -11.32 2.43 0.45
CA VAL A 152 -10.64 3.26 1.41
C VAL A 152 -9.23 2.70 1.65
N ILE A 153 -8.40 3.47 2.37
CA ILE A 153 -7.05 3.06 2.70
C ILE A 153 -6.99 2.56 4.16
N VAL A 154 -5.97 1.72 4.38
CA VAL A 154 -5.60 1.19 5.65
C VAL A 154 -4.09 1.37 5.77
N LYS A 155 -3.68 1.73 6.97
CA LYS A 155 -2.31 2.11 7.26
C LYS A 155 -1.75 1.22 8.35
N ILE A 156 -0.85 0.34 7.93
CA ILE A 156 -0.05 -0.50 8.81
C ILE A 156 1.24 0.24 9.14
N ILE A 157 1.60 0.19 10.43
CA ILE A 157 2.85 0.75 10.92
C ILE A 157 3.60 -0.34 11.70
N GLY A 158 4.69 -0.78 11.08
CA GLY A 158 5.52 -1.85 11.58
C GLY A 158 6.91 -1.81 10.98
N HIS A 159 7.60 -2.96 10.98
CA HIS A 159 8.90 -3.12 10.31
C HIS A 159 8.71 -3.85 8.96
N PHE A 160 9.82 -4.24 8.28
CA PHE A 160 9.83 -5.04 7.03
C PHE A 160 9.01 -6.37 7.16
N TYR A 161 9.31 -7.10 8.25
CA TYR A 161 8.74 -8.43 8.52
C TYR A 161 7.28 -8.36 9.04
N ALA A 162 7.02 -7.35 9.89
CA ALA A 162 5.71 -7.12 10.53
C ALA A 162 4.61 -6.69 9.53
N SER A 163 4.86 -5.59 8.77
CA SER A 163 4.03 -5.17 7.59
C SER A 163 3.82 -6.29 6.56
N GLN A 164 4.78 -7.25 6.48
CA GLN A 164 4.69 -8.47 5.62
C GLN A 164 3.54 -9.41 6.09
N MET A 165 3.62 -9.82 7.37
CA MET A 165 2.59 -10.68 8.04
C MET A 165 1.24 -9.94 8.20
N ALA A 166 1.32 -8.63 8.52
CA ALA A 166 0.14 -7.77 8.77
C ALA A 166 -0.66 -7.45 7.49
N GLN A 167 0.07 -7.20 6.36
CA GLN A 167 -0.56 -7.02 5.01
C GLN A 167 -1.29 -8.30 4.56
N ARG A 168 -0.63 -9.46 4.72
CA ARG A 168 -1.16 -10.78 4.33
C ARG A 168 -2.31 -11.27 5.22
N LYS A 169 -2.29 -10.91 6.53
CA LYS A 169 -3.43 -11.14 7.46
C LYS A 169 -4.67 -10.31 7.05
N ILE A 170 -4.42 -9.08 6.55
CA ILE A 170 -5.43 -8.16 6.04
C ILE A 170 -6.01 -8.65 4.69
N ARG A 171 -5.12 -8.91 3.69
CA ARG A 171 -5.52 -9.34 2.34
C ARG A 171 -6.26 -10.71 2.34
N ASP A 172 -6.01 -11.51 3.42
CA ASP A 172 -6.70 -12.80 3.67
C ASP A 172 -8.15 -12.58 4.16
N ILE A 173 -8.33 -11.75 5.23
CA ILE A 173 -9.68 -11.36 5.79
C ILE A 173 -10.49 -10.57 4.73
N LEU A 174 -9.78 -9.68 4.00
CA LEU A 174 -10.28 -8.99 2.84
C LEU A 174 -10.57 -9.88 1.63
N ALA A 175 -9.83 -11.01 1.53
CA ALA A 175 -10.18 -12.11 0.59
C ALA A 175 -11.48 -12.81 0.97
N GLN A 176 -11.67 -12.89 2.29
CA GLN A 176 -12.81 -13.49 2.94
C GLN A 176 -14.10 -12.68 2.79
N VAL A 177 -13.94 -11.34 2.83
CA VAL A 177 -15.00 -10.35 2.52
C VAL A 177 -15.39 -10.40 1.03
N LYS A 178 -14.36 -10.24 0.23
CA LYS A 178 -14.39 -10.47 -1.23
C LYS A 178 -14.97 -11.85 -1.65
N GLN A 179 -14.81 -12.87 -0.74
CA GLN A 179 -15.47 -14.19 -0.89
C GLN A 179 -16.99 -14.12 -0.61
N GLN A 180 -17.39 -13.27 0.36
CA GLN A 180 -18.81 -13.01 0.69
C GLN A 180 -19.52 -12.18 -0.42
N HIS A 181 -18.78 -11.21 -1.01
CA HIS A 181 -19.29 -10.35 -2.10
C HIS A 181 -19.43 -11.10 -3.46
N GLN A 182 -18.54 -12.10 -3.71
CA GLN A 182 -18.55 -12.89 -4.95
C GLN A 182 -19.60 -14.00 -4.91
N LYS A 183 -19.63 -14.75 -3.79
CA LYS A 183 -20.60 -15.85 -3.61
C LYS A 183 -21.12 -15.89 -2.16
N GLY A 184 -20.22 -16.15 -1.18
CA GLY A 184 -20.58 -16.19 0.26
C GLY A 184 -21.41 -17.42 0.65
N GLN A 185 -20.81 -18.29 1.48
CA GLN A 185 -21.45 -19.51 1.97
C GLN A 185 -21.24 -19.70 3.48
N SER A 186 -22.29 -19.37 4.26
CA SER A 186 -22.29 -19.48 5.73
C SER A 186 -23.66 -19.92 6.25
N GLY A 187 -24.72 -19.27 5.71
CA GLY A 187 -26.10 -19.55 6.09
C GLY A 187 -26.90 -18.29 6.32
N GLN A 188 -28.03 -18.43 7.04
CA GLN A 188 -28.92 -17.31 7.37
C GLN A 188 -29.44 -17.42 8.80
N LEU A 189 -29.87 -18.64 9.18
CA LEU A 189 -30.36 -18.92 10.54
C LEU A 189 -29.59 -20.08 11.18
N GLN A 190 -29.42 -19.99 12.51
CA GLN A 190 -28.70 -21.01 13.30
C GLN A 190 -29.47 -21.34 14.60
N ALA A 191 -29.85 -22.62 14.73
CA ALA A 191 -30.59 -23.12 15.90
C ALA A 191 -30.00 -24.44 16.40
N GLY A 1 -20.52 34.57 -31.00
CA GLY A 1 -19.77 33.33 -30.66
C GLY A 1 -20.66 32.10 -30.62
N ALA A 2 -21.51 32.02 -29.56
CA ALA A 2 -22.47 30.89 -29.30
C ALA A 2 -21.81 29.50 -29.25
N MET A 3 -21.96 28.83 -28.09
CA MET A 3 -21.39 27.49 -27.86
C MET A 3 -22.44 26.55 -27.28
N GLY A 4 -22.55 25.36 -27.90
CA GLY A 4 -23.51 24.34 -27.48
C GLY A 4 -22.95 22.91 -27.56
N PRO A 5 -23.63 21.82 -26.98
CA PRO A 5 -23.11 20.44 -27.04
C PRO A 5 -23.38 19.77 -28.40
N SER A 6 -22.37 19.01 -28.87
CA SER A 6 -22.45 18.30 -30.16
C SER A 6 -21.82 16.90 -30.05
N SER A 7 -20.63 16.85 -29.42
CA SER A 7 -19.88 15.59 -29.24
C SER A 7 -19.27 15.54 -27.84
N VAL A 8 -19.00 14.29 -27.38
CA VAL A 8 -18.42 14.04 -26.06
C VAL A 8 -17.14 13.17 -26.20
N SER A 9 -15.98 13.78 -25.85
CA SER A 9 -14.67 13.11 -25.91
C SER A 9 -13.85 13.42 -24.67
N GLY A 10 -13.34 12.34 -24.03
CA GLY A 10 -12.54 12.45 -22.82
C GLY A 10 -13.38 12.28 -21.56
N ALA A 11 -13.10 11.19 -20.83
CA ALA A 11 -13.83 10.85 -19.60
C ALA A 11 -12.88 10.60 -18.43
N ALA A 12 -11.81 9.81 -18.71
CA ALA A 12 -10.80 9.44 -17.70
C ALA A 12 -9.50 10.26 -17.91
N PRO A 13 -8.58 10.44 -16.85
CA PRO A 13 -7.33 11.22 -17.01
C PRO A 13 -6.23 10.40 -17.69
N PHE A 14 -5.69 10.96 -18.79
CA PHE A 14 -4.63 10.32 -19.59
C PHE A 14 -3.24 10.73 -19.10
N SER A 15 -3.09 12.04 -18.79
CA SER A 15 -1.81 12.62 -18.33
C SER A 15 -1.64 12.45 -16.82
N SER A 16 -0.37 12.60 -16.34
CA SER A 16 0.04 12.48 -14.90
C SER A 16 -0.31 11.12 -14.28
N PHE A 17 0.54 10.66 -13.31
CA PHE A 17 0.41 9.36 -12.56
C PHE A 17 0.33 8.13 -13.51
N MET A 18 1.41 7.32 -13.50
CA MET A 18 1.54 6.13 -14.33
C MET A 18 0.76 4.93 -13.74
N PRO A 19 -0.22 4.26 -14.51
CA PRO A 19 -0.98 3.10 -13.99
C PRO A 19 -0.13 1.78 -13.95
N PRO A 20 -0.01 1.03 -12.76
CA PRO A 20 0.74 -0.27 -12.71
C PRO A 20 0.08 -1.39 -13.52
N GLU A 21 0.91 -2.38 -13.90
CA GLU A 21 0.50 -3.49 -14.77
C GLU A 21 -0.12 -4.63 -13.95
N GLN A 22 0.63 -5.08 -12.94
CA GLN A 22 0.25 -6.19 -12.05
C GLN A 22 -0.48 -5.62 -10.81
N GLU A 23 -0.57 -6.40 -9.69
CA GLU A 23 -1.05 -5.91 -8.38
C GLU A 23 -0.05 -4.95 -7.75
N THR A 24 -0.54 -4.11 -6.84
CA THR A 24 0.21 -2.99 -6.30
C THR A 24 -0.02 -2.84 -4.79
N VAL A 25 1.04 -2.36 -4.15
CA VAL A 25 1.00 -1.86 -2.78
C VAL A 25 1.62 -0.46 -2.81
N HIS A 26 1.16 0.35 -1.85
CA HIS A 26 1.65 1.72 -1.70
C HIS A 26 2.39 1.87 -0.39
N VAL A 27 3.70 2.11 -0.52
CA VAL A 27 4.59 2.36 0.61
C VAL A 27 4.51 3.85 0.98
N PHE A 28 4.25 4.08 2.25
CA PHE A 28 4.35 5.40 2.84
C PHE A 28 5.62 5.44 3.69
N ILE A 29 6.60 6.05 3.08
CA ILE A 29 7.90 6.37 3.67
C ILE A 29 8.05 7.89 3.82
N PRO A 30 9.05 8.43 4.65
CA PRO A 30 9.32 9.89 4.75
C PRO A 30 9.49 10.60 3.38
N ALA A 31 8.91 11.81 3.26
CA ALA A 31 9.24 12.76 2.15
C ALA A 31 10.71 13.25 2.20
N GLN A 32 11.35 13.00 3.35
CA GLN A 32 12.81 13.17 3.53
C GLN A 32 13.56 11.84 3.26
N ALA A 33 12.83 10.82 2.77
CA ALA A 33 13.39 9.52 2.48
C ALA A 33 13.57 9.33 1.00
N VAL A 34 12.64 9.90 0.21
CA VAL A 34 12.58 9.67 -1.26
C VAL A 34 13.79 10.27 -2.02
N GLY A 35 14.43 11.27 -1.38
CA GLY A 35 15.72 11.81 -1.81
C GLY A 35 16.88 10.81 -1.68
N ALA A 36 16.73 9.86 -0.72
CA ALA A 36 17.65 8.72 -0.56
C ALA A 36 17.40 7.63 -1.61
N ILE A 37 16.10 7.26 -1.82
CA ILE A 37 15.63 6.29 -2.81
C ILE A 37 15.99 6.75 -4.27
N ILE A 38 15.57 7.99 -4.65
CA ILE A 38 15.90 8.61 -5.92
C ILE A 38 17.32 9.20 -5.95
N GLY A 39 17.69 10.06 -4.96
CA GLY A 39 18.63 11.18 -5.20
C GLY A 39 19.99 10.79 -5.81
N ASP A 40 20.59 9.67 -5.34
CA ASP A 40 21.87 9.16 -5.87
C ASP A 40 21.77 8.76 -7.38
N ASP A 41 21.96 9.80 -8.24
CA ASP A 41 21.84 9.74 -9.73
C ASP A 41 20.43 9.34 -10.25
N GLY A 42 19.42 9.23 -9.33
CA GLY A 42 18.04 8.73 -9.70
C GLY A 42 18.01 7.35 -10.35
N GLN A 43 19.07 6.56 -10.08
CA GLN A 43 19.26 5.23 -10.69
C GLN A 43 18.92 4.08 -9.74
N HIS A 44 18.72 4.36 -8.43
CA HIS A 44 18.52 3.32 -7.38
C HIS A 44 17.16 2.62 -7.47
N ILE A 45 16.07 3.42 -7.65
CA ILE A 45 14.72 2.95 -7.93
C ILE A 45 14.60 2.03 -9.20
N LYS A 46 15.25 2.49 -10.29
CA LYS A 46 15.39 1.72 -11.55
C LYS A 46 16.44 0.60 -11.44
N GLN A 47 17.32 0.70 -10.42
CA GLN A 47 18.29 -0.36 -10.06
C GLN A 47 17.61 -1.48 -9.29
N LEU A 48 16.70 -1.10 -8.36
CA LEU A 48 15.90 -2.02 -7.56
C LEU A 48 15.06 -3.02 -8.36
N SER A 49 14.68 -2.61 -9.60
CA SER A 49 13.82 -3.44 -10.52
C SER A 49 14.47 -4.79 -10.91
N ARG A 50 15.82 -4.79 -10.98
CA ARG A 50 16.62 -6.00 -11.16
C ARG A 50 16.81 -6.78 -9.84
N PHE A 51 16.80 -6.02 -8.73
CA PHE A 51 17.09 -6.51 -7.37
C PHE A 51 15.89 -7.26 -6.78
N ALA A 52 14.69 -6.68 -6.98
CA ALA A 52 13.50 -7.10 -6.26
C ALA A 52 12.51 -7.93 -7.08
N SER A 53 12.74 -8.07 -8.42
CA SER A 53 11.77 -8.71 -9.39
C SER A 53 10.46 -7.93 -9.58
N ALA A 54 10.34 -6.87 -8.78
CA ALA A 54 9.18 -5.96 -8.72
C ALA A 54 9.46 -4.65 -9.47
N SER A 55 8.46 -3.73 -9.45
CA SER A 55 8.48 -2.48 -10.23
C SER A 55 8.07 -1.32 -9.34
N ILE A 56 9.05 -0.42 -9.13
CA ILE A 56 9.00 0.61 -8.09
C ILE A 56 8.86 2.03 -8.75
N LYS A 57 7.83 2.81 -8.31
CA LYS A 57 7.73 4.26 -8.64
C LYS A 57 7.68 5.11 -7.36
N ILE A 58 8.14 6.39 -7.45
CA ILE A 58 7.74 7.44 -6.50
C ILE A 58 6.43 8.09 -6.97
N ALA A 59 5.72 8.58 -5.97
CA ALA A 59 4.38 9.20 -6.12
C ALA A 59 4.43 10.71 -5.84
N PRO A 60 3.53 11.57 -6.49
CA PRO A 60 3.59 13.05 -6.38
C PRO A 60 3.10 13.59 -5.00
N PRO A 61 3.68 14.73 -4.40
CA PRO A 61 3.31 15.20 -3.05
C PRO A 61 2.06 16.11 -3.02
N GLU A 62 1.01 15.68 -2.28
CA GLU A 62 -0.26 16.40 -2.22
C GLU A 62 -0.43 17.22 -0.90
N THR A 63 -0.46 16.50 0.23
CA THR A 63 -0.79 17.07 1.57
C THR A 63 -0.43 16.03 2.70
N PRO A 64 -0.99 14.75 2.75
CA PRO A 64 -0.33 13.62 3.49
C PRO A 64 0.90 13.09 2.74
N ASP A 65 0.73 13.00 1.41
CA ASP A 65 1.81 12.66 0.45
C ASP A 65 2.80 13.82 0.23
N SER A 66 2.49 14.92 0.89
CA SER A 66 3.37 16.09 1.03
C SER A 66 4.46 15.88 2.09
N LYS A 67 4.04 15.39 3.29
CA LYS A 67 4.97 15.16 4.44
C LYS A 67 5.71 13.82 4.32
N VAL A 68 5.02 12.82 3.78
CA VAL A 68 5.63 11.59 3.30
C VAL A 68 5.64 11.58 1.75
N ARG A 69 6.11 10.46 1.19
CA ARG A 69 5.88 10.15 -0.22
C ARG A 69 5.67 8.65 -0.37
N MET A 70 4.89 8.31 -1.39
CA MET A 70 4.37 7.00 -1.60
C MET A 70 5.16 6.29 -2.71
N VAL A 71 5.58 5.05 -2.42
CA VAL A 71 6.27 4.19 -3.40
C VAL A 71 5.29 3.17 -3.99
N VAL A 72 5.31 3.08 -5.33
CA VAL A 72 4.48 2.15 -6.11
C VAL A 72 5.18 0.78 -6.16
N ILE A 73 4.64 -0.17 -5.37
CA ILE A 73 5.12 -1.54 -5.34
C ILE A 73 4.22 -2.46 -6.17
N THR A 74 4.71 -2.71 -7.39
CA THR A 74 4.05 -3.62 -8.33
C THR A 74 4.82 -4.95 -8.39
N GLY A 75 4.04 -6.01 -8.67
CA GLY A 75 4.60 -7.31 -8.98
C GLY A 75 3.93 -8.45 -8.19
N PRO A 76 4.40 -9.78 -8.28
CA PRO A 76 3.84 -10.92 -7.49
C PRO A 76 3.87 -10.71 -5.94
N PRO A 77 3.43 -11.73 -5.06
CA PRO A 77 3.66 -11.64 -3.59
C PRO A 77 5.15 -11.71 -3.18
N GLU A 78 5.98 -12.35 -4.04
CA GLU A 78 7.44 -12.51 -3.80
C GLU A 78 8.25 -11.24 -4.11
N ALA A 79 8.01 -10.66 -5.31
CA ALA A 79 8.78 -9.48 -5.81
C ALA A 79 8.56 -8.20 -4.99
N GLN A 80 7.31 -8.04 -4.48
CA GLN A 80 6.91 -6.91 -3.60
C GLN A 80 7.59 -6.96 -2.22
N PHE A 81 7.98 -8.19 -1.81
CA PHE A 81 8.69 -8.48 -0.55
C PHE A 81 10.11 -7.86 -0.55
N LYS A 82 10.80 -7.97 -1.72
CA LYS A 82 12.18 -7.48 -1.89
C LYS A 82 12.25 -5.95 -1.99
N ALA A 83 11.28 -5.37 -2.75
CA ALA A 83 11.23 -3.93 -3.06
C ALA A 83 10.89 -3.04 -1.86
N GLN A 84 10.05 -3.55 -0.94
CA GLN A 84 9.80 -2.88 0.37
C GLN A 84 10.94 -3.15 1.36
N GLY A 85 11.65 -4.31 1.19
CA GLY A 85 12.94 -4.57 1.89
C GLY A 85 13.96 -3.43 1.75
N ARG A 86 13.84 -2.68 0.63
CA ARG A 86 14.65 -1.51 0.33
C ARG A 86 14.13 -0.27 1.02
N ILE A 87 12.76 -0.13 1.12
CA ILE A 87 12.14 1.09 1.68
C ILE A 87 12.41 1.16 3.21
N TYR A 88 12.34 -0.06 3.82
CA TYR A 88 12.75 -0.33 5.20
C TYR A 88 14.26 -0.29 5.37
N GLY A 89 14.97 -0.83 4.35
CA GLY A 89 16.44 -0.88 4.31
C GLY A 89 17.12 0.48 4.38
N LYS A 90 16.39 1.53 3.91
CA LYS A 90 16.87 2.89 3.89
C LYS A 90 16.81 3.58 5.24
N LEU A 91 15.83 3.26 6.08
CA LEU A 91 15.86 3.67 7.51
C LEU A 91 16.87 2.91 8.34
N LYS A 92 17.06 1.64 7.98
CA LYS A 92 18.11 0.77 8.51
C LYS A 92 19.52 1.32 8.23
N GLU A 93 19.68 1.79 6.98
CA GLU A 93 20.90 2.37 6.52
C GLU A 93 21.03 3.90 6.88
N GLU A 94 19.91 4.69 6.78
CA GLU A 94 19.96 6.15 6.96
C GLU A 94 19.42 6.64 8.27
N ASN A 95 18.40 5.90 8.80
CA ASN A 95 17.58 6.31 10.00
C ASN A 95 16.97 7.74 9.82
N PHE A 96 15.91 7.83 8.97
CA PHE A 96 15.21 9.13 8.69
C PHE A 96 14.35 9.62 9.87
N PHE A 97 13.96 8.66 10.73
CA PHE A 97 13.25 8.90 11.97
C PHE A 97 14.24 9.24 13.12
N GLY A 98 13.74 9.31 14.39
CA GLY A 98 14.59 9.63 15.54
C GLY A 98 13.82 9.51 16.86
N PRO A 99 12.79 10.41 17.15
CA PRO A 99 11.97 10.33 18.39
C PRO A 99 11.00 9.16 18.41
N LYS A 100 10.59 8.82 17.21
CA LYS A 100 9.64 7.79 16.89
C LYS A 100 10.30 6.36 16.88
N GLU A 101 11.59 6.32 17.25
CA GLU A 101 12.44 5.10 17.42
C GLU A 101 12.46 4.17 16.18
N GLU A 102 13.05 2.97 16.36
CA GLU A 102 13.41 2.01 15.30
C GLU A 102 12.32 1.73 14.26
N VAL A 103 12.78 1.31 13.06
CA VAL A 103 12.00 1.32 11.81
C VAL A 103 10.58 0.68 11.91
N LYS A 104 9.61 1.54 11.60
CA LYS A 104 8.20 1.18 11.44
C LYS A 104 7.54 2.18 10.49
N LEU A 105 7.54 1.83 9.19
CA LEU A 105 6.96 2.68 8.16
C LEU A 105 5.60 2.21 7.73
N GLU A 106 4.75 3.21 7.49
CA GLU A 106 3.32 3.01 7.11
C GLU A 106 3.16 2.51 5.67
N THR A 107 2.29 1.51 5.49
CA THR A 107 1.93 1.00 4.16
C THR A 107 0.43 1.19 3.92
N HIS A 108 0.13 1.95 2.86
CA HIS A 108 -1.25 2.20 2.40
C HIS A 108 -1.65 1.20 1.33
N ILE A 109 -2.74 0.45 1.61
CA ILE A 109 -3.34 -0.47 0.61
C ILE A 109 -4.87 -0.32 0.59
N ARG A 110 -5.41 0.02 -0.60
CA ARG A 110 -6.87 0.23 -0.83
C ARG A 110 -7.68 -1.05 -0.70
N VAL A 111 -8.66 -0.97 0.18
CA VAL A 111 -9.45 -2.11 0.64
C VAL A 111 -10.95 -1.66 0.67
N PRO A 112 -12.00 -2.55 0.56
CA PRO A 112 -13.41 -2.09 0.49
C PRO A 112 -13.89 -1.44 1.77
N ALA A 113 -14.58 -0.35 1.50
CA ALA A 113 -15.19 0.58 2.43
C ALA A 113 -15.98 -0.07 3.61
N SER A 114 -16.85 -1.05 3.28
CA SER A 114 -17.56 -1.86 4.30
C SER A 114 -16.78 -3.16 4.64
N ALA A 115 -15.50 -3.16 4.27
CA ALA A 115 -14.55 -4.25 4.52
C ALA A 115 -13.40 -3.76 5.41
N ALA A 116 -13.47 -2.45 5.78
CA ALA A 116 -12.56 -1.77 6.70
C ALA A 116 -12.66 -2.30 8.14
N GLY A 117 -13.83 -2.85 8.46
CA GLY A 117 -14.04 -3.58 9.73
C GLY A 117 -13.61 -5.05 9.66
N ARG A 118 -13.31 -5.57 8.42
CA ARG A 118 -12.76 -6.91 8.22
C ARG A 118 -11.27 -6.96 8.57
N VAL A 119 -10.60 -5.85 8.24
CA VAL A 119 -9.16 -5.64 8.47
C VAL A 119 -8.87 -5.31 9.97
N ILE A 120 -9.84 -4.58 10.57
CA ILE A 120 -9.80 -4.16 11.97
C ILE A 120 -10.32 -5.29 12.89
N GLY A 121 -11.39 -5.97 12.43
CA GLY A 121 -12.00 -7.06 13.20
C GLY A 121 -13.05 -6.57 14.19
N LYS A 122 -13.35 -7.40 15.22
CA LYS A 122 -14.32 -7.09 16.29
C LYS A 122 -13.81 -6.01 17.26
N GLY A 123 -14.33 -4.76 17.06
CA GLY A 123 -13.94 -3.60 17.89
C GLY A 123 -12.55 -3.07 17.58
N GLY A 124 -11.58 -3.98 17.72
CA GLY A 124 -10.18 -3.72 17.40
C GLY A 124 -9.32 -4.94 17.69
N LYS A 125 -9.84 -6.12 17.31
CA LYS A 125 -9.21 -7.43 17.61
C LYS A 125 -8.10 -7.77 16.60
N THR A 126 -8.30 -7.36 15.32
CA THR A 126 -7.29 -7.54 14.25
C THR A 126 -6.18 -6.46 14.37
N VAL A 127 -6.51 -5.30 14.97
CA VAL A 127 -5.52 -4.23 15.33
C VAL A 127 -4.74 -4.68 16.61
N ASN A 128 -5.46 -5.34 17.56
CA ASN A 128 -4.91 -5.81 18.84
C ASN A 128 -4.03 -7.06 18.67
N GLU A 129 -4.48 -7.97 17.79
CA GLU A 129 -3.74 -9.21 17.41
C GLU A 129 -2.48 -8.87 16.58
N LEU A 130 -2.60 -7.85 15.72
CA LEU A 130 -1.53 -7.32 14.89
C LEU A 130 -0.41 -6.60 15.68
N GLN A 131 -0.81 -5.67 16.59
CA GLN A 131 0.10 -4.91 17.46
C GLN A 131 0.92 -5.79 18.45
N ASN A 132 0.22 -6.70 19.16
CA ASN A 132 0.81 -7.46 20.27
C ASN A 132 1.63 -8.68 19.77
N LEU A 133 1.13 -9.35 18.71
CA LEU A 133 1.77 -10.55 18.17
C LEU A 133 2.80 -10.24 17.09
N THR A 134 2.45 -9.29 16.19
CA THR A 134 3.28 -8.97 15.01
C THR A 134 4.01 -7.61 15.17
N ALA A 135 3.52 -6.71 16.09
CA ALA A 135 4.02 -5.29 16.26
C ALA A 135 3.64 -4.36 15.08
N ALA A 136 3.13 -4.95 13.99
CA ALA A 136 2.51 -4.20 12.86
C ALA A 136 1.05 -3.88 13.20
N GLU A 137 0.65 -2.59 13.14
CA GLU A 137 -0.70 -2.18 13.58
C GLU A 137 -1.53 -1.68 12.39
N VAL A 138 -2.77 -2.19 12.28
CA VAL A 138 -3.67 -1.84 11.18
C VAL A 138 -4.55 -0.62 11.56
N VAL A 139 -4.69 0.30 10.61
CA VAL A 139 -5.41 1.58 10.83
C VAL A 139 -6.45 1.84 9.71
N VAL A 140 -7.64 2.45 10.06
CA VAL A 140 -8.66 2.80 9.01
C VAL A 140 -9.22 4.27 9.15
N PRO A 141 -8.71 5.32 8.37
CA PRO A 141 -9.16 6.76 8.48
C PRO A 141 -10.66 7.01 8.62
N ARG A 142 -10.99 7.86 9.61
CA ARG A 142 -12.37 8.26 9.94
C ARG A 142 -12.84 9.40 9.06
N ASP A 143 -14.20 9.49 8.93
CA ASP A 143 -14.92 10.42 8.00
C ASP A 143 -14.39 10.34 6.53
N GLN A 144 -13.80 9.17 6.20
CA GLN A 144 -13.16 8.89 4.91
C GLN A 144 -14.20 8.46 3.88
N THR A 145 -14.22 9.18 2.72
CA THR A 145 -15.04 8.82 1.58
C THR A 145 -14.38 7.69 0.75
N PRO A 146 -15.10 6.54 0.41
CA PRO A 146 -14.60 5.47 -0.49
C PRO A 146 -14.27 5.93 -1.90
N ASP A 147 -13.57 5.04 -2.60
CA ASP A 147 -13.14 5.28 -3.99
C ASP A 147 -14.05 4.52 -4.99
N GLU A 148 -13.62 4.43 -6.27
CA GLU A 148 -14.42 3.84 -7.40
C GLU A 148 -14.84 2.37 -7.15
N ASN A 149 -13.83 1.65 -6.72
CA ASN A 149 -13.93 0.25 -6.28
C ASN A 149 -14.46 0.15 -4.81
N GLU A 150 -15.07 1.27 -4.34
CA GLU A 150 -15.62 1.49 -2.98
C GLU A 150 -14.58 1.16 -1.87
N GLN A 151 -13.39 1.78 -1.97
CA GLN A 151 -12.27 1.43 -1.14
C GLN A 151 -11.73 2.58 -0.36
N VAL A 152 -11.38 2.19 0.82
CA VAL A 152 -10.70 2.98 1.83
C VAL A 152 -9.32 2.37 2.10
N ILE A 153 -8.48 3.16 2.77
CA ILE A 153 -7.09 2.78 3.00
C ILE A 153 -6.89 2.27 4.45
N VAL A 154 -5.88 1.40 4.55
CA VAL A 154 -5.30 0.90 5.77
C VAL A 154 -3.84 1.28 5.82
N LYS A 155 -3.44 1.60 7.02
CA LYS A 155 -2.08 2.02 7.31
C LYS A 155 -1.52 1.14 8.40
N ILE A 156 -0.60 0.26 8.00
CA ILE A 156 0.15 -0.59 8.93
C ILE A 156 1.45 0.11 9.27
N ILE A 157 1.80 0.06 10.56
CA ILE A 157 3.07 0.61 11.04
C ILE A 157 3.74 -0.48 11.90
N GLY A 158 4.81 -1.03 11.35
CA GLY A 158 5.57 -2.10 11.96
C GLY A 158 6.99 -2.16 11.42
N HIS A 159 7.84 -3.06 11.99
CA HIS A 159 9.19 -3.33 11.45
C HIS A 159 9.10 -4.21 10.20
N PHE A 160 10.21 -4.31 9.43
CA PHE A 160 10.19 -4.83 8.03
C PHE A 160 9.57 -6.26 7.89
N TYR A 161 9.65 -7.04 9.00
CA TYR A 161 9.01 -8.37 9.13
C TYR A 161 7.50 -8.31 9.34
N ALA A 162 7.07 -7.26 10.08
CA ALA A 162 5.71 -7.15 10.60
C ALA A 162 4.70 -6.64 9.59
N SER A 163 4.97 -5.45 8.98
CA SER A 163 4.13 -4.86 7.89
C SER A 163 3.92 -5.80 6.68
N GLN A 164 4.93 -6.67 6.39
CA GLN A 164 4.82 -7.70 5.33
C GLN A 164 3.86 -8.85 5.73
N MET A 165 4.09 -9.47 6.93
CA MET A 165 3.19 -10.53 7.49
C MET A 165 1.77 -10.00 7.79
N ALA A 166 1.70 -8.69 8.12
CA ALA A 166 0.45 -7.96 8.38
C ALA A 166 -0.40 -7.79 7.11
N GLN A 167 0.26 -7.33 6.00
CA GLN A 167 -0.39 -7.16 4.67
C GLN A 167 -1.05 -8.45 4.18
N ARG A 168 -0.34 -9.59 4.39
CA ARG A 168 -0.84 -10.92 3.97
C ARG A 168 -1.95 -11.48 4.87
N LYS A 169 -1.90 -11.22 6.21
CA LYS A 169 -3.01 -11.55 7.14
C LYS A 169 -4.28 -10.74 6.84
N ILE A 170 -4.07 -9.46 6.47
CA ILE A 170 -5.11 -8.51 6.13
C ILE A 170 -5.72 -8.79 4.72
N ARG A 171 -4.86 -9.10 3.70
CA ARG A 171 -5.36 -9.46 2.34
C ARG A 171 -6.08 -10.82 2.33
N ASP A 172 -5.75 -11.69 3.31
CA ASP A 172 -6.38 -13.02 3.51
C ASP A 172 -7.80 -12.93 4.09
N ILE A 173 -8.02 -12.00 5.06
CA ILE A 173 -9.36 -11.70 5.64
C ILE A 173 -10.24 -10.99 4.56
N LEU A 174 -9.64 -9.96 3.93
CA LEU A 174 -10.17 -9.27 2.76
C LEU A 174 -10.39 -10.15 1.54
N ALA A 175 -9.65 -11.27 1.47
CA ALA A 175 -9.89 -12.34 0.48
C ALA A 175 -11.18 -13.10 0.76
N GLN A 176 -11.43 -13.33 2.07
CA GLN A 176 -12.65 -13.97 2.59
C GLN A 176 -13.89 -13.08 2.42
N VAL A 177 -13.65 -11.76 2.30
CA VAL A 177 -14.70 -10.75 2.06
C VAL A 177 -15.06 -10.71 0.57
N LYS A 178 -14.01 -10.47 -0.20
CA LYS A 178 -13.99 -10.63 -1.67
C LYS A 178 -14.54 -12.00 -2.16
N GLN A 179 -14.40 -13.06 -1.31
CA GLN A 179 -15.01 -14.38 -1.55
C GLN A 179 -16.54 -14.36 -1.37
N GLN A 180 -17.01 -13.69 -0.29
CA GLN A 180 -18.46 -13.48 -0.05
C GLN A 180 -19.10 -12.44 -1.00
N HIS A 181 -18.28 -11.49 -1.51
CA HIS A 181 -18.72 -10.45 -2.46
C HIS A 181 -18.93 -11.00 -3.89
N GLN A 182 -18.13 -12.04 -4.29
CA GLN A 182 -18.24 -12.66 -5.62
C GLN A 182 -19.48 -13.56 -5.75
N LYS A 183 -19.68 -14.46 -4.76
CA LYS A 183 -20.85 -15.35 -4.72
C LYS A 183 -21.33 -15.53 -3.26
N GLY A 184 -20.45 -16.10 -2.39
CA GLY A 184 -20.73 -16.26 -0.95
C GLY A 184 -21.78 -17.32 -0.64
N GLN A 185 -21.51 -18.14 0.42
CA GLN A 185 -22.43 -19.21 0.95
C GLN A 185 -22.88 -20.25 -0.13
N SER A 186 -22.13 -20.29 -1.25
CA SER A 186 -22.43 -21.18 -2.40
C SER A 186 -21.88 -22.59 -2.17
N GLY A 187 -22.73 -23.59 -2.47
CA GLY A 187 -22.37 -25.00 -2.30
C GLY A 187 -22.81 -25.86 -3.47
N GLN A 188 -23.77 -26.75 -3.20
CA GLN A 188 -24.34 -27.67 -4.21
C GLN A 188 -25.85 -27.81 -4.00
N LEU A 189 -26.62 -27.30 -4.98
CA LEU A 189 -28.10 -27.37 -4.96
C LEU A 189 -28.66 -27.53 -6.38
N GLN A 190 -29.54 -28.52 -6.54
CA GLN A 190 -30.20 -28.80 -7.83
C GLN A 190 -31.62 -28.24 -7.83
N ALA A 191 -32.01 -27.66 -8.99
CA ALA A 191 -33.33 -27.07 -9.18
C ALA A 191 -34.05 -27.71 -10.37
N GLY A 1 0.41 9.91 -36.80
CA GLY A 1 -0.28 10.21 -38.08
C GLY A 1 -1.59 10.95 -37.87
N ALA A 2 -1.89 11.90 -38.81
CA ALA A 2 -3.13 12.76 -38.81
C ALA A 2 -3.31 13.59 -37.52
N MET A 3 -3.54 14.91 -37.72
CA MET A 3 -3.75 15.85 -36.61
C MET A 3 -5.20 16.35 -36.61
N GLY A 4 -5.73 16.59 -35.40
CA GLY A 4 -7.10 17.07 -35.22
C GLY A 4 -7.58 17.01 -33.76
N PRO A 5 -7.40 18.11 -32.89
CA PRO A 5 -7.86 18.08 -31.48
C PRO A 5 -9.36 18.34 -31.36
N SER A 6 -10.04 17.50 -30.55
CA SER A 6 -11.49 17.59 -30.32
C SER A 6 -11.82 17.26 -28.87
N SER A 7 -12.87 17.95 -28.32
CA SER A 7 -13.38 17.79 -26.92
C SER A 7 -12.31 18.08 -25.84
N VAL A 8 -12.74 18.75 -24.76
CA VAL A 8 -11.86 19.10 -23.63
C VAL A 8 -11.97 18.03 -22.51
N SER A 9 -10.91 17.20 -22.40
CA SER A 9 -10.83 16.13 -21.40
C SER A 9 -9.63 16.33 -20.47
N GLY A 10 -9.85 16.04 -19.17
CA GLY A 10 -8.81 16.18 -18.16
C GLY A 10 -8.00 14.91 -17.98
N ALA A 11 -6.79 14.90 -18.57
CA ALA A 11 -5.86 13.76 -18.50
C ALA A 11 -4.41 14.21 -18.16
N ALA A 12 -4.29 15.43 -17.55
CA ALA A 12 -2.99 16.08 -17.16
C ALA A 12 -2.02 16.31 -18.38
N PRO A 13 -1.76 17.60 -18.85
CA PRO A 13 -0.83 17.83 -19.98
C PRO A 13 0.64 17.93 -19.56
N PHE A 14 0.88 18.49 -18.35
CA PHE A 14 2.22 18.68 -17.79
C PHE A 14 2.67 17.44 -17.02
N SER A 15 1.77 16.93 -16.15
CA SER A 15 2.05 15.75 -15.31
C SER A 15 1.56 14.47 -15.98
N SER A 16 2.23 13.35 -15.65
CA SER A 16 1.89 12.03 -16.19
C SER A 16 2.02 10.96 -15.10
N PHE A 17 1.25 9.87 -15.27
CA PHE A 17 1.24 8.75 -14.31
C PHE A 17 1.15 7.42 -15.05
N MET A 18 2.13 6.53 -14.77
CA MET A 18 2.22 5.20 -15.38
C MET A 18 1.27 4.18 -14.70
N PRO A 19 0.33 3.46 -15.47
CA PRO A 19 -0.57 2.45 -14.85
C PRO A 19 0.16 1.11 -14.53
N PRO A 20 0.17 0.59 -13.22
CA PRO A 20 0.78 -0.74 -12.88
C PRO A 20 0.06 -1.93 -13.51
N GLU A 21 0.78 -3.06 -13.61
CA GLU A 21 0.28 -4.28 -14.27
C GLU A 21 -0.08 -5.37 -13.25
N GLN A 22 0.90 -5.74 -12.42
CA GLN A 22 0.78 -6.74 -11.35
C GLN A 22 0.07 -6.12 -10.11
N GLU A 23 0.06 -6.85 -8.95
CA GLU A 23 -0.45 -6.32 -7.67
C GLU A 23 0.55 -5.32 -7.05
N THR A 24 0.02 -4.38 -6.29
CA THR A 24 0.77 -3.19 -5.89
C THR A 24 0.49 -2.80 -4.44
N VAL A 25 1.48 -2.13 -3.84
CA VAL A 25 1.29 -1.34 -2.64
C VAL A 25 1.76 0.08 -2.86
N HIS A 26 1.30 0.94 -1.97
CA HIS A 26 1.80 2.29 -1.87
C HIS A 26 2.39 2.47 -0.49
N VAL A 27 3.73 2.58 -0.48
CA VAL A 27 4.48 2.58 0.74
C VAL A 27 4.83 4.03 1.14
N PHE A 28 4.41 4.34 2.35
CA PHE A 28 4.65 5.61 3.03
C PHE A 28 6.00 5.53 3.74
N ILE A 29 6.94 6.17 3.10
CA ILE A 29 8.27 6.43 3.64
C ILE A 29 8.47 7.93 3.85
N PRO A 30 9.51 8.39 4.67
CA PRO A 30 9.85 9.84 4.79
C PRO A 30 10.06 10.57 3.46
N ALA A 31 9.48 11.78 3.34
CA ALA A 31 9.80 12.75 2.24
C ALA A 31 11.31 13.13 2.17
N GLN A 32 12.06 12.80 3.25
CA GLN A 32 13.52 12.90 3.30
C GLN A 32 14.19 11.53 2.96
N ALA A 33 13.38 10.54 2.53
CA ALA A 33 13.86 9.19 2.21
C ALA A 33 13.91 8.96 0.71
N VAL A 34 13.10 9.74 -0.04
CA VAL A 34 13.08 9.71 -1.52
C VAL A 34 14.35 10.33 -2.15
N GLY A 35 15.03 11.19 -1.34
CA GLY A 35 16.33 11.78 -1.67
C GLY A 35 17.46 10.74 -1.74
N ALA A 36 17.28 9.63 -0.99
CA ALA A 36 18.14 8.44 -1.11
C ALA A 36 17.73 7.56 -2.30
N ILE A 37 16.40 7.37 -2.47
CA ILE A 37 15.81 6.44 -3.45
C ILE A 37 15.90 6.99 -4.91
N ILE A 38 15.38 8.21 -5.15
CA ILE A 38 15.56 8.93 -6.41
C ILE A 38 16.90 9.70 -6.48
N GLY A 39 17.52 10.02 -5.33
CA GLY A 39 18.65 10.99 -5.30
C GLY A 39 19.85 10.64 -6.18
N ASP A 40 20.33 9.37 -6.12
CA ASP A 40 21.57 8.93 -6.83
C ASP A 40 21.37 8.93 -8.37
N ASP A 41 21.47 10.17 -8.95
CA ASP A 41 21.19 10.50 -10.38
C ASP A 41 19.78 10.04 -10.87
N GLY A 42 18.87 9.71 -9.91
CA GLY A 42 17.60 9.00 -10.22
C GLY A 42 17.80 7.58 -10.74
N GLN A 43 18.80 6.89 -10.16
CA GLN A 43 19.22 5.55 -10.62
C GLN A 43 19.15 4.49 -9.50
N HIS A 44 18.87 4.90 -8.24
CA HIS A 44 18.77 3.97 -7.09
C HIS A 44 17.43 3.19 -7.10
N ILE A 45 16.36 3.85 -7.62
CA ILE A 45 15.07 3.25 -7.91
C ILE A 45 15.15 2.22 -9.10
N LYS A 46 15.85 2.65 -10.17
CA LYS A 46 16.19 1.80 -11.34
C LYS A 46 17.26 0.73 -11.01
N GLN A 47 17.98 0.97 -9.89
CA GLN A 47 18.92 0.01 -9.30
C GLN A 47 18.18 -1.10 -8.54
N LEU A 48 17.14 -0.68 -7.77
CA LEU A 48 16.21 -1.58 -7.09
C LEU A 48 15.32 -2.41 -8.03
N SER A 49 15.02 -1.85 -9.23
CA SER A 49 14.04 -2.43 -10.19
C SER A 49 14.45 -3.80 -10.76
N ARG A 50 15.78 -3.97 -10.97
CA ARG A 50 16.39 -5.25 -11.38
C ARG A 50 16.55 -6.21 -10.19
N PHE A 51 16.94 -5.60 -9.06
CA PHE A 51 17.19 -6.26 -7.76
C PHE A 51 15.92 -6.90 -7.14
N ALA A 52 14.84 -6.11 -7.06
CA ALA A 52 13.64 -6.49 -6.29
C ALA A 52 12.57 -7.21 -7.09
N SER A 53 12.73 -7.31 -8.45
CA SER A 53 11.70 -7.89 -9.39
C SER A 53 10.38 -7.10 -9.45
N ALA A 54 10.40 -5.96 -8.74
CA ALA A 54 9.26 -5.03 -8.63
C ALA A 54 9.46 -3.81 -9.55
N SER A 55 8.40 -2.97 -9.65
CA SER A 55 8.41 -1.75 -10.47
C SER A 55 7.91 -0.56 -9.63
N ILE A 56 8.88 0.24 -9.19
CA ILE A 56 8.67 1.39 -8.31
C ILE A 56 8.28 2.66 -9.12
N LYS A 57 7.23 3.36 -8.64
CA LYS A 57 6.97 4.75 -9.01
C LYS A 57 6.94 5.60 -7.75
N ILE A 58 7.68 6.74 -7.73
CA ILE A 58 7.60 7.73 -6.63
C ILE A 58 6.42 8.68 -6.90
N ALA A 59 5.72 8.98 -5.82
CA ALA A 59 4.45 9.72 -5.84
C ALA A 59 4.61 11.17 -5.35
N PRO A 60 3.83 12.18 -5.93
CA PRO A 60 4.06 13.62 -5.65
C PRO A 60 3.43 14.09 -4.30
N PRO A 61 3.84 15.29 -3.70
CA PRO A 61 3.26 15.80 -2.43
C PRO A 61 1.92 16.50 -2.64
N GLU A 62 0.88 15.88 -2.05
CA GLU A 62 -0.47 16.41 -2.07
C GLU A 62 -0.81 17.08 -0.73
N THR A 63 -0.73 16.27 0.33
CA THR A 63 -1.20 16.62 1.70
C THR A 63 -0.75 15.53 2.75
N PRO A 64 -1.00 14.16 2.56
CA PRO A 64 -0.24 13.10 3.29
C PRO A 64 1.19 12.96 2.77
N ASP A 65 1.29 13.04 1.44
CA ASP A 65 2.57 13.02 0.69
C ASP A 65 3.38 14.35 0.82
N SER A 66 2.91 15.20 1.74
CA SER A 66 3.53 16.49 2.08
C SER A 66 4.75 16.32 3.00
N LYS A 67 4.60 15.46 4.03
CA LYS A 67 5.69 15.14 4.97
C LYS A 67 6.35 13.79 4.66
N VAL A 68 5.57 12.87 4.06
CA VAL A 68 6.11 11.65 3.48
C VAL A 68 6.13 11.73 1.94
N ARG A 69 6.58 10.63 1.34
CA ARG A 69 6.39 10.36 -0.08
C ARG A 69 6.14 8.88 -0.22
N MET A 70 5.23 8.55 -1.13
CA MET A 70 4.66 7.25 -1.25
C MET A 70 5.21 6.52 -2.49
N VAL A 71 5.78 5.33 -2.25
CA VAL A 71 6.30 4.45 -3.29
C VAL A 71 5.28 3.46 -3.80
N VAL A 72 5.29 3.34 -5.12
CA VAL A 72 4.44 2.41 -5.87
C VAL A 72 5.22 1.10 -6.09
N ILE A 73 4.88 0.05 -5.32
CA ILE A 73 5.49 -1.28 -5.50
C ILE A 73 4.54 -2.24 -6.17
N THR A 74 4.84 -2.40 -7.47
CA THR A 74 4.17 -3.38 -8.31
C THR A 74 4.98 -4.69 -8.31
N GLY A 75 4.24 -5.79 -8.49
CA GLY A 75 4.84 -7.08 -8.78
C GLY A 75 4.23 -8.24 -7.98
N PRO A 76 4.68 -9.56 -8.17
CA PRO A 76 4.13 -10.74 -7.43
C PRO A 76 4.23 -10.63 -5.87
N PRO A 77 3.83 -11.67 -5.02
CA PRO A 77 4.11 -11.67 -3.55
C PRO A 77 5.61 -11.71 -3.20
N GLU A 78 6.43 -12.23 -4.15
CA GLU A 78 7.90 -12.33 -4.00
C GLU A 78 8.60 -10.99 -4.29
N ALA A 79 8.26 -10.36 -5.44
CA ALA A 79 8.92 -9.11 -5.94
C ALA A 79 8.67 -7.90 -5.02
N GLN A 80 7.41 -7.78 -4.56
CA GLN A 80 6.95 -6.70 -3.63
C GLN A 80 7.63 -6.78 -2.25
N PHE A 81 8.11 -8.02 -1.92
CA PHE A 81 8.85 -8.33 -0.67
C PHE A 81 10.23 -7.63 -0.63
N LYS A 82 10.92 -7.61 -1.81
CA LYS A 82 12.29 -7.06 -1.91
C LYS A 82 12.30 -5.53 -1.90
N ALA A 83 11.34 -4.91 -2.64
CA ALA A 83 11.23 -3.43 -2.79
C ALA A 83 10.78 -2.72 -1.51
N GLN A 84 9.72 -3.25 -0.85
CA GLN A 84 9.31 -2.84 0.54
C GLN A 84 10.40 -3.17 1.59
N GLY A 85 11.18 -4.25 1.30
CA GLY A 85 12.37 -4.62 2.09
C GLY A 85 13.49 -3.56 2.08
N ARG A 86 13.55 -2.77 0.97
CA ARG A 86 14.56 -1.74 0.76
C ARG A 86 14.18 -0.45 1.48
N ILE A 87 12.85 -0.13 1.51
CA ILE A 87 12.35 1.10 2.15
C ILE A 87 12.56 1.07 3.69
N TYR A 88 12.50 -0.18 4.23
CA TYR A 88 12.96 -0.52 5.59
C TYR A 88 14.47 -0.50 5.68
N GLY A 89 15.13 -1.13 4.67
CA GLY A 89 16.60 -1.28 4.64
C GLY A 89 17.36 0.04 4.57
N LYS A 90 16.71 1.08 3.98
CA LYS A 90 17.30 2.38 3.79
C LYS A 90 17.31 3.26 5.01
N LEU A 91 16.32 3.11 5.91
CA LEU A 91 16.38 3.72 7.24
C LEU A 91 17.33 2.99 8.19
N LYS A 92 17.46 1.67 7.96
CA LYS A 92 18.42 0.81 8.65
C LYS A 92 19.86 1.18 8.27
N GLU A 93 20.02 1.41 6.96
CA GLU A 93 21.29 1.79 6.38
C GLU A 93 21.61 3.33 6.51
N GLU A 94 20.62 4.22 6.17
CA GLU A 94 20.85 5.67 6.13
C GLU A 94 20.43 6.37 7.42
N ASN A 95 19.39 5.78 8.08
CA ASN A 95 18.70 6.31 9.29
C ASN A 95 18.12 7.73 9.08
N PHE A 96 17.03 7.80 8.25
CA PHE A 96 16.21 9.04 8.10
C PHE A 96 15.34 9.32 9.35
N PHE A 97 15.15 8.26 10.19
CA PHE A 97 14.68 8.37 11.57
C PHE A 97 15.89 8.64 12.50
N GLY A 98 15.66 8.82 13.83
CA GLY A 98 16.77 9.14 14.74
C GLY A 98 16.48 8.92 16.23
N PRO A 99 16.16 10.01 17.07
CA PRO A 99 16.37 9.98 18.54
C PRO A 99 15.46 9.00 19.29
N LYS A 100 14.15 9.19 19.12
CA LYS A 100 13.12 8.36 19.73
C LYS A 100 12.40 7.45 18.72
N GLU A 101 12.79 7.59 17.45
CA GLU A 101 12.15 6.99 16.32
C GLU A 101 12.90 5.76 15.83
N GLU A 102 12.10 4.92 15.21
CA GLU A 102 12.48 3.58 14.76
C GLU A 102 12.00 3.37 13.33
N VAL A 103 12.40 2.23 12.70
CA VAL A 103 11.88 1.86 11.37
C VAL A 103 10.60 1.07 11.56
N LYS A 104 9.56 1.72 11.06
CA LYS A 104 8.16 1.29 11.08
C LYS A 104 7.40 2.16 10.06
N LEU A 105 7.33 1.67 8.81
CA LEU A 105 6.72 2.42 7.72
C LEU A 105 5.31 1.97 7.45
N GLU A 106 4.50 2.98 7.09
CA GLU A 106 3.07 2.82 6.79
C GLU A 106 2.90 2.34 5.32
N THR A 107 2.02 1.32 5.11
CA THR A 107 1.62 0.91 3.76
C THR A 107 0.11 1.10 3.55
N HIS A 108 -0.19 1.53 2.32
CA HIS A 108 -1.55 1.78 1.85
C HIS A 108 -2.03 0.65 0.91
N ILE A 109 -3.15 -0.01 1.29
CA ILE A 109 -3.83 -0.97 0.40
C ILE A 109 -5.34 -0.76 0.33
N ARG A 110 -5.83 -0.66 -0.93
CA ARG A 110 -7.26 -0.48 -1.26
C ARG A 110 -8.07 -1.74 -0.99
N VAL A 111 -9.05 -1.55 -0.12
CA VAL A 111 -9.88 -2.63 0.44
C VAL A 111 -11.35 -2.14 0.45
N PRO A 112 -12.44 -3.01 0.43
CA PRO A 112 -13.83 -2.52 0.38
C PRO A 112 -14.25 -1.74 1.61
N ALA A 113 -14.96 -0.66 1.32
CA ALA A 113 -15.43 0.35 2.27
C ALA A 113 -16.15 -0.20 3.54
N SER A 114 -17.07 -1.17 3.33
CA SER A 114 -17.73 -1.89 4.43
C SER A 114 -16.97 -3.19 4.79
N ALA A 115 -15.72 -3.26 4.33
CA ALA A 115 -14.79 -4.36 4.62
C ALA A 115 -13.60 -3.84 5.44
N ALA A 116 -13.63 -2.51 5.73
CA ALA A 116 -12.68 -1.82 6.62
C ALA A 116 -12.84 -2.28 8.10
N GLY A 117 -14.07 -2.71 8.43
CA GLY A 117 -14.38 -3.31 9.73
C GLY A 117 -13.98 -4.79 9.82
N ARG A 118 -13.57 -5.37 8.66
CA ARG A 118 -12.98 -6.70 8.58
C ARG A 118 -11.49 -6.64 8.93
N VAL A 119 -10.84 -5.56 8.44
CA VAL A 119 -9.41 -5.30 8.64
C VAL A 119 -9.14 -4.70 10.02
N ILE A 120 -9.99 -3.71 10.37
CA ILE A 120 -9.90 -3.02 11.66
C ILE A 120 -10.55 -3.84 12.80
N GLY A 121 -11.58 -4.60 12.40
CA GLY A 121 -12.09 -5.72 13.20
C GLY A 121 -13.05 -5.32 14.31
N LYS A 122 -13.18 -6.21 15.33
CA LYS A 122 -14.13 -6.10 16.45
C LYS A 122 -14.00 -4.83 17.32
N GLY A 123 -12.97 -4.01 17.04
CA GLY A 123 -12.70 -2.80 17.81
C GLY A 123 -11.46 -2.94 18.65
N GLY A 124 -10.39 -3.46 18.03
CA GLY A 124 -9.11 -3.67 18.70
C GLY A 124 -8.91 -5.11 19.13
N LYS A 125 -9.16 -6.03 18.19
CA LYS A 125 -8.90 -7.47 18.38
C LYS A 125 -8.04 -7.99 17.22
N THR A 126 -8.39 -7.55 15.99
CA THR A 126 -7.54 -7.69 14.77
C THR A 126 -6.34 -6.72 14.83
N VAL A 127 -6.59 -5.52 15.39
CA VAL A 127 -5.60 -4.42 15.52
C VAL A 127 -4.68 -4.69 16.75
N ASN A 128 -5.26 -5.27 17.82
CA ASN A 128 -4.55 -5.58 19.07
C ASN A 128 -3.68 -6.83 18.97
N GLU A 129 -4.19 -7.84 18.22
CA GLU A 129 -3.47 -9.10 17.94
C GLU A 129 -2.32 -8.89 16.92
N LEU A 130 -2.49 -7.92 16.00
CA LEU A 130 -1.47 -7.57 14.99
C LEU A 130 -0.30 -6.77 15.60
N GLN A 131 -0.61 -5.84 16.53
CA GLN A 131 0.41 -5.07 17.30
C GLN A 131 1.21 -5.95 18.28
N ASN A 132 0.48 -6.77 19.07
CA ASN A 132 1.06 -7.57 20.18
C ASN A 132 1.85 -8.80 19.68
N LEU A 133 1.34 -9.44 18.60
CA LEU A 133 1.93 -10.66 18.04
C LEU A 133 2.79 -10.37 16.81
N THR A 134 2.30 -9.45 15.95
CA THR A 134 2.94 -9.15 14.65
C THR A 134 3.70 -7.79 14.66
N ALA A 135 3.50 -6.94 15.72
CA ALA A 135 4.10 -5.57 15.88
C ALA A 135 3.59 -4.54 14.85
N ALA A 136 2.98 -5.02 13.75
CA ALA A 136 2.34 -4.19 12.73
C ALA A 136 0.88 -3.96 13.09
N GLU A 137 0.41 -2.70 13.01
CA GLU A 137 -0.92 -2.34 13.52
C GLU A 137 -1.82 -1.84 12.38
N VAL A 138 -3.13 -2.15 12.52
CA VAL A 138 -4.17 -1.77 11.53
C VAL A 138 -4.59 -0.32 11.78
N VAL A 139 -4.78 0.42 10.69
CA VAL A 139 -5.26 1.82 10.75
C VAL A 139 -6.34 2.03 9.67
N VAL A 140 -7.56 2.48 10.09
CA VAL A 140 -8.61 2.84 9.07
C VAL A 140 -9.15 4.31 9.23
N PRO A 141 -8.56 5.38 8.52
CA PRO A 141 -8.81 6.85 8.81
C PRO A 141 -10.27 7.27 9.04
N ARG A 142 -10.44 8.48 9.61
CA ARG A 142 -11.74 8.98 10.14
C ARG A 142 -12.79 9.22 9.00
N ASP A 143 -12.90 10.49 8.53
CA ASP A 143 -13.74 10.89 7.38
C ASP A 143 -13.13 10.38 6.04
N GLN A 144 -13.03 9.04 5.98
CA GLN A 144 -12.36 8.34 4.88
C GLN A 144 -13.40 7.87 3.85
N THR A 145 -13.44 8.61 2.72
CA THR A 145 -14.36 8.36 1.62
C THR A 145 -13.89 7.14 0.75
N PRO A 146 -14.83 6.17 0.36
CA PRO A 146 -14.53 5.11 -0.63
C PRO A 146 -14.27 5.63 -2.04
N ASP A 147 -13.76 4.71 -2.85
CA ASP A 147 -13.43 4.97 -4.25
C ASP A 147 -14.51 4.33 -5.16
N GLU A 148 -14.25 4.28 -6.49
CA GLU A 148 -15.15 3.68 -7.51
C GLU A 148 -15.32 2.16 -7.34
N ASN A 149 -14.17 1.58 -7.07
CA ASN A 149 -13.99 0.15 -6.84
C ASN A 149 -14.49 -0.31 -5.44
N GLU A 150 -15.31 0.56 -4.77
CA GLU A 150 -15.98 0.30 -3.45
C GLU A 150 -14.91 0.19 -2.30
N GLN A 151 -13.85 1.01 -2.37
CA GLN A 151 -12.69 0.80 -1.54
C GLN A 151 -12.15 2.04 -0.88
N VAL A 152 -11.76 1.73 0.32
CA VAL A 152 -11.02 2.58 1.21
C VAL A 152 -9.61 2.01 1.40
N ILE A 153 -8.71 2.83 1.95
CA ILE A 153 -7.35 2.40 2.25
C ILE A 153 -7.22 2.17 3.74
N VAL A 154 -6.29 1.27 4.04
CA VAL A 154 -5.93 0.88 5.37
C VAL A 154 -4.39 0.96 5.47
N LYS A 155 -3.99 1.42 6.64
CA LYS A 155 -2.62 1.80 6.91
C LYS A 155 -2.02 0.95 8.05
N ILE A 156 -0.98 0.19 7.71
CA ILE A 156 -0.22 -0.63 8.67
C ILE A 156 1.09 0.09 9.02
N ILE A 157 1.47 -0.01 10.31
CA ILE A 157 2.78 0.48 10.77
C ILE A 157 3.46 -0.61 11.62
N GLY A 158 4.51 -1.16 11.02
CA GLY A 158 5.32 -2.20 11.64
C GLY A 158 6.71 -2.25 11.04
N HIS A 159 7.47 -3.33 11.34
CA HIS A 159 8.80 -3.58 10.73
C HIS A 159 8.63 -4.24 9.33
N PHE A 160 9.75 -4.62 8.65
CA PHE A 160 9.67 -5.20 7.29
C PHE A 160 9.05 -6.63 7.27
N TYR A 161 9.20 -7.36 8.40
CA TYR A 161 8.53 -8.64 8.68
C TYR A 161 7.03 -8.46 9.03
N ALA A 162 6.76 -7.35 9.73
CA ALA A 162 5.45 -7.07 10.33
C ALA A 162 4.38 -6.62 9.32
N SER A 163 4.74 -5.63 8.46
CA SER A 163 3.85 -5.12 7.38
C SER A 163 3.50 -6.20 6.34
N GLN A 164 4.47 -7.10 6.03
CA GLN A 164 4.27 -8.23 5.09
C GLN A 164 3.29 -9.31 5.65
N MET A 165 3.44 -9.63 6.95
CA MET A 165 2.53 -10.57 7.66
C MET A 165 1.16 -9.92 7.97
N ALA A 166 1.18 -8.61 8.34
CA ALA A 166 -0.05 -7.83 8.63
C ALA A 166 -0.88 -7.52 7.39
N GLN A 167 -0.19 -7.29 6.22
CA GLN A 167 -0.84 -7.18 4.89
C GLN A 167 -1.55 -8.49 4.50
N ARG A 168 -0.83 -9.62 4.66
CA ARG A 168 -1.33 -10.97 4.34
C ARG A 168 -2.39 -11.46 5.34
N LYS A 169 -2.27 -11.05 6.63
CA LYS A 169 -3.32 -11.27 7.66
C LYS A 169 -4.62 -10.49 7.36
N ILE A 170 -4.45 -9.28 6.78
CA ILE A 170 -5.54 -8.43 6.33
C ILE A 170 -6.22 -9.00 5.05
N ARG A 171 -5.40 -9.29 4.01
CA ARG A 171 -5.89 -9.83 2.71
C ARG A 171 -6.61 -11.20 2.86
N ASP A 172 -6.25 -11.93 3.97
CA ASP A 172 -6.89 -13.20 4.37
C ASP A 172 -8.29 -12.97 5.00
N ILE A 173 -8.41 -11.99 5.95
CA ILE A 173 -9.70 -11.58 6.59
C ILE A 173 -10.63 -10.94 5.50
N LEU A 174 -10.02 -10.07 4.66
CA LEU A 174 -10.62 -9.53 3.45
C LEU A 174 -10.94 -10.54 2.37
N ALA A 175 -10.21 -11.67 2.37
CA ALA A 175 -10.55 -12.85 1.56
C ALA A 175 -11.84 -13.53 2.02
N GLN A 176 -12.02 -13.50 3.35
CA GLN A 176 -13.20 -14.07 4.03
C GLN A 176 -14.48 -13.22 3.84
N VAL A 177 -14.27 -11.90 3.58
CA VAL A 177 -15.36 -10.97 3.21
C VAL A 177 -15.72 -11.16 1.73
N LYS A 178 -14.68 -11.03 0.90
CA LYS A 178 -14.71 -11.36 -0.54
C LYS A 178 -15.29 -12.77 -0.85
N GLN A 179 -15.13 -13.72 0.12
CA GLN A 179 -15.79 -15.05 0.08
C GLN A 179 -17.28 -14.97 0.37
N GLN A 180 -17.66 -14.16 1.40
CA GLN A 180 -19.07 -13.86 1.75
C GLN A 180 -19.79 -12.99 0.70
N HIS A 181 -19.00 -12.24 -0.12
CA HIS A 181 -19.52 -11.38 -1.18
C HIS A 181 -19.95 -12.19 -2.43
N GLN A 182 -19.03 -13.04 -2.95
CA GLN A 182 -19.30 -13.90 -4.12
C GLN A 182 -20.03 -15.20 -3.71
N LYS A 183 -19.48 -15.91 -2.69
CA LYS A 183 -20.02 -17.20 -2.12
C LYS A 183 -20.20 -18.30 -3.19
N GLY A 184 -19.40 -19.37 -3.07
CA GLY A 184 -19.46 -20.50 -3.99
C GLY A 184 -18.37 -20.46 -5.05
N GLN A 185 -18.61 -21.19 -6.15
CA GLN A 185 -17.66 -21.27 -7.28
C GLN A 185 -17.96 -20.17 -8.32
N SER A 186 -19.23 -20.10 -8.74
CA SER A 186 -19.69 -19.12 -9.73
C SER A 186 -20.24 -17.87 -9.06
N GLY A 187 -19.77 -16.70 -9.53
CA GLY A 187 -20.20 -15.41 -9.00
C GLY A 187 -20.95 -14.58 -10.03
N GLN A 188 -20.75 -13.26 -9.97
CA GLN A 188 -21.39 -12.30 -10.89
C GLN A 188 -20.45 -11.95 -12.03
N LEU A 189 -19.17 -11.62 -11.70
CA LEU A 189 -18.07 -11.28 -12.67
C LEU A 189 -18.44 -10.15 -13.65
N GLN A 190 -17.71 -9.03 -13.53
CA GLN A 190 -17.90 -7.84 -14.39
C GLN A 190 -16.53 -7.28 -14.79
N ALA A 191 -16.50 -6.61 -15.99
CA ALA A 191 -15.28 -5.98 -16.60
C ALA A 191 -14.11 -6.97 -16.80
N GLY A 1 -6.83 -7.98 -39.80
CA GLY A 1 -8.32 -7.99 -39.87
C GLY A 1 -8.96 -7.45 -38.60
N ALA A 2 -9.26 -8.36 -37.63
CA ALA A 2 -9.90 -8.05 -36.30
C ALA A 2 -11.23 -7.29 -36.41
N MET A 3 -12.30 -7.91 -35.87
CA MET A 3 -13.66 -7.34 -35.89
C MET A 3 -14.34 -7.50 -34.52
N GLY A 4 -14.69 -6.35 -33.91
CA GLY A 4 -15.36 -6.33 -32.61
C GLY A 4 -16.04 -4.97 -32.31
N PRO A 5 -16.55 -4.68 -31.03
CA PRO A 5 -17.20 -3.38 -30.72
C PRO A 5 -16.18 -2.26 -30.51
N SER A 6 -15.09 -2.56 -29.74
CA SER A 6 -13.96 -1.62 -29.43
C SER A 6 -14.41 -0.26 -28.85
N SER A 7 -14.08 -0.02 -27.55
CA SER A 7 -14.41 1.24 -26.78
C SER A 7 -15.91 1.58 -26.75
N VAL A 8 -16.31 2.39 -25.73
CA VAL A 8 -17.73 2.86 -25.52
C VAL A 8 -18.63 1.67 -25.07
N SER A 9 -19.75 2.01 -24.36
CA SER A 9 -20.76 1.04 -23.81
C SER A 9 -20.14 0.00 -22.85
N GLY A 10 -20.98 -0.46 -21.89
CA GLY A 10 -20.56 -1.44 -20.90
C GLY A 10 -21.35 -1.34 -19.61
N ALA A 11 -21.14 -2.32 -18.71
CA ALA A 11 -21.82 -2.38 -17.42
C ALA A 11 -21.04 -1.64 -16.34
N ALA A 12 -19.71 -1.87 -16.31
CA ALA A 12 -18.79 -1.25 -15.35
C ALA A 12 -18.27 0.11 -15.86
N PRO A 13 -18.39 1.29 -15.10
CA PRO A 13 -17.87 2.59 -15.56
C PRO A 13 -16.34 2.70 -15.45
N PHE A 14 -15.69 3.01 -16.58
CA PHE A 14 -14.23 3.14 -16.66
C PHE A 14 -13.84 4.38 -17.46
N SER A 15 -12.93 5.19 -16.87
CA SER A 15 -12.45 6.44 -17.49
C SER A 15 -10.96 6.63 -17.22
N SER A 16 -10.55 6.40 -15.96
CA SER A 16 -9.16 6.53 -15.53
C SER A 16 -8.38 5.23 -15.72
N PHE A 17 -7.18 5.36 -16.31
CA PHE A 17 -6.31 4.20 -16.58
C PHE A 17 -5.24 4.05 -15.50
N MET A 18 -5.10 2.81 -15.00
CA MET A 18 -4.13 2.45 -13.96
C MET A 18 -2.69 2.27 -14.56
N PRO A 19 -1.65 3.16 -14.18
CA PRO A 19 -0.24 2.99 -14.61
C PRO A 19 0.41 1.61 -14.25
N PRO A 20 0.15 0.95 -13.02
CA PRO A 20 0.65 -0.42 -12.71
C PRO A 20 -0.05 -1.50 -13.52
N GLU A 21 0.63 -2.67 -13.62
CA GLU A 21 0.14 -3.81 -14.39
C GLU A 21 -0.36 -4.93 -13.48
N GLN A 22 0.53 -5.40 -12.61
CA GLN A 22 0.31 -6.45 -11.62
C GLN A 22 -0.42 -5.88 -10.38
N GLU A 23 -0.47 -6.66 -9.25
CA GLU A 23 -0.99 -6.19 -7.96
C GLU A 23 -0.05 -5.19 -7.30
N THR A 24 -0.63 -4.32 -6.49
CA THR A 24 0.06 -3.12 -6.01
C THR A 24 -0.06 -2.98 -4.47
N VAL A 25 0.99 -2.38 -3.93
CA VAL A 25 1.05 -1.90 -2.55
C VAL A 25 1.64 -0.49 -2.61
N HIS A 26 1.30 0.30 -1.60
CA HIS A 26 1.74 1.69 -1.50
C HIS A 26 2.44 1.93 -0.17
N VAL A 27 3.71 2.36 -0.27
CA VAL A 27 4.57 2.60 0.88
C VAL A 27 4.42 4.06 1.32
N PHE A 28 4.32 4.23 2.64
CA PHE A 28 4.47 5.53 3.29
C PHE A 28 5.85 5.53 3.91
N ILE A 29 6.71 6.26 3.25
CA ILE A 29 8.01 6.64 3.79
C ILE A 29 8.09 8.15 3.97
N PRO A 30 9.09 8.70 4.79
CA PRO A 30 9.35 10.16 4.89
C PRO A 30 9.52 10.86 3.53
N ALA A 31 8.81 11.98 3.33
CA ALA A 31 9.03 12.91 2.18
C ALA A 31 10.48 13.44 2.05
N GLN A 32 11.28 13.25 3.12
CA GLN A 32 12.72 13.51 3.15
C GLN A 32 13.54 12.21 2.93
N ALA A 33 12.84 11.09 2.62
CA ALA A 33 13.46 9.77 2.43
C ALA A 33 13.54 9.39 0.95
N VAL A 34 12.72 10.06 0.11
CA VAL A 34 12.71 9.86 -1.36
C VAL A 34 13.99 10.42 -2.04
N GLY A 35 14.64 11.37 -1.34
CA GLY A 35 15.99 11.86 -1.67
C GLY A 35 17.09 10.80 -1.54
N ALA A 36 16.84 9.79 -0.66
CA ALA A 36 17.70 8.60 -0.54
C ALA A 36 17.42 7.59 -1.66
N ILE A 37 16.11 7.46 -1.99
CA ILE A 37 15.56 6.51 -2.96
C ILE A 37 15.89 6.93 -4.42
N ILE A 38 15.51 8.17 -4.77
CA ILE A 38 15.78 8.77 -6.07
C ILE A 38 17.18 9.42 -6.15
N GLY A 39 17.79 9.79 -5.00
CA GLY A 39 18.97 10.69 -5.01
C GLY A 39 20.16 10.21 -5.84
N ASP A 40 20.54 8.91 -5.67
CA ASP A 40 21.73 8.33 -6.36
C ASP A 40 21.51 8.23 -7.90
N ASP A 41 21.78 9.40 -8.57
CA ASP A 41 21.59 9.64 -10.03
C ASP A 41 20.15 9.38 -10.54
N GLY A 42 19.16 9.20 -9.60
CA GLY A 42 17.77 8.75 -9.96
C GLY A 42 17.70 7.39 -10.67
N GLN A 43 18.66 6.53 -10.34
CA GLN A 43 18.77 5.19 -10.93
C GLN A 43 18.75 4.07 -9.85
N HIS A 44 18.49 4.45 -8.56
CA HIS A 44 18.47 3.51 -7.42
C HIS A 44 17.15 2.71 -7.39
N ILE A 45 16.02 3.44 -7.53
CA ILE A 45 14.67 2.91 -7.66
C ILE A 45 14.51 1.96 -8.92
N LYS A 46 15.11 2.40 -10.04
CA LYS A 46 15.21 1.60 -11.28
C LYS A 46 16.28 0.49 -11.19
N GLN A 47 17.20 0.65 -10.22
CA GLN A 47 18.21 -0.39 -9.86
C GLN A 47 17.57 -1.53 -9.08
N LEU A 48 16.66 -1.15 -8.15
CA LEU A 48 15.84 -2.08 -7.35
C LEU A 48 15.01 -3.07 -8.17
N SER A 49 14.62 -2.64 -9.40
CA SER A 49 13.75 -3.43 -10.32
C SER A 49 14.32 -4.83 -10.66
N ARG A 50 15.66 -4.92 -10.64
CA ARG A 50 16.40 -6.19 -10.74
C ARG A 50 16.47 -6.95 -9.42
N PHE A 51 16.45 -6.19 -8.30
CA PHE A 51 16.66 -6.71 -6.94
C PHE A 51 15.36 -7.32 -6.39
N ALA A 52 14.26 -6.58 -6.58
CA ALA A 52 12.95 -6.95 -6.03
C ALA A 52 12.08 -7.74 -6.99
N SER A 53 12.41 -7.74 -8.31
CA SER A 53 11.54 -8.28 -9.43
C SER A 53 10.22 -7.51 -9.61
N ALA A 54 10.10 -6.47 -8.79
CA ALA A 54 8.95 -5.56 -8.74
C ALA A 54 9.24 -4.23 -9.45
N SER A 55 8.26 -3.30 -9.43
CA SER A 55 8.30 -2.04 -10.16
C SER A 55 7.88 -0.90 -9.23
N ILE A 56 8.84 -0.02 -8.95
CA ILE A 56 8.73 0.99 -7.89
C ILE A 56 8.63 2.41 -8.50
N LYS A 57 7.51 3.14 -8.23
CA LYS A 57 7.37 4.56 -8.59
C LYS A 57 7.30 5.45 -7.34
N ILE A 58 7.88 6.66 -7.40
CA ILE A 58 7.60 7.73 -6.42
C ILE A 58 6.32 8.50 -6.79
N ALA A 59 5.55 8.78 -5.74
CA ALA A 59 4.26 9.49 -5.82
C ALA A 59 4.36 10.90 -5.19
N PRO A 60 3.56 11.94 -5.68
CA PRO A 60 3.70 13.34 -5.20
C PRO A 60 3.04 13.58 -3.81
N PRO A 61 3.44 14.67 -3.01
CA PRO A 61 2.85 14.95 -1.67
C PRO A 61 1.53 15.75 -1.76
N GLU A 62 0.45 15.25 -1.09
CA GLU A 62 -0.90 15.80 -1.28
C GLU A 62 -1.34 16.76 -0.13
N THR A 63 -1.47 16.21 1.09
CA THR A 63 -2.03 16.92 2.27
C THR A 63 -1.65 16.18 3.60
N PRO A 64 -2.22 14.95 3.99
CA PRO A 64 -1.58 14.06 5.01
C PRO A 64 -0.36 13.32 4.44
N ASP A 65 -0.55 12.87 3.19
CA ASP A 65 0.51 12.28 2.34
C ASP A 65 1.56 13.29 1.86
N SER A 66 1.27 14.55 2.15
CA SER A 66 2.11 15.73 1.83
C SER A 66 3.48 15.71 2.56
N LYS A 67 3.47 15.32 3.85
CA LYS A 67 4.69 15.26 4.68
C LYS A 67 5.47 13.94 4.46
N VAL A 68 4.79 12.92 3.89
CA VAL A 68 5.44 11.73 3.38
C VAL A 68 5.48 11.73 1.84
N ARG A 69 6.00 10.63 1.31
CA ARG A 69 5.84 10.27 -0.10
C ARG A 69 5.51 8.80 -0.17
N MET A 70 4.69 8.48 -1.16
CA MET A 70 4.14 7.17 -1.34
C MET A 70 4.88 6.50 -2.51
N VAL A 71 5.31 5.24 -2.31
CA VAL A 71 5.92 4.46 -3.38
C VAL A 71 4.86 3.50 -4.00
N VAL A 72 5.00 3.28 -5.30
CA VAL A 72 4.19 2.35 -6.08
C VAL A 72 4.93 0.99 -6.11
N ILE A 73 4.40 0.03 -5.34
CA ILE A 73 4.90 -1.33 -5.34
C ILE A 73 4.00 -2.23 -6.19
N THR A 74 4.47 -2.42 -7.42
CA THR A 74 3.82 -3.30 -8.40
C THR A 74 4.59 -4.63 -8.48
N GLY A 75 3.82 -5.68 -8.79
CA GLY A 75 4.40 -6.96 -9.15
C GLY A 75 3.74 -8.15 -8.43
N PRO A 76 4.21 -9.47 -8.60
CA PRO A 76 3.63 -10.67 -7.93
C PRO A 76 3.55 -10.57 -6.37
N PRO A 77 3.07 -11.65 -5.59
CA PRO A 77 3.16 -11.65 -4.10
C PRO A 77 4.62 -11.65 -3.56
N GLU A 78 5.55 -12.22 -4.36
CA GLU A 78 6.98 -12.31 -4.00
C GLU A 78 7.75 -11.00 -4.23
N ALA A 79 7.60 -10.42 -5.44
CA ALA A 79 8.40 -9.23 -5.88
C ALA A 79 8.09 -7.95 -5.10
N GLN A 80 6.82 -7.82 -4.64
CA GLN A 80 6.29 -6.60 -3.98
C GLN A 80 6.92 -6.35 -2.60
N PHE A 81 7.03 -7.44 -1.81
CA PHE A 81 7.65 -7.42 -0.46
C PHE A 81 9.17 -7.21 -0.50
N LYS A 82 9.80 -7.63 -1.64
CA LYS A 82 11.26 -7.50 -1.86
C LYS A 82 11.67 -6.01 -2.07
N ALA A 83 10.79 -5.27 -2.79
CA ALA A 83 10.96 -3.83 -3.06
C ALA A 83 10.75 -2.93 -1.84
N GLN A 84 9.81 -3.32 -0.93
CA GLN A 84 9.67 -2.65 0.41
C GLN A 84 10.86 -2.98 1.34
N GLY A 85 11.50 -4.16 1.13
CA GLY A 85 12.77 -4.54 1.79
C GLY A 85 13.87 -3.48 1.66
N ARG A 86 13.78 -2.71 0.55
CA ARG A 86 14.66 -1.60 0.25
C ARG A 86 14.19 -0.34 0.95
N ILE A 87 12.82 -0.12 1.02
CA ILE A 87 12.27 1.14 1.51
C ILE A 87 12.66 1.31 3.00
N TYR A 88 12.54 0.16 3.71
CA TYR A 88 12.97 -0.01 5.10
C TYR A 88 14.48 0.00 5.26
N GLY A 89 15.17 -0.54 4.22
CA GLY A 89 16.64 -0.61 4.19
C GLY A 89 17.35 0.76 4.23
N LYS A 90 16.67 1.79 3.69
CA LYS A 90 17.19 3.14 3.64
C LYS A 90 17.06 3.94 4.91
N LEU A 91 16.00 3.72 5.73
CA LEU A 91 15.96 4.30 7.08
C LEU A 91 16.89 3.55 8.05
N LYS A 92 17.17 2.25 7.75
CA LYS A 92 18.23 1.46 8.36
C LYS A 92 19.63 2.08 8.12
N GLU A 93 19.86 2.49 6.86
CA GLU A 93 21.12 3.05 6.42
C GLU A 93 21.23 4.57 6.77
N GLU A 94 20.15 5.34 6.51
CA GLU A 94 20.15 6.79 6.64
C GLU A 94 19.56 7.28 7.94
N ASN A 95 18.56 6.51 8.47
CA ASN A 95 17.71 6.90 9.64
C ASN A 95 17.16 8.36 9.51
N PHE A 96 16.21 8.53 8.55
CA PHE A 96 15.61 9.88 8.28
C PHE A 96 14.60 10.29 9.36
N PHE A 97 13.98 9.27 9.99
CA PHE A 97 13.10 9.44 11.13
C PHE A 97 13.93 9.73 12.43
N GLY A 98 13.31 9.59 13.64
CA GLY A 98 13.97 10.02 14.89
C GLY A 98 13.34 9.40 16.12
N PRO A 99 11.99 9.63 16.42
CA PRO A 99 11.32 9.12 17.65
C PRO A 99 11.11 7.61 17.67
N LYS A 100 11.07 7.10 16.47
CA LYS A 100 10.86 5.71 16.13
C LYS A 100 12.07 4.80 16.37
N GLU A 101 13.24 5.44 16.52
CA GLU A 101 14.60 4.83 16.67
C GLU A 101 14.94 3.74 15.65
N GLU A 102 14.25 2.62 15.81
CA GLU A 102 14.13 1.55 14.83
C GLU A 102 13.07 1.87 13.82
N VAL A 103 13.18 1.21 12.65
CA VAL A 103 12.41 1.63 11.46
C VAL A 103 10.93 1.21 11.54
N LYS A 104 10.07 2.23 11.52
CA LYS A 104 8.62 2.04 11.60
C LYS A 104 7.95 2.89 10.53
N LEU A 105 7.78 2.25 9.37
CA LEU A 105 7.13 2.85 8.24
C LEU A 105 5.77 2.27 7.95
N GLU A 106 4.88 3.18 7.57
CA GLU A 106 3.46 2.92 7.34
C GLU A 106 3.25 2.41 5.88
N THR A 107 2.38 1.40 5.71
CA THR A 107 2.00 0.90 4.37
C THR A 107 0.50 1.09 4.14
N HIS A 108 0.19 1.75 3.00
CA HIS A 108 -1.17 1.98 2.52
C HIS A 108 -1.56 0.90 1.52
N ILE A 109 -2.65 0.16 1.81
CA ILE A 109 -3.22 -0.81 0.87
C ILE A 109 -4.73 -0.67 0.75
N ARG A 110 -5.20 -0.39 -0.50
CA ARG A 110 -6.62 -0.18 -0.84
C ARG A 110 -7.44 -1.44 -0.69
N VAL A 111 -8.47 -1.30 0.12
CA VAL A 111 -9.31 -2.42 0.58
C VAL A 111 -10.79 -1.93 0.53
N PRO A 112 -11.88 -2.80 0.38
CA PRO A 112 -13.26 -2.30 0.23
C PRO A 112 -13.78 -1.59 1.46
N ALA A 113 -14.50 -0.50 1.15
CA ALA A 113 -15.07 0.46 2.10
C ALA A 113 -15.87 -0.16 3.28
N SER A 114 -16.74 -1.15 2.96
CA SER A 114 -17.46 -1.92 3.98
C SER A 114 -16.72 -3.23 4.36
N ALA A 115 -15.42 -3.24 4.04
CA ALA A 115 -14.50 -4.34 4.33
C ALA A 115 -13.37 -3.86 5.26
N ALA A 116 -13.44 -2.55 5.61
CA ALA A 116 -12.51 -1.87 6.54
C ALA A 116 -12.63 -2.38 7.98
N GLY A 117 -13.81 -2.91 8.30
CA GLY A 117 -14.04 -3.60 9.58
C GLY A 117 -13.65 -5.08 9.53
N ARG A 118 -13.37 -5.63 8.30
CA ARG A 118 -12.85 -7.00 8.12
C ARG A 118 -11.37 -7.10 8.51
N VAL A 119 -10.64 -6.01 8.19
CA VAL A 119 -9.20 -5.87 8.47
C VAL A 119 -8.96 -5.60 9.99
N ILE A 120 -9.92 -4.86 10.57
CA ILE A 120 -9.95 -4.49 12.00
C ILE A 120 -10.52 -5.65 12.85
N GLY A 121 -11.44 -6.44 12.25
CA GLY A 121 -12.09 -7.55 12.96
C GLY A 121 -13.34 -7.11 13.70
N LYS A 122 -13.64 -7.76 14.85
CA LYS A 122 -14.86 -7.54 15.66
C LYS A 122 -14.95 -6.13 16.30
N GLY A 123 -13.93 -5.27 16.06
CA GLY A 123 -13.90 -3.91 16.59
C GLY A 123 -12.50 -3.44 16.88
N GLY A 124 -11.77 -4.26 17.66
CA GLY A 124 -10.38 -3.98 18.01
C GLY A 124 -9.67 -5.22 18.52
N LYS A 125 -9.82 -6.33 17.79
CA LYS A 125 -9.19 -7.62 18.10
C LYS A 125 -8.12 -7.99 17.08
N THR A 126 -8.33 -7.56 15.80
CA THR A 126 -7.32 -7.71 14.72
C THR A 126 -6.24 -6.61 14.85
N VAL A 127 -6.65 -5.41 15.33
CA VAL A 127 -5.72 -4.27 15.59
C VAL A 127 -4.98 -4.50 16.95
N ASN A 128 -5.62 -5.24 17.88
CA ASN A 128 -5.05 -5.56 19.21
C ASN A 128 -4.04 -6.71 19.15
N GLU A 129 -4.40 -7.75 18.37
CA GLU A 129 -3.53 -8.93 18.15
C GLU A 129 -2.38 -8.65 17.17
N LEU A 130 -2.57 -7.64 16.29
CA LEU A 130 -1.54 -7.16 15.35
C LEU A 130 -0.45 -6.34 16.06
N GLN A 131 -0.86 -5.34 16.88
CA GLN A 131 0.03 -4.52 17.74
C GLN A 131 0.88 -5.37 18.74
N ASN A 132 0.20 -6.27 19.47
CA ASN A 132 0.79 -7.01 20.60
C ASN A 132 1.64 -8.20 20.15
N LEU A 133 1.10 -8.99 19.21
CA LEU A 133 1.74 -10.24 18.76
C LEU A 133 2.76 -9.98 17.64
N THR A 134 2.40 -9.07 16.70
CA THR A 134 3.23 -8.82 15.50
C THR A 134 3.97 -7.46 15.58
N ALA A 135 3.48 -6.50 16.44
CA ALA A 135 3.97 -5.07 16.52
C ALA A 135 3.58 -4.22 15.29
N ALA A 136 3.04 -4.88 14.24
CA ALA A 136 2.43 -4.22 13.07
C ALA A 136 0.98 -3.85 13.38
N GLU A 137 0.65 -2.54 13.29
CA GLU A 137 -0.66 -2.04 13.75
C GLU A 137 -1.54 -1.66 12.56
N VAL A 138 -2.73 -2.29 12.53
CA VAL A 138 -3.74 -2.12 11.49
C VAL A 138 -4.64 -0.90 11.82
N VAL A 139 -4.69 0.02 10.85
CA VAL A 139 -5.37 1.33 11.01
C VAL A 139 -6.33 1.60 9.81
N VAL A 140 -7.53 2.21 10.08
CA VAL A 140 -8.48 2.54 8.96
C VAL A 140 -9.12 3.96 9.06
N PRO A 141 -8.64 5.03 8.27
CA PRO A 141 -9.18 6.44 8.33
C PRO A 141 -10.70 6.61 8.44
N ARG A 142 -11.10 7.50 9.38
CA ARG A 142 -12.51 7.79 9.69
C ARG A 142 -13.09 8.79 8.67
N ASP A 143 -12.53 10.01 8.69
CA ASP A 143 -12.82 11.09 7.73
C ASP A 143 -12.26 10.75 6.31
N GLN A 144 -12.83 9.65 5.77
CA GLN A 144 -12.38 9.05 4.51
C GLN A 144 -13.59 8.61 3.69
N THR A 145 -13.74 9.23 2.50
CA THR A 145 -14.70 8.81 1.49
C THR A 145 -14.05 7.70 0.60
N PRO A 146 -14.76 6.52 0.31
CA PRO A 146 -14.24 5.45 -0.60
C PRO A 146 -13.87 5.91 -1.99
N ASP A 147 -13.14 5.03 -2.62
CA ASP A 147 -12.59 5.24 -3.95
C ASP A 147 -13.51 4.62 -5.01
N GLU A 148 -13.09 4.71 -6.29
CA GLU A 148 -13.86 4.17 -7.46
C GLU A 148 -14.06 2.65 -7.39
N ASN A 149 -12.96 2.03 -7.00
CA ASN A 149 -12.81 0.59 -6.80
C ASN A 149 -13.48 0.10 -5.48
N GLU A 150 -14.36 0.96 -4.88
CA GLU A 150 -15.15 0.66 -3.63
C GLU A 150 -14.20 0.51 -2.40
N GLN A 151 -13.15 1.38 -2.32
CA GLN A 151 -12.07 1.13 -1.42
C GLN A 151 -11.59 2.32 -0.65
N VAL A 152 -11.28 1.95 0.56
CA VAL A 152 -10.59 2.74 1.56
C VAL A 152 -9.20 2.13 1.83
N ILE A 153 -8.38 2.86 2.58
CA ILE A 153 -7.02 2.43 2.88
C ILE A 153 -6.90 1.99 4.36
N VAL A 154 -5.90 1.14 4.56
CA VAL A 154 -5.48 0.65 5.86
C VAL A 154 -3.98 0.93 5.99
N LYS A 155 -3.62 1.35 7.18
CA LYS A 155 -2.28 1.83 7.50
C LYS A 155 -1.65 1.00 8.61
N ILE A 156 -0.69 0.17 8.21
CA ILE A 156 0.11 -0.67 9.11
C ILE A 156 1.43 0.06 9.42
N ILE A 157 1.82 -0.04 10.70
CA ILE A 157 3.14 0.45 11.18
C ILE A 157 3.74 -0.68 12.03
N GLY A 158 4.83 -1.29 11.50
CA GLY A 158 5.32 -2.56 12.04
C GLY A 158 6.79 -2.86 11.83
N HIS A 159 7.55 -1.92 11.21
CA HIS A 159 8.91 -2.18 10.60
C HIS A 159 8.71 -3.01 9.29
N PHE A 160 9.80 -3.55 8.69
CA PHE A 160 9.74 -4.32 7.43
C PHE A 160 8.99 -5.69 7.62
N TYR A 161 9.40 -6.45 8.66
CA TYR A 161 8.98 -7.86 8.86
C TYR A 161 7.54 -8.03 9.37
N ALA A 162 7.10 -7.13 10.29
CA ALA A 162 5.74 -7.21 10.90
C ALA A 162 4.65 -6.78 9.94
N SER A 163 4.91 -5.67 9.20
CA SER A 163 4.12 -5.24 8.01
C SER A 163 3.97 -6.35 6.94
N GLN A 164 4.97 -7.26 6.89
CA GLN A 164 4.96 -8.44 5.96
C GLN A 164 3.87 -9.47 6.38
N MET A 165 3.99 -10.00 7.63
CA MET A 165 2.98 -10.93 8.24
C MET A 165 1.60 -10.26 8.44
N ALA A 166 1.61 -8.92 8.62
CA ALA A 166 0.39 -8.12 8.80
C ALA A 166 -0.38 -7.95 7.48
N GLN A 167 0.30 -7.44 6.41
CA GLN A 167 -0.31 -7.28 5.07
C GLN A 167 -0.95 -8.58 4.55
N ARG A 168 -0.32 -9.72 4.90
CA ARG A 168 -0.81 -11.05 4.51
C ARG A 168 -2.02 -11.54 5.32
N LYS A 169 -2.04 -11.29 6.66
CA LYS A 169 -3.20 -11.63 7.54
C LYS A 169 -4.48 -10.85 7.14
N ILE A 170 -4.27 -9.59 6.74
CA ILE A 170 -5.29 -8.68 6.28
C ILE A 170 -5.80 -9.01 4.85
N ARG A 171 -4.89 -9.36 3.90
CA ARG A 171 -5.31 -9.74 2.52
C ARG A 171 -6.07 -11.09 2.50
N ASP A 172 -5.82 -11.96 3.52
CA ASP A 172 -6.48 -13.27 3.68
C ASP A 172 -7.93 -13.13 4.19
N ILE A 173 -8.16 -12.24 5.20
CA ILE A 173 -9.53 -11.90 5.72
C ILE A 173 -10.35 -11.18 4.61
N LEU A 174 -9.69 -10.19 3.96
CA LEU A 174 -10.17 -9.50 2.79
C LEU A 174 -10.39 -10.39 1.55
N ALA A 175 -9.64 -11.51 1.50
CA ALA A 175 -9.88 -12.59 0.52
C ALA A 175 -11.17 -13.33 0.79
N GLN A 176 -11.45 -13.53 2.09
CA GLN A 176 -12.69 -14.18 2.59
C GLN A 176 -13.94 -13.30 2.39
N VAL A 177 -13.71 -11.97 2.31
CA VAL A 177 -14.76 -10.98 2.03
C VAL A 177 -15.07 -10.94 0.53
N LYS A 178 -13.99 -10.72 -0.20
CA LYS A 178 -13.94 -10.89 -1.68
C LYS A 178 -14.47 -12.25 -2.19
N GLN A 179 -14.35 -13.31 -1.33
CA GLN A 179 -14.98 -14.63 -1.59
C GLN A 179 -16.51 -14.61 -1.38
N GLN A 180 -16.97 -13.87 -0.33
CA GLN A 180 -18.42 -13.70 -0.03
C GLN A 180 -19.15 -12.84 -1.09
N HIS A 181 -18.49 -11.73 -1.51
CA HIS A 181 -19.03 -10.79 -2.53
C HIS A 181 -19.00 -11.35 -3.96
N GLN A 182 -17.99 -12.20 -4.27
CA GLN A 182 -17.83 -12.83 -5.60
C GLN A 182 -18.72 -14.08 -5.73
N LYS A 183 -18.71 -14.91 -4.66
CA LYS A 183 -19.50 -16.15 -4.63
C LYS A 183 -20.84 -15.91 -3.94
N GLY A 184 -21.93 -16.25 -4.66
CA GLY A 184 -23.29 -16.07 -4.15
C GLY A 184 -24.21 -15.38 -5.15
N GLN A 185 -24.50 -14.09 -4.88
CA GLN A 185 -25.37 -13.27 -5.73
C GLN A 185 -24.55 -12.31 -6.59
N SER A 186 -24.90 -12.26 -7.88
CA SER A 186 -24.22 -11.39 -8.86
C SER A 186 -25.23 -10.80 -9.85
N GLY A 187 -26.12 -11.66 -10.37
CA GLY A 187 -27.14 -11.26 -11.33
C GLY A 187 -27.48 -12.34 -12.33
N GLN A 188 -27.45 -11.99 -13.65
CA GLN A 188 -27.77 -12.89 -14.81
C GLN A 188 -29.19 -13.50 -14.73
N LEU A 189 -30.06 -13.08 -15.68
CA LEU A 189 -31.51 -13.49 -15.79
C LEU A 189 -32.36 -13.00 -14.60
N GLN A 190 -31.92 -13.34 -13.37
CA GLN A 190 -32.60 -12.93 -12.14
C GLN A 190 -32.04 -11.59 -11.66
N ALA A 191 -32.97 -10.62 -11.43
CA ALA A 191 -32.61 -9.27 -10.97
C ALA A 191 -32.58 -9.21 -9.44
N GLY A 1 -22.40 13.85 -19.45
CA GLY A 1 -21.48 13.40 -20.53
C GLY A 1 -21.25 11.90 -20.50
N ALA A 2 -19.99 11.50 -20.69
CA ALA A 2 -19.57 10.09 -20.69
C ALA A 2 -18.37 9.87 -19.80
N MET A 3 -18.42 8.75 -19.00
CA MET A 3 -17.37 8.34 -18.01
C MET A 3 -17.22 9.34 -16.84
N GLY A 4 -16.99 10.62 -17.17
CA GLY A 4 -16.83 11.68 -16.18
C GLY A 4 -17.93 12.76 -16.27
N PRO A 5 -19.11 12.68 -15.50
CA PRO A 5 -20.18 13.69 -15.59
C PRO A 5 -19.86 14.96 -14.80
N SER A 6 -20.13 16.11 -15.43
CA SER A 6 -19.88 17.43 -14.83
C SER A 6 -21.01 18.40 -15.16
N SER A 7 -21.41 19.20 -14.14
CA SER A 7 -22.48 20.19 -14.28
C SER A 7 -22.00 21.59 -13.88
N VAL A 8 -21.27 21.66 -12.74
CA VAL A 8 -20.74 22.93 -12.20
C VAL A 8 -19.30 22.67 -11.70
N SER A 9 -19.17 21.65 -10.83
CA SER A 9 -17.88 21.27 -10.23
C SER A 9 -17.57 19.79 -10.47
N GLY A 10 -16.25 19.50 -10.60
CA GLY A 10 -15.79 18.14 -10.83
C GLY A 10 -15.50 17.40 -9.54
N ALA A 11 -16.44 16.51 -9.15
CA ALA A 11 -16.34 15.72 -7.92
C ALA A 11 -15.64 14.37 -8.14
N ALA A 12 -15.80 13.82 -9.37
CA ALA A 12 -15.22 12.52 -9.74
C ALA A 12 -13.72 12.62 -10.10
N PRO A 13 -12.88 11.49 -10.09
CA PRO A 13 -11.43 11.57 -10.37
C PRO A 13 -11.11 11.66 -11.86
N PHE A 14 -10.09 12.47 -12.18
CA PHE A 14 -9.63 12.68 -13.56
C PHE A 14 -8.59 11.62 -13.94
N SER A 15 -8.26 11.54 -15.26
CA SER A 15 -7.28 10.56 -15.87
C SER A 15 -7.66 9.10 -15.62
N SER A 16 -7.90 8.36 -16.72
CA SER A 16 -8.31 6.95 -16.68
C SER A 16 -7.09 6.02 -16.80
N PHE A 17 -7.30 4.71 -16.48
CA PHE A 17 -6.26 3.62 -16.54
C PHE A 17 -5.03 3.88 -15.65
N MET A 18 -4.76 2.91 -14.76
CA MET A 18 -3.66 2.96 -13.81
C MET A 18 -2.29 2.55 -14.47
N PRO A 19 -1.13 3.30 -14.19
CA PRO A 19 0.17 3.00 -14.84
C PRO A 19 0.82 1.62 -14.53
N PRO A 20 0.54 0.86 -13.36
CA PRO A 20 1.10 -0.50 -13.14
C PRO A 20 0.44 -1.56 -14.00
N GLU A 21 1.13 -2.71 -14.14
CA GLU A 21 0.64 -3.84 -14.95
C GLU A 21 0.06 -4.95 -14.08
N GLN A 22 0.89 -5.44 -13.14
CA GLN A 22 0.56 -6.47 -12.18
C GLN A 22 -0.12 -5.85 -10.93
N GLU A 23 -0.20 -6.62 -9.80
CA GLU A 23 -0.73 -6.13 -8.50
C GLU A 23 0.16 -5.05 -7.89
N THR A 24 -0.42 -4.28 -6.96
CA THR A 24 0.21 -3.08 -6.44
C THR A 24 0.01 -2.93 -4.94
N VAL A 25 1.08 -2.46 -4.28
CA VAL A 25 1.03 -1.92 -2.92
C VAL A 25 1.52 -0.47 -2.98
N HIS A 26 1.15 0.28 -1.96
CA HIS A 26 1.48 1.70 -1.87
C HIS A 26 2.14 1.97 -0.52
N VAL A 27 3.46 2.29 -0.56
CA VAL A 27 4.29 2.26 0.62
C VAL A 27 4.69 3.69 1.05
N PHE A 28 4.60 3.91 2.35
CA PHE A 28 4.84 5.20 2.99
C PHE A 28 6.17 5.16 3.74
N ILE A 29 7.12 5.82 3.13
CA ILE A 29 8.39 6.20 3.78
C ILE A 29 8.43 7.71 4.00
N PRO A 30 9.40 8.29 4.83
CA PRO A 30 9.63 9.76 4.90
C PRO A 30 9.84 10.45 3.53
N ALA A 31 9.24 11.63 3.34
CA ALA A 31 9.69 12.58 2.29
C ALA A 31 11.09 13.17 2.56
N GLN A 32 11.59 12.97 3.80
CA GLN A 32 12.99 13.18 4.16
C GLN A 32 13.82 11.91 3.81
N ALA A 33 13.16 10.95 3.16
CA ALA A 33 13.76 9.69 2.71
C ALA A 33 13.77 9.60 1.19
N VAL A 34 12.97 10.47 0.50
CA VAL A 34 12.94 10.60 -0.99
C VAL A 34 14.34 11.04 -1.53
N GLY A 35 15.06 11.83 -0.71
CA GLY A 35 16.44 12.27 -1.01
C GLY A 35 17.42 11.12 -1.21
N ALA A 36 17.12 9.98 -0.55
CA ALA A 36 17.80 8.71 -0.77
C ALA A 36 17.26 7.97 -1.99
N ILE A 37 15.91 7.95 -2.12
CA ILE A 37 15.20 7.11 -3.07
C ILE A 37 15.23 7.69 -4.52
N ILE A 38 14.70 8.91 -4.70
CA ILE A 38 14.81 9.67 -5.93
C ILE A 38 16.10 10.51 -5.98
N GLY A 39 16.73 10.82 -4.83
CA GLY A 39 17.82 11.82 -4.78
C GLY A 39 19.01 11.50 -5.68
N ASP A 40 19.52 10.24 -5.61
CA ASP A 40 20.72 9.80 -6.36
C ASP A 40 20.45 9.73 -7.89
N ASP A 41 20.50 10.95 -8.51
CA ASP A 41 20.18 11.22 -9.95
C ASP A 41 18.76 10.76 -10.38
N GLY A 42 17.88 10.41 -9.37
CA GLY A 42 16.58 9.70 -9.66
C GLY A 42 16.75 8.32 -10.28
N GLN A 43 17.81 7.61 -9.84
CA GLN A 43 18.21 6.33 -10.42
C GLN A 43 17.89 5.13 -9.49
N HIS A 44 17.76 5.38 -8.17
CA HIS A 44 17.60 4.32 -7.14
C HIS A 44 16.27 3.57 -7.20
N ILE A 45 15.14 4.32 -7.38
CA ILE A 45 13.82 3.77 -7.62
C ILE A 45 13.73 2.82 -8.87
N LYS A 46 14.33 3.28 -9.98
CA LYS A 46 14.50 2.47 -11.22
C LYS A 46 15.60 1.42 -11.10
N GLN A 47 16.51 1.62 -10.11
CA GLN A 47 17.60 0.68 -9.78
C GLN A 47 17.07 -0.52 -9.00
N LEU A 48 16.14 -0.25 -8.06
CA LEU A 48 15.38 -1.28 -7.33
C LEU A 48 14.58 -2.23 -8.22
N SER A 49 14.16 -1.72 -9.40
CA SER A 49 13.45 -2.51 -10.45
C SER A 49 14.28 -3.75 -10.91
N ARG A 50 15.62 -3.62 -10.80
CA ARG A 50 16.56 -4.71 -11.03
C ARG A 50 16.71 -5.65 -9.83
N PHE A 51 16.56 -5.10 -8.60
CA PHE A 51 16.90 -5.80 -7.35
C PHE A 51 15.77 -6.74 -6.91
N ALA A 52 14.53 -6.23 -6.98
CA ALA A 52 13.38 -6.88 -6.33
C ALA A 52 12.44 -7.61 -7.29
N SER A 53 12.76 -7.60 -8.62
CA SER A 53 11.90 -8.18 -9.73
C SER A 53 10.53 -7.48 -9.89
N ALA A 54 10.34 -6.46 -9.07
CA ALA A 54 9.14 -5.62 -9.00
C ALA A 54 9.35 -4.29 -9.73
N SER A 55 8.31 -3.42 -9.72
CA SER A 55 8.32 -2.13 -10.35
C SER A 55 7.83 -1.11 -9.36
N ILE A 56 8.51 0.01 -9.35
CA ILE A 56 8.41 1.01 -8.28
C ILE A 56 8.24 2.43 -8.89
N LYS A 57 7.11 3.11 -8.55
CA LYS A 57 6.89 4.52 -8.90
C LYS A 57 6.74 5.39 -7.63
N ILE A 58 7.32 6.61 -7.62
CA ILE A 58 6.98 7.66 -6.63
C ILE A 58 5.60 8.30 -7.00
N ALA A 59 4.83 8.56 -5.94
CA ALA A 59 3.47 9.11 -6.05
C ALA A 59 3.40 10.55 -5.53
N PRO A 60 2.46 11.44 -6.08
CA PRO A 60 2.47 12.91 -5.77
C PRO A 60 2.13 13.24 -4.27
N PRO A 61 3.11 13.84 -3.44
CA PRO A 61 2.82 14.28 -2.05
C PRO A 61 1.93 15.53 -1.98
N GLU A 62 0.75 15.39 -1.33
CA GLU A 62 -0.32 16.39 -1.37
C GLU A 62 -0.40 17.27 -0.09
N THR A 63 -0.67 16.62 1.05
CA THR A 63 -0.97 17.31 2.34
C THR A 63 -0.72 16.35 3.55
N PRO A 64 -1.43 15.13 3.71
CA PRO A 64 -0.94 14.04 4.59
C PRO A 64 0.26 13.30 3.98
N ASP A 65 0.16 13.09 2.66
CA ASP A 65 1.22 12.51 1.81
C ASP A 65 2.40 13.46 1.57
N SER A 66 2.09 14.75 1.68
CA SER A 66 3.06 15.90 1.52
C SER A 66 4.33 15.78 2.39
N LYS A 67 4.23 15.07 3.53
CA LYS A 67 5.36 14.84 4.44
C LYS A 67 6.08 13.50 4.14
N VAL A 68 5.42 12.61 3.35
CA VAL A 68 6.00 11.35 2.90
C VAL A 68 6.11 11.24 1.38
N ARG A 69 6.59 10.06 0.94
CA ARG A 69 6.23 9.52 -0.37
C ARG A 69 5.46 8.23 -0.16
N MET A 70 4.66 7.94 -1.16
CA MET A 70 3.93 6.72 -1.28
C MET A 70 4.39 6.07 -2.59
N VAL A 71 4.85 4.80 -2.52
CA VAL A 71 5.44 4.13 -3.69
C VAL A 71 4.50 3.08 -4.30
N VAL A 72 4.58 2.98 -5.64
CA VAL A 72 3.85 2.00 -6.44
C VAL A 72 4.68 0.70 -6.50
N ILE A 73 4.24 -0.29 -5.70
CA ILE A 73 4.84 -1.62 -5.66
C ILE A 73 4.06 -2.59 -6.54
N THR A 74 4.59 -2.71 -7.76
CA THR A 74 4.06 -3.59 -8.80
C THR A 74 4.77 -4.95 -8.74
N GLY A 75 4.04 -5.98 -9.19
CA GLY A 75 4.65 -7.24 -9.54
C GLY A 75 4.03 -8.46 -8.83
N PRO A 76 4.59 -9.74 -8.99
CA PRO A 76 4.06 -10.98 -8.33
C PRO A 76 3.95 -10.89 -6.77
N PRO A 77 3.53 -11.99 -5.99
CA PRO A 77 3.64 -12.00 -4.51
C PRO A 77 5.09 -11.94 -3.97
N GLU A 78 6.04 -12.45 -4.79
CA GLU A 78 7.48 -12.49 -4.44
C GLU A 78 8.19 -11.14 -4.63
N ALA A 79 8.00 -10.51 -5.81
CA ALA A 79 8.71 -9.28 -6.21
C ALA A 79 8.30 -8.03 -5.39
N GLN A 80 7.02 -8.00 -4.97
CA GLN A 80 6.41 -6.81 -4.28
C GLN A 80 6.95 -6.62 -2.86
N PHE A 81 7.10 -7.75 -2.12
CA PHE A 81 7.70 -7.78 -0.77
C PHE A 81 9.22 -7.54 -0.80
N LYS A 82 9.86 -7.91 -1.94
CA LYS A 82 11.31 -7.71 -2.19
C LYS A 82 11.67 -6.21 -2.29
N ALA A 83 10.77 -5.44 -2.95
CA ALA A 83 10.89 -3.97 -3.10
C ALA A 83 10.60 -3.20 -1.80
N GLN A 84 9.65 -3.71 -0.98
CA GLN A 84 9.32 -3.12 0.35
C GLN A 84 10.45 -3.34 1.38
N GLY A 85 11.21 -4.44 1.20
CA GLY A 85 12.44 -4.72 1.99
C GLY A 85 13.54 -3.65 1.82
N ARG A 86 13.52 -3.01 0.64
CA ARG A 86 14.48 -1.98 0.25
C ARG A 86 14.12 -0.61 0.83
N ILE A 87 12.79 -0.34 0.99
CA ILE A 87 12.29 0.93 1.52
C ILE A 87 12.50 0.98 3.06
N TYR A 88 12.35 -0.23 3.67
CA TYR A 88 12.76 -0.52 5.07
C TYR A 88 14.26 -0.54 5.22
N GLY A 89 14.95 -0.99 4.14
CA GLY A 89 16.41 -1.08 4.07
C GLY A 89 17.12 0.27 4.12
N LYS A 90 16.42 1.33 3.62
CA LYS A 90 16.97 2.68 3.56
C LYS A 90 16.95 3.40 4.89
N LEU A 91 15.91 3.17 5.73
CA LEU A 91 15.90 3.62 7.13
C LEU A 91 16.96 2.91 7.98
N LYS A 92 17.26 1.64 7.59
CA LYS A 92 18.34 0.82 8.17
C LYS A 92 19.71 1.45 7.93
N GLU A 93 19.89 1.93 6.68
CA GLU A 93 21.11 2.56 6.23
C GLU A 93 21.20 4.04 6.69
N GLU A 94 20.07 4.78 6.56
CA GLU A 94 20.04 6.22 6.76
C GLU A 94 19.60 6.65 8.13
N ASN A 95 18.73 5.81 8.76
CA ASN A 95 18.02 6.11 10.05
C ASN A 95 17.18 7.41 9.93
N PHE A 96 16.10 7.35 9.12
CA PHE A 96 15.19 8.51 8.93
C PHE A 96 14.17 8.61 10.08
N PHE A 97 13.92 7.44 10.73
CA PHE A 97 13.09 7.31 11.93
C PHE A 97 13.74 7.93 13.19
N GLY A 98 12.90 8.29 14.18
CA GLY A 98 13.38 8.90 15.42
C GLY A 98 12.53 8.48 16.62
N PRO A 99 11.16 8.75 16.64
CA PRO A 99 10.29 8.46 17.81
C PRO A 99 10.08 6.97 18.10
N LYS A 100 9.97 6.22 17.01
CA LYS A 100 9.80 4.76 17.02
C LYS A 100 11.13 4.02 17.23
N GLU A 101 12.24 4.69 16.87
CA GLU A 101 13.65 4.22 16.95
C GLU A 101 13.97 3.03 16.06
N GLU A 102 13.12 2.00 16.16
CA GLU A 102 13.05 0.91 15.20
C GLU A 102 12.30 1.29 13.94
N VAL A 103 12.49 0.48 12.90
CA VAL A 103 11.88 0.70 11.57
C VAL A 103 10.45 0.14 11.57
N LYS A 104 9.52 1.07 11.31
CA LYS A 104 8.09 0.76 11.13
C LYS A 104 7.49 1.81 10.18
N LEU A 105 7.47 1.49 8.88
CA LEU A 105 6.91 2.37 7.86
C LEU A 105 5.52 1.92 7.45
N GLU A 106 4.69 2.94 7.22
CA GLU A 106 3.24 2.79 6.92
C GLU A 106 3.00 2.20 5.50
N THR A 107 2.05 1.23 5.44
CA THR A 107 1.63 0.59 4.18
C THR A 107 0.16 0.94 3.89
N HIS A 108 -0.03 1.65 2.76
CA HIS A 108 -1.36 1.94 2.21
C HIS A 108 -1.74 0.91 1.16
N ILE A 109 -2.84 0.20 1.43
CA ILE A 109 -3.42 -0.78 0.49
C ILE A 109 -4.95 -0.70 0.47
N ARG A 110 -5.51 -0.41 -0.73
CA ARG A 110 -6.95 -0.18 -0.91
C ARG A 110 -7.78 -1.45 -0.78
N VAL A 111 -8.78 -1.32 0.08
CA VAL A 111 -9.59 -2.44 0.58
C VAL A 111 -11.08 -1.97 0.56
N PRO A 112 -12.16 -2.87 0.59
CA PRO A 112 -13.56 -2.40 0.56
C PRO A 112 -13.96 -1.65 1.81
N ALA A 113 -14.66 -0.58 1.50
CA ALA A 113 -15.22 0.43 2.40
C ALA A 113 -15.95 -0.11 3.66
N SER A 114 -16.84 -1.10 3.46
CA SER A 114 -17.49 -1.82 4.57
C SER A 114 -16.71 -3.12 4.95
N ALA A 115 -15.44 -3.15 4.51
CA ALA A 115 -14.51 -4.25 4.80
C ALA A 115 -13.31 -3.73 5.60
N ALA A 116 -13.35 -2.41 5.90
CA ALA A 116 -12.36 -1.69 6.72
C ALA A 116 -12.38 -2.13 8.19
N GLY A 117 -13.54 -2.65 8.62
CA GLY A 117 -13.67 -3.31 9.93
C GLY A 117 -13.31 -4.80 9.89
N ARG A 118 -13.11 -5.38 8.66
CA ARG A 118 -12.64 -6.78 8.48
C ARG A 118 -11.16 -6.89 8.78
N VAL A 119 -10.43 -5.83 8.38
CA VAL A 119 -8.98 -5.70 8.57
C VAL A 119 -8.61 -5.40 10.05
N ILE A 120 -9.54 -4.68 10.71
CA ILE A 120 -9.43 -4.26 12.12
C ILE A 120 -9.89 -5.41 13.06
N GLY A 121 -10.96 -6.10 12.64
CA GLY A 121 -11.55 -7.18 13.45
C GLY A 121 -12.53 -6.68 14.50
N LYS A 122 -12.77 -7.52 15.56
CA LYS A 122 -13.69 -7.23 16.66
C LYS A 122 -13.22 -6.06 17.57
N GLY A 123 -13.73 -4.85 17.25
CA GLY A 123 -13.37 -3.61 17.97
C GLY A 123 -11.97 -3.12 17.62
N GLY A 124 -11.00 -4.02 17.87
CA GLY A 124 -9.60 -3.79 17.54
C GLY A 124 -8.75 -5.02 17.87
N LYS A 125 -9.31 -6.21 17.57
CA LYS A 125 -8.68 -7.51 17.90
C LYS A 125 -7.60 -7.89 16.88
N THR A 126 -7.83 -7.54 15.60
CA THR A 126 -6.82 -7.71 14.51
C THR A 126 -5.72 -6.63 14.60
N VAL A 127 -6.07 -5.45 15.18
CA VAL A 127 -5.11 -4.36 15.51
C VAL A 127 -4.29 -4.76 16.78
N ASN A 128 -4.98 -5.37 17.77
CA ASN A 128 -4.40 -5.77 19.07
C ASN A 128 -3.45 -6.96 18.96
N GLU A 129 -3.86 -7.95 18.12
CA GLU A 129 -3.05 -9.16 17.85
C GLU A 129 -1.84 -8.87 16.95
N LEU A 130 -2.01 -7.93 15.99
CA LEU A 130 -0.94 -7.47 15.10
C LEU A 130 0.07 -6.53 15.78
N GLN A 131 -0.44 -5.60 16.62
CA GLN A 131 0.39 -4.68 17.45
C GLN A 131 1.34 -5.43 18.44
N ASN A 132 0.76 -6.38 19.22
CA ASN A 132 1.47 -7.03 20.33
C ASN A 132 2.34 -8.20 19.87
N LEU A 133 1.76 -9.05 19.00
CA LEU A 133 2.43 -10.26 18.51
C LEU A 133 3.33 -9.99 17.30
N THR A 134 2.89 -9.09 16.41
CA THR A 134 3.59 -8.82 15.14
C THR A 134 4.27 -7.43 15.13
N ALA A 135 3.92 -6.52 16.08
CA ALA A 135 4.42 -5.09 16.15
C ALA A 135 3.94 -4.20 14.98
N ALA A 136 3.36 -4.83 13.94
CA ALA A 136 2.71 -4.15 12.81
C ALA A 136 1.25 -3.87 13.16
N GLU A 137 0.81 -2.59 13.11
CA GLU A 137 -0.52 -2.19 13.60
C GLU A 137 -1.43 -1.78 12.43
N VAL A 138 -2.67 -2.32 12.43
CA VAL A 138 -3.62 -2.07 11.34
C VAL A 138 -4.53 -0.85 11.66
N VAL A 139 -4.70 0.00 10.64
CA VAL A 139 -5.31 1.34 10.80
C VAL A 139 -6.30 1.63 9.64
N VAL A 140 -7.46 2.30 9.94
CA VAL A 140 -8.43 2.64 8.85
C VAL A 140 -9.05 4.07 8.99
N PRO A 141 -8.57 5.15 8.20
CA PRO A 141 -9.03 6.57 8.30
C PRO A 141 -10.46 6.89 8.74
N ARG A 142 -10.59 8.14 9.20
CA ARG A 142 -11.80 8.66 9.91
C ARG A 142 -13.12 8.53 9.07
N ASP A 143 -13.54 9.63 8.40
CA ASP A 143 -14.70 9.67 7.50
C ASP A 143 -14.41 8.93 6.18
N GLN A 144 -13.33 9.36 5.47
CA GLN A 144 -12.76 8.70 4.24
C GLN A 144 -13.83 8.23 3.21
N THR A 145 -13.89 8.94 2.05
CA THR A 145 -14.77 8.57 0.96
C THR A 145 -14.22 7.35 0.15
N PRO A 146 -15.02 6.22 -0.04
CA PRO A 146 -14.63 5.07 -0.91
C PRO A 146 -14.39 5.43 -2.37
N ASP A 147 -13.79 4.47 -3.05
CA ASP A 147 -13.46 4.59 -4.48
C ASP A 147 -14.43 3.74 -5.34
N GLU A 148 -14.12 3.56 -6.65
CA GLU A 148 -15.00 2.89 -7.66
C GLU A 148 -15.43 1.47 -7.28
N ASN A 149 -14.41 0.75 -6.85
CA ASN A 149 -14.51 -0.60 -6.30
C ASN A 149 -14.95 -0.59 -4.80
N GLU A 150 -15.56 0.56 -4.39
CA GLU A 150 -16.03 0.88 -3.02
C GLU A 150 -14.92 0.65 -1.96
N GLN A 151 -13.75 1.27 -2.17
CA GLN A 151 -12.58 0.99 -1.41
C GLN A 151 -11.98 2.20 -0.76
N VAL A 152 -11.51 1.89 0.42
CA VAL A 152 -10.80 2.77 1.32
C VAL A 152 -9.36 2.25 1.54
N ILE A 153 -8.54 3.04 2.24
CA ILE A 153 -7.16 2.67 2.55
C ILE A 153 -7.07 2.15 3.99
N VAL A 154 -6.04 1.35 4.19
CA VAL A 154 -5.63 0.82 5.47
C VAL A 154 -4.11 1.04 5.61
N LYS A 155 -3.74 1.38 6.83
CA LYS A 155 -2.38 1.78 7.17
C LYS A 155 -1.80 0.87 8.28
N ILE A 156 -0.82 0.05 7.89
CA ILE A 156 -0.02 -0.75 8.82
C ILE A 156 1.28 0.00 9.12
N ILE A 157 1.69 -0.05 10.40
CA ILE A 157 3.00 0.44 10.82
C ILE A 157 3.70 -0.69 11.58
N GLY A 158 4.72 -1.20 10.92
CA GLY A 158 5.53 -2.29 11.40
C GLY A 158 6.88 -2.33 10.69
N HIS A 159 7.82 -3.18 11.17
CA HIS A 159 9.09 -3.42 10.45
C HIS A 159 8.86 -4.31 9.22
N PHE A 160 9.87 -4.43 8.32
CA PHE A 160 9.73 -5.04 6.98
C PHE A 160 9.04 -6.44 6.97
N TYR A 161 9.41 -7.28 7.95
CA TYR A 161 8.80 -8.60 8.19
C TYR A 161 7.42 -8.53 8.85
N ALA A 162 7.18 -7.46 9.66
CA ALA A 162 5.95 -7.31 10.48
C ALA A 162 4.74 -6.89 9.65
N SER A 163 4.87 -5.75 8.90
CA SER A 163 3.93 -5.36 7.81
C SER A 163 3.72 -6.47 6.77
N GLN A 164 4.74 -7.36 6.62
CA GLN A 164 4.73 -8.51 5.69
C GLN A 164 3.66 -9.58 6.14
N MET A 165 3.83 -10.12 7.37
CA MET A 165 2.87 -11.08 8.01
C MET A 165 1.50 -10.44 8.30
N ALA A 166 1.48 -9.11 8.56
CA ALA A 166 0.25 -8.34 8.82
C ALA A 166 -0.56 -8.14 7.53
N GLN A 167 0.09 -7.61 6.46
CA GLN A 167 -0.52 -7.44 5.11
C GLN A 167 -1.16 -8.74 4.59
N ARG A 168 -0.47 -9.88 4.86
CA ARG A 168 -0.92 -11.22 4.45
C ARG A 168 -2.13 -11.72 5.25
N LYS A 169 -2.09 -11.52 6.60
CA LYS A 169 -3.23 -11.77 7.51
C LYS A 169 -4.47 -10.93 7.15
N ILE A 170 -4.19 -9.69 6.70
CA ILE A 170 -5.19 -8.71 6.30
C ILE A 170 -5.81 -9.05 4.91
N ARG A 171 -4.97 -9.36 3.89
CA ARG A 171 -5.46 -9.72 2.53
C ARG A 171 -6.23 -11.06 2.52
N ASP A 172 -5.93 -11.94 3.53
CA ASP A 172 -6.62 -13.23 3.74
C ASP A 172 -8.04 -13.05 4.32
N ILE A 173 -8.20 -12.15 5.34
CA ILE A 173 -9.51 -11.78 5.95
C ILE A 173 -10.39 -11.08 4.88
N LEU A 174 -9.77 -10.11 4.19
CA LEU A 174 -10.32 -9.44 3.02
C LEU A 174 -10.63 -10.35 1.83
N ALA A 175 -9.94 -11.49 1.76
CA ALA A 175 -10.27 -12.60 0.85
C ALA A 175 -11.55 -13.31 1.29
N GLN A 176 -11.70 -13.47 2.62
CA GLN A 176 -12.90 -14.02 3.27
C GLN A 176 -14.15 -13.13 3.10
N VAL A 177 -13.89 -11.82 2.88
CA VAL A 177 -14.94 -10.82 2.65
C VAL A 177 -15.39 -10.84 1.20
N LYS A 178 -14.39 -10.68 0.36
CA LYS A 178 -14.47 -10.94 -1.10
C LYS A 178 -15.08 -12.32 -1.46
N GLN A 179 -14.92 -13.32 -0.53
CA GLN A 179 -15.55 -14.65 -0.67
C GLN A 179 -17.06 -14.64 -0.40
N GLN A 180 -17.49 -14.03 0.74
CA GLN A 180 -18.94 -13.97 1.12
C GLN A 180 -19.73 -12.94 0.29
N HIS A 181 -19.06 -11.88 -0.22
CA HIS A 181 -19.66 -10.90 -1.14
C HIS A 181 -19.83 -11.45 -2.58
N GLN A 182 -18.85 -12.26 -3.04
CA GLN A 182 -18.89 -12.87 -4.39
C GLN A 182 -19.78 -14.13 -4.41
N LYS A 183 -19.71 -14.93 -3.33
CA LYS A 183 -20.52 -16.14 -3.17
C LYS A 183 -21.86 -15.80 -2.50
N GLY A 184 -22.96 -16.17 -3.18
CA GLY A 184 -24.31 -15.91 -2.69
C GLY A 184 -25.20 -15.26 -3.74
N GLN A 185 -25.65 -16.09 -4.73
CA GLN A 185 -26.54 -15.68 -5.89
C GLN A 185 -25.92 -14.52 -6.72
N SER A 186 -25.47 -14.88 -7.94
CA SER A 186 -24.84 -13.93 -8.88
C SER A 186 -25.28 -14.19 -10.31
N GLY A 187 -25.36 -13.09 -11.09
CA GLY A 187 -25.76 -13.17 -12.50
C GLY A 187 -24.58 -12.98 -13.43
N GLN A 188 -24.05 -14.10 -13.94
CA GLN A 188 -22.88 -14.11 -14.84
C GLN A 188 -23.11 -15.06 -16.03
N LEU A 189 -22.84 -14.54 -17.26
CA LEU A 189 -23.01 -15.26 -18.58
C LEU A 189 -24.47 -15.64 -18.88
N GLN A 190 -25.10 -16.41 -17.97
CA GLN A 190 -26.48 -16.88 -18.12
C GLN A 190 -27.19 -16.94 -16.77
N ALA A 191 -26.50 -17.54 -15.77
CA ALA A 191 -27.02 -17.68 -14.41
C ALA A 191 -26.47 -16.59 -13.48
N GLY A 1 -22.47 -36.67 -24.62
CA GLY A 1 -22.46 -35.18 -24.61
C GLY A 1 -23.42 -34.59 -25.62
N ALA A 2 -24.33 -33.73 -25.12
CA ALA A 2 -25.34 -33.05 -25.96
C ALA A 2 -25.51 -31.59 -25.55
N MET A 3 -25.60 -31.36 -24.23
CA MET A 3 -25.77 -30.02 -23.66
C MET A 3 -24.55 -29.64 -22.82
N GLY A 4 -24.19 -28.34 -22.85
CA GLY A 4 -23.05 -27.82 -22.11
C GLY A 4 -23.25 -26.37 -21.66
N PRO A 5 -23.80 -26.05 -20.40
CA PRO A 5 -23.98 -24.66 -19.93
C PRO A 5 -22.67 -24.04 -19.42
N SER A 6 -22.35 -22.84 -19.96
CA SER A 6 -21.14 -22.11 -19.60
C SER A 6 -21.40 -20.61 -19.48
N SER A 7 -20.91 -20.01 -18.39
CA SER A 7 -21.08 -18.58 -18.12
C SER A 7 -19.90 -17.79 -18.70
N VAL A 8 -20.22 -16.66 -19.36
CA VAL A 8 -19.22 -15.78 -20.00
C VAL A 8 -19.46 -14.34 -19.52
N SER A 9 -20.71 -13.86 -19.73
CA SER A 9 -21.13 -12.51 -19.35
C SER A 9 -21.64 -12.49 -17.92
N GLY A 10 -21.23 -11.44 -17.17
CA GLY A 10 -21.63 -11.26 -15.77
C GLY A 10 -21.46 -9.83 -15.29
N ALA A 11 -20.38 -9.60 -14.52
CA ALA A 11 -20.06 -8.28 -13.97
C ALA A 11 -18.92 -7.63 -14.74
N ALA A 12 -19.07 -6.31 -15.02
CA ALA A 12 -18.08 -5.52 -15.74
C ALA A 12 -17.19 -4.70 -14.77
N PRO A 13 -15.81 -4.97 -14.64
CA PRO A 13 -14.91 -4.13 -13.78
C PRO A 13 -14.60 -2.76 -14.39
N PHE A 14 -14.22 -1.82 -13.51
CA PHE A 14 -13.88 -0.45 -13.92
C PHE A 14 -12.62 0.03 -13.17
N SER A 15 -11.58 0.37 -13.95
CA SER A 15 -10.29 0.82 -13.41
C SER A 15 -9.95 2.23 -13.91
N SER A 16 -9.36 3.03 -13.01
CA SER A 16 -8.96 4.41 -13.30
C SER A 16 -7.53 4.45 -13.94
N PHE A 17 -7.24 3.42 -14.79
CA PHE A 17 -5.94 3.22 -15.50
C PHE A 17 -4.74 3.06 -14.53
N MET A 18 -4.35 1.79 -14.31
CA MET A 18 -3.24 1.42 -13.45
C MET A 18 -1.86 1.52 -14.18
N PRO A 19 -0.92 2.50 -13.81
CA PRO A 19 0.46 2.58 -14.40
C PRO A 19 1.31 1.29 -14.23
N PRO A 20 1.25 0.50 -13.05
CA PRO A 20 1.91 -0.83 -12.94
C PRO A 20 1.19 -1.91 -13.75
N GLU A 21 1.91 -3.01 -14.02
CA GLU A 21 1.40 -4.12 -14.82
C GLU A 21 0.76 -5.20 -13.95
N GLN A 22 1.52 -5.65 -12.95
CA GLN A 22 1.14 -6.64 -11.96
C GLN A 22 0.28 -5.99 -10.84
N GLU A 23 0.05 -6.73 -9.70
CA GLU A 23 -0.61 -6.18 -8.50
C GLU A 23 0.30 -5.18 -7.77
N THR A 24 -0.33 -4.34 -6.94
CA THR A 24 0.34 -3.16 -6.40
C THR A 24 0.08 -3.01 -4.90
N VAL A 25 1.13 -2.49 -4.24
CA VAL A 25 1.07 -1.99 -2.86
C VAL A 25 1.66 -0.57 -2.88
N HIS A 26 1.24 0.21 -1.90
CA HIS A 26 1.69 1.60 -1.78
C HIS A 26 2.35 1.83 -0.43
N VAL A 27 3.62 2.24 -0.48
CA VAL A 27 4.44 2.52 0.70
C VAL A 27 4.25 3.99 1.10
N PHE A 28 4.08 4.18 2.41
CA PHE A 28 4.28 5.45 3.06
C PHE A 28 5.66 5.41 3.69
N ILE A 29 6.54 6.08 3.01
CA ILE A 29 7.86 6.42 3.53
C ILE A 29 7.97 7.92 3.72
N PRO A 30 8.96 8.44 4.56
CA PRO A 30 9.21 9.90 4.71
C PRO A 30 9.41 10.65 3.38
N ALA A 31 8.76 11.83 3.25
CA ALA A 31 9.12 12.85 2.21
C ALA A 31 10.60 13.34 2.30
N GLN A 32 11.25 13.03 3.44
CA GLN A 32 12.69 13.19 3.64
C GLN A 32 13.47 11.88 3.33
N ALA A 33 12.75 10.86 2.82
CA ALA A 33 13.34 9.55 2.52
C ALA A 33 13.52 9.34 1.03
N VAL A 34 12.67 10.02 0.22
CA VAL A 34 12.67 9.87 -1.25
C VAL A 34 13.92 10.52 -1.91
N GLY A 35 14.52 11.48 -1.17
CA GLY A 35 15.82 12.07 -1.51
C GLY A 35 16.99 11.09 -1.37
N ALA A 36 16.82 10.08 -0.48
CA ALA A 36 17.76 8.96 -0.34
C ALA A 36 17.56 7.92 -1.45
N ILE A 37 16.27 7.72 -1.82
CA ILE A 37 15.82 6.74 -2.80
C ILE A 37 16.12 7.21 -4.25
N ILE A 38 15.61 8.41 -4.59
CA ILE A 38 15.81 9.05 -5.88
C ILE A 38 17.17 9.78 -5.98
N GLY A 39 17.81 10.11 -4.83
CA GLY A 39 18.99 11.00 -4.83
C GLY A 39 20.16 10.52 -5.71
N ASP A 40 20.52 9.21 -5.57
CA ASP A 40 21.66 8.61 -6.31
C ASP A 40 21.40 8.56 -7.84
N ASP A 41 21.67 9.73 -8.49
CA ASP A 41 21.43 10.02 -9.94
C ASP A 41 19.96 9.77 -10.41
N GLY A 42 19.02 9.57 -9.44
CA GLY A 42 17.62 9.12 -9.78
C GLY A 42 17.53 7.79 -10.53
N GLN A 43 18.53 6.91 -10.28
CA GLN A 43 18.63 5.60 -10.93
C GLN A 43 18.61 4.44 -9.91
N HIS A 44 18.42 4.75 -8.60
CA HIS A 44 18.42 3.75 -7.50
C HIS A 44 17.11 2.96 -7.48
N ILE A 45 15.96 3.70 -7.55
CA ILE A 45 14.62 3.17 -7.72
C ILE A 45 14.45 2.24 -8.99
N LYS A 46 15.03 2.71 -10.11
CA LYS A 46 15.11 1.92 -11.37
C LYS A 46 16.21 0.84 -11.31
N GLN A 47 17.15 1.00 -10.35
CA GLN A 47 18.20 0.00 -10.04
C GLN A 47 17.60 -1.17 -9.24
N LEU A 48 16.68 -0.83 -8.29
CA LEU A 48 15.92 -1.78 -7.49
C LEU A 48 15.05 -2.75 -8.31
N SER A 49 14.61 -2.27 -9.50
CA SER A 49 13.66 -3.00 -10.42
C SER A 49 14.22 -4.36 -10.91
N ARG A 50 15.55 -4.41 -11.08
CA ARG A 50 16.30 -5.65 -11.38
C ARG A 50 16.56 -6.47 -10.12
N PHE A 51 16.72 -5.74 -9.01
CA PHE A 51 17.08 -6.26 -7.68
C PHE A 51 15.91 -7.02 -7.02
N ALA A 52 14.70 -6.48 -7.19
CA ALA A 52 13.53 -6.90 -6.41
C ALA A 52 12.54 -7.78 -7.15
N SER A 53 12.70 -7.93 -8.51
CA SER A 53 11.67 -8.56 -9.42
C SER A 53 10.36 -7.74 -9.54
N ALA A 54 10.34 -6.65 -8.77
CA ALA A 54 9.22 -5.73 -8.64
C ALA A 54 9.49 -4.41 -9.41
N SER A 55 8.53 -3.45 -9.35
CA SER A 55 8.65 -2.15 -9.95
C SER A 55 8.22 -1.12 -8.94
N ILE A 56 8.88 0.01 -9.00
CA ILE A 56 8.79 1.07 -7.97
C ILE A 56 8.64 2.47 -8.64
N LYS A 57 7.58 3.22 -8.26
CA LYS A 57 7.42 4.63 -8.63
C LYS A 57 7.24 5.54 -7.42
N ILE A 58 7.95 6.70 -7.37
CA ILE A 58 7.66 7.77 -6.39
C ILE A 58 6.40 8.58 -6.80
N ALA A 59 5.57 8.78 -5.78
CA ALA A 59 4.27 9.45 -5.90
C ALA A 59 4.27 10.84 -5.20
N PRO A 60 3.44 11.86 -5.68
CA PRO A 60 3.48 13.24 -5.14
C PRO A 60 2.73 13.37 -3.79
N PRO A 61 3.18 14.25 -2.78
CA PRO A 61 2.45 14.49 -1.50
C PRO A 61 1.20 15.36 -1.72
N GLU A 62 0.07 14.96 -1.09
CA GLU A 62 -1.25 15.56 -1.36
C GLU A 62 -1.69 16.58 -0.28
N THR A 63 -1.89 16.08 0.95
CA THR A 63 -2.49 16.85 2.08
C THR A 63 -2.22 16.13 3.44
N PRO A 64 -2.74 14.85 3.75
CA PRO A 64 -2.18 14.00 4.84
C PRO A 64 -0.83 13.37 4.45
N ASP A 65 -0.78 12.94 3.17
CA ASP A 65 0.43 12.42 2.50
C ASP A 65 1.51 13.48 2.30
N SER A 66 1.08 14.73 2.40
CA SER A 66 1.90 15.98 2.29
C SER A 66 3.34 15.90 2.87
N LYS A 67 3.47 15.27 4.06
CA LYS A 67 4.76 15.12 4.76
C LYS A 67 5.47 13.79 4.44
N VAL A 68 4.75 12.84 3.81
CA VAL A 68 5.33 11.63 3.26
C VAL A 68 5.37 11.66 1.71
N ARG A 69 5.89 10.56 1.17
CA ARG A 69 5.76 10.23 -0.24
C ARG A 69 5.45 8.76 -0.34
N MET A 70 4.63 8.44 -1.33
CA MET A 70 4.10 7.12 -1.53
C MET A 70 4.89 6.46 -2.66
N VAL A 71 5.32 5.19 -2.43
CA VAL A 71 5.98 4.42 -3.48
C VAL A 71 4.96 3.43 -4.12
N VAL A 72 5.14 3.20 -5.41
CA VAL A 72 4.34 2.28 -6.21
C VAL A 72 5.07 0.92 -6.24
N ILE A 73 4.57 -0.03 -5.45
CA ILE A 73 5.10 -1.40 -5.42
C ILE A 73 4.30 -2.33 -6.32
N THR A 74 4.95 -2.65 -7.43
CA THR A 74 4.45 -3.59 -8.43
C THR A 74 4.98 -5.00 -8.13
N GLY A 75 4.18 -6.00 -8.52
CA GLY A 75 4.70 -7.34 -8.73
C GLY A 75 4.03 -8.43 -7.88
N PRO A 76 4.45 -9.78 -7.99
CA PRO A 76 3.89 -10.90 -7.16
C PRO A 76 4.01 -10.69 -5.62
N PRO A 77 3.60 -11.69 -4.71
CA PRO A 77 3.89 -11.58 -3.24
C PRO A 77 5.39 -11.62 -2.91
N GLU A 78 6.19 -12.27 -3.79
CA GLU A 78 7.66 -12.38 -3.64
C GLU A 78 8.41 -11.10 -4.05
N ALA A 79 8.10 -10.56 -5.26
CA ALA A 79 8.80 -9.37 -5.86
C ALA A 79 8.58 -8.08 -5.04
N GLN A 80 7.32 -7.91 -4.58
CA GLN A 80 6.87 -6.77 -3.74
C GLN A 80 7.55 -6.78 -2.34
N PHE A 81 7.98 -8.00 -1.93
CA PHE A 81 8.69 -8.25 -0.66
C PHE A 81 10.12 -7.64 -0.68
N LYS A 82 10.80 -7.71 -1.86
CA LYS A 82 12.18 -7.20 -2.01
C LYS A 82 12.21 -5.65 -2.07
N ALA A 83 11.25 -5.08 -2.83
CA ALA A 83 11.18 -3.61 -3.08
C ALA A 83 10.77 -2.78 -1.86
N GLN A 84 9.93 -3.35 -0.96
CA GLN A 84 9.68 -2.74 0.37
C GLN A 84 10.82 -3.04 1.35
N GLY A 85 11.52 -4.19 1.13
CA GLY A 85 12.78 -4.52 1.84
C GLY A 85 13.84 -3.40 1.76
N ARG A 86 13.74 -2.60 0.68
CA ARG A 86 14.56 -1.43 0.45
C ARG A 86 14.02 -0.21 1.17
N ILE A 87 12.66 -0.12 1.33
CA ILE A 87 12.04 1.05 1.96
C ILE A 87 12.26 0.99 3.50
N TYR A 88 12.15 -0.26 4.01
CA TYR A 88 12.56 -0.62 5.39
C TYR A 88 14.08 -0.68 5.55
N GLY A 89 14.77 -1.02 4.43
CA GLY A 89 16.23 -1.12 4.39
C GLY A 89 16.94 0.22 4.48
N LYS A 90 16.28 1.31 3.98
CA LYS A 90 16.86 2.64 3.98
C LYS A 90 16.77 3.36 5.31
N LEU A 91 15.75 3.07 6.14
CA LEU A 91 15.73 3.48 7.54
C LEU A 91 16.74 2.72 8.41
N LYS A 92 17.04 1.46 8.01
CA LYS A 92 18.15 0.66 8.53
C LYS A 92 19.52 1.33 8.34
N GLU A 93 19.68 1.91 7.14
CA GLU A 93 20.90 2.64 6.74
C GLU A 93 20.88 4.08 7.28
N GLU A 94 19.78 4.78 6.96
CA GLU A 94 19.68 6.23 7.11
C GLU A 94 19.04 6.68 8.41
N ASN A 95 18.13 5.83 8.95
CA ASN A 95 17.30 6.10 10.15
C ASN A 95 16.51 7.46 10.09
N PHE A 96 15.63 7.59 9.05
CA PHE A 96 14.76 8.80 8.86
C PHE A 96 13.68 8.94 9.95
N PHE A 97 13.34 7.81 10.60
CA PHE A 97 12.18 7.69 11.50
C PHE A 97 12.36 8.37 12.87
N GLY A 98 13.61 8.40 13.32
CA GLY A 98 13.95 8.77 14.69
C GLY A 98 14.87 7.71 15.30
N PRO A 99 16.25 7.80 15.13
CA PRO A 99 17.16 6.60 15.22
C PRO A 99 17.16 5.80 16.51
N LYS A 100 16.60 6.42 17.51
CA LYS A 100 16.50 5.90 18.86
C LYS A 100 15.45 4.77 19.07
N GLU A 101 14.82 4.37 17.96
CA GLU A 101 13.85 3.32 17.92
C GLU A 101 14.26 2.20 16.91
N GLU A 102 13.33 1.83 16.04
CA GLU A 102 13.45 0.82 15.00
C GLU A 102 12.63 1.22 13.77
N VAL A 103 12.80 0.47 12.64
CA VAL A 103 12.16 0.82 11.36
C VAL A 103 10.65 0.51 11.37
N LYS A 104 9.87 1.57 11.18
CA LYS A 104 8.41 1.50 11.21
C LYS A 104 7.79 2.48 10.21
N LEU A 105 7.56 1.97 8.98
CA LEU A 105 6.94 2.74 7.92
C LEU A 105 5.57 2.20 7.58
N GLU A 106 4.65 3.16 7.39
CA GLU A 106 3.22 2.90 7.10
C GLU A 106 3.02 2.40 5.64
N THR A 107 2.14 1.39 5.46
CA THR A 107 1.79 0.87 4.11
C THR A 107 0.29 1.05 3.84
N HIS A 108 0.01 1.70 2.70
CA HIS A 108 -1.35 1.94 2.18
C HIS A 108 -1.74 0.88 1.16
N ILE A 109 -2.83 0.16 1.47
CA ILE A 109 -3.41 -0.82 0.53
C ILE A 109 -4.93 -0.67 0.45
N ARG A 110 -5.43 -0.39 -0.78
CA ARG A 110 -6.87 -0.16 -1.06
C ARG A 110 -7.70 -1.43 -0.91
N VAL A 111 -8.64 -1.32 0.01
CA VAL A 111 -9.45 -2.46 0.50
C VAL A 111 -10.92 -1.97 0.59
N PRO A 112 -12.01 -2.83 0.38
CA PRO A 112 -13.39 -2.31 0.27
C PRO A 112 -13.86 -1.58 1.52
N ALA A 113 -14.57 -0.49 1.26
CA ALA A 113 -15.16 0.44 2.24
C ALA A 113 -15.89 -0.20 3.44
N SER A 114 -16.74 -1.20 3.16
CA SER A 114 -17.41 -2.01 4.20
C SER A 114 -16.62 -3.29 4.54
N ALA A 115 -15.35 -3.29 4.15
CA ALA A 115 -14.40 -4.36 4.42
C ALA A 115 -13.24 -3.84 5.31
N ALA A 116 -13.30 -2.51 5.60
CA ALA A 116 -12.37 -1.79 6.47
C ALA A 116 -12.50 -2.22 7.95
N GLY A 117 -13.68 -2.75 8.28
CA GLY A 117 -13.93 -3.38 9.57
C GLY A 117 -13.51 -4.86 9.62
N ARG A 118 -13.23 -5.47 8.43
CA ARG A 118 -12.70 -6.84 8.33
C ARG A 118 -11.20 -6.87 8.63
N VAL A 119 -10.53 -5.81 8.17
CA VAL A 119 -9.09 -5.59 8.33
C VAL A 119 -8.71 -5.18 9.78
N ILE A 120 -9.69 -4.51 10.43
CA ILE A 120 -9.54 -3.94 11.76
C ILE A 120 -10.01 -4.92 12.87
N GLY A 121 -11.15 -5.58 12.58
CA GLY A 121 -11.75 -6.56 13.49
C GLY A 121 -13.00 -6.04 14.19
N LYS A 122 -13.31 -6.63 15.38
CA LYS A 122 -14.48 -6.29 16.20
C LYS A 122 -14.45 -4.88 16.79
N GLY A 123 -13.24 -4.42 17.16
CA GLY A 123 -13.03 -3.12 17.78
C GLY A 123 -11.69 -3.02 18.46
N GLY A 124 -10.63 -3.27 17.67
CA GLY A 124 -9.26 -3.24 18.17
C GLY A 124 -8.83 -4.57 18.77
N LYS A 125 -9.17 -5.66 18.06
CA LYS A 125 -8.80 -7.03 18.45
C LYS A 125 -7.84 -7.65 17.42
N THR A 126 -8.02 -7.27 16.13
CA THR A 126 -7.06 -7.60 15.03
C THR A 126 -5.86 -6.65 15.11
N VAL A 127 -6.13 -5.35 15.40
CA VAL A 127 -5.11 -4.27 15.59
C VAL A 127 -4.27 -4.56 16.88
N ASN A 128 -4.96 -5.11 17.92
CA ASN A 128 -4.36 -5.44 19.22
C ASN A 128 -3.46 -6.67 19.15
N GLU A 129 -3.94 -7.70 18.43
CA GLU A 129 -3.19 -8.95 18.17
C GLU A 129 -2.08 -8.74 17.11
N LEU A 130 -2.26 -7.68 16.25
CA LEU A 130 -1.28 -7.28 15.23
C LEU A 130 -0.05 -6.59 15.85
N GLN A 131 -0.31 -5.69 16.82
CA GLN A 131 0.72 -4.96 17.58
C GLN A 131 1.59 -5.88 18.49
N ASN A 132 0.93 -6.76 19.29
CA ASN A 132 1.60 -7.58 20.32
C ASN A 132 2.30 -8.81 19.74
N LEU A 133 1.66 -9.44 18.72
CA LEU A 133 2.17 -10.67 18.10
C LEU A 133 3.07 -10.36 16.90
N THR A 134 2.66 -9.37 16.08
CA THR A 134 3.31 -9.08 14.80
C THR A 134 4.12 -7.77 14.85
N ALA A 135 3.83 -6.85 15.81
CA ALA A 135 4.43 -5.46 15.92
C ALA A 135 3.99 -4.51 14.78
N ALA A 136 3.38 -5.07 13.73
CA ALA A 136 2.71 -4.32 12.66
C ALA A 136 1.27 -4.01 13.07
N GLU A 137 0.81 -2.74 12.96
CA GLU A 137 -0.50 -2.33 13.51
C GLU A 137 -1.43 -1.82 12.39
N VAL A 138 -2.69 -2.30 12.40
CA VAL A 138 -3.67 -2.01 11.35
C VAL A 138 -4.47 -0.71 11.64
N VAL A 139 -4.64 0.10 10.59
CA VAL A 139 -5.26 1.46 10.71
C VAL A 139 -6.24 1.74 9.54
N VAL A 140 -7.37 2.47 9.83
CA VAL A 140 -8.29 2.92 8.72
C VAL A 140 -8.82 4.39 8.89
N PRO A 141 -8.21 5.47 8.21
CA PRO A 141 -8.55 6.93 8.41
C PRO A 141 -10.01 7.32 8.61
N ARG A 142 -10.13 8.51 9.19
CA ARG A 142 -11.41 9.14 9.53
C ARG A 142 -11.87 10.05 8.38
N ASP A 143 -13.20 10.35 8.36
CA ASP A 143 -13.88 11.21 7.32
C ASP A 143 -13.59 10.75 5.85
N GLN A 144 -13.23 9.45 5.71
CA GLN A 144 -12.87 8.84 4.42
C GLN A 144 -14.11 8.45 3.62
N THR A 145 -14.25 9.07 2.43
CA THR A 145 -15.24 8.68 1.45
C THR A 145 -14.66 7.54 0.56
N PRO A 146 -15.42 6.39 0.31
CA PRO A 146 -14.99 5.31 -0.63
C PRO A 146 -14.74 5.75 -2.05
N ASP A 147 -13.99 4.90 -2.72
CA ASP A 147 -13.59 5.10 -4.10
C ASP A 147 -14.60 4.40 -5.04
N GLU A 148 -14.34 4.45 -6.36
CA GLU A 148 -15.19 3.82 -7.42
C GLU A 148 -15.30 2.30 -7.25
N ASN A 149 -14.13 1.75 -6.97
CA ASN A 149 -13.89 0.32 -6.73
C ASN A 149 -14.43 -0.16 -5.35
N GLU A 150 -15.29 0.68 -4.70
CA GLU A 150 -15.97 0.39 -3.38
C GLU A 150 -14.91 0.21 -2.24
N GLN A 151 -13.89 1.11 -2.19
CA GLN A 151 -12.77 0.95 -1.27
C GLN A 151 -12.20 2.24 -0.68
N VAL A 152 -11.57 1.94 0.42
CA VAL A 152 -10.81 2.82 1.28
C VAL A 152 -9.37 2.29 1.42
N ILE A 153 -8.53 3.02 2.16
CA ILE A 153 -7.18 2.58 2.49
C ILE A 153 -7.14 2.02 3.92
N VAL A 154 -6.04 1.31 4.18
CA VAL A 154 -5.72 0.71 5.46
C VAL A 154 -4.20 0.77 5.58
N LYS A 155 -3.80 1.08 6.79
CA LYS A 155 -2.45 1.60 7.08
C LYS A 155 -1.81 0.86 8.24
N ILE A 156 -0.85 0.01 7.87
CA ILE A 156 -0.04 -0.79 8.80
C ILE A 156 1.23 0.00 9.14
N ILE A 157 1.66 -0.15 10.41
CA ILE A 157 2.96 0.35 10.85
C ILE A 157 3.68 -0.79 11.57
N GLY A 158 4.71 -1.25 10.89
CA GLY A 158 5.54 -2.36 11.33
C GLY A 158 6.96 -2.23 10.83
N HIS A 159 7.71 -3.35 10.87
CA HIS A 159 9.03 -3.43 10.21
C HIS A 159 8.85 -4.19 8.86
N PHE A 160 9.97 -4.63 8.21
CA PHE A 160 9.96 -5.43 6.96
C PHE A 160 9.17 -6.77 7.13
N TYR A 161 9.48 -7.49 8.22
CA TYR A 161 8.87 -8.79 8.55
C TYR A 161 7.45 -8.67 9.12
N ALA A 162 7.16 -7.55 9.82
CA ALA A 162 5.85 -7.31 10.48
C ALA A 162 4.74 -6.93 9.49
N SER A 163 4.99 -5.87 8.68
CA SER A 163 4.19 -5.52 7.47
C SER A 163 4.02 -6.70 6.48
N GLN A 164 5.00 -7.65 6.52
CA GLN A 164 4.97 -8.92 5.72
C GLN A 164 3.76 -9.83 6.14
N MET A 165 3.76 -10.24 7.43
CA MET A 165 2.69 -11.09 8.02
C MET A 165 1.36 -10.32 8.21
N ALA A 166 1.45 -8.98 8.40
CA ALA A 166 0.26 -8.13 8.60
C ALA A 166 -0.51 -7.91 7.30
N GLN A 167 0.19 -7.45 6.22
CA GLN A 167 -0.40 -7.31 4.86
C GLN A 167 -1.06 -8.61 4.39
N ARG A 168 -0.39 -9.75 4.70
CA ARG A 168 -0.89 -11.10 4.35
C ARG A 168 -2.04 -11.56 5.27
N LYS A 169 -1.98 -11.24 6.60
CA LYS A 169 -3.13 -11.48 7.55
C LYS A 169 -4.39 -10.69 7.15
N ILE A 170 -4.16 -9.46 6.68
CA ILE A 170 -5.17 -8.51 6.26
C ILE A 170 -5.77 -8.88 4.89
N ARG A 171 -4.93 -9.26 3.88
CA ARG A 171 -5.43 -9.67 2.55
C ARG A 171 -6.19 -11.02 2.59
N ASP A 172 -5.86 -11.87 3.59
CA ASP A 172 -6.52 -13.19 3.82
C ASP A 172 -7.94 -13.05 4.40
N ILE A 173 -8.12 -12.11 5.36
CA ILE A 173 -9.45 -11.75 5.94
C ILE A 173 -10.34 -11.10 4.82
N LEU A 174 -9.72 -10.16 4.08
CA LEU A 174 -10.28 -9.53 2.90
C LEU A 174 -10.60 -10.47 1.74
N ALA A 175 -9.88 -11.59 1.68
CA ALA A 175 -10.20 -12.71 0.76
C ALA A 175 -11.49 -13.43 1.17
N GLN A 176 -11.67 -13.56 2.49
CA GLN A 176 -12.87 -14.15 3.12
C GLN A 176 -14.10 -13.23 2.99
N VAL A 177 -13.84 -11.92 2.80
CA VAL A 177 -14.91 -10.91 2.55
C VAL A 177 -15.33 -10.96 1.09
N LYS A 178 -14.31 -10.78 0.25
CA LYS A 178 -14.36 -11.00 -1.21
C LYS A 178 -14.97 -12.37 -1.61
N GLN A 179 -14.83 -13.40 -0.72
CA GLN A 179 -15.51 -14.70 -0.85
C GLN A 179 -17.01 -14.62 -0.53
N GLN A 180 -17.36 -13.88 0.57
CA GLN A 180 -18.76 -13.65 1.01
C GLN A 180 -19.55 -12.76 0.03
N HIS A 181 -18.86 -11.76 -0.58
CA HIS A 181 -19.45 -10.82 -1.54
C HIS A 181 -19.69 -11.45 -2.93
N GLN A 182 -18.67 -12.19 -3.45
CA GLN A 182 -18.74 -12.85 -4.77
C GLN A 182 -19.55 -14.16 -4.71
N LYS A 183 -19.36 -14.92 -3.63
CA LYS A 183 -20.05 -16.21 -3.42
C LYS A 183 -21.14 -16.08 -2.37
N GLY A 184 -22.36 -16.54 -2.72
CA GLY A 184 -23.52 -16.48 -1.84
C GLY A 184 -24.82 -16.77 -2.55
N GLN A 185 -25.16 -15.90 -3.54
CA GLN A 185 -26.41 -15.96 -4.38
C GLN A 185 -27.69 -15.79 -3.54
N SER A 186 -27.96 -16.73 -2.59
CA SER A 186 -29.15 -16.75 -1.67
C SER A 186 -30.51 -16.68 -2.40
N GLY A 187 -31.30 -17.74 -2.25
CA GLY A 187 -32.61 -17.84 -2.90
C GLY A 187 -33.64 -18.54 -2.04
N GLN A 188 -33.81 -18.04 -0.77
CA GLN A 188 -34.78 -18.57 0.25
C GLN A 188 -34.63 -20.07 0.54
N LEU A 189 -34.29 -20.38 1.81
CA LEU A 189 -34.10 -21.76 2.28
C LEU A 189 -35.23 -22.19 3.20
N GLN A 190 -35.90 -23.33 2.85
CA GLN A 190 -37.03 -23.96 3.61
C GLN A 190 -38.23 -23.00 3.82
N ALA A 191 -39.43 -23.58 4.06
CA ALA A 191 -40.73 -22.86 4.31
C ALA A 191 -41.11 -21.88 3.18
N GLY A 1 -4.61 29.85 -7.08
CA GLY A 1 -4.86 30.63 -8.33
C GLY A 1 -6.10 30.18 -9.07
N ALA A 2 -7.29 30.39 -8.44
CA ALA A 2 -8.64 30.01 -8.97
C ALA A 2 -8.76 28.52 -9.33
N MET A 3 -9.64 27.81 -8.58
CA MET A 3 -9.89 26.38 -8.78
C MET A 3 -11.08 26.18 -9.73
N GLY A 4 -10.80 25.51 -10.87
CA GLY A 4 -11.81 25.23 -11.88
C GLY A 4 -11.89 26.33 -12.96
N PRO A 5 -11.13 26.24 -14.14
CA PRO A 5 -11.21 27.28 -15.20
C PRO A 5 -12.46 27.16 -16.06
N SER A 6 -12.85 25.91 -16.37
CA SER A 6 -14.03 25.61 -17.19
C SER A 6 -15.03 24.77 -16.40
N SER A 7 -16.33 25.02 -16.65
CA SER A 7 -17.43 24.31 -15.99
C SER A 7 -18.54 23.97 -16.98
N VAL A 8 -18.95 22.69 -16.98
CA VAL A 8 -20.01 22.18 -17.87
C VAL A 8 -20.91 21.23 -17.05
N SER A 9 -20.26 20.24 -16.41
CA SER A 9 -20.95 19.24 -15.58
C SER A 9 -20.18 18.95 -14.29
N GLY A 10 -18.84 18.79 -14.44
CA GLY A 10 -17.96 18.50 -13.31
C GLY A 10 -16.56 19.03 -13.54
N ALA A 11 -15.77 19.09 -12.45
CA ALA A 11 -14.39 19.58 -12.49
C ALA A 11 -13.45 18.62 -11.75
N ALA A 12 -12.39 18.17 -12.47
CA ALA A 12 -11.39 17.25 -11.94
C ALA A 12 -9.96 17.62 -12.42
N PRO A 13 -8.94 17.96 -11.52
CA PRO A 13 -7.53 18.21 -11.96
C PRO A 13 -6.80 16.93 -12.33
N PHE A 14 -6.04 17.00 -13.44
CA PHE A 14 -5.28 15.85 -13.97
C PHE A 14 -3.84 15.88 -13.44
N SER A 15 -3.27 14.68 -13.24
CA SER A 15 -1.90 14.51 -12.73
C SER A 15 -1.17 13.42 -13.52
N SER A 16 0.15 13.62 -13.70
CA SER A 16 1.02 12.69 -14.44
C SER A 16 1.55 11.59 -13.52
N PHE A 17 1.15 10.33 -13.82
CA PHE A 17 1.56 9.14 -13.05
C PHE A 17 1.73 7.93 -13.97
N MET A 18 2.75 7.10 -13.67
CA MET A 18 3.08 5.90 -14.43
C MET A 18 2.14 4.71 -14.10
N PRO A 19 1.36 4.11 -15.10
CA PRO A 19 0.45 2.97 -14.82
C PRO A 19 1.20 1.61 -14.61
N PRO A 20 1.15 0.94 -13.37
CA PRO A 20 1.71 -0.43 -13.17
C PRO A 20 0.91 -1.51 -13.89
N GLU A 21 1.53 -2.71 -14.04
CA GLU A 21 0.93 -3.82 -14.76
C GLU A 21 0.32 -4.86 -13.80
N GLN A 22 1.15 -5.34 -12.88
CA GLN A 22 0.80 -6.32 -11.86
C GLN A 22 0.04 -5.65 -10.68
N GLU A 23 -0.17 -6.39 -9.54
CA GLU A 23 -0.79 -5.84 -8.32
C GLU A 23 0.17 -4.85 -7.60
N THR A 24 -0.39 -4.07 -6.67
CA THR A 24 0.30 -2.91 -6.11
C THR A 24 0.06 -2.78 -4.61
N VAL A 25 1.15 -2.48 -3.91
CA VAL A 25 1.11 -1.92 -2.55
C VAL A 25 1.62 -0.46 -2.65
N HIS A 26 1.26 0.33 -1.63
CA HIS A 26 1.56 1.75 -1.60
C HIS A 26 2.20 2.08 -0.28
N VAL A 27 3.48 2.44 -0.36
CA VAL A 27 4.35 2.56 0.79
C VAL A 27 4.48 4.04 1.18
N PHE A 28 3.94 4.36 2.36
CA PHE A 28 4.05 5.68 2.96
C PHE A 28 5.31 5.74 3.80
N ILE A 29 6.28 6.39 3.19
CA ILE A 29 7.63 6.57 3.72
C ILE A 29 8.00 8.07 3.78
N PRO A 30 9.13 8.51 4.49
CA PRO A 30 9.46 9.96 4.64
C PRO A 30 9.75 10.66 3.30
N ALA A 31 9.17 11.85 3.13
CA ALA A 31 9.55 12.79 2.02
C ALA A 31 11.02 13.26 2.09
N GLN A 32 11.65 13.02 3.26
CA GLN A 32 13.11 13.16 3.44
C GLN A 32 13.84 11.82 3.16
N ALA A 33 13.09 10.83 2.64
CA ALA A 33 13.63 9.50 2.36
C ALA A 33 13.65 9.22 0.86
N VAL A 34 12.75 9.90 0.10
CA VAL A 34 12.64 9.71 -1.37
C VAL A 34 13.86 10.29 -2.14
N GLY A 35 14.54 11.25 -1.48
CA GLY A 35 15.84 11.79 -1.93
C GLY A 35 16.99 10.78 -1.85
N ALA A 36 16.86 9.81 -0.91
CA ALA A 36 17.78 8.68 -0.80
C ALA A 36 17.48 7.60 -1.85
N ILE A 37 16.17 7.40 -2.09
CA ILE A 37 15.60 6.43 -3.03
C ILE A 37 15.90 6.83 -4.51
N ILE A 38 15.53 8.07 -4.87
CA ILE A 38 15.83 8.66 -6.17
C ILE A 38 17.25 9.26 -6.20
N GLY A 39 17.58 10.14 -5.23
CA GLY A 39 18.56 11.23 -5.47
C GLY A 39 19.94 10.80 -6.02
N ASP A 40 20.52 9.72 -5.46
CA ASP A 40 21.82 9.16 -5.93
C ASP A 40 21.74 8.67 -7.41
N ASP A 41 21.96 9.66 -8.33
CA ASP A 41 21.89 9.51 -9.82
C ASP A 41 20.51 9.07 -10.36
N GLY A 42 19.45 9.01 -9.48
CA GLY A 42 18.10 8.49 -9.86
C GLY A 42 18.09 7.07 -10.44
N GLN A 43 19.03 6.24 -9.95
CA GLN A 43 19.25 4.88 -10.49
C GLN A 43 19.07 3.78 -9.41
N HIS A 44 18.76 4.16 -8.14
CA HIS A 44 18.59 3.21 -7.03
C HIS A 44 17.23 2.51 -7.06
N ILE A 45 16.15 3.29 -7.29
CA ILE A 45 14.79 2.82 -7.48
C ILE A 45 14.64 1.89 -8.74
N LYS A 46 15.30 2.34 -9.84
CA LYS A 46 15.44 1.56 -11.09
C LYS A 46 16.40 0.38 -10.95
N GLN A 47 17.24 0.44 -9.88
CA GLN A 47 18.16 -0.66 -9.48
C GLN A 47 17.39 -1.78 -8.78
N LEU A 48 16.45 -1.38 -7.88
CA LEU A 48 15.57 -2.29 -7.15
C LEU A 48 14.65 -3.15 -8.04
N SER A 49 14.30 -2.60 -9.24
CA SER A 49 13.33 -3.24 -10.19
C SER A 49 13.78 -4.64 -10.67
N ARG A 50 15.11 -4.81 -10.78
CA ARG A 50 15.75 -6.11 -11.05
C ARG A 50 15.85 -7.01 -9.81
N PHE A 51 15.96 -6.35 -8.64
CA PHE A 51 16.28 -6.97 -7.35
C PHE A 51 15.07 -7.73 -6.76
N ALA A 52 13.93 -7.06 -6.75
CA ALA A 52 12.80 -7.45 -5.91
C ALA A 52 11.68 -8.21 -6.61
N SER A 53 11.80 -8.44 -7.96
CA SER A 53 10.68 -8.97 -8.84
C SER A 53 9.49 -7.98 -8.96
N ALA A 54 9.67 -6.84 -8.32
CA ALA A 54 8.71 -5.75 -8.21
C ALA A 54 9.07 -4.58 -9.14
N SER A 55 8.17 -3.55 -9.16
CA SER A 55 8.42 -2.29 -9.83
C SER A 55 8.02 -1.19 -8.86
N ILE A 56 8.80 -0.14 -8.87
CA ILE A 56 8.78 0.89 -7.82
C ILE A 56 8.68 2.30 -8.45
N LYS A 57 7.56 3.00 -8.15
CA LYS A 57 7.40 4.42 -8.49
C LYS A 57 7.36 5.28 -7.22
N ILE A 58 7.97 6.48 -7.26
CA ILE A 58 7.65 7.57 -6.31
C ILE A 58 6.38 8.30 -6.79
N ALA A 59 5.60 8.69 -5.80
CA ALA A 59 4.29 9.34 -6.01
C ALA A 59 4.31 10.83 -5.61
N PRO A 60 3.50 11.74 -6.31
CA PRO A 60 3.62 13.22 -6.13
C PRO A 60 3.07 13.73 -4.77
N PRO A 61 3.47 14.99 -4.26
CA PRO A 61 3.08 15.47 -2.91
C PRO A 61 1.72 16.19 -2.90
N GLU A 62 0.79 15.72 -2.04
CA GLU A 62 -0.56 16.26 -1.92
C GLU A 62 -0.73 17.18 -0.68
N THR A 63 -0.58 16.55 0.50
CA THR A 63 -0.87 17.17 1.83
C THR A 63 -0.42 16.21 2.98
N PRO A 64 -0.82 14.85 3.02
CA PRO A 64 -0.01 13.82 3.73
C PRO A 64 1.25 13.45 2.95
N ASP A 65 1.07 13.33 1.62
CA ASP A 65 2.17 13.12 0.65
C ASP A 65 3.04 14.37 0.43
N SER A 66 2.67 15.45 1.12
CA SER A 66 3.48 16.67 1.26
C SER A 66 4.62 16.50 2.29
N LYS A 67 4.40 15.65 3.32
CA LYS A 67 5.40 15.39 4.38
C LYS A 67 6.04 14.01 4.22
N VAL A 68 5.24 13.04 3.73
CA VAL A 68 5.75 11.74 3.25
C VAL A 68 5.68 11.66 1.71
N ARG A 69 6.09 10.51 1.20
CA ARG A 69 5.79 10.08 -0.17
C ARG A 69 5.42 8.62 -0.18
N MET A 70 4.67 8.24 -1.21
CA MET A 70 4.11 6.92 -1.37
C MET A 70 4.83 6.22 -2.54
N VAL A 71 5.36 5.02 -2.25
CA VAL A 71 6.01 4.20 -3.24
C VAL A 71 5.02 3.17 -3.83
N VAL A 72 5.08 3.04 -5.16
CA VAL A 72 4.30 2.08 -5.94
C VAL A 72 5.06 0.73 -5.99
N ILE A 73 4.58 -0.24 -5.19
CA ILE A 73 5.10 -1.61 -5.22
C ILE A 73 4.24 -2.50 -6.11
N THR A 74 4.80 -2.70 -7.30
CA THR A 74 4.22 -3.54 -8.35
C THR A 74 4.76 -4.97 -8.23
N GLY A 75 3.94 -5.93 -8.68
CA GLY A 75 4.42 -7.27 -8.93
C GLY A 75 3.62 -8.36 -8.20
N PRO A 76 3.97 -9.72 -8.35
CA PRO A 76 3.26 -10.85 -7.67
C PRO A 76 3.13 -10.70 -6.12
N PRO A 77 2.53 -11.69 -5.32
CA PRO A 77 2.57 -11.65 -3.83
C PRO A 77 4.01 -11.71 -3.25
N GLU A 78 4.92 -12.36 -4.02
CA GLU A 78 6.34 -12.54 -3.64
C GLU A 78 7.17 -11.26 -3.86
N ALA A 79 6.90 -10.55 -4.99
CA ALA A 79 7.62 -9.31 -5.40
C ALA A 79 7.50 -8.16 -4.36
N GLN A 80 6.36 -8.16 -3.61
CA GLN A 80 6.09 -7.17 -2.54
C GLN A 80 7.06 -7.29 -1.36
N PHE A 81 7.42 -8.55 -1.01
CA PHE A 81 8.36 -8.87 0.11
C PHE A 81 9.73 -8.20 -0.02
N LYS A 82 10.32 -8.32 -1.23
CA LYS A 82 11.69 -7.87 -1.51
C LYS A 82 11.79 -6.34 -1.65
N ALA A 83 10.78 -5.73 -2.34
CA ALA A 83 10.77 -4.30 -2.69
C ALA A 83 10.58 -3.35 -1.50
N GLN A 84 9.56 -3.61 -0.63
CA GLN A 84 9.40 -2.87 0.65
C GLN A 84 10.43 -3.29 1.72
N GLY A 85 11.00 -4.52 1.58
CA GLY A 85 12.25 -4.90 2.29
C GLY A 85 13.38 -3.87 2.14
N ARG A 86 13.33 -3.13 1.00
CA ARG A 86 14.23 -2.05 0.68
C ARG A 86 13.78 -0.74 1.31
N ILE A 87 12.42 -0.44 1.29
CA ILE A 87 11.92 0.87 1.76
C ILE A 87 12.30 1.09 3.23
N TYR A 88 12.14 -0.02 3.98
CA TYR A 88 12.53 -0.16 5.39
C TYR A 88 14.03 -0.26 5.57
N GLY A 89 14.71 -0.83 4.55
CA GLY A 89 16.17 -0.99 4.56
C GLY A 89 16.93 0.32 4.70
N LYS A 90 16.38 1.39 4.08
CA LYS A 90 17.01 2.71 4.04
C LYS A 90 16.90 3.47 5.35
N LEU A 91 15.76 3.34 6.06
CA LEU A 91 15.59 3.83 7.44
C LEU A 91 16.56 3.19 8.45
N LYS A 92 17.00 1.98 8.12
CA LYS A 92 18.04 1.24 8.85
C LYS A 92 19.44 1.81 8.62
N GLU A 93 19.73 2.05 7.33
CA GLU A 93 21.07 2.53 6.86
C GLU A 93 21.22 4.02 7.07
N GLU A 94 20.22 4.75 6.54
CA GLU A 94 20.18 6.21 6.54
C GLU A 94 19.65 6.77 7.86
N ASN A 95 18.76 5.98 8.52
CA ASN A 95 18.03 6.37 9.76
C ASN A 95 17.28 7.72 9.60
N PHE A 96 16.24 7.73 8.70
CA PHE A 96 15.33 8.89 8.53
C PHE A 96 14.39 9.07 9.74
N PHE A 97 14.44 8.07 10.66
CA PHE A 97 13.79 8.10 11.96
C PHE A 97 14.50 9.03 12.96
N GLY A 98 13.82 9.34 14.10
CA GLY A 98 14.41 10.22 15.11
C GLY A 98 13.89 9.91 16.52
N PRO A 99 12.66 10.40 16.97
CA PRO A 99 12.11 10.08 18.32
C PRO A 99 11.62 8.64 18.45
N LYS A 100 11.10 8.17 17.32
CA LYS A 100 10.63 6.82 17.11
C LYS A 100 11.72 5.75 16.96
N GLU A 101 12.97 6.22 17.11
CA GLU A 101 14.25 5.44 17.14
C GLU A 101 14.37 4.29 16.10
N GLU A 102 13.66 3.20 16.39
CA GLU A 102 13.57 2.01 15.54
C GLU A 102 12.49 2.21 14.48
N VAL A 103 12.73 1.60 13.31
CA VAL A 103 11.92 1.83 12.11
C VAL A 103 10.53 1.13 12.18
N LYS A 104 9.51 1.98 12.02
CA LYS A 104 8.11 1.59 11.90
C LYS A 104 7.41 2.60 10.97
N LEU A 105 7.29 2.18 9.71
CA LEU A 105 6.71 3.01 8.64
C LEU A 105 5.28 2.61 8.32
N GLU A 106 4.57 3.54 7.66
CA GLU A 106 3.15 3.38 7.32
C GLU A 106 3.01 2.85 5.88
N THR A 107 2.13 1.83 5.70
CA THR A 107 1.79 1.32 4.37
C THR A 107 0.29 1.47 4.10
N HIS A 108 -0.01 2.12 2.97
CA HIS A 108 -1.37 2.29 2.46
C HIS A 108 -1.71 1.20 1.44
N ILE A 109 -2.80 0.45 1.75
CA ILE A 109 -3.36 -0.55 0.82
C ILE A 109 -4.88 -0.43 0.71
N ARG A 110 -5.36 -0.16 -0.53
CA ARG A 110 -6.80 0.05 -0.85
C ARG A 110 -7.61 -1.22 -0.72
N VAL A 111 -8.64 -1.12 0.12
CA VAL A 111 -9.49 -2.26 0.51
C VAL A 111 -10.97 -1.76 0.49
N PRO A 112 -12.05 -2.64 0.36
CA PRO A 112 -13.45 -2.15 0.28
C PRO A 112 -13.90 -1.43 1.53
N ALA A 113 -14.67 -0.37 1.27
CA ALA A 113 -15.20 0.59 2.25
C ALA A 113 -15.90 -0.02 3.47
N SER A 114 -16.77 -1.03 3.21
CA SER A 114 -17.41 -1.83 4.27
C SER A 114 -16.61 -3.12 4.60
N ALA A 115 -15.33 -3.10 4.19
CA ALA A 115 -14.38 -4.19 4.42
C ALA A 115 -13.22 -3.71 5.33
N ALA A 116 -13.29 -2.40 5.68
CA ALA A 116 -12.34 -1.70 6.56
C ALA A 116 -12.40 -2.20 8.02
N GLY A 117 -13.57 -2.74 8.39
CA GLY A 117 -13.73 -3.46 9.66
C GLY A 117 -13.37 -4.94 9.58
N ARG A 118 -13.12 -5.46 8.34
CA ARG A 118 -12.65 -6.83 8.11
C ARG A 118 -11.14 -6.91 8.28
N VAL A 119 -10.47 -5.83 7.85
CA VAL A 119 -9.02 -5.65 7.97
C VAL A 119 -8.60 -5.38 9.44
N ILE A 120 -9.53 -4.71 10.15
CA ILE A 120 -9.44 -4.40 11.57
C ILE A 120 -9.95 -5.61 12.43
N GLY A 121 -10.90 -6.38 11.86
CA GLY A 121 -11.39 -7.61 12.48
C GLY A 121 -12.46 -7.39 13.55
N LYS A 122 -12.58 -8.37 14.49
CA LYS A 122 -13.53 -8.33 15.61
C LYS A 122 -13.23 -7.20 16.64
N GLY A 123 -13.91 -6.05 16.43
CA GLY A 123 -13.74 -4.85 17.29
C GLY A 123 -12.39 -4.17 17.10
N GLY A 124 -11.34 -4.85 17.59
CA GLY A 124 -9.95 -4.41 17.44
C GLY A 124 -8.95 -5.48 17.84
N LYS A 125 -9.28 -6.75 17.53
CA LYS A 125 -8.44 -7.91 17.88
C LYS A 125 -7.34 -8.16 16.82
N THR A 126 -7.58 -7.71 15.56
CA THR A 126 -6.57 -7.75 14.48
C THR A 126 -5.51 -6.65 14.66
N VAL A 127 -5.97 -5.50 15.22
CA VAL A 127 -5.10 -4.33 15.52
C VAL A 127 -4.33 -4.56 16.84
N ASN A 128 -4.99 -5.23 17.82
CA ASN A 128 -4.44 -5.51 19.16
C ASN A 128 -3.35 -6.58 19.14
N GLU A 129 -3.60 -7.64 18.34
CA GLU A 129 -2.68 -8.79 18.17
C GLU A 129 -1.47 -8.40 17.28
N LEU A 130 -1.73 -7.57 16.24
CA LEU A 130 -0.69 -7.08 15.33
C LEU A 130 0.20 -5.98 15.94
N GLN A 131 -0.39 -5.04 16.72
CA GLN A 131 0.36 -3.99 17.47
C GLN A 131 1.32 -4.59 18.55
N ASN A 132 0.77 -5.50 19.40
CA ASN A 132 1.47 -5.99 20.59
C ASN A 132 2.44 -7.14 20.24
N LEU A 133 1.96 -8.09 19.43
CA LEU A 133 2.71 -9.30 19.08
C LEU A 133 3.54 -9.12 17.81
N THR A 134 3.05 -8.28 16.86
CA THR A 134 3.67 -8.14 15.53
C THR A 134 4.40 -6.78 15.37
N ALA A 135 4.05 -5.75 16.18
CA ALA A 135 4.56 -4.33 16.07
C ALA A 135 4.04 -3.59 14.81
N ALA A 136 3.40 -4.34 13.88
CA ALA A 136 2.69 -3.76 12.73
C ALA A 136 1.25 -3.41 13.16
N GLU A 137 0.87 -2.12 13.10
CA GLU A 137 -0.39 -1.64 13.69
C GLU A 137 -1.36 -1.14 12.61
N VAL A 138 -2.63 -1.52 12.79
CA VAL A 138 -3.67 -1.48 11.75
C VAL A 138 -4.61 -0.28 11.98
N VAL A 139 -4.75 0.53 10.91
CA VAL A 139 -5.42 1.85 10.99
C VAL A 139 -6.41 2.06 9.81
N VAL A 140 -7.63 2.59 10.10
CA VAL A 140 -8.59 2.98 9.02
C VAL A 140 -9.25 4.39 9.22
N PRO A 141 -8.71 5.53 8.57
CA PRO A 141 -9.18 6.94 8.84
C PRO A 141 -10.68 7.18 8.58
N ARG A 142 -11.18 8.28 9.19
CA ARG A 142 -12.63 8.63 9.17
C ARG A 142 -12.94 9.54 8.00
N ASP A 143 -12.11 10.58 7.86
CA ASP A 143 -12.20 11.59 6.79
C ASP A 143 -11.82 11.04 5.39
N GLN A 144 -11.39 9.76 5.35
CA GLN A 144 -11.03 9.04 4.13
C GLN A 144 -12.29 8.39 3.52
N THR A 145 -12.89 9.12 2.55
CA THR A 145 -14.06 8.69 1.79
C THR A 145 -13.69 7.57 0.78
N PRO A 146 -14.59 6.52 0.51
CA PRO A 146 -14.33 5.45 -0.49
C PRO A 146 -14.06 5.95 -1.90
N ASP A 147 -13.50 5.03 -2.67
CA ASP A 147 -13.06 5.27 -4.03
C ASP A 147 -14.04 4.64 -5.04
N GLU A 148 -13.70 4.72 -6.35
CA GLU A 148 -14.50 4.13 -7.46
C GLU A 148 -14.62 2.60 -7.36
N ASN A 149 -13.47 2.04 -7.03
CA ASN A 149 -13.25 0.62 -6.79
C ASN A 149 -13.83 0.14 -5.42
N GLU A 150 -14.70 1.00 -4.80
CA GLU A 150 -15.43 0.74 -3.51
C GLU A 150 -14.44 0.63 -2.33
N GLN A 151 -13.38 1.47 -2.32
CA GLN A 151 -12.27 1.27 -1.42
C GLN A 151 -11.82 2.48 -0.67
N VAL A 152 -11.46 2.12 0.54
CA VAL A 152 -10.79 2.95 1.51
C VAL A 152 -9.38 2.41 1.76
N ILE A 153 -8.59 3.20 2.48
CA ILE A 153 -7.21 2.83 2.81
C ILE A 153 -7.14 2.38 4.28
N VAL A 154 -6.08 1.60 4.51
CA VAL A 154 -5.69 1.10 5.80
C VAL A 154 -4.17 1.32 5.92
N LYS A 155 -3.80 1.73 7.10
CA LYS A 155 -2.45 2.21 7.39
C LYS A 155 -1.81 1.37 8.50
N ILE A 156 -0.91 0.46 8.08
CA ILE A 156 -0.08 -0.35 8.95
C ILE A 156 1.23 0.39 9.25
N ILE A 157 1.64 0.32 10.52
CA ILE A 157 2.94 0.84 10.97
C ILE A 157 3.69 -0.34 11.61
N GLY A 158 4.73 -0.76 10.89
CA GLY A 158 5.51 -1.95 11.25
C GLY A 158 6.87 -1.95 10.57
N HIS A 159 7.27 -3.13 10.06
CA HIS A 159 8.48 -3.29 9.25
C HIS A 159 8.26 -4.39 8.21
N PHE A 160 9.18 -4.52 7.22
CA PHE A 160 9.11 -5.55 6.13
C PHE A 160 8.89 -7.00 6.63
N TYR A 161 9.20 -7.26 7.93
CA TYR A 161 8.77 -8.47 8.65
C TYR A 161 7.29 -8.38 9.12
N ALA A 162 6.96 -7.28 9.85
CA ALA A 162 5.67 -7.12 10.56
C ALA A 162 4.52 -6.72 9.62
N SER A 163 4.72 -5.63 8.84
CA SER A 163 3.87 -5.23 7.69
C SER A 163 3.64 -6.39 6.68
N GLN A 164 4.62 -7.33 6.61
CA GLN A 164 4.54 -8.56 5.78
C GLN A 164 3.39 -9.52 6.25
N MET A 165 3.49 -9.96 7.53
CA MET A 165 2.46 -10.82 8.17
C MET A 165 1.13 -10.06 8.45
N ALA A 166 1.23 -8.73 8.66
CA ALA A 166 0.06 -7.87 8.92
C ALA A 166 -0.77 -7.58 7.66
N GLN A 167 -0.09 -7.23 6.53
CA GLN A 167 -0.73 -7.04 5.19
C GLN A 167 -1.39 -8.34 4.70
N ARG A 168 -0.66 -9.46 4.83
CA ARG A 168 -1.08 -10.78 4.32
C ARG A 168 -2.23 -11.42 5.12
N LYS A 169 -2.25 -11.20 6.46
CA LYS A 169 -3.40 -11.58 7.32
C LYS A 169 -4.66 -10.74 7.01
N ILE A 170 -4.44 -9.47 6.58
CA ILE A 170 -5.47 -8.56 6.11
C ILE A 170 -6.03 -8.96 4.73
N ARG A 171 -5.13 -9.13 3.72
CA ARG A 171 -5.52 -9.50 2.33
C ARG A 171 -6.19 -10.90 2.27
N ASP A 172 -5.89 -11.75 3.28
CA ASP A 172 -6.50 -13.09 3.45
C ASP A 172 -7.93 -13.02 4.01
N ILE A 173 -8.19 -12.10 5.00
CA ILE A 173 -9.56 -11.80 5.52
C ILE A 173 -10.42 -11.21 4.37
N LEU A 174 -9.85 -10.19 3.69
CA LEU A 174 -10.40 -9.54 2.52
C LEU A 174 -10.71 -10.44 1.33
N ALA A 175 -9.93 -11.53 1.22
CA ALA A 175 -10.18 -12.57 0.20
C ALA A 175 -11.43 -13.39 0.52
N GLN A 176 -11.55 -13.76 1.81
CA GLN A 176 -12.77 -14.36 2.41
C GLN A 176 -13.98 -13.41 2.37
N VAL A 177 -13.65 -12.11 2.20
CA VAL A 177 -14.62 -11.01 1.97
C VAL A 177 -15.07 -11.05 0.51
N LYS A 178 -14.05 -10.98 -0.36
CA LYS A 178 -14.19 -11.19 -1.82
C LYS A 178 -14.98 -12.49 -2.17
N GLN A 179 -14.90 -13.49 -1.25
CA GLN A 179 -15.70 -14.74 -1.30
C GLN A 179 -17.19 -14.48 -0.98
N GLN A 180 -17.44 -13.68 0.10
CA GLN A 180 -18.80 -13.28 0.51
C GLN A 180 -19.47 -12.28 -0.49
N HIS A 181 -18.63 -11.52 -1.23
CA HIS A 181 -19.10 -10.56 -2.26
C HIS A 181 -19.58 -11.27 -3.55
N GLN A 182 -18.77 -12.24 -4.04
CA GLN A 182 -19.10 -13.03 -5.24
C GLN A 182 -20.07 -14.17 -4.92
N LYS A 183 -19.78 -14.88 -3.80
CA LYS A 183 -20.62 -15.98 -3.31
C LYS A 183 -21.31 -15.59 -2.01
N GLY A 184 -22.65 -15.59 -2.04
CA GLY A 184 -23.47 -15.22 -0.88
C GLY A 184 -24.73 -16.04 -0.76
N GLN A 185 -25.25 -16.14 0.48
CA GLN A 185 -26.46 -16.90 0.79
C GLN A 185 -27.35 -16.08 1.75
N SER A 186 -26.71 -15.53 2.80
CA SER A 186 -27.40 -14.73 3.83
C SER A 186 -27.52 -13.27 3.41
N GLY A 187 -26.41 -12.72 2.88
CA GLY A 187 -26.34 -11.32 2.43
C GLY A 187 -26.83 -11.14 1.00
N GLN A 188 -27.67 -10.09 0.78
CA GLN A 188 -28.26 -9.71 -0.55
C GLN A 188 -29.08 -10.85 -1.20
N LEU A 189 -30.36 -10.54 -1.56
CA LEU A 189 -31.34 -11.47 -2.21
C LEU A 189 -31.60 -12.73 -1.37
N GLN A 190 -32.91 -13.00 -1.12
CA GLN A 190 -33.35 -14.17 -0.34
C GLN A 190 -34.63 -14.75 -0.92
N ALA A 191 -35.60 -13.86 -1.23
CA ALA A 191 -36.90 -14.25 -1.80
C ALA A 191 -37.33 -13.28 -2.90
#